data_7TXX
#
_entry.id   7TXX
#
_entity_poly.entity_id   1
_entity_poly.type   'polypeptide(L)'
_entity_poly.pdbx_seq_one_letter_code
;MAHHHHHHMGTLEAQTQGPGSMSSGSSQIYKEGYILDKNALDSISIGSSQEQVILALGTPSLKTKYDNEVFYYISQTRYR
GMQFMKTKIIDRKVLAIYFNKNDQVTKIANYGLQDGQVFDFIAQTTPTATKEQPLLIQIIKGPANLP
;
_entity_poly.pdbx_strand_id   A
#
# COMPACT_ATOMS: atom_id res chain seq x y z
N MET A 1 -47.03 -43.56 12.73
CA MET A 1 -46.27 -44.82 12.63
C MET A 1 -45.02 -44.73 13.50
N ALA A 2 -44.78 -45.76 14.31
CA ALA A 2 -43.65 -45.76 15.23
C ALA A 2 -42.34 -46.11 14.51
N HIS A 3 -41.40 -45.17 14.51
CA HIS A 3 -40.09 -45.38 13.91
C HIS A 3 -39.16 -46.03 14.94
N HIS A 4 -38.46 -47.09 14.53
CA HIS A 4 -37.60 -47.83 15.42
C HIS A 4 -36.21 -47.22 15.46
N HIS A 5 -35.45 -47.51 16.52
CA HIS A 5 -34.12 -46.95 16.71
C HIS A 5 -33.07 -48.06 16.78
N HIS A 6 -32.23 -48.14 15.75
CA HIS A 6 -31.19 -49.17 15.65
C HIS A 6 -29.90 -48.68 16.30
N HIS A 7 -29.13 -49.63 16.84
CA HIS A 7 -27.89 -49.30 17.56
C HIS A 7 -27.04 -50.55 17.78
N HIS A 8 -25.72 -50.38 17.73
CA HIS A 8 -24.79 -51.47 18.03
C HIS A 8 -23.39 -50.90 18.29
N MET A 9 -22.77 -51.34 19.39
CA MET A 9 -21.43 -50.90 19.77
C MET A 9 -20.61 -52.09 20.26
N GLY A 10 -19.30 -52.03 20.04
CA GLY A 10 -18.41 -53.09 20.49
C GLY A 10 -17.53 -52.63 21.64
N THR A 11 -16.56 -53.46 22.01
CA THR A 11 -15.65 -53.13 23.12
C THR A 11 -14.54 -52.19 22.65
N LEU A 12 -13.54 -52.01 23.50
CA LEU A 12 -12.44 -51.09 23.21
C LEU A 12 -11.14 -51.55 23.87
N GLU A 13 -10.04 -50.92 23.48
CA GLU A 13 -8.75 -51.16 24.10
C GLU A 13 -8.41 -50.03 25.08
N ALA A 14 -7.50 -50.28 26.01
CA ALA A 14 -7.14 -49.28 27.00
C ALA A 14 -5.69 -49.44 27.44
N GLN A 15 -4.80 -48.69 26.79
CA GLN A 15 -3.39 -48.64 27.19
C GLN A 15 -3.18 -47.60 28.27
N THR A 16 -2.72 -48.07 29.42
CA THR A 16 -2.51 -47.22 30.58
C THR A 16 -1.17 -46.48 30.49
N GLN A 17 -0.26 -47.03 29.68
CA GLN A 17 1.08 -46.48 29.52
C GLN A 17 1.07 -45.34 28.51
N GLY A 18 1.54 -44.17 28.95
CA GLY A 18 1.61 -43.01 28.09
C GLY A 18 2.67 -42.03 28.57
N PRO A 19 3.46 -41.44 27.65
CA PRO A 19 4.54 -40.50 27.99
C PRO A 19 4.01 -39.17 28.52
N GLY A 20 4.51 -38.74 29.67
CA GLY A 20 4.10 -37.48 30.26
C GLY A 20 5.19 -36.42 30.14
N SER A 21 5.26 -35.77 28.99
CA SER A 21 6.25 -34.74 28.75
C SER A 21 5.73 -33.71 27.74
N MET A 22 5.20 -32.60 28.26
CA MET A 22 4.70 -31.51 27.42
C MET A 22 5.73 -30.37 27.37
N SER A 23 6.03 -29.90 26.16
CA SER A 23 6.95 -28.79 25.98
C SER A 23 6.18 -27.49 25.76
N SER A 24 6.86 -26.36 25.99
CA SER A 24 6.24 -25.04 25.80
C SER A 24 7.23 -24.11 25.10
N GLY A 25 6.75 -23.39 24.10
CA GLY A 25 7.57 -22.44 23.37
C GLY A 25 6.75 -21.24 22.92
N SER A 26 7.32 -20.43 22.03
CA SER A 26 6.65 -19.24 21.53
C SER A 26 7.09 -18.93 20.11
N SER A 27 6.12 -18.75 19.22
CA SER A 27 6.39 -18.43 17.82
C SER A 27 5.26 -17.55 17.26
N GLN A 28 5.59 -16.32 16.91
CA GLN A 28 4.62 -15.39 16.32
C GLN A 28 4.84 -15.29 14.82
N ILE A 29 3.80 -15.64 14.05
CA ILE A 29 3.88 -15.61 12.60
C ILE A 29 2.93 -14.54 12.06
N TYR A 30 3.50 -13.47 11.49
CA TYR A 30 2.70 -12.40 10.91
C TYR A 30 3.39 -11.84 9.66
N LYS A 31 2.63 -11.78 8.57
CA LYS A 31 3.11 -11.28 7.29
C LYS A 31 1.95 -11.19 6.31
N GLU A 32 2.21 -10.65 5.12
CA GLU A 32 1.20 -10.62 4.08
C GLU A 32 1.87 -10.63 2.70
N GLY A 33 1.05 -10.76 1.67
CA GLY A 33 1.54 -10.72 0.30
C GLY A 33 0.43 -10.36 -0.68
N TYR A 34 -0.45 -9.47 -0.25
CA TYR A 34 -1.57 -9.04 -1.08
C TYR A 34 -1.11 -8.00 -2.10
N ILE A 35 -0.46 -8.48 -3.15
CA ILE A 35 0.19 -7.61 -4.13
C ILE A 35 -0.82 -6.68 -4.83
N LEU A 36 -2.06 -7.13 -4.92
CA LEU A 36 -3.12 -6.35 -5.57
C LEU A 36 -3.67 -5.28 -4.62
N ASP A 37 -3.12 -5.22 -3.40
CA ASP A 37 -3.54 -4.25 -2.40
C ASP A 37 -2.43 -3.25 -2.12
N LYS A 38 -2.80 -1.99 -1.96
CA LYS A 38 -1.82 -0.90 -1.86
C LYS A 38 -1.05 -0.93 -0.54
N ASN A 39 -1.55 -1.69 0.43
CA ASN A 39 -0.88 -1.86 1.73
C ASN A 39 0.38 -2.71 1.58
N ALA A 40 0.33 -3.66 0.65
CA ALA A 40 1.39 -4.65 0.46
C ALA A 40 2.78 -4.01 0.27
N LEU A 41 2.80 -2.83 -0.34
CA LEU A 41 4.06 -2.14 -0.65
C LEU A 41 4.88 -1.86 0.61
N ASP A 42 4.27 -2.04 1.77
CA ASP A 42 4.95 -1.91 3.07
C ASP A 42 6.02 -3.02 3.24
N SER A 43 6.05 -3.95 2.28
CA SER A 43 6.95 -5.09 2.33
C SER A 43 8.43 -4.69 2.30
N ILE A 44 8.75 -3.56 1.66
CA ILE A 44 10.15 -3.11 1.55
C ILE A 44 10.68 -2.62 2.89
N SER A 45 11.90 -3.01 3.23
CA SER A 45 12.51 -2.66 4.51
C SER A 45 13.84 -1.93 4.31
N ILE A 46 14.25 -1.21 5.35
CA ILE A 46 15.51 -0.45 5.31
C ILE A 46 16.68 -1.37 4.96
N GLY A 47 17.50 -0.92 4.03
CA GLY A 47 18.57 -1.73 3.50
C GLY A 47 18.27 -2.16 2.07
N SER A 48 16.99 -2.34 1.76
CA SER A 48 16.57 -2.92 0.49
C SER A 48 17.18 -2.14 -0.68
N SER A 49 17.69 -2.87 -1.66
CA SER A 49 18.39 -2.29 -2.79
C SER A 49 17.42 -1.55 -3.71
N GLN A 50 17.95 -0.54 -4.40
CA GLN A 50 17.17 0.28 -5.32
C GLN A 50 16.39 -0.58 -6.30
N GLU A 51 17.05 -1.62 -6.83
CA GLU A 51 16.42 -2.52 -7.76
C GLU A 51 15.25 -3.26 -7.12
N GLN A 52 15.37 -3.53 -5.82
CA GLN A 52 14.34 -4.27 -5.09
C GLN A 52 13.12 -3.39 -4.87
N VAL A 53 13.35 -2.20 -4.32
CA VAL A 53 12.26 -1.25 -4.05
C VAL A 53 11.53 -0.85 -5.33
N ILE A 54 12.27 -0.65 -6.42
CA ILE A 54 11.64 -0.32 -7.70
C ILE A 54 10.93 -1.54 -8.30
N LEU A 55 11.50 -2.73 -8.08
CA LEU A 55 10.88 -3.96 -8.57
C LEU A 55 9.56 -4.21 -7.84
N ALA A 56 9.50 -3.78 -6.58
CA ALA A 56 8.31 -3.94 -5.77
C ALA A 56 7.26 -2.85 -6.04
N LEU A 57 7.70 -1.59 -5.98
CA LEU A 57 6.77 -0.44 -6.08
C LEU A 57 6.68 0.10 -7.50
N GLY A 58 7.80 0.12 -8.21
CA GLY A 58 7.85 0.72 -9.53
C GLY A 58 8.99 1.72 -9.63
N THR A 59 9.31 2.15 -10.84
CA THR A 59 10.37 3.14 -11.03
C THR A 59 9.86 4.54 -10.69
N PRO A 60 10.68 5.34 -9.98
CA PRO A 60 10.26 6.64 -9.44
C PRO A 60 9.97 7.68 -10.52
N SER A 61 8.82 8.32 -10.39
CA SER A 61 8.43 9.38 -11.29
C SER A 61 9.21 10.66 -10.97
N LEU A 62 9.62 10.81 -9.70
CA LEU A 62 10.42 11.98 -9.30
C LEU A 62 11.75 11.49 -8.71
N LYS A 63 12.83 12.18 -9.04
CA LYS A 63 14.17 11.78 -8.61
C LYS A 63 15.03 13.02 -8.35
N THR A 64 15.78 13.03 -7.25
CA THR A 64 16.65 14.16 -6.94
C THR A 64 17.89 13.71 -6.13
N LYS A 65 19.03 14.32 -6.43
CA LYS A 65 20.27 13.99 -5.73
C LYS A 65 20.68 15.14 -4.81
N TYR A 66 20.52 14.89 -3.51
CA TYR A 66 21.15 15.66 -2.46
C TYR A 66 22.04 14.67 -1.71
N ASP A 67 23.03 15.14 -0.96
CA ASP A 67 24.09 14.25 -0.41
C ASP A 67 23.53 12.96 0.19
N ASN A 68 22.24 12.94 0.51
CA ASN A 68 21.50 11.69 0.77
C ASN A 68 20.46 11.55 -0.34
N GLU A 69 20.85 10.94 -1.45
CA GLU A 69 20.05 10.94 -2.67
C GLU A 69 18.71 10.22 -2.47
N VAL A 70 17.65 10.72 -3.13
CA VAL A 70 16.31 10.21 -2.90
C VAL A 70 15.49 10.11 -4.19
N PHE A 71 14.71 9.04 -4.28
CA PHE A 71 13.78 8.83 -5.36
C PHE A 71 12.34 8.90 -4.84
N TYR A 72 11.56 9.82 -5.39
CA TYR A 72 10.17 10.01 -5.00
C TYR A 72 9.22 9.24 -5.92
N TYR A 73 8.52 8.27 -5.34
CA TYR A 73 7.45 7.55 -6.03
C TYR A 73 6.14 8.29 -5.83
N ILE A 74 5.64 8.92 -6.87
CA ILE A 74 4.29 9.46 -6.86
C ILE A 74 3.39 8.55 -7.68
N SER A 75 2.68 7.66 -6.99
CA SER A 75 1.79 6.71 -7.65
C SER A 75 0.69 7.46 -8.38
N GLN A 76 0.82 7.56 -9.70
CA GLN A 76 -0.08 8.37 -10.51
C GLN A 76 -1.16 7.52 -11.17
N THR A 77 -2.26 8.19 -11.53
CA THR A 77 -3.35 7.58 -12.26
C THR A 77 -3.03 7.59 -13.77
N ARG A 78 -4.05 7.39 -14.61
CA ARG A 78 -3.85 7.37 -16.07
C ARG A 78 -4.57 8.52 -16.75
N TYR A 79 -4.78 8.38 -18.06
CA TYR A 79 -5.43 9.39 -18.89
C TYR A 79 -6.87 9.65 -18.44
N ARG A 80 -7.52 10.61 -19.10
CA ARG A 80 -8.91 10.96 -18.79
C ARG A 80 -9.86 9.85 -19.26
N GLY A 81 -9.92 8.78 -18.49
CA GLY A 81 -10.79 7.65 -18.82
C GLY A 81 -12.26 7.98 -18.64
N MET A 82 -13.11 6.96 -18.78
CA MET A 82 -14.56 7.14 -18.63
C MET A 82 -14.90 7.62 -17.23
N GLN A 83 -15.25 8.89 -17.11
CA GLN A 83 -15.59 9.50 -15.83
C GLN A 83 -17.03 9.16 -15.46
N PHE A 84 -17.22 7.94 -14.98
CA PHE A 84 -18.52 7.46 -14.54
C PHE A 84 -18.49 7.14 -13.05
N MET A 85 -17.61 6.22 -12.69
CA MET A 85 -17.41 5.83 -11.29
C MET A 85 -16.20 6.55 -10.73
N LYS A 86 -16.41 7.38 -9.71
CA LYS A 86 -15.31 8.08 -9.06
C LYS A 86 -14.55 7.12 -8.17
N THR A 87 -13.59 6.42 -8.77
CA THR A 87 -12.76 5.44 -8.08
C THR A 87 -12.14 6.04 -6.81
N LYS A 88 -12.25 5.33 -5.70
CA LYS A 88 -11.78 5.82 -4.40
C LYS A 88 -10.49 5.12 -3.96
N ILE A 89 -10.18 3.99 -4.61
CA ILE A 89 -9.00 3.20 -4.24
C ILE A 89 -7.81 3.56 -5.12
N ILE A 90 -7.96 4.61 -5.94
CA ILE A 90 -6.90 5.06 -6.84
C ILE A 90 -5.66 5.48 -6.08
N ASP A 91 -4.56 5.64 -6.80
CA ASP A 91 -3.27 5.93 -6.20
C ASP A 91 -2.87 7.38 -6.44
N ARG A 92 -2.50 8.05 -5.34
CA ARG A 92 -1.89 9.39 -5.38
C ARG A 92 -0.92 9.52 -4.21
N LYS A 93 -0.42 8.37 -3.76
CA LYS A 93 0.43 8.29 -2.57
C LYS A 93 1.85 8.76 -2.88
N VAL A 94 2.51 9.34 -1.88
CA VAL A 94 3.89 9.81 -2.03
C VAL A 94 4.84 8.96 -1.18
N LEU A 95 5.73 8.27 -1.86
CA LEU A 95 6.79 7.50 -1.21
C LEU A 95 8.14 8.09 -1.60
N ALA A 96 9.11 8.02 -0.71
CA ALA A 96 10.44 8.54 -1.01
C ALA A 96 11.53 7.64 -0.46
N ILE A 97 12.32 7.07 -1.37
CA ILE A 97 13.43 6.19 -1.01
C ILE A 97 14.73 6.99 -0.89
N TYR A 98 15.13 7.26 0.35
CA TYR A 98 16.42 7.89 0.63
C TYR A 98 17.47 6.80 0.74
N PHE A 99 18.32 6.71 -0.27
CA PHE A 99 19.27 5.60 -0.36
C PHE A 99 20.71 6.09 -0.43
N ASN A 100 21.64 5.16 -0.29
CA ASN A 100 23.05 5.43 -0.41
C ASN A 100 23.55 4.95 -1.76
N LYS A 101 24.62 5.62 -2.18
CA LYS A 101 25.24 5.46 -3.50
C LYS A 101 25.59 4.02 -3.80
N ASN A 102 25.48 3.14 -2.81
CA ASN A 102 25.64 1.71 -3.03
C ASN A 102 24.31 1.13 -3.52
N ASP A 103 23.40 2.04 -3.89
CA ASP A 103 22.06 1.72 -4.38
C ASP A 103 21.28 1.00 -3.31
N GLN A 104 21.41 1.43 -2.05
CA GLN A 104 20.70 0.75 -0.94
C GLN A 104 19.95 1.73 -0.07
N VAL A 105 18.73 1.40 0.32
CA VAL A 105 17.88 2.36 1.01
C VAL A 105 18.29 2.49 2.48
N THR A 106 18.61 3.72 2.88
CA THR A 106 19.04 3.99 4.24
C THR A 106 17.96 4.79 4.99
N LYS A 107 16.89 5.15 4.28
CA LYS A 107 15.75 5.80 4.93
C LYS A 107 14.52 5.72 4.00
N ILE A 108 13.43 5.18 4.51
CA ILE A 108 12.19 5.06 3.74
C ILE A 108 11.14 6.03 4.25
N ALA A 109 10.78 7.01 3.42
CA ALA A 109 9.71 7.96 3.76
C ALA A 109 8.42 7.55 3.07
N ASN A 110 7.31 7.71 3.78
CA ASN A 110 6.02 7.23 3.29
C ASN A 110 4.90 8.21 3.62
N TYR A 111 3.97 8.38 2.68
CA TYR A 111 2.71 9.04 2.97
C TYR A 111 1.61 7.98 2.90
N GLY A 112 0.95 7.76 4.03
CA GLY A 112 -0.01 6.68 4.13
C GLY A 112 -0.08 6.14 5.54
N LEU A 113 -0.69 4.96 5.71
CA LEU A 113 -0.84 4.38 7.05
C LEU A 113 0.38 3.56 7.45
N GLN A 114 0.52 3.33 8.76
CA GLN A 114 1.52 2.41 9.27
C GLN A 114 0.85 1.43 10.21
N ASP A 115 0.61 0.21 9.71
CA ASP A 115 -0.02 -0.87 10.48
C ASP A 115 -1.30 -0.42 11.17
N GLY A 116 -2.03 0.52 10.55
CA GLY A 116 -3.26 1.00 11.13
C GLY A 116 -3.82 2.21 10.40
N GLN A 117 -3.43 3.41 10.83
CA GLN A 117 -3.94 4.64 10.25
C GLN A 117 -2.78 5.50 9.74
N VAL A 118 -3.10 6.60 9.07
CA VAL A 118 -2.09 7.46 8.44
C VAL A 118 -1.03 7.90 9.45
N PHE A 119 0.22 7.57 9.16
CA PHE A 119 1.35 7.88 10.04
C PHE A 119 2.60 8.20 9.23
N ASP A 120 3.15 9.41 9.44
CA ASP A 120 4.39 9.81 8.79
C ASP A 120 5.57 9.27 9.57
N PHE A 121 6.04 8.08 9.19
CA PHE A 121 7.11 7.38 9.91
C PHE A 121 8.33 8.26 10.11
N ILE A 122 8.79 8.90 9.03
CA ILE A 122 9.99 9.73 9.08
C ILE A 122 9.76 11.03 9.84
N ALA A 123 8.49 11.43 9.95
CA ALA A 123 8.13 12.65 10.67
C ALA A 123 7.77 12.34 12.11
N GLN A 124 7.49 11.06 12.39
CA GLN A 124 7.14 10.58 13.73
C GLN A 124 5.83 11.21 14.21
N THR A 125 5.06 11.75 13.28
CA THR A 125 3.79 12.40 13.62
C THR A 125 2.64 11.50 13.18
N THR A 126 1.45 11.73 13.72
CA THR A 126 0.28 10.96 13.37
C THR A 126 -0.90 11.87 13.05
N PRO A 127 -1.11 12.19 11.75
CA PRO A 127 -2.32 12.90 11.32
C PRO A 127 -3.54 12.00 11.48
N THR A 128 -4.73 12.59 11.45
CA THR A 128 -5.95 11.83 11.66
C THR A 128 -7.03 12.20 10.66
N ALA A 129 -7.82 11.21 10.29
CA ALA A 129 -8.97 11.40 9.40
C ALA A 129 -10.15 10.61 9.93
N THR A 130 -11.33 11.25 9.98
CA THR A 130 -12.54 10.60 10.47
C THR A 130 -12.78 9.28 9.72
N LYS A 131 -12.67 8.17 10.46
CA LYS A 131 -12.76 6.83 9.89
C LYS A 131 -14.17 6.47 9.41
N GLU A 132 -15.12 7.37 9.69
CA GLU A 132 -16.52 7.20 9.28
C GLU A 132 -16.64 6.75 7.82
N GLN A 133 -16.26 7.63 6.90
CA GLN A 133 -16.43 7.40 5.46
C GLN A 133 -15.34 6.48 4.85
N PRO A 134 -14.05 6.75 5.09
CA PRO A 134 -12.94 6.11 4.37
C PRO A 134 -12.33 4.92 5.11
N LEU A 135 -12.93 3.73 5.02
CA LEU A 135 -12.59 2.77 6.05
C LEU A 135 -11.21 2.07 5.94
N LEU A 136 -10.93 1.18 4.95
CA LEU A 136 -9.56 0.62 4.86
C LEU A 136 -8.52 1.49 4.14
N ILE A 137 -8.78 1.69 2.84
CA ILE A 137 -7.88 2.41 1.93
C ILE A 137 -8.00 3.92 2.04
N GLN A 138 -9.24 4.34 1.94
CA GLN A 138 -9.62 5.71 1.69
C GLN A 138 -8.93 6.66 2.66
N ILE A 139 -8.64 6.17 3.85
CA ILE A 139 -7.89 6.90 4.87
C ILE A 139 -6.57 7.41 4.30
N ILE A 140 -5.82 6.54 3.61
CA ILE A 140 -4.53 6.95 3.03
C ILE A 140 -4.74 7.69 1.71
N LYS A 141 -5.85 7.39 1.05
CA LYS A 141 -6.18 8.02 -0.24
C LYS A 141 -6.63 9.46 -0.02
N GLY A 142 -7.12 9.73 1.19
CA GLY A 142 -7.64 11.05 1.52
C GLY A 142 -6.60 12.15 1.32
N PRO A 143 -5.54 12.17 2.14
CA PRO A 143 -4.49 13.19 2.07
C PRO A 143 -3.46 12.90 0.97
N ALA A 144 -3.72 11.86 0.18
CA ALA A 144 -2.84 11.47 -0.91
C ALA A 144 -2.78 12.55 -1.98
N ASN A 145 -1.91 13.53 -1.75
CA ASN A 145 -1.69 14.64 -2.66
C ASN A 145 -0.27 15.16 -2.51
N LEU A 146 0.48 15.19 -3.61
CA LEU A 146 1.83 15.77 -3.59
C LEU A 146 1.73 17.26 -3.27
N PRO A 147 2.51 17.75 -2.29
CA PRO A 147 2.47 19.15 -1.87
C PRO A 147 2.90 20.10 -2.99
N MET A 1 46.49 -57.02 -61.27
CA MET A 1 46.08 -55.67 -60.83
C MET A 1 46.65 -55.38 -59.46
N ALA A 2 47.62 -54.46 -59.40
CA ALA A 2 48.24 -54.08 -58.14
C ALA A 2 47.22 -53.40 -57.24
N HIS A 3 46.76 -54.13 -56.23
CA HIS A 3 45.75 -53.64 -55.30
C HIS A 3 46.41 -52.74 -54.23
N HIS A 4 47.13 -51.73 -54.71
CA HIS A 4 47.84 -50.81 -53.83
C HIS A 4 46.85 -49.98 -53.00
N HIS A 5 46.91 -50.14 -51.69
CA HIS A 5 46.02 -49.43 -50.78
C HIS A 5 46.71 -49.25 -49.43
N HIS A 6 46.36 -48.16 -48.74
CA HIS A 6 46.93 -47.87 -47.42
C HIS A 6 46.26 -46.64 -46.82
N HIS A 7 45.84 -46.75 -45.57
CA HIS A 7 45.18 -45.66 -44.85
C HIS A 7 45.92 -45.36 -43.56
N HIS A 8 45.71 -44.15 -43.03
CA HIS A 8 46.30 -43.78 -41.74
C HIS A 8 45.67 -44.61 -40.63
N MET A 9 46.47 -45.02 -39.67
CA MET A 9 46.00 -45.83 -38.55
C MET A 9 46.16 -45.09 -37.24
N GLY A 10 45.20 -45.26 -36.35
CA GLY A 10 45.28 -44.68 -35.02
C GLY A 10 44.74 -43.26 -34.95
N THR A 11 43.74 -43.06 -34.11
CA THR A 11 43.20 -41.73 -33.82
C THR A 11 42.70 -41.71 -32.37
N LEU A 12 42.66 -40.53 -31.79
CA LEU A 12 42.29 -40.38 -30.38
C LEU A 12 40.87 -39.84 -30.27
N GLU A 13 40.10 -40.41 -29.35
CA GLU A 13 38.70 -40.05 -29.17
C GLU A 13 38.56 -38.74 -28.41
N ALA A 14 38.02 -37.72 -29.08
CA ALA A 14 37.76 -36.43 -28.48
C ALA A 14 36.31 -36.02 -28.72
N GLN A 15 35.47 -36.21 -27.71
CA GLN A 15 34.03 -35.91 -27.83
C GLN A 15 33.59 -34.98 -26.70
N THR A 16 32.44 -34.36 -26.89
CA THR A 16 31.83 -33.49 -25.87
C THR A 16 30.48 -34.07 -25.46
N GLN A 17 30.22 -34.08 -24.15
CA GLN A 17 28.96 -34.61 -23.62
C GLN A 17 28.64 -33.98 -22.26
N GLY A 18 27.41 -34.17 -21.81
CA GLY A 18 26.98 -33.64 -20.53
C GLY A 18 25.47 -33.69 -20.39
N PRO A 19 24.93 -34.66 -19.64
CA PRO A 19 23.49 -34.79 -19.43
C PRO A 19 22.89 -33.53 -18.79
N GLY A 20 21.69 -33.17 -19.23
CA GLY A 20 21.05 -31.95 -18.75
C GLY A 20 19.54 -32.07 -18.70
N SER A 21 19.00 -32.08 -17.48
CA SER A 21 17.56 -32.07 -17.26
C SER A 21 17.24 -31.10 -16.13
N MET A 22 15.97 -30.68 -16.03
CA MET A 22 15.55 -29.74 -15.00
C MET A 22 14.22 -30.17 -14.40
N SER A 23 13.69 -29.34 -13.50
CA SER A 23 12.40 -29.57 -12.88
C SER A 23 11.84 -28.24 -12.39
N SER A 24 10.67 -27.87 -12.88
CA SER A 24 10.02 -26.62 -12.49
C SER A 24 8.81 -26.89 -11.59
N GLY A 25 8.80 -26.26 -10.42
CA GLY A 25 7.72 -26.44 -9.48
C GLY A 25 7.60 -25.26 -8.52
N SER A 26 6.96 -24.19 -8.99
CA SER A 26 6.76 -23.00 -8.19
C SER A 26 5.43 -23.09 -7.44
N SER A 27 5.50 -23.08 -6.11
CA SER A 27 4.31 -23.17 -5.28
C SER A 27 4.05 -21.82 -4.60
N GLN A 28 2.84 -21.29 -4.77
CA GLN A 28 2.46 -20.02 -4.17
C GLN A 28 0.94 -19.90 -4.08
N ILE A 29 0.47 -19.16 -3.07
CA ILE A 29 -0.95 -18.95 -2.86
C ILE A 29 -1.38 -17.62 -3.48
N TYR A 30 -2.40 -17.67 -4.34
CA TYR A 30 -2.92 -16.48 -5.00
C TYR A 30 -4.11 -15.93 -4.20
N LYS A 31 -4.04 -14.67 -3.83
CA LYS A 31 -5.15 -14.02 -3.11
C LYS A 31 -6.01 -13.21 -4.07
N GLU A 32 -7.27 -13.62 -4.23
CA GLU A 32 -8.18 -13.00 -5.19
C GLU A 32 -8.58 -11.59 -4.76
N GLY A 33 -9.06 -10.82 -5.73
CA GLY A 33 -9.52 -9.46 -5.45
C GLY A 33 -8.53 -8.41 -5.94
N TYR A 34 -7.72 -7.91 -5.02
CA TYR A 34 -6.80 -6.82 -5.32
C TYR A 34 -5.40 -7.11 -4.78
N ILE A 35 -4.42 -7.09 -5.68
CA ILE A 35 -3.02 -7.29 -5.31
C ILE A 35 -2.37 -5.96 -4.90
N LEU A 36 -3.15 -4.88 -5.00
CA LEU A 36 -2.71 -3.56 -4.55
C LEU A 36 -2.84 -3.47 -3.03
N ASP A 37 -2.24 -4.45 -2.37
CA ASP A 37 -2.38 -4.62 -0.92
C ASP A 37 -1.49 -3.65 -0.16
N LYS A 38 -1.99 -3.16 0.97
CA LYS A 38 -1.26 -2.25 1.85
C LYS A 38 0.14 -2.78 2.18
N ASN A 39 0.31 -4.10 2.06
CA ASN A 39 1.59 -4.78 2.27
C ASN A 39 2.69 -4.18 1.38
N ALA A 40 2.31 -3.72 0.20
CA ALA A 40 3.26 -3.29 -0.83
C ALA A 40 4.26 -2.27 -0.29
N LEU A 41 3.82 -1.43 0.65
CA LEU A 41 4.69 -0.41 1.24
C LEU A 41 5.70 -1.05 2.18
N ASP A 42 5.24 -2.07 2.92
CA ASP A 42 6.06 -2.75 3.94
C ASP A 42 6.91 -3.84 3.30
N SER A 43 6.73 -4.05 1.99
CA SER A 43 7.43 -5.10 1.27
C SER A 43 8.92 -4.78 1.09
N ILE A 44 9.30 -3.52 1.33
CA ILE A 44 10.69 -3.09 1.17
C ILE A 44 11.33 -2.82 2.52
N SER A 45 12.54 -3.35 2.71
CA SER A 45 13.27 -3.21 3.97
C SER A 45 14.49 -2.32 3.81
N ILE A 46 14.98 -1.79 4.93
CA ILE A 46 16.17 -0.95 4.93
C ILE A 46 17.36 -1.73 4.33
N GLY A 47 18.04 -1.11 3.39
CA GLY A 47 19.11 -1.77 2.65
C GLY A 47 18.69 -2.12 1.23
N SER A 48 17.39 -2.27 1.01
CA SER A 48 16.86 -2.74 -0.28
C SER A 48 17.40 -1.87 -1.43
N SER A 49 17.77 -2.54 -2.53
CA SER A 49 18.38 -1.88 -3.67
C SER A 49 17.32 -1.31 -4.62
N GLN A 50 17.71 -0.32 -5.41
CA GLN A 50 16.81 0.36 -6.34
C GLN A 50 16.07 -0.66 -7.18
N GLU A 51 16.81 -1.61 -7.73
CA GLU A 51 16.21 -2.65 -8.58
C GLU A 51 15.06 -3.36 -7.85
N GLN A 52 15.25 -3.60 -6.55
CA GLN A 52 14.30 -4.38 -5.78
C GLN A 52 13.05 -3.55 -5.51
N VAL A 53 13.25 -2.33 -5.02
CA VAL A 53 12.13 -1.45 -4.70
C VAL A 53 11.32 -1.11 -5.96
N ILE A 54 12.00 -0.86 -7.08
CA ILE A 54 11.31 -0.52 -8.32
C ILE A 54 10.63 -1.74 -8.92
N LEU A 55 11.26 -2.91 -8.81
CA LEU A 55 10.67 -4.15 -9.32
C LEU A 55 9.40 -4.49 -8.54
N ALA A 56 9.44 -4.26 -7.23
CA ALA A 56 8.33 -4.60 -6.36
C ALA A 56 7.18 -3.60 -6.50
N LEU A 57 7.49 -2.31 -6.41
CA LEU A 57 6.47 -1.26 -6.41
C LEU A 57 6.26 -0.66 -7.80
N GLY A 58 7.34 -0.45 -8.53
CA GLY A 58 7.28 0.27 -9.79
C GLY A 58 8.29 1.39 -9.83
N THR A 59 8.40 2.05 -10.97
CA THR A 59 9.34 3.15 -11.14
C THR A 59 8.82 4.42 -10.46
N PRO A 60 9.71 5.23 -9.86
CA PRO A 60 9.31 6.47 -9.17
C PRO A 60 8.68 7.48 -10.11
N SER A 61 7.79 8.31 -9.58
CA SER A 61 7.11 9.32 -10.37
C SER A 61 8.02 10.53 -10.55
N LEU A 62 8.67 10.91 -9.45
CA LEU A 62 9.65 12.00 -9.45
C LEU A 62 10.89 11.54 -8.71
N LYS A 63 11.99 12.28 -8.83
CA LYS A 63 13.22 11.93 -8.14
C LYS A 63 14.16 13.13 -8.08
N THR A 64 15.13 13.07 -7.18
CA THR A 64 16.16 14.09 -7.06
C THR A 64 17.43 13.48 -6.47
N LYS A 65 18.56 13.77 -7.10
CA LYS A 65 19.83 13.23 -6.66
C LYS A 65 20.65 14.27 -5.91
N TYR A 66 20.72 14.10 -4.61
CA TYR A 66 21.72 14.72 -3.77
C TYR A 66 22.51 13.57 -3.15
N ASP A 67 23.72 13.80 -2.67
CA ASP A 67 24.63 12.70 -2.25
C ASP A 67 23.91 11.65 -1.38
N ASN A 68 22.75 12.00 -0.82
CA ASN A 68 21.81 11.02 -0.28
C ASN A 68 20.60 10.98 -1.22
N GLU A 69 20.73 10.21 -2.28
CA GLU A 69 19.80 10.22 -3.41
C GLU A 69 18.40 9.79 -2.98
N VAL A 70 17.34 10.44 -3.50
CA VAL A 70 15.99 10.09 -3.08
C VAL A 70 15.01 10.05 -4.25
N PHE A 71 14.24 8.97 -4.31
CA PHE A 71 13.21 8.79 -5.34
C PHE A 71 11.83 8.95 -4.72
N TYR A 72 10.94 9.65 -5.41
CA TYR A 72 9.57 9.85 -4.95
C TYR A 72 8.59 9.02 -5.79
N TYR A 73 8.04 8.00 -5.14
CA TYR A 73 7.10 7.09 -5.78
C TYR A 73 5.67 7.57 -5.54
N ILE A 74 5.03 8.08 -6.60
CA ILE A 74 3.67 8.60 -6.51
C ILE A 74 2.86 8.07 -7.68
N SER A 75 1.75 7.40 -7.40
CA SER A 75 0.87 6.91 -8.45
C SER A 75 0.02 8.07 -9.00
N GLN A 76 0.64 8.87 -9.86
CA GLN A 76 -0.01 10.03 -10.47
C GLN A 76 -1.21 9.57 -11.30
N THR A 77 -2.40 9.79 -10.77
CA THR A 77 -3.63 9.36 -11.41
C THR A 77 -4.64 10.51 -11.51
N ARG A 78 -5.72 10.27 -12.23
CA ARG A 78 -6.83 11.21 -12.30
C ARG A 78 -7.66 11.12 -11.01
N TYR A 79 -8.41 12.17 -10.69
CA TYR A 79 -9.23 12.19 -9.48
C TYR A 79 -10.24 13.32 -9.55
N ARG A 80 -11.18 13.33 -8.62
CA ARG A 80 -12.19 14.38 -8.52
C ARG A 80 -12.24 14.92 -7.10
N GLY A 81 -12.70 16.17 -6.94
CA GLY A 81 -12.71 16.82 -5.64
C GLY A 81 -13.51 16.06 -4.61
N MET A 82 -14.82 15.96 -4.82
CA MET A 82 -15.71 15.27 -3.90
C MET A 82 -16.79 14.51 -4.68
N GLN A 83 -16.49 13.26 -5.02
CA GLN A 83 -17.41 12.41 -5.77
C GLN A 83 -17.42 11.01 -5.20
N PHE A 84 -18.39 10.20 -5.62
CA PHE A 84 -18.48 8.81 -5.18
C PHE A 84 -17.84 7.89 -6.21
N MET A 85 -16.51 7.88 -6.24
CA MET A 85 -15.77 6.98 -7.11
C MET A 85 -16.03 5.53 -6.70
N LYS A 86 -16.73 4.79 -7.56
CA LYS A 86 -17.06 3.39 -7.28
C LYS A 86 -15.79 2.57 -7.07
N THR A 87 -14.70 3.01 -7.71
CA THR A 87 -13.40 2.40 -7.52
C THR A 87 -12.58 3.21 -6.50
N LYS A 88 -12.69 2.81 -5.24
CA LYS A 88 -12.05 3.53 -4.14
C LYS A 88 -10.54 3.28 -4.13
N ILE A 89 -10.13 2.14 -4.67
CA ILE A 89 -8.74 1.68 -4.58
C ILE A 89 -7.86 2.31 -5.67
N ILE A 90 -8.38 3.33 -6.37
CA ILE A 90 -7.55 4.11 -7.29
C ILE A 90 -6.41 4.75 -6.52
N ASP A 91 -5.26 4.07 -6.50
CA ASP A 91 -4.15 4.42 -5.63
C ASP A 91 -3.39 5.66 -6.10
N ARG A 92 -2.71 6.30 -5.15
CA ARG A 92 -1.90 7.48 -5.40
C ARG A 92 -1.03 7.78 -4.18
N LYS A 93 -0.58 6.73 -3.50
CA LYS A 93 0.23 6.87 -2.29
C LYS A 93 1.55 7.57 -2.62
N VAL A 94 2.10 8.27 -1.63
CA VAL A 94 3.38 8.93 -1.77
C VAL A 94 4.43 8.25 -0.90
N LEU A 95 5.47 7.73 -1.53
CA LEU A 95 6.56 7.06 -0.82
C LEU A 95 7.90 7.61 -1.27
N ALA A 96 8.62 8.23 -0.36
CA ALA A 96 9.93 8.79 -0.66
C ALA A 96 11.02 7.86 -0.15
N ILE A 97 11.81 7.33 -1.07
CA ILE A 97 12.86 6.37 -0.75
C ILE A 97 14.22 7.04 -0.78
N TYR A 98 14.82 7.22 0.39
CA TYR A 98 16.14 7.83 0.52
C TYR A 98 17.21 6.75 0.47
N PHE A 99 17.92 6.69 -0.65
CA PHE A 99 19.03 5.77 -0.85
C PHE A 99 20.32 6.38 -0.32
N ASN A 100 21.30 5.52 -0.10
CA ASN A 100 22.64 5.94 0.23
C ASN A 100 23.58 5.46 -0.84
N LYS A 101 24.68 6.21 -0.99
CA LYS A 101 25.68 6.03 -2.04
C LYS A 101 26.27 4.62 -2.01
N ASN A 102 25.88 3.84 -1.01
CA ASN A 102 26.21 2.41 -0.96
C ASN A 102 25.22 1.64 -1.85
N ASP A 103 24.45 2.42 -2.65
CA ASP A 103 23.45 1.88 -3.58
C ASP A 103 22.32 1.20 -2.80
N GLN A 104 22.06 1.69 -1.58
CA GLN A 104 21.13 0.98 -0.69
C GLN A 104 20.19 1.93 0.06
N VAL A 105 18.94 1.54 0.24
CA VAL A 105 17.97 2.42 0.89
C VAL A 105 18.31 2.61 2.37
N THR A 106 18.59 3.84 2.76
CA THR A 106 18.99 4.15 4.13
C THR A 106 17.80 4.65 4.95
N LYS A 107 16.85 5.31 4.28
CA LYS A 107 15.67 5.86 4.93
C LYS A 107 14.44 5.70 4.05
N ILE A 108 13.34 5.28 4.66
CA ILE A 108 12.06 5.12 3.96
C ILE A 108 11.03 6.07 4.57
N ALA A 109 10.61 7.07 3.79
CA ALA A 109 9.59 8.03 4.22
C ALA A 109 8.29 7.72 3.51
N ASN A 110 7.20 7.61 4.25
CA ASN A 110 5.95 7.11 3.70
C ASN A 110 4.76 7.96 4.08
N TYR A 111 3.77 7.99 3.18
CA TYR A 111 2.41 8.37 3.50
C TYR A 111 1.54 7.13 3.28
N GLY A 112 0.93 6.64 4.35
CA GLY A 112 0.16 5.43 4.28
C GLY A 112 -0.30 4.96 5.64
N LEU A 113 -0.84 3.75 5.71
CA LEU A 113 -1.37 3.22 6.96
C LEU A 113 -0.55 2.04 7.45
N GLN A 114 -0.73 1.71 8.73
CA GLN A 114 -0.15 0.49 9.27
C GLN A 114 -1.29 -0.48 9.61
N ASP A 115 -1.50 -1.44 8.72
CA ASP A 115 -2.50 -2.51 8.89
C ASP A 115 -3.81 -2.00 9.51
N GLY A 116 -4.17 -0.74 9.23
CA GLY A 116 -5.37 -0.18 9.83
C GLY A 116 -5.55 1.29 9.50
N GLN A 117 -4.85 2.16 10.24
CA GLN A 117 -5.01 3.61 10.09
C GLN A 117 -3.72 4.25 9.62
N VAL A 118 -3.84 5.43 9.03
CA VAL A 118 -2.70 6.17 8.49
C VAL A 118 -1.67 6.49 9.57
N PHE A 119 -0.41 6.15 9.30
CA PHE A 119 0.68 6.42 10.24
C PHE A 119 1.98 6.76 9.49
N ASP A 120 2.52 7.94 9.78
CA ASP A 120 3.80 8.37 9.22
C ASP A 120 4.94 7.76 10.04
N PHE A 121 5.71 6.86 9.43
CA PHE A 121 6.79 6.16 10.14
C PHE A 121 7.88 7.14 10.58
N ILE A 122 8.34 7.98 9.65
CA ILE A 122 9.43 8.90 9.91
C ILE A 122 9.00 10.07 10.79
N ALA A 123 7.74 10.47 10.67
CA ALA A 123 7.21 11.58 11.46
C ALA A 123 6.75 11.11 12.84
N GLN A 124 6.53 9.79 12.97
CA GLN A 124 6.12 9.18 14.24
C GLN A 124 4.76 9.72 14.67
N THR A 125 4.01 10.25 13.71
CA THR A 125 2.72 10.86 13.99
C THR A 125 1.58 9.97 13.47
N THR A 126 0.35 10.34 13.78
CA THR A 126 -0.81 9.59 13.34
C THR A 126 -1.94 10.55 12.97
N PRO A 127 -1.97 11.03 11.72
CA PRO A 127 -3.01 11.95 11.25
C PRO A 127 -4.39 11.32 11.31
N THR A 128 -5.40 12.15 11.55
CA THR A 128 -6.77 11.68 11.58
C THR A 128 -7.50 12.05 10.30
N ALA A 129 -8.15 11.06 9.71
CA ALA A 129 -8.94 11.24 8.50
C ALA A 129 -10.28 10.55 8.70
N THR A 130 -11.34 11.12 8.13
CA THR A 130 -12.68 10.57 8.29
C THR A 130 -12.72 9.13 7.77
N LYS A 131 -12.61 8.19 8.70
CA LYS A 131 -12.51 6.76 8.37
C LYS A 131 -13.83 6.22 7.81
N GLU A 132 -14.87 7.04 7.80
CA GLU A 132 -16.20 6.63 7.34
C GLU A 132 -16.15 6.16 5.88
N GLN A 133 -15.78 7.07 4.98
CA GLN A 133 -15.86 6.86 3.53
C GLN A 133 -14.72 6.00 2.96
N PRO A 134 -13.45 6.39 3.19
CA PRO A 134 -12.29 5.90 2.45
C PRO A 134 -11.64 4.67 3.08
N LEU A 135 -12.38 3.59 3.18
CA LEU A 135 -12.07 2.61 4.19
C LEU A 135 -10.76 1.81 4.00
N LEU A 136 -10.61 0.97 2.96
CA LEU A 136 -9.42 0.09 2.99
C LEU A 136 -8.07 0.75 2.59
N ILE A 137 -7.94 1.21 1.33
CA ILE A 137 -6.83 2.08 0.88
C ILE A 137 -7.01 3.54 1.19
N GLN A 138 -8.17 4.02 0.76
CA GLN A 138 -8.44 5.43 0.49
C GLN A 138 -8.03 6.32 1.67
N ILE A 139 -8.10 5.74 2.85
CA ILE A 139 -7.72 6.40 4.10
C ILE A 139 -6.31 6.99 3.98
N ILE A 140 -5.41 6.27 3.34
CA ILE A 140 -4.05 6.77 3.12
C ILE A 140 -4.07 7.90 2.10
N LYS A 141 -4.94 7.75 1.10
CA LYS A 141 -5.02 8.70 -0.01
C LYS A 141 -5.57 10.05 0.47
N GLY A 142 -6.18 10.04 1.64
CA GLY A 142 -6.68 11.27 2.24
C GLY A 142 -5.57 12.27 2.51
N PRO A 143 -4.72 12.04 3.53
CA PRO A 143 -3.59 12.92 3.86
C PRO A 143 -2.48 12.86 2.81
N ALA A 144 -2.44 11.77 2.04
CA ALA A 144 -1.37 11.55 1.06
C ALA A 144 -1.68 12.21 -0.28
N ASN A 145 -2.41 13.33 -0.24
CA ASN A 145 -2.68 14.11 -1.44
C ASN A 145 -1.34 14.50 -2.07
N LEU A 146 -1.09 13.91 -3.24
CA LEU A 146 0.16 14.11 -3.98
C LEU A 146 0.61 15.58 -3.94
N PRO A 147 1.90 15.81 -3.60
CA PRO A 147 2.46 17.18 -3.47
C PRO A 147 2.32 18.00 -4.74
N MET A 1 53.26 33.55 -99.66
CA MET A 1 52.01 33.13 -100.33
C MET A 1 51.37 31.98 -99.54
N ALA A 2 50.04 32.02 -99.44
CA ALA A 2 49.26 31.01 -98.71
C ALA A 2 49.63 30.99 -97.22
N HIS A 3 50.77 30.40 -96.89
CA HIS A 3 51.28 30.37 -95.50
C HIS A 3 50.27 29.65 -94.60
N HIS A 4 49.49 28.75 -95.19
CA HIS A 4 48.44 28.03 -94.47
C HIS A 4 49.04 26.99 -93.53
N HIS A 5 48.30 26.69 -92.45
CA HIS A 5 48.69 25.65 -91.52
C HIS A 5 47.50 24.72 -91.25
N HIS A 6 47.79 23.50 -90.84
CA HIS A 6 46.76 22.52 -90.52
C HIS A 6 46.79 22.20 -89.03
N HIS A 7 45.62 22.20 -88.40
CA HIS A 7 45.50 22.07 -86.95
C HIS A 7 44.59 20.91 -86.58
N HIS A 8 44.73 20.44 -85.34
CA HIS A 8 43.95 19.32 -84.83
C HIS A 8 43.54 19.60 -83.39
N MET A 9 42.46 18.96 -82.94
CA MET A 9 42.00 19.10 -81.56
C MET A 9 41.07 17.95 -81.20
N GLY A 10 41.27 17.35 -80.03
CA GLY A 10 40.43 16.26 -79.57
C GLY A 10 40.06 16.40 -78.10
N THR A 11 38.90 15.89 -77.73
CA THR A 11 38.41 15.96 -76.36
C THR A 11 37.76 14.63 -75.96
N LEU A 12 38.12 14.11 -74.79
CA LEU A 12 37.59 12.83 -74.30
C LEU A 12 36.98 12.99 -72.92
N GLU A 13 36.22 11.97 -72.49
CA GLU A 13 35.54 11.98 -71.20
C GLU A 13 35.58 10.59 -70.55
N ALA A 14 35.20 10.53 -69.28
CA ALA A 14 35.15 9.27 -68.54
C ALA A 14 34.45 9.45 -67.19
N GLN A 15 33.16 9.13 -67.14
CA GLN A 15 32.36 9.23 -65.92
C GLN A 15 32.21 7.86 -65.25
N THR A 16 31.61 7.87 -64.06
CA THR A 16 31.36 6.65 -63.30
C THR A 16 30.13 6.87 -62.39
N GLN A 17 29.51 5.78 -61.93
CA GLN A 17 28.27 5.88 -61.14
C GLN A 17 28.28 4.85 -60.00
N GLY A 18 27.53 5.17 -58.94
CA GLY A 18 27.37 4.25 -57.81
C GLY A 18 26.01 4.41 -57.15
N PRO A 19 25.27 3.31 -56.91
CA PRO A 19 23.91 3.37 -56.32
C PRO A 19 23.93 3.71 -54.82
N GLY A 20 24.35 2.75 -53.99
CA GLY A 20 24.34 2.95 -52.54
C GLY A 20 23.17 2.24 -51.89
N SER A 21 23.46 1.22 -51.07
CA SER A 21 22.43 0.41 -50.43
C SER A 21 21.99 1.02 -49.09
N MET A 22 20.82 0.60 -48.62
CA MET A 22 20.27 1.07 -47.34
C MET A 22 19.71 -0.10 -46.54
N SER A 23 20.09 -0.20 -45.27
CA SER A 23 19.63 -1.29 -44.41
C SER A 23 18.34 -0.91 -43.70
N SER A 24 17.48 -1.90 -43.46
CA SER A 24 16.19 -1.68 -42.82
C SER A 24 15.94 -2.71 -41.72
N GLY A 25 15.24 -2.30 -40.67
CA GLY A 25 14.95 -3.18 -39.56
C GLY A 25 13.73 -2.71 -38.79
N SER A 26 13.40 -3.41 -37.70
CA SER A 26 12.25 -3.06 -36.86
C SER A 26 12.42 -3.60 -35.44
N SER A 27 11.47 -3.28 -34.59
CA SER A 27 11.44 -3.81 -33.22
C SER A 27 10.01 -3.75 -32.67
N GLN A 28 9.70 -4.68 -31.77
CA GLN A 28 8.38 -4.71 -31.13
C GLN A 28 8.49 -5.17 -29.68
N ILE A 29 8.62 -4.21 -28.78
CA ILE A 29 8.74 -4.51 -27.35
C ILE A 29 7.41 -4.32 -26.63
N TYR A 30 6.83 -5.41 -26.16
CA TYR A 30 5.54 -5.40 -25.47
C TYR A 30 5.71 -5.77 -24.00
N LYS A 31 4.92 -5.13 -23.13
CA LYS A 31 4.94 -5.43 -21.70
C LYS A 31 3.64 -4.95 -21.06
N GLU A 32 3.02 -5.83 -20.27
CA GLU A 32 1.78 -5.50 -19.56
C GLU A 32 1.81 -6.15 -18.17
N GLY A 33 2.09 -5.35 -17.16
CA GLY A 33 2.13 -5.83 -15.79
C GLY A 33 1.92 -4.71 -14.79
N TYR A 34 1.32 -5.03 -13.66
CA TYR A 34 1.04 -4.04 -12.62
C TYR A 34 0.59 -4.73 -11.33
N ILE A 35 1.06 -4.21 -10.20
CA ILE A 35 0.70 -4.76 -8.89
C ILE A 35 0.23 -3.64 -7.96
N LEU A 36 -0.89 -3.88 -7.27
CA LEU A 36 -1.45 -2.91 -6.34
C LEU A 36 -2.03 -3.65 -5.15
N ASP A 37 -1.51 -3.38 -3.96
CA ASP A 37 -1.96 -4.02 -2.73
C ASP A 37 -1.48 -3.22 -1.52
N LYS A 38 -2.33 -3.12 -0.49
CA LYS A 38 -2.03 -2.32 0.70
C LYS A 38 -0.70 -2.73 1.35
N ASN A 39 -0.34 -4.01 1.21
CA ASN A 39 0.86 -4.57 1.81
C ASN A 39 2.13 -4.08 1.09
N ALA A 40 2.00 -3.82 -0.20
CA ALA A 40 3.16 -3.70 -1.10
C ALA A 40 4.22 -2.71 -0.60
N LEU A 41 3.80 -1.66 0.10
CA LEU A 41 4.74 -0.65 0.59
C LEU A 41 5.75 -1.26 1.57
N ASP A 42 5.34 -2.32 2.27
CA ASP A 42 6.18 -3.00 3.25
C ASP A 42 7.14 -4.00 2.60
N SER A 43 7.12 -4.10 1.27
CA SER A 43 7.89 -5.12 0.56
C SER A 43 9.37 -4.76 0.42
N ILE A 44 9.79 -3.66 1.06
CA ILE A 44 11.19 -3.22 0.98
C ILE A 44 11.80 -3.10 2.37
N SER A 45 13.12 -3.24 2.45
CA SER A 45 13.83 -3.15 3.72
C SER A 45 15.02 -2.18 3.59
N ILE A 46 15.56 -1.75 4.73
CA ILE A 46 16.74 -0.91 4.73
C ILE A 46 17.91 -1.66 4.09
N GLY A 47 18.52 -1.05 3.09
CA GLY A 47 19.58 -1.69 2.33
C GLY A 47 19.12 -2.19 0.99
N SER A 48 17.81 -2.39 0.83
CA SER A 48 17.25 -2.98 -0.40
C SER A 48 17.70 -2.22 -1.66
N SER A 49 17.96 -2.97 -2.72
CA SER A 49 18.47 -2.41 -3.97
C SER A 49 17.40 -1.63 -4.74
N GLN A 50 17.86 -0.71 -5.58
CA GLN A 50 16.98 0.14 -6.38
C GLN A 50 15.94 -0.68 -7.12
N GLU A 51 16.39 -1.77 -7.74
CA GLU A 51 15.48 -2.65 -8.47
C GLU A 51 14.41 -3.20 -7.55
N GLN A 52 14.77 -3.45 -6.29
CA GLN A 52 13.86 -4.04 -5.33
C GLN A 52 12.79 -3.03 -4.94
N VAL A 53 13.23 -1.82 -4.60
CA VAL A 53 12.32 -0.77 -4.16
C VAL A 53 11.35 -0.37 -5.27
N ILE A 54 11.86 -0.23 -6.50
CA ILE A 54 11.00 0.14 -7.63
C ILE A 54 10.09 -1.02 -8.03
N LEU A 55 10.60 -2.26 -7.94
CA LEU A 55 9.79 -3.44 -8.28
C LEU A 55 8.63 -3.58 -7.31
N ALA A 56 8.90 -3.29 -6.04
CA ALA A 56 7.91 -3.45 -4.98
C ALA A 56 6.93 -2.27 -4.93
N LEU A 57 7.46 -1.05 -4.95
CA LEU A 57 6.65 0.16 -4.76
C LEU A 57 6.25 0.79 -6.10
N GLY A 58 7.13 0.71 -7.09
CA GLY A 58 6.88 1.35 -8.37
C GLY A 58 7.99 2.30 -8.75
N THR A 59 8.02 2.71 -10.02
CA THR A 59 9.05 3.62 -10.51
C THR A 59 8.77 5.05 -10.03
N PRO A 60 9.81 5.75 -9.52
CA PRO A 60 9.64 7.10 -8.98
C PRO A 60 9.40 8.15 -10.07
N SER A 61 8.31 8.88 -9.94
CA SER A 61 7.95 9.91 -10.90
C SER A 61 8.91 11.10 -10.77
N LEU A 62 9.44 11.29 -9.56
CA LEU A 62 10.44 12.32 -9.30
C LEU A 62 11.68 11.68 -8.69
N LYS A 63 12.83 12.30 -8.90
CA LYS A 63 14.09 11.80 -8.40
C LYS A 63 15.13 12.92 -8.38
N THR A 64 15.77 13.10 -7.23
CA THR A 64 16.74 14.18 -7.07
C THR A 64 17.99 13.66 -6.36
N LYS A 65 19.15 14.16 -6.77
CA LYS A 65 20.40 13.66 -6.24
C LYS A 65 21.17 14.73 -5.47
N TYR A 66 21.16 14.54 -4.16
CA TYR A 66 22.07 15.18 -3.23
C TYR A 66 22.86 14.05 -2.61
N ASP A 67 24.04 14.32 -2.03
CA ASP A 67 24.99 13.24 -1.68
C ASP A 67 24.30 12.03 -1.00
N ASN A 68 23.11 12.25 -0.45
CA ASN A 68 22.23 11.15 -0.07
C ASN A 68 21.04 11.13 -1.04
N GLU A 69 21.25 10.49 -2.20
CA GLU A 69 20.30 10.56 -3.32
C GLU A 69 18.94 9.96 -2.96
N VAL A 70 17.86 10.53 -3.50
CA VAL A 70 16.51 10.10 -3.13
C VAL A 70 15.56 10.05 -4.33
N PHE A 71 14.72 9.03 -4.35
CA PHE A 71 13.70 8.86 -5.38
C PHE A 71 12.31 9.08 -4.77
N TYR A 72 11.49 9.90 -5.43
CA TYR A 72 10.16 10.24 -4.93
C TYR A 72 9.06 9.60 -5.80
N TYR A 73 8.24 8.77 -5.17
CA TYR A 73 7.15 8.08 -5.85
C TYR A 73 5.83 8.80 -5.59
N ILE A 74 5.15 9.17 -6.70
CA ILE A 74 3.85 9.87 -6.67
C ILE A 74 3.97 11.26 -6.03
N SER A 75 5.19 11.76 -5.90
CA SER A 75 5.42 13.12 -5.43
C SER A 75 5.06 14.13 -6.53
N GLN A 76 4.78 13.61 -7.73
CA GLN A 76 4.39 14.43 -8.87
C GLN A 76 3.01 14.00 -9.36
N THR A 77 2.16 14.98 -9.66
CA THR A 77 0.85 14.71 -10.22
C THR A 77 1.00 14.31 -11.68
N ARG A 78 0.63 13.07 -11.98
CA ARG A 78 0.76 12.52 -13.33
C ARG A 78 -0.08 13.32 -14.32
N TYR A 79 0.31 13.28 -15.59
CA TYR A 79 -0.37 14.01 -16.65
C TYR A 79 -1.81 13.51 -16.81
N ARG A 80 -2.75 14.46 -16.92
CA ARG A 80 -4.18 14.15 -17.02
C ARG A 80 -4.72 13.62 -15.69
N GLY A 81 -5.49 14.44 -14.99
CA GLY A 81 -5.93 14.11 -13.65
C GLY A 81 -7.45 14.04 -13.53
N MET A 82 -7.96 14.57 -12.41
CA MET A 82 -9.39 14.52 -12.08
C MET A 82 -9.86 13.08 -11.90
N GLN A 83 -8.90 12.15 -11.86
CA GLN A 83 -9.19 10.73 -11.73
C GLN A 83 -9.43 10.36 -10.27
N PHE A 84 -10.57 10.79 -9.75
CA PHE A 84 -10.98 10.48 -8.37
C PHE A 84 -12.44 10.03 -8.35
N MET A 85 -13.02 9.88 -9.54
CA MET A 85 -14.44 9.53 -9.67
C MET A 85 -14.60 8.06 -10.06
N LYS A 86 -14.25 7.75 -11.30
CA LYS A 86 -14.28 6.35 -11.77
C LYS A 86 -13.16 5.56 -11.12
N THR A 87 -11.93 5.98 -11.38
CA THR A 87 -10.78 5.43 -10.68
C THR A 87 -10.70 6.05 -9.29
N LYS A 88 -11.48 5.47 -8.38
CA LYS A 88 -11.59 5.98 -7.02
C LYS A 88 -10.89 5.04 -6.04
N ILE A 89 -11.01 3.75 -6.30
CA ILE A 89 -10.41 2.72 -5.45
C ILE A 89 -8.91 2.57 -5.80
N ILE A 90 -8.18 3.66 -5.61
CA ILE A 90 -6.75 3.71 -5.86
C ILE A 90 -6.07 4.56 -4.80
N ASP A 91 -4.79 4.85 -4.97
CA ASP A 91 -4.06 5.68 -4.02
C ASP A 91 -3.33 6.81 -4.72
N ARG A 92 -2.85 7.75 -3.92
CA ARG A 92 -2.03 8.86 -4.37
C ARG A 92 -0.99 9.11 -3.30
N LYS A 93 -0.52 8.01 -2.72
CA LYS A 93 0.40 8.04 -1.58
C LYS A 93 1.75 8.61 -1.99
N VAL A 94 2.45 9.21 -1.05
CA VAL A 94 3.75 9.81 -1.31
C VAL A 94 4.84 8.97 -0.67
N LEU A 95 5.75 8.48 -1.50
CA LEU A 95 6.85 7.66 -1.01
C LEU A 95 8.19 8.30 -1.38
N ALA A 96 9.17 8.13 -0.52
CA ALA A 96 10.50 8.69 -0.75
C ALA A 96 11.56 7.69 -0.30
N ILE A 97 12.35 7.23 -1.26
CA ILE A 97 13.36 6.21 -1.00
C ILE A 97 14.75 6.86 -1.00
N TYR A 98 15.31 7.04 0.19
CA TYR A 98 16.61 7.68 0.36
C TYR A 98 17.73 6.65 0.30
N PHE A 99 18.51 6.70 -0.78
CA PHE A 99 19.60 5.77 -1.03
C PHE A 99 20.96 6.34 -0.62
N ASN A 100 21.96 5.47 -0.60
CA ASN A 100 23.34 5.84 -0.39
C ASN A 100 24.22 5.07 -1.38
N LYS A 101 25.28 5.76 -1.83
CA LYS A 101 26.22 5.25 -2.84
C LYS A 101 26.91 3.96 -2.39
N ASN A 102 26.63 3.52 -1.16
CA ASN A 102 27.05 2.20 -0.71
C ASN A 102 26.10 1.15 -1.31
N ASP A 103 25.24 1.63 -2.23
CA ASP A 103 24.30 0.81 -2.97
C ASP A 103 23.19 0.32 -2.05
N GLN A 104 22.78 1.18 -1.13
CA GLN A 104 21.76 0.77 -0.14
C GLN A 104 20.76 1.88 0.13
N VAL A 105 19.50 1.50 0.34
CA VAL A 105 18.51 2.46 0.79
C VAL A 105 18.71 2.72 2.29
N THR A 106 19.19 3.92 2.59
CA THR A 106 19.56 4.28 3.95
C THR A 106 18.33 4.68 4.77
N LYS A 107 17.38 5.37 4.13
CA LYS A 107 16.16 5.82 4.80
C LYS A 107 14.95 5.62 3.91
N ILE A 108 13.83 5.24 4.50
CA ILE A 108 12.60 4.99 3.75
C ILE A 108 11.44 5.80 4.34
N ALA A 109 10.89 6.72 3.54
CA ALA A 109 9.72 7.49 3.96
C ALA A 109 8.49 6.98 3.23
N ASN A 110 7.43 6.66 3.98
CA ASN A 110 6.25 6.05 3.41
C ASN A 110 4.98 6.73 3.90
N TYR A 111 4.21 7.29 2.99
CA TYR A 111 2.84 7.69 3.30
C TYR A 111 1.91 6.53 2.93
N GLY A 112 1.24 5.97 3.92
CA GLY A 112 0.38 4.82 3.68
C GLY A 112 -0.06 4.17 4.98
N LEU A 113 -0.58 2.95 4.89
CA LEU A 113 -1.09 2.23 6.05
C LEU A 113 -0.12 1.14 6.49
N GLN A 114 -0.32 0.62 7.69
CA GLN A 114 0.41 -0.55 8.15
C GLN A 114 -0.59 -1.67 8.47
N ASP A 115 -0.71 -2.63 7.54
CA ASP A 115 -1.60 -3.79 7.67
C ASP A 115 -2.95 -3.42 8.30
N GLY A 116 -3.42 -2.20 8.04
CA GLY A 116 -4.66 -1.75 8.64
C GLY A 116 -5.03 -0.34 8.25
N GLN A 117 -4.62 0.64 9.06
CA GLN A 117 -5.01 2.03 8.83
C GLN A 117 -3.78 2.87 8.51
N VAL A 118 -4.02 4.07 7.96
CA VAL A 118 -2.94 4.93 7.51
C VAL A 118 -2.09 5.43 8.69
N PHE A 119 -0.78 5.23 8.56
CA PHE A 119 0.17 5.65 9.58
C PHE A 119 1.44 6.16 8.91
N ASP A 120 1.80 7.41 9.18
CA ASP A 120 3.03 7.99 8.65
C ASP A 120 4.21 7.56 9.50
N PHE A 121 4.93 6.55 9.02
CA PHE A 121 6.00 5.91 9.78
C PHE A 121 7.07 6.92 10.21
N ILE A 122 7.54 7.71 9.27
CA ILE A 122 8.61 8.68 9.54
C ILE A 122 8.10 9.88 10.34
N ALA A 123 6.79 10.13 10.27
CA ALA A 123 6.18 11.24 11.00
C ALA A 123 5.66 10.79 12.37
N GLN A 124 5.48 9.47 12.51
CA GLN A 124 5.01 8.86 13.76
C GLN A 124 3.57 9.26 14.08
N THR A 125 2.90 9.88 13.11
CA THR A 125 1.53 10.34 13.30
C THR A 125 0.55 9.34 12.69
N THR A 126 -0.73 9.51 12.99
CA THR A 126 -1.77 8.63 12.45
C THR A 126 -2.99 9.44 12.02
N PRO A 127 -3.04 9.85 10.73
CA PRO A 127 -4.19 10.57 10.18
C PRO A 127 -5.49 9.79 10.35
N THR A 128 -6.54 10.49 10.72
CA THR A 128 -7.84 9.88 10.91
C THR A 128 -8.71 10.05 9.66
N ALA A 129 -9.54 9.05 9.40
CA ALA A 129 -10.47 9.09 8.27
C ALA A 129 -11.76 8.40 8.65
N THR A 130 -12.90 9.01 8.31
CA THR A 130 -14.19 8.45 8.61
C THR A 130 -14.36 7.07 7.97
N LYS A 131 -14.40 6.04 8.82
CA LYS A 131 -14.32 4.63 8.42
C LYS A 131 -15.37 4.23 7.36
N GLU A 132 -16.44 5.01 7.26
CA GLU A 132 -17.57 4.67 6.40
C GLU A 132 -17.22 4.74 4.90
N GLN A 133 -16.53 5.80 4.48
CA GLN A 133 -16.28 6.03 3.04
C GLN A 133 -15.17 5.13 2.46
N PRO A 134 -13.95 5.17 3.03
CA PRO A 134 -12.76 4.58 2.43
C PRO A 134 -12.40 3.21 3.01
N LEU A 135 -13.00 2.13 2.52
CA LEU A 135 -12.90 0.91 3.29
C LEU A 135 -11.53 0.17 3.25
N LEU A 136 -11.11 -0.46 2.12
CA LEU A 136 -9.77 -1.12 2.13
C LEU A 136 -8.52 -0.23 1.92
N ILE A 137 -8.42 0.34 0.70
CA ILE A 137 -7.33 1.23 0.27
C ILE A 137 -7.52 2.65 0.73
N GLN A 138 -8.73 3.11 0.44
CA GLN A 138 -9.10 4.50 0.38
C GLN A 138 -8.65 5.25 1.63
N ILE A 139 -8.57 4.53 2.73
CA ILE A 139 -8.14 5.08 4.01
C ILE A 139 -6.81 5.84 3.86
N ILE A 140 -5.90 5.31 3.05
CA ILE A 140 -4.64 6.00 2.78
C ILE A 140 -4.84 7.08 1.73
N LYS A 141 -5.72 6.81 0.76
CA LYS A 141 -5.98 7.74 -0.33
C LYS A 141 -6.61 9.03 0.19
N GLY A 142 -7.39 8.91 1.27
CA GLY A 142 -8.08 10.05 1.84
C GLY A 142 -7.18 11.26 2.00
N PRO A 143 -6.19 11.20 2.90
CA PRO A 143 -5.23 12.29 3.10
C PRO A 143 -4.13 12.30 2.03
N ALA A 144 -4.02 11.22 1.26
CA ALA A 144 -2.98 11.07 0.24
C ALA A 144 -3.17 12.06 -0.90
N ASN A 145 -2.59 13.24 -0.74
CA ASN A 145 -2.52 14.25 -1.78
C ASN A 145 -1.19 14.96 -1.68
N LEU A 146 -0.31 14.71 -2.65
CA LEU A 146 1.05 15.25 -2.64
C LEU A 146 1.05 16.76 -2.37
N PRO A 147 2.01 17.24 -1.56
CA PRO A 147 2.15 18.67 -1.22
C PRO A 147 2.43 19.52 -2.46
N MET A 1 11.03 -83.66 1.93
CA MET A 1 12.42 -83.58 1.42
C MET A 1 13.30 -84.63 2.09
N ALA A 2 14.18 -85.24 1.31
CA ALA A 2 15.13 -86.22 1.82
C ALA A 2 16.32 -86.30 0.89
N HIS A 3 17.48 -85.81 1.33
CA HIS A 3 18.67 -85.74 0.49
C HIS A 3 19.24 -87.13 0.21
N HIS A 4 18.68 -88.14 0.88
CA HIS A 4 19.07 -89.53 0.65
C HIS A 4 18.44 -90.05 -0.63
N HIS A 5 17.38 -89.37 -1.09
CA HIS A 5 16.70 -89.74 -2.33
C HIS A 5 17.37 -89.08 -3.53
N HIS A 6 17.83 -89.89 -4.48
CA HIS A 6 18.52 -89.37 -5.66
C HIS A 6 18.03 -90.06 -6.94
N HIS A 7 17.14 -89.39 -7.64
CA HIS A 7 16.70 -89.82 -8.96
C HIS A 7 16.59 -88.59 -9.86
N HIS A 8 17.06 -88.71 -11.10
CA HIS A 8 17.11 -87.58 -12.02
C HIS A 8 18.01 -86.49 -11.44
N MET A 9 19.21 -86.89 -11.02
CA MET A 9 20.19 -86.00 -10.39
C MET A 9 19.76 -85.65 -8.96
N GLY A 10 18.60 -85.02 -8.82
CA GLY A 10 18.08 -84.66 -7.51
C GLY A 10 16.86 -83.77 -7.62
N THR A 11 15.93 -83.93 -6.69
CA THR A 11 14.71 -83.15 -6.69
C THR A 11 14.87 -81.86 -5.89
N LEU A 12 14.26 -80.78 -6.38
CA LEU A 12 14.30 -79.49 -5.69
C LEU A 12 12.95 -79.23 -5.05
N GLU A 13 12.86 -79.51 -3.75
CA GLU A 13 11.62 -79.32 -3.01
C GLU A 13 11.60 -77.93 -2.39
N ALA A 14 10.46 -77.26 -2.49
CA ALA A 14 10.30 -75.89 -2.02
C ALA A 14 8.84 -75.50 -2.05
N GLN A 15 8.50 -74.38 -1.43
CA GLN A 15 7.13 -73.91 -1.36
C GLN A 15 7.04 -72.49 -1.87
N THR A 16 6.25 -72.32 -2.92
CA THR A 16 6.08 -71.03 -3.56
C THR A 16 5.23 -70.11 -2.68
N GLN A 17 5.90 -69.27 -1.91
CA GLN A 17 5.23 -68.33 -1.01
C GLN A 17 6.09 -67.08 -0.84
N GLY A 18 5.45 -65.92 -0.82
CA GLY A 18 6.14 -64.67 -0.66
C GLY A 18 5.29 -63.65 0.10
N PRO A 19 5.04 -63.88 1.39
CA PRO A 19 4.25 -62.96 2.22
C PRO A 19 4.97 -61.63 2.41
N GLY A 20 4.49 -60.60 1.71
CA GLY A 20 5.08 -59.29 1.83
C GLY A 20 4.49 -58.28 0.86
N SER A 21 3.81 -57.27 1.40
CA SER A 21 3.27 -56.19 0.60
C SER A 21 3.02 -54.98 1.50
N MET A 22 3.71 -53.88 1.22
CA MET A 22 3.60 -52.63 1.98
C MET A 22 3.58 -51.44 1.04
N SER A 23 2.83 -50.39 1.40
CA SER A 23 2.76 -49.17 0.61
C SER A 23 2.20 -48.02 1.43
N SER A 24 2.86 -46.86 1.35
CA SER A 24 2.44 -45.67 2.08
C SER A 24 3.24 -44.45 1.61
N GLY A 25 2.63 -43.63 0.77
CA GLY A 25 3.31 -42.45 0.27
C GLY A 25 2.34 -41.42 -0.30
N SER A 26 2.16 -40.32 0.41
CA SER A 26 1.29 -39.23 -0.04
C SER A 26 1.71 -37.93 0.64
N SER A 27 1.68 -36.82 -0.11
CA SER A 27 2.09 -35.53 0.41
C SER A 27 1.40 -34.40 -0.37
N GLN A 28 1.20 -33.26 0.30
CA GLN A 28 0.59 -32.09 -0.33
C GLN A 28 1.24 -30.81 0.18
N ILE A 29 1.86 -30.06 -0.72
CA ILE A 29 2.48 -28.78 -0.38
C ILE A 29 1.76 -27.65 -1.13
N TYR A 30 1.22 -26.70 -0.39
CA TYR A 30 0.54 -25.56 -0.98
C TYR A 30 0.28 -24.49 0.09
N LYS A 31 0.41 -23.23 -0.30
CA LYS A 31 0.18 -22.10 0.61
C LYS A 31 0.11 -20.82 -0.20
N GLU A 32 -1.04 -20.60 -0.82
CA GLU A 32 -1.25 -19.45 -1.70
C GLU A 32 -1.92 -18.32 -0.93
N GLY A 33 -1.58 -17.08 -1.25
CA GLY A 33 -2.16 -15.95 -0.55
C GLY A 33 -1.74 -14.60 -1.13
N TYR A 34 -1.57 -14.54 -2.44
CA TYR A 34 -1.20 -13.30 -3.12
C TYR A 34 -2.43 -12.37 -3.22
N ILE A 35 -2.34 -11.22 -2.56
CA ILE A 35 -3.43 -10.24 -2.54
C ILE A 35 -2.89 -8.82 -2.74
N LEU A 36 -3.70 -7.94 -3.33
CA LEU A 36 -3.29 -6.58 -3.65
C LEU A 36 -3.89 -5.57 -2.66
N ASP A 37 -3.02 -4.86 -1.97
CA ASP A 37 -3.40 -3.84 -0.99
C ASP A 37 -2.35 -2.73 -0.98
N LYS A 38 -2.79 -1.48 -0.82
CA LYS A 38 -1.84 -0.35 -0.75
C LYS A 38 -0.83 -0.55 0.39
N ASN A 39 -1.17 -1.41 1.35
CA ASN A 39 -0.28 -1.70 2.48
C ASN A 39 0.95 -2.46 2.00
N ALA A 40 0.75 -3.26 0.96
CA ALA A 40 1.70 -4.25 0.51
C ALA A 40 3.10 -3.68 0.25
N LEU A 41 3.15 -2.41 -0.15
CA LEU A 41 4.44 -1.74 -0.43
C LEU A 41 5.40 -1.84 0.76
N ASP A 42 4.85 -2.11 1.94
CA ASP A 42 5.62 -2.29 3.16
C ASP A 42 6.66 -3.42 3.01
N SER A 43 6.53 -4.21 1.95
CA SER A 43 7.42 -5.32 1.68
C SER A 43 8.87 -4.85 1.46
N ILE A 44 9.06 -3.54 1.29
CA ILE A 44 10.40 -2.96 1.18
C ILE A 44 10.85 -2.42 2.54
N SER A 45 12.14 -2.53 2.83
CA SER A 45 12.66 -2.10 4.12
C SER A 45 14.05 -1.46 3.96
N ILE A 46 14.56 -0.88 5.04
CA ILE A 46 15.86 -0.22 5.00
C ILE A 46 16.94 -1.19 4.55
N GLY A 47 17.72 -0.79 3.55
CA GLY A 47 18.72 -1.65 2.97
C GLY A 47 18.34 -2.11 1.58
N SER A 48 17.03 -2.26 1.34
CA SER A 48 16.52 -2.79 0.07
C SER A 48 17.09 -2.01 -1.11
N SER A 49 17.59 -2.75 -2.08
CA SER A 49 18.24 -2.16 -3.24
C SER A 49 17.26 -1.38 -4.10
N GLN A 50 17.75 -0.31 -4.74
CA GLN A 50 16.94 0.51 -5.63
C GLN A 50 16.23 -0.38 -6.64
N GLU A 51 16.97 -1.34 -7.20
CA GLU A 51 16.41 -2.28 -8.16
C GLU A 51 15.23 -3.03 -7.55
N GLN A 52 15.34 -3.33 -6.26
CA GLN A 52 14.33 -4.09 -5.55
C GLN A 52 13.06 -3.27 -5.39
N VAL A 53 13.21 -2.03 -4.90
CA VAL A 53 12.06 -1.16 -4.69
C VAL A 53 11.34 -0.86 -6.01
N ILE A 54 12.10 -0.60 -7.08
CA ILE A 54 11.49 -0.32 -8.40
C ILE A 54 10.90 -1.59 -9.01
N LEU A 55 11.53 -2.74 -8.77
CA LEU A 55 11.04 -4.01 -9.30
C LEU A 55 9.70 -4.36 -8.65
N ALA A 56 9.60 -4.09 -7.35
CA ALA A 56 8.42 -4.42 -6.58
C ALA A 56 7.28 -3.43 -6.82
N LEU A 57 7.58 -2.13 -6.71
CA LEU A 57 6.54 -1.09 -6.80
C LEU A 57 6.45 -0.47 -8.18
N GLY A 58 7.59 -0.35 -8.87
CA GLY A 58 7.62 0.34 -10.13
C GLY A 58 8.58 1.51 -10.11
N THR A 59 8.76 2.14 -11.26
CA THR A 59 9.67 3.27 -11.40
C THR A 59 9.04 4.56 -10.84
N PRO A 60 9.84 5.41 -10.17
CA PRO A 60 9.35 6.64 -9.53
C PRO A 60 9.02 7.74 -10.51
N SER A 61 8.03 8.54 -10.16
CA SER A 61 7.63 9.69 -10.96
C SER A 61 8.69 10.79 -10.89
N LEU A 62 9.19 11.03 -9.68
CA LEU A 62 10.16 12.09 -9.43
C LEU A 62 11.43 11.50 -8.83
N LYS A 63 12.58 12.07 -9.19
CA LYS A 63 13.86 11.61 -8.67
C LYS A 63 14.87 12.77 -8.67
N THR A 64 15.67 12.85 -7.61
CA THR A 64 16.66 13.91 -7.49
C THR A 64 17.83 13.43 -6.62
N LYS A 65 19.04 13.90 -6.94
CA LYS A 65 20.22 13.45 -6.21
C LYS A 65 20.97 14.61 -5.55
N TYR A 66 20.85 14.63 -4.23
CA TYR A 66 21.74 15.34 -3.33
C TYR A 66 22.50 14.24 -2.62
N ASP A 67 23.66 14.53 -2.02
CA ASP A 67 24.62 13.48 -1.64
C ASP A 67 23.95 12.27 -0.96
N ASN A 68 22.74 12.48 -0.43
CA ASN A 68 21.86 11.37 -0.03
C ASN A 68 20.70 11.29 -1.04
N GLU A 69 20.89 10.51 -2.10
CA GLU A 69 19.98 10.50 -3.27
C GLU A 69 18.59 10.01 -2.88
N VAL A 70 17.54 10.60 -3.49
CA VAL A 70 16.17 10.24 -3.13
C VAL A 70 15.26 10.19 -4.36
N PHE A 71 14.33 9.23 -4.33
CA PHE A 71 13.32 9.08 -5.39
C PHE A 71 11.93 9.25 -4.79
N TYR A 72 11.12 10.12 -5.39
CA TYR A 72 9.75 10.34 -4.94
C TYR A 72 8.78 9.60 -5.84
N TYR A 73 8.15 8.58 -5.27
CA TYR A 73 7.17 7.76 -5.97
C TYR A 73 5.78 8.35 -5.77
N ILE A 74 5.24 8.93 -6.84
CA ILE A 74 3.86 9.39 -6.86
C ILE A 74 3.10 8.58 -7.93
N SER A 75 3.86 7.78 -8.67
CA SER A 75 3.32 7.02 -9.79
C SER A 75 2.65 5.72 -9.31
N GLN A 76 3.39 4.94 -8.51
CA GLN A 76 2.93 3.63 -8.06
C GLN A 76 2.66 2.72 -9.27
N THR A 77 3.31 3.05 -10.39
CA THR A 77 3.19 2.30 -11.63
C THR A 77 4.51 2.40 -12.39
N ARG A 78 4.82 1.37 -13.18
CA ARG A 78 6.07 1.35 -13.94
C ARG A 78 6.02 2.34 -15.12
N TYR A 79 6.20 3.61 -14.79
CA TYR A 79 6.25 4.72 -15.76
C TYR A 79 5.09 4.69 -16.76
N ARG A 80 4.01 5.39 -16.41
CA ARG A 80 2.92 5.65 -17.33
C ARG A 80 2.44 7.08 -17.13
N GLY A 81 2.81 7.96 -18.06
CA GLY A 81 2.58 9.39 -17.92
C GLY A 81 1.13 9.75 -17.71
N MET A 82 0.23 9.00 -18.34
CA MET A 82 -1.20 9.26 -18.26
C MET A 82 -1.96 7.97 -17.93
N GLN A 83 -2.74 8.00 -16.85
CA GLN A 83 -3.55 6.86 -16.44
C GLN A 83 -5.00 7.30 -16.26
N PHE A 84 -5.82 7.14 -17.30
CA PHE A 84 -7.22 7.52 -17.24
C PHE A 84 -8.03 6.41 -16.56
N MET A 85 -7.91 6.34 -15.24
CA MET A 85 -8.60 5.30 -14.47
C MET A 85 -9.89 5.85 -13.89
N LYS A 86 -10.93 5.01 -13.89
CA LYS A 86 -12.25 5.42 -13.41
C LYS A 86 -12.42 5.06 -11.93
N THR A 87 -11.62 4.10 -11.46
CA THR A 87 -11.65 3.68 -10.07
C THR A 87 -10.75 4.58 -9.22
N LYS A 88 -11.33 5.21 -8.21
CA LYS A 88 -10.61 6.18 -7.37
C LYS A 88 -9.86 5.49 -6.24
N ILE A 89 -10.21 4.23 -5.95
CA ILE A 89 -9.56 3.48 -4.88
C ILE A 89 -8.09 3.19 -5.25
N ILE A 90 -7.81 3.05 -6.53
CA ILE A 90 -6.46 2.76 -7.00
C ILE A 90 -5.67 4.05 -7.24
N ASP A 91 -6.18 5.15 -6.70
CA ASP A 91 -5.55 6.47 -6.84
C ASP A 91 -4.16 6.46 -6.19
N ARG A 92 -3.35 7.45 -6.53
CA ARG A 92 -1.92 7.45 -6.21
C ARG A 92 -1.65 7.96 -4.79
N LYS A 93 -0.39 7.89 -4.39
CA LYS A 93 0.06 8.31 -3.05
C LYS A 93 1.51 8.81 -3.11
N VAL A 94 2.11 9.07 -1.94
CA VAL A 94 3.48 9.57 -1.87
C VAL A 94 4.37 8.62 -1.08
N LEU A 95 5.44 8.14 -1.73
CA LEU A 95 6.45 7.31 -1.07
C LEU A 95 7.84 7.72 -1.54
N ALA A 96 8.66 8.22 -0.62
CA ALA A 96 10.00 8.71 -0.96
C ALA A 96 11.08 7.75 -0.47
N ILE A 97 11.83 7.18 -1.42
CA ILE A 97 12.90 6.24 -1.12
C ILE A 97 14.25 6.98 -1.08
N TYR A 98 14.79 7.14 0.13
CA TYR A 98 16.11 7.76 0.31
C TYR A 98 17.19 6.70 0.21
N PHE A 99 17.89 6.72 -0.92
CA PHE A 99 18.90 5.75 -1.28
C PHE A 99 20.29 6.26 -0.87
N ASN A 100 21.25 5.34 -0.71
CA ASN A 100 22.60 5.74 -0.32
C ASN A 100 23.63 4.88 -1.03
N LYS A 101 24.81 5.50 -1.21
CA LYS A 101 25.94 4.97 -1.98
C LYS A 101 26.37 3.59 -1.52
N ASN A 102 25.79 3.08 -0.44
CA ASN A 102 26.03 1.70 -0.01
C ASN A 102 25.21 0.75 -0.90
N ASP A 103 24.62 1.32 -1.95
CA ASP A 103 23.74 0.61 -2.86
C ASP A 103 22.49 0.18 -2.13
N GLN A 104 22.10 0.98 -1.13
CA GLN A 104 21.02 0.57 -0.23
C GLN A 104 20.13 1.75 0.13
N VAL A 105 18.85 1.48 0.33
CA VAL A 105 17.94 2.53 0.79
C VAL A 105 18.19 2.83 2.27
N THR A 106 18.70 4.01 2.54
CA THR A 106 19.08 4.38 3.90
C THR A 106 17.84 4.76 4.71
N LYS A 107 16.84 5.35 4.04
CA LYS A 107 15.63 5.78 4.74
C LYS A 107 14.43 5.76 3.81
N ILE A 108 13.29 5.34 4.34
CA ILE A 108 12.04 5.28 3.58
C ILE A 108 11.02 6.22 4.21
N ALA A 109 10.66 7.27 3.47
CA ALA A 109 9.62 8.21 3.89
C ALA A 109 8.31 7.84 3.21
N ASN A 110 7.25 7.77 3.98
CA ASN A 110 5.97 7.30 3.46
C ASN A 110 4.83 8.21 3.90
N TYR A 111 3.84 8.37 3.02
CA TYR A 111 2.57 8.97 3.40
C TYR A 111 1.54 7.84 3.49
N GLY A 112 1.00 7.61 4.67
CA GLY A 112 0.14 6.46 4.88
C GLY A 112 -0.08 6.22 6.37
N LEU A 113 -0.60 5.04 6.72
CA LEU A 113 -0.87 4.72 8.11
C LEU A 113 0.33 4.11 8.81
N GLN A 114 0.30 4.11 10.14
CA GLN A 114 1.28 3.39 10.93
C GLN A 114 0.55 2.41 11.84
N ASP A 115 0.56 1.13 11.45
CA ASP A 115 -0.02 0.05 12.25
C ASP A 115 -1.42 0.42 12.80
N GLY A 116 -2.14 1.25 12.04
CA GLY A 116 -3.45 1.71 12.49
C GLY A 116 -4.05 2.76 11.56
N GLN A 117 -3.82 4.04 11.88
CA GLN A 117 -4.43 5.15 11.13
C GLN A 117 -3.35 5.95 10.42
N VAL A 118 -3.79 6.84 9.53
CA VAL A 118 -2.87 7.65 8.74
C VAL A 118 -1.94 8.48 9.63
N PHE A 119 -0.63 8.20 9.52
CA PHE A 119 0.39 8.86 10.30
C PHE A 119 1.66 9.00 9.45
N ASP A 120 2.12 10.23 9.26
CA ASP A 120 3.36 10.46 8.52
C ASP A 120 4.54 10.08 9.39
N PHE A 121 5.03 8.86 9.18
CA PHE A 121 6.05 8.26 10.04
C PHE A 121 7.26 9.17 10.23
N ILE A 122 7.78 9.68 9.13
CA ILE A 122 8.99 10.51 9.17
C ILE A 122 8.68 11.95 9.59
N ALA A 123 7.43 12.37 9.42
CA ALA A 123 7.02 13.73 9.78
C ALA A 123 6.39 13.74 11.17
N GLN A 124 6.25 12.55 11.76
CA GLN A 124 5.69 12.34 13.10
C GLN A 124 4.38 13.11 13.30
N THR A 125 3.69 13.41 12.20
CA THR A 125 2.40 14.10 12.27
C THR A 125 1.26 13.12 12.00
N THR A 126 0.04 13.53 12.32
CA THR A 126 -1.13 12.70 12.10
C THR A 126 -2.20 13.48 11.33
N PRO A 127 -2.32 13.21 10.02
CA PRO A 127 -3.37 13.83 9.20
C PRO A 127 -4.74 13.36 9.67
N THR A 128 -5.76 14.19 9.50
CA THR A 128 -7.08 13.90 10.03
C THR A 128 -8.15 13.86 8.93
N ALA A 129 -9.03 12.87 9.05
CA ALA A 129 -10.17 12.71 8.16
C ALA A 129 -11.24 11.90 8.87
N THR A 130 -12.50 12.33 8.76
CA THR A 130 -13.61 11.68 9.43
C THR A 130 -13.73 10.22 8.99
N LYS A 131 -13.85 9.32 9.96
CA LYS A 131 -13.85 7.87 9.71
C LYS A 131 -15.11 7.38 8.99
N GLU A 132 -16.07 8.27 8.82
CA GLU A 132 -17.35 7.90 8.23
C GLU A 132 -17.17 7.33 6.82
N GLN A 133 -16.63 8.15 5.93
CA GLN A 133 -16.55 7.82 4.50
C GLN A 133 -15.39 6.85 4.18
N PRO A 134 -14.14 7.22 4.52
CA PRO A 134 -12.94 6.51 4.06
C PRO A 134 -12.62 5.27 4.87
N LEU A 135 -13.33 4.17 4.65
CA LEU A 135 -13.26 3.15 5.67
C LEU A 135 -11.98 2.28 5.72
N LEU A 136 -11.69 1.39 4.74
CA LEU A 136 -10.37 0.71 4.76
C LEU A 136 -9.19 1.49 4.17
N ILE A 137 -9.32 1.74 2.86
CA ILE A 137 -8.27 2.34 2.02
C ILE A 137 -8.18 3.84 2.13
N GLN A 138 -9.35 4.45 1.93
CA GLN A 138 -9.49 5.87 1.72
C GLN A 138 -8.76 6.68 2.79
N ILE A 139 -8.67 6.11 3.98
CA ILE A 139 -7.98 6.76 5.11
C ILE A 139 -6.56 7.20 4.72
N ILE A 140 -5.82 6.31 4.10
CA ILE A 140 -4.43 6.59 3.75
C ILE A 140 -4.33 7.37 2.45
N LYS A 141 -5.35 7.24 1.59
CA LYS A 141 -5.35 7.87 0.28
C LYS A 141 -5.90 9.30 0.37
N GLY A 142 -6.82 9.51 1.31
CA GLY A 142 -7.56 10.76 1.39
C GLY A 142 -6.67 12.00 1.51
N PRO A 143 -5.95 12.15 2.62
CA PRO A 143 -5.06 13.29 2.84
C PRO A 143 -3.77 13.17 2.01
N ALA A 144 -3.61 12.04 1.32
CA ALA A 144 -2.41 11.79 0.52
C ALA A 144 -2.50 12.51 -0.82
N ASN A 145 -2.13 13.78 -0.81
CA ASN A 145 -2.08 14.58 -2.02
C ASN A 145 -0.66 15.06 -2.26
N LEU A 146 -0.16 14.82 -3.47
CA LEU A 146 1.12 15.37 -3.90
C LEU A 146 1.05 16.90 -3.87
N PRO A 147 2.04 17.56 -3.23
CA PRO A 147 2.04 19.03 -3.03
C PRO A 147 1.83 19.81 -4.33
N MET A 1 -105.35 -15.39 -18.05
CA MET A 1 -104.05 -15.95 -17.61
C MET A 1 -104.18 -16.58 -16.23
N ALA A 2 -103.98 -17.89 -16.15
CA ALA A 2 -104.06 -18.61 -14.88
C ALA A 2 -103.16 -19.84 -14.91
N HIS A 3 -102.20 -19.85 -15.85
CA HIS A 3 -101.28 -20.97 -15.99
C HIS A 3 -100.32 -21.04 -14.80
N HIS A 4 -100.14 -22.23 -14.24
CA HIS A 4 -99.34 -22.41 -13.03
C HIS A 4 -97.93 -22.86 -13.37
N HIS A 5 -97.08 -22.93 -12.34
CA HIS A 5 -95.70 -23.37 -12.50
C HIS A 5 -95.50 -24.75 -11.87
N HIS A 6 -94.53 -25.49 -12.40
CA HIS A 6 -94.26 -26.86 -11.94
C HIS A 6 -92.96 -26.91 -11.14
N HIS A 7 -92.89 -27.83 -10.19
CA HIS A 7 -91.72 -27.94 -9.31
C HIS A 7 -91.30 -29.40 -9.14
N HIS A 8 -89.99 -29.63 -9.15
CA HIS A 8 -89.42 -30.95 -8.89
C HIS A 8 -88.07 -30.78 -8.20
N MET A 9 -87.83 -31.57 -7.15
CA MET A 9 -86.60 -31.44 -6.36
C MET A 9 -86.06 -32.83 -6.01
N GLY A 10 -84.79 -33.06 -6.35
CA GLY A 10 -84.14 -34.33 -6.06
C GLY A 10 -82.78 -34.14 -5.43
N THR A 11 -82.76 -33.82 -4.15
CA THR A 11 -81.52 -33.56 -3.42
C THR A 11 -80.90 -34.86 -2.90
N LEU A 12 -79.60 -35.04 -3.15
CA LEU A 12 -78.87 -36.21 -2.66
C LEU A 12 -77.45 -35.79 -2.27
N GLU A 13 -76.95 -36.36 -1.17
CA GLU A 13 -75.65 -35.97 -0.62
C GLU A 13 -74.52 -36.85 -1.16
N ALA A 14 -73.28 -36.52 -0.76
CA ALA A 14 -72.10 -37.24 -1.21
C ALA A 14 -70.96 -37.04 -0.20
N GLN A 15 -70.56 -38.13 0.46
CA GLN A 15 -69.52 -38.08 1.49
C GLN A 15 -68.13 -38.29 0.89
N THR A 16 -67.24 -37.35 1.16
CA THR A 16 -65.86 -37.41 0.66
C THR A 16 -64.92 -36.60 1.57
N GLN A 17 -63.81 -37.21 1.95
CA GLN A 17 -62.80 -36.55 2.79
C GLN A 17 -61.40 -36.96 2.31
N GLY A 18 -60.51 -35.98 2.16
CA GLY A 18 -59.18 -36.25 1.64
C GLY A 18 -58.12 -35.31 2.19
N PRO A 19 -57.34 -35.75 3.20
CA PRO A 19 -56.26 -34.94 3.78
C PRO A 19 -54.95 -35.09 3.01
N GLY A 20 -53.94 -34.31 3.43
CA GLY A 20 -52.63 -34.36 2.80
C GLY A 20 -51.85 -33.08 3.03
N SER A 21 -50.60 -33.22 3.48
CA SER A 21 -49.76 -32.06 3.78
C SER A 21 -48.28 -32.43 3.66
N MET A 22 -47.58 -31.78 2.74
CA MET A 22 -46.15 -32.02 2.52
C MET A 22 -45.38 -30.71 2.68
N SER A 23 -44.08 -30.82 2.95
CA SER A 23 -43.22 -29.65 3.13
C SER A 23 -41.84 -29.89 2.49
N SER A 24 -41.17 -28.81 2.10
CA SER A 24 -39.83 -28.88 1.54
C SER A 24 -39.25 -27.46 1.41
N GLY A 25 -37.95 -27.39 1.14
CA GLY A 25 -37.27 -26.12 1.00
C GLY A 25 -35.77 -26.30 0.86
N SER A 26 -35.06 -25.21 0.61
CA SER A 26 -33.60 -25.27 0.44
C SER A 26 -32.94 -23.92 0.72
N SER A 27 -31.62 -23.94 0.85
CA SER A 27 -30.83 -22.74 1.08
C SER A 27 -29.35 -23.06 0.93
N GLN A 28 -28.80 -22.85 -0.27
CA GLN A 28 -27.41 -23.17 -0.55
C GLN A 28 -26.52 -21.94 -0.38
N ILE A 29 -25.57 -22.04 0.55
CA ILE A 29 -24.67 -20.95 0.88
C ILE A 29 -23.29 -21.18 0.22
N TYR A 30 -22.72 -20.11 -0.32
CA TYR A 30 -21.44 -20.18 -1.03
C TYR A 30 -20.87 -18.77 -1.20
N LYS A 31 -19.55 -18.69 -1.39
CA LYS A 31 -18.88 -17.39 -1.55
C LYS A 31 -17.67 -17.53 -2.47
N GLU A 32 -17.54 -16.58 -3.40
CA GLU A 32 -16.40 -16.48 -4.31
C GLU A 32 -16.14 -15.01 -4.64
N GLY A 33 -15.02 -14.49 -4.17
CA GLY A 33 -14.71 -13.08 -4.40
C GLY A 33 -13.55 -12.61 -3.54
N TYR A 34 -12.69 -11.77 -4.12
CA TYR A 34 -11.52 -11.25 -3.42
C TYR A 34 -11.31 -9.77 -3.76
N ILE A 35 -10.76 -9.02 -2.81
CA ILE A 35 -10.49 -7.60 -2.99
C ILE A 35 -8.99 -7.32 -2.86
N LEU A 36 -8.48 -6.37 -3.65
CA LEU A 36 -7.07 -5.99 -3.60
C LEU A 36 -6.75 -5.35 -2.25
N ASP A 37 -5.60 -5.70 -1.68
CA ASP A 37 -5.25 -5.28 -0.32
C ASP A 37 -3.98 -4.41 -0.31
N LYS A 38 -4.00 -3.41 0.57
CA LYS A 38 -2.90 -2.46 0.76
C LYS A 38 -1.59 -3.13 1.25
N ASN A 39 -1.64 -4.44 1.48
CA ASN A 39 -0.51 -5.21 2.02
C ASN A 39 0.79 -4.97 1.24
N ALA A 40 0.65 -4.71 -0.07
CA ALA A 40 1.80 -4.62 -0.97
C ALA A 40 2.86 -3.64 -0.46
N LEU A 41 2.43 -2.59 0.24
CA LEU A 41 3.33 -1.55 0.74
C LEU A 41 4.47 -2.12 1.58
N ASP A 42 4.19 -3.23 2.28
CA ASP A 42 5.14 -3.83 3.23
C ASP A 42 6.37 -4.42 2.52
N SER A 43 6.34 -4.47 1.19
CA SER A 43 7.36 -5.18 0.41
C SER A 43 8.74 -4.51 0.47
N ILE A 44 8.89 -3.41 1.20
CA ILE A 44 10.19 -2.72 1.28
C ILE A 44 10.66 -2.56 2.73
N SER A 45 11.97 -2.46 2.90
CA SER A 45 12.58 -2.21 4.21
C SER A 45 13.87 -1.40 4.03
N ILE A 46 14.34 -0.79 5.11
CA ILE A 46 15.58 -0.04 5.07
C ILE A 46 16.74 -0.97 4.70
N GLY A 47 17.47 -0.58 3.65
CA GLY A 47 18.54 -1.41 3.12
C GLY A 47 18.18 -2.01 1.77
N SER A 48 16.89 -2.09 1.47
CA SER A 48 16.42 -2.64 0.20
C SER A 48 17.02 -1.88 -0.99
N SER A 49 17.30 -2.60 -2.07
CA SER A 49 17.92 -2.01 -3.26
C SER A 49 16.86 -1.32 -4.12
N GLN A 50 17.32 -0.34 -4.91
CA GLN A 50 16.44 0.45 -5.76
C GLN A 50 15.54 -0.45 -6.59
N GLU A 51 16.14 -1.47 -7.18
CA GLU A 51 15.40 -2.40 -8.03
C GLU A 51 14.23 -3.02 -7.25
N GLN A 52 14.46 -3.29 -5.96
CA GLN A 52 13.43 -3.96 -5.17
C GLN A 52 12.31 -2.97 -4.84
N VAL A 53 12.69 -1.79 -4.35
CA VAL A 53 11.69 -0.80 -3.96
C VAL A 53 10.83 -0.40 -5.17
N ILE A 54 11.46 -0.20 -6.33
CA ILE A 54 10.73 0.18 -7.54
C ILE A 54 9.92 -1.00 -8.07
N LEU A 55 10.45 -2.22 -7.94
CA LEU A 55 9.72 -3.41 -8.37
C LEU A 55 8.53 -3.67 -7.45
N ALA A 56 8.60 -3.17 -6.21
CA ALA A 56 7.53 -3.32 -5.25
C ALA A 56 6.41 -2.30 -5.46
N LEU A 57 6.78 -1.02 -5.56
CA LEU A 57 5.78 0.05 -5.65
C LEU A 57 5.64 0.60 -7.07
N GLY A 58 6.75 0.69 -7.78
CA GLY A 58 6.75 1.32 -9.09
C GLY A 58 7.94 2.26 -9.27
N THR A 59 8.17 2.71 -10.49
CA THR A 59 9.27 3.62 -10.79
C THR A 59 8.94 5.02 -10.27
N PRO A 60 9.92 5.69 -9.60
CA PRO A 60 9.71 7.01 -8.99
C PRO A 60 9.36 8.06 -10.04
N SER A 61 8.46 8.97 -9.69
CA SER A 61 8.04 10.03 -10.59
C SER A 61 9.03 11.19 -10.52
N LEU A 62 9.62 11.38 -9.33
CA LEU A 62 10.57 12.45 -9.09
C LEU A 62 11.87 11.87 -8.52
N LYS A 63 12.98 12.56 -8.76
CA LYS A 63 14.27 12.15 -8.24
C LYS A 63 15.22 13.34 -8.20
N THR A 64 16.06 13.40 -7.18
CA THR A 64 17.04 14.48 -7.07
C THR A 64 18.27 14.04 -6.29
N LYS A 65 19.41 14.62 -6.67
CA LYS A 65 20.67 14.35 -5.99
C LYS A 65 21.05 15.52 -5.08
N TYR A 66 20.93 15.27 -3.79
CA TYR A 66 21.63 15.99 -2.76
C TYR A 66 22.51 14.95 -2.09
N ASP A 67 23.57 15.34 -1.39
CA ASP A 67 24.61 14.39 -0.94
C ASP A 67 24.03 13.11 -0.35
N ASN A 68 22.76 13.15 0.06
CA ASN A 68 21.97 11.95 0.32
C ASN A 68 20.87 11.85 -0.76
N GLU A 69 21.14 11.08 -1.82
CA GLU A 69 20.27 11.04 -3.00
C GLU A 69 18.88 10.50 -2.65
N VAL A 70 17.83 11.04 -3.29
CA VAL A 70 16.48 10.58 -2.99
C VAL A 70 15.60 10.46 -4.25
N PHE A 71 14.82 9.39 -4.30
CA PHE A 71 13.86 9.17 -5.37
C PHE A 71 12.43 9.27 -4.82
N TYR A 72 11.68 10.27 -5.25
CA TYR A 72 10.31 10.45 -4.78
C TYR A 72 9.31 9.70 -5.67
N TYR A 73 8.74 8.65 -5.13
CA TYR A 73 7.65 7.94 -5.80
C TYR A 73 6.32 8.48 -5.29
N ILE A 74 5.47 8.90 -6.21
CA ILE A 74 4.16 9.46 -5.86
C ILE A 74 3.07 8.87 -6.75
N SER A 75 3.42 8.61 -8.00
CA SER A 75 2.51 8.02 -8.97
C SER A 75 3.29 7.55 -10.19
N GLN A 76 2.72 6.62 -10.94
CA GLN A 76 3.34 6.10 -12.16
C GLN A 76 2.39 6.36 -13.34
N THR A 77 2.88 6.23 -14.57
CA THR A 77 2.08 6.51 -15.76
C THR A 77 0.77 5.70 -15.75
N ARG A 78 -0.35 6.42 -15.62
CA ARG A 78 -1.67 5.80 -15.56
C ARG A 78 -2.73 6.78 -16.09
N TYR A 79 -2.31 7.55 -17.08
CA TYR A 79 -3.12 8.65 -17.63
C TYR A 79 -4.57 8.22 -17.91
N ARG A 80 -5.50 8.79 -17.14
CA ARG A 80 -6.93 8.64 -17.38
C ARG A 80 -7.50 9.98 -17.81
N GLY A 81 -7.92 10.07 -19.07
CA GLY A 81 -8.43 11.31 -19.62
C GLY A 81 -9.91 11.52 -19.34
N MET A 82 -10.71 10.49 -19.59
CA MET A 82 -12.15 10.56 -19.40
C MET A 82 -12.53 9.97 -18.05
N GLN A 83 -13.40 10.68 -17.33
CA GLN A 83 -13.82 10.28 -15.98
C GLN A 83 -12.62 10.11 -15.05
N PHE A 84 -12.02 11.24 -14.68
CA PHE A 84 -10.91 11.25 -13.73
C PHE A 84 -11.45 11.40 -12.30
N MET A 85 -10.59 11.15 -11.31
CA MET A 85 -10.96 11.23 -9.88
C MET A 85 -11.93 10.10 -9.49
N LYS A 86 -12.27 9.25 -10.46
CA LYS A 86 -13.19 8.14 -10.23
C LYS A 86 -12.49 7.00 -9.50
N THR A 87 -11.19 6.89 -9.69
CA THR A 87 -10.41 5.79 -9.14
C THR A 87 -10.18 5.96 -7.64
N LYS A 88 -11.04 5.30 -6.85
CA LYS A 88 -10.91 5.28 -5.40
C LYS A 88 -9.63 4.55 -4.99
N ILE A 89 -9.21 3.61 -5.83
CA ILE A 89 -8.06 2.77 -5.57
C ILE A 89 -6.76 3.59 -5.57
N ILE A 90 -5.68 3.01 -5.05
CA ILE A 90 -4.38 3.70 -4.98
C ILE A 90 -3.86 4.09 -6.36
N ASP A 91 -4.00 5.37 -6.68
CA ASP A 91 -3.41 5.96 -7.87
C ASP A 91 -2.20 6.80 -7.46
N ARG A 92 -2.31 7.43 -6.29
CA ARG A 92 -1.22 8.16 -5.68
C ARG A 92 -0.81 7.49 -4.37
N LYS A 93 0.49 7.33 -4.19
CA LYS A 93 1.07 6.80 -2.97
C LYS A 93 2.51 7.27 -2.87
N VAL A 94 2.92 7.73 -1.70
CA VAL A 94 4.19 8.45 -1.56
C VAL A 94 5.23 7.61 -0.83
N LEU A 95 6.23 7.18 -1.60
CA LEU A 95 7.40 6.48 -1.08
C LEU A 95 8.65 7.23 -1.52
N ALA A 96 9.21 8.02 -0.63
CA ALA A 96 10.46 8.71 -0.92
C ALA A 96 11.63 7.83 -0.48
N ILE A 97 12.42 7.42 -1.45
CA ILE A 97 13.53 6.51 -1.22
C ILE A 97 14.83 7.28 -1.04
N TYR A 98 15.22 7.51 0.21
CA TYR A 98 16.52 8.10 0.51
C TYR A 98 17.58 7.02 0.35
N PHE A 99 18.31 7.13 -0.75
CA PHE A 99 19.15 6.06 -1.25
C PHE A 99 20.60 6.24 -0.79
N ASN A 100 21.37 5.18 -1.00
CA ASN A 100 22.76 5.10 -0.59
C ASN A 100 23.56 4.42 -1.68
N LYS A 101 24.63 5.09 -2.12
CA LYS A 101 25.50 4.62 -3.20
C LYS A 101 26.05 3.22 -2.90
N ASN A 102 25.84 2.75 -1.67
CA ASN A 102 26.20 1.38 -1.30
C ASN A 102 25.12 0.40 -1.80
N ASP A 103 24.24 0.92 -2.69
CA ASP A 103 23.16 0.15 -3.30
C ASP A 103 22.08 -0.16 -2.28
N GLN A 104 21.91 0.72 -1.29
CA GLN A 104 20.92 0.47 -0.24
C GLN A 104 20.00 1.68 -0.09
N VAL A 105 18.81 1.47 0.45
CA VAL A 105 17.97 2.59 0.85
C VAL A 105 18.17 2.87 2.33
N THR A 106 18.76 4.02 2.64
CA THR A 106 19.15 4.33 4.01
C THR A 106 18.01 4.97 4.79
N LYS A 107 17.06 5.60 4.09
CA LYS A 107 15.83 6.10 4.74
C LYS A 107 14.64 6.00 3.79
N ILE A 108 13.48 5.68 4.35
CA ILE A 108 12.24 5.55 3.59
C ILE A 108 11.15 6.42 4.20
N ALA A 109 10.70 7.43 3.46
CA ALA A 109 9.56 8.24 3.87
C ALA A 109 8.31 7.72 3.17
N ASN A 110 7.28 7.38 3.93
CA ASN A 110 6.15 6.65 3.38
C ASN A 110 4.81 7.17 3.88
N TYR A 111 3.82 7.16 2.98
CA TYR A 111 2.43 7.39 3.35
C TYR A 111 1.62 6.12 3.13
N GLY A 112 1.08 5.58 4.21
CA GLY A 112 0.34 4.34 4.15
C GLY A 112 0.21 3.70 5.52
N LEU A 113 -0.17 2.43 5.57
CA LEU A 113 -0.31 1.73 6.85
C LEU A 113 0.66 0.56 6.91
N GLN A 114 0.83 0.01 8.11
CA GLN A 114 1.62 -1.20 8.29
C GLN A 114 0.93 -2.13 9.28
N ASP A 115 0.28 -3.16 8.74
CA ASP A 115 -0.45 -4.16 9.54
C ASP A 115 -1.28 -3.49 10.64
N GLY A 116 -2.10 -2.52 10.26
CA GLY A 116 -2.93 -1.83 11.21
C GLY A 116 -3.62 -0.62 10.59
N GLN A 117 -3.04 0.56 10.82
CA GLN A 117 -3.66 1.82 10.41
C GLN A 117 -2.61 2.73 9.79
N VAL A 118 -3.05 3.75 9.07
CA VAL A 118 -2.14 4.68 8.42
C VAL A 118 -1.26 5.39 9.45
N PHE A 119 0.02 5.03 9.46
CA PHE A 119 0.99 5.68 10.34
C PHE A 119 2.08 6.36 9.53
N ASP A 120 2.28 7.65 9.80
CA ASP A 120 3.31 8.43 9.12
C ASP A 120 4.61 8.33 9.91
N PHE A 121 5.54 7.52 9.41
CA PHE A 121 6.78 7.21 10.13
C PHE A 121 7.69 8.43 10.27
N ILE A 122 7.90 9.14 9.18
CA ILE A 122 8.86 10.26 9.20
C ILE A 122 8.29 11.45 9.95
N ALA A 123 6.98 11.64 9.87
CA ALA A 123 6.32 12.70 10.62
C ALA A 123 6.09 12.27 12.07
N GLN A 124 6.12 10.95 12.29
CA GLN A 124 5.95 10.35 13.62
C GLN A 124 4.55 10.63 14.17
N THR A 125 3.61 10.83 13.26
CA THR A 125 2.22 11.14 13.63
C THR A 125 1.31 9.99 13.21
N THR A 126 0.09 10.00 13.72
CA THR A 126 -0.90 9.00 13.38
C THR A 126 -2.20 9.66 12.89
N PRO A 127 -2.32 9.87 11.56
CA PRO A 127 -3.50 10.49 10.97
C PRO A 127 -4.66 9.49 10.84
N THR A 128 -5.88 10.00 10.76
CA THR A 128 -7.06 9.16 10.57
C THR A 128 -8.11 9.90 9.74
N ALA A 129 -8.89 9.14 8.98
CA ALA A 129 -9.99 9.68 8.18
C ALA A 129 -11.31 9.16 8.72
N THR A 130 -12.42 9.69 8.21
CA THR A 130 -13.75 9.26 8.63
C THR A 130 -13.96 7.78 8.32
N LYS A 131 -13.78 6.93 9.34
CA LYS A 131 -13.71 5.46 9.21
C LYS A 131 -14.86 4.84 8.40
N GLU A 132 -15.86 5.61 8.02
CA GLU A 132 -16.99 5.08 7.24
C GLU A 132 -16.63 4.96 5.75
N GLN A 133 -16.06 6.02 5.20
CA GLN A 133 -15.86 6.17 3.75
C GLN A 133 -14.66 5.38 3.19
N PRO A 134 -13.42 5.63 3.68
CA PRO A 134 -12.19 5.21 3.00
C PRO A 134 -11.71 3.81 3.34
N LEU A 135 -12.62 2.87 3.32
CA LEU A 135 -12.46 1.77 4.23
C LEU A 135 -11.26 0.86 3.96
N LEU A 136 -11.22 0.11 2.85
CA LEU A 136 -10.05 -0.76 2.67
C LEU A 136 -8.76 -0.06 2.19
N ILE A 137 -8.82 0.50 0.98
CA ILE A 137 -7.71 1.23 0.35
C ILE A 137 -7.53 2.67 0.81
N GLN A 138 -8.63 3.40 0.65
CA GLN A 138 -8.68 4.86 0.67
C GLN A 138 -7.97 5.42 1.90
N ILE A 139 -7.99 4.66 2.97
CA ILE A 139 -7.33 5.04 4.21
C ILE A 139 -5.87 5.43 3.98
N ILE A 140 -5.17 4.68 3.13
CA ILE A 140 -3.79 5.01 2.78
C ILE A 140 -3.74 5.98 1.60
N LYS A 141 -4.72 5.87 0.70
CA LYS A 141 -4.75 6.69 -0.51
C LYS A 141 -5.11 8.14 -0.15
N GLY A 142 -5.79 8.30 0.97
CA GLY A 142 -6.23 9.62 1.41
C GLY A 142 -5.07 10.58 1.68
N PRO A 143 -4.24 10.29 2.71
CA PRO A 143 -3.08 11.12 3.05
C PRO A 143 -1.96 11.02 2.02
N ALA A 144 -2.14 10.13 1.03
CA ALA A 144 -1.15 9.93 -0.02
C ALA A 144 -1.23 11.05 -1.06
N ASN A 145 -2.18 11.96 -0.88
CA ASN A 145 -2.32 13.13 -1.74
C ASN A 145 -1.00 13.90 -1.77
N LEU A 146 -0.26 13.75 -2.87
CA LEU A 146 1.04 14.37 -3.04
C LEU A 146 0.95 15.90 -2.97
N PRO A 147 1.84 16.54 -2.20
CA PRO A 147 1.93 18.00 -2.12
C PRO A 147 2.96 18.57 -3.10
N MET A 1 22.83 43.31 102.54
CA MET A 1 21.93 44.01 101.60
C MET A 1 20.47 43.59 101.84
N ALA A 2 19.56 44.28 101.17
CA ALA A 2 18.13 43.96 101.24
C ALA A 2 17.51 44.13 99.87
N HIS A 3 16.43 43.38 99.60
CA HIS A 3 15.74 43.39 98.31
C HIS A 3 16.60 42.73 97.24
N HIS A 4 16.18 41.54 96.81
CA HIS A 4 16.92 40.78 95.82
C HIS A 4 15.96 40.28 94.74
N HIS A 5 15.68 41.15 93.77
CA HIS A 5 14.79 40.81 92.66
C HIS A 5 15.54 40.95 91.34
N HIS A 6 15.49 39.90 90.52
CA HIS A 6 16.15 39.90 89.22
C HIS A 6 15.12 39.68 88.11
N HIS A 7 15.58 39.72 86.87
CA HIS A 7 14.71 39.56 85.71
C HIS A 7 15.38 38.68 84.65
N HIS A 8 14.56 37.98 83.87
CA HIS A 8 15.03 37.14 82.78
C HIS A 8 13.94 37.01 81.72
N MET A 9 14.20 37.56 80.54
CA MET A 9 13.25 37.54 79.43
C MET A 9 13.89 36.93 78.19
N GLY A 10 13.12 36.85 77.11
CA GLY A 10 13.59 36.26 75.88
C GLY A 10 12.46 35.63 75.10
N THR A 11 12.53 35.70 73.78
CA THR A 11 11.49 35.16 72.91
C THR A 11 12.01 34.00 72.07
N LEU A 12 11.20 32.95 71.94
CA LEU A 12 11.52 31.80 71.09
C LEU A 12 10.33 31.50 70.18
N GLU A 13 10.55 31.55 68.86
CA GLU A 13 9.47 31.36 67.90
C GLU A 13 10.03 31.12 66.50
N ALA A 14 9.43 30.17 65.78
CA ALA A 14 9.79 29.86 64.40
C ALA A 14 8.95 28.70 63.88
N GLN A 15 8.69 28.69 62.57
CA GLN A 15 7.93 27.62 61.93
C GLN A 15 8.60 27.21 60.61
N THR A 16 7.95 26.30 59.88
CA THR A 16 8.46 25.84 58.58
C THR A 16 7.30 25.36 57.69
N GLN A 17 7.40 25.63 56.40
CA GLN A 17 6.36 25.26 55.44
C GLN A 17 6.97 25.09 54.05
N GLY A 18 6.48 24.13 53.28
CA GLY A 18 6.95 23.96 51.92
C GLY A 18 6.74 22.55 51.38
N PRO A 19 5.49 22.17 51.06
CA PRO A 19 5.18 20.89 50.42
C PRO A 19 5.09 21.02 48.89
N GLY A 20 5.15 19.88 48.18
CA GLY A 20 5.05 19.90 46.74
C GLY A 20 4.98 18.49 46.16
N SER A 21 4.52 18.37 44.91
CA SER A 21 4.38 17.07 44.26
C SER A 21 4.17 17.23 42.75
N MET A 22 4.07 16.09 42.05
CA MET A 22 3.85 16.07 40.59
C MET A 22 2.98 14.87 40.21
N SER A 23 2.26 14.98 39.10
CA SER A 23 1.41 13.91 38.61
C SER A 23 1.43 13.90 37.08
N SER A 24 1.54 12.71 36.48
CA SER A 24 1.60 12.58 35.03
C SER A 24 1.12 11.19 34.59
N GLY A 25 0.33 11.14 33.51
CA GLY A 25 -0.15 9.88 32.99
C GLY A 25 -0.03 9.79 31.48
N SER A 26 0.16 8.57 30.98
CA SER A 26 0.30 8.33 29.54
C SER A 26 -0.14 6.91 29.20
N SER A 27 -0.69 6.72 27.99
CA SER A 27 -1.16 5.43 27.54
C SER A 27 -0.86 5.22 26.06
N GLN A 28 -0.22 4.10 25.72
CA GLN A 28 0.10 3.77 24.34
C GLN A 28 -1.05 2.97 23.71
N ILE A 29 -1.59 3.48 22.60
CA ILE A 29 -2.73 2.84 21.94
C ILE A 29 -2.34 2.35 20.55
N TYR A 30 -2.51 1.05 20.32
CA TYR A 30 -2.28 0.44 19.00
C TYR A 30 -3.23 -0.74 18.84
N LYS A 31 -3.84 -0.87 17.66
CA LYS A 31 -4.81 -1.92 17.41
C LYS A 31 -4.58 -2.55 16.04
N GLU A 32 -3.89 -3.69 16.02
CA GLU A 32 -3.62 -4.41 14.78
C GLU A 32 -4.79 -5.32 14.43
N GLY A 33 -4.92 -5.66 13.14
CA GLY A 33 -6.03 -6.50 12.68
C GLY A 33 -5.61 -7.47 11.60
N TYR A 34 -4.66 -7.05 10.76
CA TYR A 34 -4.16 -7.85 9.64
C TYR A 34 -5.22 -7.93 8.52
N ILE A 35 -4.88 -7.35 7.38
CA ILE A 35 -5.78 -7.29 6.23
C ILE A 35 -4.98 -6.88 4.98
N LEU A 36 -5.63 -6.79 3.81
CA LEU A 36 -4.96 -6.36 2.58
C LEU A 36 -4.57 -4.88 2.66
N ASP A 37 -3.57 -4.62 3.47
CA ASP A 37 -3.06 -3.27 3.73
C ASP A 37 -1.94 -2.91 2.76
N LYS A 38 -1.87 -1.64 2.34
CA LYS A 38 -0.80 -1.16 1.45
C LYS A 38 0.59 -1.56 1.98
N ASN A 39 0.65 -1.87 3.27
CA ASN A 39 1.86 -2.41 3.90
C ASN A 39 2.40 -3.59 3.11
N ALA A 40 1.49 -4.34 2.49
CA ALA A 40 1.84 -5.52 1.70
C ALA A 40 2.89 -5.17 0.63
N LEU A 41 2.63 -4.10 -0.12
CA LEU A 41 3.58 -3.61 -1.12
C LEU A 41 4.74 -2.91 -0.42
N ASP A 42 4.41 -2.28 0.69
CA ASP A 42 5.36 -1.46 1.47
C ASP A 42 6.35 -2.35 2.27
N SER A 43 6.46 -3.61 1.85
CA SER A 43 7.29 -4.60 2.51
C SER A 43 8.79 -4.36 2.29
N ILE A 44 9.13 -3.27 1.61
CA ILE A 44 10.53 -2.90 1.36
C ILE A 44 11.18 -2.40 2.65
N SER A 45 12.44 -2.78 2.86
CA SER A 45 13.14 -2.50 4.12
C SER A 45 14.40 -1.66 3.90
N ILE A 46 14.80 -0.93 4.94
CA ILE A 46 16.05 -0.16 4.91
C ILE A 46 17.22 -1.08 4.56
N GLY A 47 18.01 -0.68 3.59
CA GLY A 47 19.09 -1.50 3.09
C GLY A 47 18.79 -2.03 1.70
N SER A 48 17.51 -2.29 1.42
CA SER A 48 17.10 -2.88 0.15
C SER A 48 17.62 -2.05 -1.04
N SER A 49 18.13 -2.73 -2.06
CA SER A 49 18.71 -2.08 -3.21
C SER A 49 17.65 -1.35 -4.03
N GLN A 50 18.10 -0.34 -4.77
CA GLN A 50 17.24 0.42 -5.67
C GLN A 50 16.49 -0.55 -6.58
N GLU A 51 17.19 -1.59 -7.03
CA GLU A 51 16.59 -2.62 -7.87
C GLU A 51 15.44 -3.29 -7.14
N GLN A 52 15.62 -3.51 -5.84
CA GLN A 52 14.64 -4.23 -5.04
C GLN A 52 13.37 -3.39 -4.88
N VAL A 53 13.57 -2.13 -4.48
CA VAL A 53 12.44 -1.24 -4.25
C VAL A 53 11.65 -0.98 -5.53
N ILE A 54 12.37 -0.79 -6.65
CA ILE A 54 11.70 -0.52 -7.94
C ILE A 54 11.05 -1.80 -8.47
N LEU A 55 11.67 -2.95 -8.23
CA LEU A 55 11.13 -4.22 -8.68
C LEU A 55 9.85 -4.55 -7.91
N ALA A 56 9.83 -4.17 -6.64
CA ALA A 56 8.69 -4.45 -5.77
C ALA A 56 7.51 -3.51 -6.03
N LEU A 57 7.79 -2.20 -6.05
CA LEU A 57 6.72 -1.19 -6.18
C LEU A 57 6.61 -0.63 -7.59
N GLY A 58 7.74 -0.52 -8.29
CA GLY A 58 7.77 0.12 -9.59
C GLY A 58 8.78 1.25 -9.62
N THR A 59 9.05 1.78 -10.80
CA THR A 59 10.01 2.87 -10.97
C THR A 59 9.43 4.18 -10.45
N PRO A 60 10.28 5.04 -9.85
CA PRO A 60 9.84 6.34 -9.31
C PRO A 60 9.39 7.31 -10.41
N SER A 61 8.51 8.22 -10.05
CA SER A 61 7.98 9.18 -11.02
C SER A 61 8.71 10.52 -10.91
N LEU A 62 9.29 10.78 -9.73
CA LEU A 62 10.07 11.99 -9.49
C LEU A 62 11.33 11.63 -8.70
N LYS A 63 12.27 12.57 -8.61
CA LYS A 63 13.49 12.37 -7.85
C LYS A 63 14.14 13.71 -7.54
N THR A 64 14.92 13.75 -6.47
CA THR A 64 15.69 14.92 -6.10
C THR A 64 16.99 14.48 -5.44
N LYS A 65 18.09 15.12 -5.82
CA LYS A 65 19.40 14.76 -5.30
C LYS A 65 19.92 15.84 -4.37
N TYR A 66 19.92 15.50 -3.09
CA TYR A 66 20.68 16.21 -2.07
C TYR A 66 21.68 15.18 -1.54
N ASP A 67 22.76 15.61 -0.90
CA ASP A 67 23.91 14.72 -0.64
C ASP A 67 23.49 13.33 -0.11
N ASN A 68 22.25 13.23 0.38
CA ASN A 68 21.61 11.92 0.56
C ASN A 68 20.44 11.81 -0.42
N GLU A 69 20.72 11.25 -1.60
CA GLU A 69 19.79 11.29 -2.75
C GLU A 69 18.48 10.55 -2.45
N VAL A 70 17.37 11.05 -2.98
CA VAL A 70 16.06 10.43 -2.71
C VAL A 70 15.18 10.42 -3.95
N PHE A 71 14.59 9.25 -4.23
CA PHE A 71 13.65 9.08 -5.33
C PHE A 71 12.22 9.12 -4.80
N TYR A 72 11.28 9.53 -5.64
CA TYR A 72 9.88 9.64 -5.24
C TYR A 72 8.98 8.81 -6.15
N TYR A 73 8.28 7.85 -5.54
CA TYR A 73 7.32 7.02 -6.23
C TYR A 73 5.92 7.59 -6.05
N ILE A 74 5.38 8.15 -7.13
CA ILE A 74 4.04 8.73 -7.20
C ILE A 74 3.55 8.67 -8.64
N SER A 75 2.63 9.55 -9.03
CA SER A 75 2.22 9.72 -10.42
C SER A 75 1.48 11.03 -10.58
N GLN A 76 1.42 11.54 -11.80
CA GLN A 76 0.74 12.79 -12.10
C GLN A 76 -0.03 12.66 -13.42
N THR A 77 -1.31 13.02 -13.39
CA THR A 77 -2.16 12.92 -14.56
C THR A 77 -2.92 14.22 -14.79
N ARG A 78 -2.33 15.10 -15.61
CA ARG A 78 -3.00 16.33 -16.01
C ARG A 78 -3.88 16.05 -17.22
N TYR A 79 -5.14 15.72 -16.93
CA TYR A 79 -6.07 15.23 -17.93
C TYR A 79 -6.95 16.36 -18.48
N ARG A 80 -7.14 16.36 -19.79
CA ARG A 80 -8.04 17.31 -20.46
C ARG A 80 -9.22 16.57 -21.06
N GLY A 81 -10.39 16.76 -20.47
CA GLY A 81 -11.60 16.12 -20.96
C GLY A 81 -12.62 15.93 -19.86
N MET A 82 -13.09 14.70 -19.70
CA MET A 82 -14.11 14.38 -18.69
C MET A 82 -14.22 12.87 -18.51
N GLN A 83 -13.55 12.35 -17.49
CA GLN A 83 -13.64 10.93 -17.14
C GLN A 83 -14.11 10.79 -15.70
N PHE A 84 -15.29 10.20 -15.51
CA PHE A 84 -15.84 9.99 -14.18
C PHE A 84 -15.21 8.76 -13.54
N MET A 85 -13.91 8.86 -13.26
CA MET A 85 -13.16 7.78 -12.64
C MET A 85 -13.12 7.97 -11.13
N LYS A 86 -14.10 7.40 -10.45
CA LYS A 86 -14.23 7.54 -9.00
C LYS A 86 -13.92 6.20 -8.33
N THR A 87 -12.64 5.95 -8.10
CA THR A 87 -12.20 4.70 -7.50
C THR A 87 -11.85 4.89 -6.02
N LYS A 88 -11.80 3.78 -5.31
CA LYS A 88 -11.54 3.78 -3.88
C LYS A 88 -10.03 3.89 -3.63
N ILE A 89 -9.25 3.87 -4.71
CA ILE A 89 -7.80 3.93 -4.64
C ILE A 89 -7.29 5.03 -5.59
N ILE A 90 -8.16 5.99 -5.87
CA ILE A 90 -7.81 7.14 -6.70
C ILE A 90 -6.87 8.07 -5.91
N ASP A 91 -6.19 8.97 -6.61
CA ASP A 91 -5.26 9.92 -5.99
C ASP A 91 -4.22 9.15 -5.16
N ARG A 92 -3.33 8.44 -5.85
CA ARG A 92 -2.34 7.59 -5.18
C ARG A 92 -1.46 8.41 -4.24
N LYS A 93 -0.74 7.75 -3.35
CA LYS A 93 0.01 8.43 -2.30
C LYS A 93 1.51 8.50 -2.61
N VAL A 94 2.27 8.96 -1.62
CA VAL A 94 3.67 9.33 -1.82
C VAL A 94 4.62 8.33 -1.16
N LEU A 95 5.49 7.76 -1.97
CA LEU A 95 6.58 6.92 -1.47
C LEU A 95 7.90 7.61 -1.81
N ALA A 96 8.87 7.57 -0.91
CA ALA A 96 10.18 8.18 -1.18
C ALA A 96 11.33 7.30 -0.69
N ILE A 97 12.22 6.95 -1.60
CA ILE A 97 13.35 6.09 -1.31
C ILE A 97 14.62 6.91 -1.11
N TYR A 98 15.03 7.09 0.15
CA TYR A 98 16.28 7.77 0.44
C TYR A 98 17.43 6.79 0.29
N PHE A 99 18.17 6.95 -0.80
CA PHE A 99 19.22 6.04 -1.22
C PHE A 99 20.57 6.55 -0.72
N ASN A 100 21.55 5.67 -0.60
CA ASN A 100 22.86 6.07 -0.13
C ASN A 100 23.96 5.29 -0.84
N LYS A 101 25.12 5.95 -0.94
CA LYS A 101 26.27 5.50 -1.72
C LYS A 101 26.76 4.11 -1.29
N ASN A 102 26.14 3.55 -0.26
CA ASN A 102 26.38 2.16 0.11
C ASN A 102 25.67 1.25 -0.90
N ASP A 103 25.11 1.87 -1.95
CA ASP A 103 24.32 1.20 -2.96
C ASP A 103 23.04 0.67 -2.34
N GLN A 104 22.60 1.34 -1.28
CA GLN A 104 21.50 0.82 -0.46
C GLN A 104 20.58 1.95 -0.01
N VAL A 105 19.32 1.62 0.25
CA VAL A 105 18.36 2.62 0.74
C VAL A 105 18.58 2.87 2.24
N THR A 106 19.00 4.07 2.57
CA THR A 106 19.30 4.42 3.96
C THR A 106 18.02 4.74 4.72
N LYS A 107 17.03 5.29 4.02
CA LYS A 107 15.74 5.61 4.66
C LYS A 107 14.60 5.43 3.66
N ILE A 108 13.50 4.86 4.14
CA ILE A 108 12.30 4.71 3.32
C ILE A 108 11.16 5.53 3.92
N ALA A 109 10.73 6.54 3.20
CA ALA A 109 9.61 7.38 3.62
C ALA A 109 8.33 6.89 2.97
N ASN A 110 7.30 6.72 3.77
CA ASN A 110 6.03 6.18 3.29
C ASN A 110 4.88 7.01 3.84
N TYR A 111 4.11 7.60 2.94
CA TYR A 111 2.89 8.28 3.34
C TYR A 111 1.75 7.27 3.32
N GLY A 112 1.17 7.01 4.49
CA GLY A 112 0.14 6.01 4.59
C GLY A 112 -0.05 5.52 6.01
N LEU A 113 -0.76 4.40 6.14
CA LEU A 113 -1.04 3.80 7.44
C LEU A 113 -0.31 2.47 7.59
N GLN A 114 -0.28 1.95 8.81
CA GLN A 114 0.22 0.61 9.04
C GLN A 114 -0.78 -0.20 9.85
N ASP A 115 -1.52 -1.06 9.15
CA ASP A 115 -2.48 -1.98 9.76
C ASP A 115 -3.28 -1.32 10.89
N GLY A 116 -3.74 -0.10 10.65
CA GLY A 116 -4.47 0.65 11.66
C GLY A 116 -5.00 1.97 11.14
N GLN A 117 -4.22 3.03 11.27
CA GLN A 117 -4.61 4.35 10.79
C GLN A 117 -3.39 5.08 10.26
N VAL A 118 -3.63 6.21 9.60
CA VAL A 118 -2.57 6.99 8.98
C VAL A 118 -1.47 7.34 9.99
N PHE A 119 -0.24 6.97 9.66
CA PHE A 119 0.91 7.27 10.50
C PHE A 119 2.13 7.58 9.63
N ASP A 120 2.68 8.77 9.80
CA ASP A 120 3.88 9.18 9.06
C ASP A 120 5.10 8.62 9.76
N PHE A 121 5.58 7.48 9.26
CA PHE A 121 6.69 6.75 9.89
C PHE A 121 7.93 7.64 10.06
N ILE A 122 8.31 8.32 8.99
CA ILE A 122 9.52 9.14 8.99
C ILE A 122 9.30 10.50 9.63
N ALA A 123 8.05 10.98 9.60
CA ALA A 123 7.72 12.26 10.22
C ALA A 123 7.43 12.07 11.71
N GLN A 124 7.17 10.81 12.11
CA GLN A 124 6.92 10.45 13.50
C GLN A 124 5.67 11.15 14.05
N THR A 125 4.68 11.34 13.18
CA THR A 125 3.44 12.02 13.55
C THR A 125 2.25 11.11 13.25
N THR A 126 1.12 11.36 13.91
CA THR A 126 -0.09 10.58 13.68
C THR A 126 -1.30 11.50 13.48
N PRO A 127 -1.70 11.70 12.21
CA PRO A 127 -2.87 12.50 11.88
C PRO A 127 -4.17 11.79 12.29
N THR A 128 -5.15 12.55 12.77
CA THR A 128 -6.41 11.98 13.23
C THR A 128 -7.48 12.02 12.15
N ALA A 129 -8.15 10.89 11.95
CA ALA A 129 -9.21 10.76 10.96
C ALA A 129 -10.10 9.57 11.31
N THR A 130 -11.39 9.67 11.01
CA THR A 130 -12.35 8.62 11.33
C THR A 130 -12.27 7.49 10.30
N LYS A 131 -11.90 6.29 10.76
CA LYS A 131 -11.73 5.14 9.86
C LYS A 131 -13.07 4.66 9.30
N GLU A 132 -14.16 5.01 10.00
CA GLU A 132 -15.49 4.50 9.73
C GLU A 132 -15.80 4.42 8.22
N GLN A 133 -15.70 5.56 7.54
CA GLN A 133 -15.99 5.63 6.10
C GLN A 133 -14.82 5.09 5.25
N PRO A 134 -13.61 5.69 5.36
CA PRO A 134 -12.49 5.41 4.48
C PRO A 134 -11.56 4.32 5.03
N LEU A 135 -12.10 3.14 5.29
CA LEU A 135 -11.48 2.29 6.30
C LEU A 135 -10.09 1.78 5.95
N LEU A 136 -9.96 0.94 4.92
CA LEU A 136 -8.66 0.25 4.76
C LEU A 136 -7.53 1.10 4.16
N ILE A 137 -7.67 1.51 2.89
CA ILE A 137 -6.80 2.50 2.25
C ILE A 137 -7.17 3.93 2.55
N GLN A 138 -8.43 4.22 2.29
CA GLN A 138 -8.94 5.57 2.03
C GLN A 138 -8.48 6.56 3.09
N ILE A 139 -8.28 6.05 4.29
CA ILE A 139 -7.82 6.83 5.42
C ILE A 139 -6.53 7.59 5.08
N ILE A 140 -5.64 6.95 4.31
CA ILE A 140 -4.39 7.58 3.90
C ILE A 140 -4.64 8.67 2.86
N LYS A 141 -5.75 8.55 2.12
CA LYS A 141 -6.09 9.53 1.11
C LYS A 141 -6.94 10.64 1.71
N GLY A 142 -7.33 10.46 2.98
CA GLY A 142 -8.06 11.49 3.70
C GLY A 142 -7.40 12.85 3.59
N PRO A 143 -6.20 13.04 4.17
CA PRO A 143 -5.41 14.27 4.00
C PRO A 143 -4.81 14.37 2.59
N ALA A 144 -4.14 13.29 2.17
CA ALA A 144 -3.57 13.17 0.82
C ALA A 144 -2.58 14.27 0.48
N ASN A 145 -2.10 15.01 1.48
CA ASN A 145 -1.19 16.13 1.23
C ASN A 145 0.28 15.66 1.27
N LEU A 146 0.92 15.64 0.10
CA LEU A 146 2.34 15.31 0.02
C LEU A 146 3.17 16.31 0.84
N PRO A 147 4.23 15.83 1.51
CA PRO A 147 5.07 16.68 2.36
C PRO A 147 6.02 17.57 1.53
N MET A 1 -94.76 -32.10 35.06
CA MET A 1 -93.65 -32.47 35.97
C MET A 1 -92.39 -32.77 35.15
N ALA A 2 -91.29 -32.13 35.52
CA ALA A 2 -90.01 -32.32 34.83
C ALA A 2 -89.34 -33.62 35.27
N HIS A 3 -90.06 -34.73 35.15
CA HIS A 3 -89.57 -36.05 35.52
C HIS A 3 -88.57 -36.52 34.48
N HIS A 4 -87.29 -36.59 34.83
CA HIS A 4 -86.24 -36.84 33.85
C HIS A 4 -85.20 -37.82 34.38
N HIS A 5 -84.72 -38.69 33.48
CA HIS A 5 -83.61 -39.60 33.78
C HIS A 5 -82.37 -39.18 32.99
N HIS A 6 -81.33 -40.00 32.99
CA HIS A 6 -80.08 -39.68 32.28
C HIS A 6 -79.61 -40.88 31.45
N HIS A 7 -78.79 -40.60 30.44
CA HIS A 7 -78.19 -41.64 29.61
C HIS A 7 -76.93 -41.11 28.92
N HIS A 8 -75.80 -41.71 29.24
CA HIS A 8 -74.51 -41.33 28.66
C HIS A 8 -73.99 -42.43 27.73
N MET A 9 -73.29 -42.02 26.68
CA MET A 9 -72.70 -42.97 25.72
C MET A 9 -71.46 -42.34 25.09
N GLY A 10 -70.83 -43.09 24.19
CA GLY A 10 -69.68 -42.56 23.45
C GLY A 10 -68.39 -42.58 24.25
N THR A 11 -67.30 -42.93 23.57
CA THR A 11 -65.97 -42.94 24.16
C THR A 11 -64.93 -43.34 23.12
N LEU A 12 -63.69 -43.50 23.57
CA LEU A 12 -62.56 -43.87 22.72
C LEU A 12 -62.22 -42.77 21.72
N GLU A 13 -62.56 -41.53 22.07
CA GLU A 13 -62.18 -40.37 21.28
C GLU A 13 -60.65 -40.24 21.24
N ALA A 14 -60.06 -40.69 20.14
CA ALA A 14 -58.63 -40.59 19.93
C ALA A 14 -58.34 -40.53 18.44
N GLN A 15 -57.57 -39.54 18.02
CA GLN A 15 -57.30 -39.31 16.61
C GLN A 15 -55.84 -39.57 16.29
N THR A 16 -55.47 -39.44 15.02
CA THR A 16 -54.11 -39.63 14.58
C THR A 16 -53.83 -38.83 13.31
N GLN A 17 -52.66 -38.20 13.28
CA GLN A 17 -52.22 -37.42 12.12
C GLN A 17 -50.76 -37.01 12.31
N GLY A 18 -50.14 -36.51 11.26
CA GLY A 18 -48.76 -36.10 11.33
C GLY A 18 -48.14 -35.94 9.96
N PRO A 19 -48.22 -34.73 9.36
CA PRO A 19 -47.60 -34.44 8.06
C PRO A 19 -46.07 -34.49 8.15
N GLY A 20 -45.42 -34.68 7.01
CA GLY A 20 -43.97 -34.76 6.96
C GLY A 20 -43.45 -34.85 5.54
N SER A 21 -43.26 -33.69 4.91
CA SER A 21 -42.74 -33.63 3.55
C SER A 21 -42.05 -32.29 3.31
N MET A 22 -40.72 -32.31 3.35
CA MET A 22 -39.89 -31.12 3.12
C MET A 22 -38.75 -31.46 2.17
N SER A 23 -38.57 -30.64 1.14
CA SER A 23 -37.50 -30.84 0.18
C SER A 23 -37.40 -29.62 -0.74
N SER A 24 -36.19 -29.05 -0.84
CA SER A 24 -35.96 -27.85 -1.64
C SER A 24 -34.48 -27.77 -2.02
N GLY A 25 -34.21 -27.31 -3.24
CA GLY A 25 -32.83 -27.21 -3.70
C GLY A 25 -32.68 -26.48 -5.02
N SER A 26 -31.87 -25.43 -5.03
CA SER A 26 -31.53 -24.68 -6.24
C SER A 26 -30.26 -23.85 -5.98
N SER A 27 -29.15 -24.24 -6.61
CA SER A 27 -27.88 -23.57 -6.38
C SER A 27 -27.18 -23.24 -7.70
N GLN A 28 -26.50 -22.10 -7.72
CA GLN A 28 -25.74 -21.67 -8.90
C GLN A 28 -24.57 -20.80 -8.46
N ILE A 29 -23.35 -21.26 -8.74
CA ILE A 29 -22.15 -20.55 -8.33
C ILE A 29 -21.64 -19.65 -9.46
N TYR A 30 -21.04 -18.51 -9.10
CA TYR A 30 -20.51 -17.56 -10.08
C TYR A 30 -19.06 -17.19 -9.76
N LYS A 31 -18.53 -16.20 -10.47
CA LYS A 31 -17.14 -15.79 -10.35
C LYS A 31 -17.01 -14.47 -9.59
N GLU A 32 -15.98 -14.37 -8.77
CA GLU A 32 -15.64 -13.13 -8.06
C GLU A 32 -14.13 -13.05 -7.87
N GLY A 33 -13.61 -11.84 -7.67
CA GLY A 33 -12.18 -11.66 -7.45
C GLY A 33 -11.73 -10.24 -7.69
N TYR A 34 -11.08 -9.65 -6.70
CA TYR A 34 -10.62 -8.27 -6.77
C TYR A 34 -9.43 -8.06 -5.83
N ILE A 35 -8.24 -7.95 -6.39
CA ILE A 35 -7.02 -7.78 -5.59
C ILE A 35 -6.24 -6.54 -6.06
N LEU A 36 -6.39 -5.44 -5.32
CA LEU A 36 -5.68 -4.18 -5.61
C LEU A 36 -5.26 -3.50 -4.31
N ASP A 37 -4.95 -4.30 -3.30
CA ASP A 37 -4.54 -3.79 -1.99
C ASP A 37 -3.17 -3.13 -2.07
N LYS A 38 -3.15 -1.81 -1.93
CA LYS A 38 -1.90 -1.04 -1.98
C LYS A 38 -1.03 -1.26 -0.74
N ASN A 39 -1.66 -1.66 0.37
CA ASN A 39 -0.91 -1.85 1.63
C ASN A 39 0.16 -2.92 1.44
N ALA A 40 -0.13 -3.89 0.58
CA ALA A 40 0.80 -4.98 0.27
C ALA A 40 2.11 -4.46 -0.34
N LEU A 41 2.01 -3.37 -1.10
CA LEU A 41 3.13 -2.82 -1.87
C LEU A 41 4.24 -2.31 -0.96
N ASP A 42 3.88 -1.58 0.09
CA ASP A 42 4.81 -0.87 0.96
C ASP A 42 5.63 -1.80 1.86
N SER A 43 5.69 -3.08 1.51
CA SER A 43 6.41 -4.09 2.31
C SER A 43 7.94 -3.96 2.18
N ILE A 44 8.43 -2.92 1.51
CA ILE A 44 9.87 -2.68 1.37
C ILE A 44 10.47 -2.23 2.71
N SER A 45 11.75 -2.50 2.93
CA SER A 45 12.41 -2.17 4.20
C SER A 45 13.74 -1.44 3.99
N ILE A 46 14.07 -0.59 4.95
CA ILE A 46 15.34 0.14 4.96
C ILE A 46 16.51 -0.81 4.75
N GLY A 47 17.43 -0.43 3.87
CA GLY A 47 18.52 -1.30 3.49
C GLY A 47 18.34 -1.85 2.09
N SER A 48 17.08 -2.10 1.69
CA SER A 48 16.78 -2.71 0.39
C SER A 48 17.42 -1.94 -0.76
N SER A 49 17.76 -2.65 -1.83
CA SER A 49 18.37 -2.03 -3.00
C SER A 49 17.33 -1.33 -3.87
N GLN A 50 17.78 -0.31 -4.59
CA GLN A 50 16.93 0.40 -5.54
C GLN A 50 16.25 -0.58 -6.46
N GLU A 51 16.99 -1.59 -6.91
CA GLU A 51 16.46 -2.60 -7.80
C GLU A 51 15.30 -3.32 -7.12
N GLN A 52 15.40 -3.52 -5.82
CA GLN A 52 14.40 -4.25 -5.07
C GLN A 52 13.12 -3.42 -4.98
N VAL A 53 13.27 -2.17 -4.54
CA VAL A 53 12.11 -1.29 -4.38
C VAL A 53 11.41 -1.04 -5.71
N ILE A 54 12.17 -0.82 -6.79
CA ILE A 54 11.56 -0.61 -8.10
C ILE A 54 10.98 -1.91 -8.65
N LEU A 55 11.58 -3.04 -8.29
CA LEU A 55 11.05 -4.34 -8.69
C LEU A 55 9.76 -4.65 -7.96
N ALA A 56 9.63 -4.10 -6.75
CA ALA A 56 8.43 -4.30 -5.94
C ALA A 56 7.30 -3.37 -6.38
N LEU A 57 7.58 -2.07 -6.51
CA LEU A 57 6.54 -1.08 -6.78
C LEU A 57 6.57 -0.62 -8.24
N GLY A 58 7.77 -0.51 -8.81
CA GLY A 58 7.94 0.15 -10.09
C GLY A 58 8.85 1.35 -9.96
N THR A 59 9.14 1.98 -11.07
CA THR A 59 9.99 3.16 -11.09
C THR A 59 9.31 4.34 -10.37
N PRO A 60 10.09 5.19 -9.67
CA PRO A 60 9.55 6.33 -8.92
C PRO A 60 9.02 7.43 -9.85
N SER A 61 8.22 8.33 -9.30
CA SER A 61 7.65 9.43 -10.08
C SER A 61 8.73 10.44 -10.43
N LEU A 62 9.50 10.83 -9.42
CA LEU A 62 10.60 11.77 -9.60
C LEU A 62 11.81 11.30 -8.80
N LYS A 63 12.98 11.83 -9.11
CA LYS A 63 14.19 11.51 -8.37
C LYS A 63 15.19 12.66 -8.49
N THR A 64 15.94 12.91 -7.42
CA THR A 64 16.94 13.97 -7.41
C THR A 64 18.05 13.65 -6.42
N LYS A 65 19.20 14.30 -6.59
CA LYS A 65 20.34 14.05 -5.71
C LYS A 65 20.81 15.33 -5.00
N TYR A 66 20.52 15.35 -3.72
CA TYR A 66 21.24 16.15 -2.74
C TYR A 66 22.11 15.15 -2.01
N ASP A 67 23.18 15.59 -1.32
CA ASP A 67 24.24 14.68 -0.86
C ASP A 67 23.70 13.38 -0.22
N ASN A 68 22.42 13.36 0.14
CA ASN A 68 21.69 12.10 0.38
C ASN A 68 20.60 11.93 -0.69
N GLU A 69 20.91 11.13 -1.72
CA GLU A 69 20.06 11.00 -2.91
C GLU A 69 18.68 10.42 -2.55
N VAL A 70 17.63 10.91 -3.21
CA VAL A 70 16.28 10.47 -2.88
C VAL A 70 15.40 10.31 -4.12
N PHE A 71 14.53 9.30 -4.09
CA PHE A 71 13.52 9.07 -5.10
C PHE A 71 12.14 9.34 -4.51
N TYR A 72 11.28 10.06 -5.22
CA TYR A 72 9.93 10.33 -4.72
C TYR A 72 8.89 9.62 -5.58
N TYR A 73 8.05 8.85 -4.91
CA TYR A 73 6.92 8.18 -5.56
C TYR A 73 5.61 8.79 -5.05
N ILE A 74 4.96 9.53 -5.94
CA ILE A 74 3.65 10.10 -5.67
C ILE A 74 2.63 9.38 -6.56
N SER A 75 1.35 9.73 -6.47
CA SER A 75 0.33 9.16 -7.34
C SER A 75 0.64 9.46 -8.81
N GLN A 76 1.41 8.57 -9.42
CA GLN A 76 1.84 8.71 -10.81
C GLN A 76 0.62 8.63 -11.76
N THR A 77 0.00 9.79 -11.96
CA THR A 77 -1.11 9.98 -12.90
C THR A 77 -1.95 8.72 -13.13
N ARG A 78 -2.90 8.47 -12.22
CA ARG A 78 -3.88 7.41 -12.42
C ARG A 78 -4.98 7.94 -13.34
N TYR A 79 -4.67 8.00 -14.63
CA TYR A 79 -5.53 8.65 -15.61
C TYR A 79 -6.88 7.94 -15.77
N ARG A 80 -7.82 8.29 -14.91
CA ARG A 80 -9.22 7.86 -15.04
C ARG A 80 -10.13 9.07 -14.81
N GLY A 81 -10.43 9.79 -15.88
CA GLY A 81 -11.26 10.97 -15.78
C GLY A 81 -12.74 10.64 -15.67
N MET A 82 -13.37 10.37 -16.82
CA MET A 82 -14.78 10.03 -16.86
C MET A 82 -15.04 8.64 -16.27
N GLN A 83 -15.04 8.58 -14.95
CA GLN A 83 -15.27 7.35 -14.21
C GLN A 83 -16.27 7.64 -13.08
N PHE A 84 -17.45 7.05 -13.16
CA PHE A 84 -18.54 7.33 -12.23
C PHE A 84 -18.18 6.95 -10.79
N MET A 85 -18.77 7.66 -9.84
CA MET A 85 -18.47 7.46 -8.41
C MET A 85 -18.93 6.07 -7.92
N LYS A 86 -18.04 5.09 -8.08
CA LYS A 86 -18.20 3.78 -7.46
C LYS A 86 -17.21 3.67 -6.30
N THR A 87 -16.91 2.45 -5.87
CA THR A 87 -15.79 2.22 -4.98
C THR A 87 -14.52 2.63 -5.70
N LYS A 88 -14.10 3.87 -5.45
CA LYS A 88 -12.99 4.47 -6.17
C LYS A 88 -11.73 3.73 -5.80
N ILE A 89 -11.42 3.78 -4.50
CA ILE A 89 -10.35 2.99 -3.90
C ILE A 89 -8.94 3.29 -4.47
N ILE A 90 -8.87 3.92 -5.65
CA ILE A 90 -7.61 4.14 -6.34
C ILE A 90 -6.61 4.89 -5.45
N ASP A 91 -5.33 4.57 -5.60
CA ASP A 91 -4.30 5.03 -4.68
C ASP A 91 -3.88 6.48 -4.94
N ARG A 92 -3.08 6.97 -4.00
CA ARG A 92 -2.58 8.34 -3.97
C ARG A 92 -1.98 8.58 -2.59
N LYS A 93 -0.66 8.44 -2.49
CA LYS A 93 0.05 8.69 -1.24
C LYS A 93 1.51 8.99 -1.55
N VAL A 94 2.29 9.30 -0.52
CA VAL A 94 3.69 9.68 -0.69
C VAL A 94 4.61 8.58 -0.20
N LEU A 95 5.60 8.24 -1.02
CA LEU A 95 6.65 7.30 -0.64
C LEU A 95 8.00 7.80 -1.15
N ALA A 96 8.90 8.13 -0.23
CA ALA A 96 10.20 8.70 -0.58
C ALA A 96 11.32 7.75 -0.21
N ILE A 97 12.04 7.28 -1.21
CA ILE A 97 13.13 6.34 -1.04
C ILE A 97 14.48 7.08 -0.98
N TYR A 98 14.96 7.33 0.22
CA TYR A 98 16.25 7.99 0.40
C TYR A 98 17.37 6.96 0.30
N PHE A 99 18.07 7.01 -0.81
CA PHE A 99 19.08 6.02 -1.17
C PHE A 99 20.47 6.53 -0.81
N ASN A 100 21.44 5.63 -0.72
CA ASN A 100 22.82 6.02 -0.44
C ASN A 100 23.80 5.14 -1.19
N LYS A 101 24.93 5.75 -1.54
CA LYS A 101 25.93 5.17 -2.44
C LYS A 101 26.53 3.88 -1.87
N ASN A 102 26.13 3.51 -0.66
CA ASN A 102 26.47 2.19 -0.13
C ASN A 102 25.60 1.14 -0.82
N ASP A 103 24.86 1.59 -1.84
CA ASP A 103 23.98 0.76 -2.64
C ASP A 103 22.82 0.30 -1.78
N GLN A 104 22.39 1.19 -0.88
CA GLN A 104 21.34 0.84 0.08
C GLN A 104 20.39 2.02 0.27
N VAL A 105 19.12 1.73 0.52
CA VAL A 105 18.17 2.77 0.89
C VAL A 105 18.31 3.06 2.38
N THR A 106 18.82 4.24 2.71
CA THR A 106 19.14 4.58 4.08
C THR A 106 17.90 5.04 4.83
N LYS A 107 16.94 5.65 4.12
CA LYS A 107 15.71 6.12 4.73
C LYS A 107 14.53 5.86 3.80
N ILE A 108 13.42 5.41 4.38
CA ILE A 108 12.18 5.23 3.61
C ILE A 108 11.05 5.98 4.30
N ALA A 109 10.54 7.03 3.65
CA ALA A 109 9.42 7.80 4.18
C ALA A 109 8.13 7.32 3.53
N ASN A 110 7.19 6.89 4.35
CA ASN A 110 5.93 6.34 3.87
C ASN A 110 4.75 7.05 4.51
N TYR A 111 3.79 7.46 3.68
CA TYR A 111 2.55 8.05 4.17
C TYR A 111 1.41 7.04 3.98
N GLY A 112 0.83 6.58 5.09
CA GLY A 112 -0.20 5.57 5.01
C GLY A 112 -0.32 4.78 6.30
N LEU A 113 -0.99 3.64 6.25
CA LEU A 113 -1.13 2.77 7.41
C LEU A 113 -0.20 1.58 7.29
N GLN A 114 -0.01 0.86 8.38
CA GLN A 114 0.73 -0.40 8.36
C GLN A 114 -0.06 -1.47 9.12
N ASP A 115 -0.73 -2.34 8.36
CA ASP A 115 -1.52 -3.46 8.89
C ASP A 115 -2.29 -3.07 10.15
N GLY A 116 -2.97 -1.92 10.09
CA GLY A 116 -3.73 -1.45 11.23
C GLY A 116 -4.33 -0.08 11.01
N GLN A 117 -3.62 0.96 11.44
CA GLN A 117 -4.14 2.32 11.40
C GLN A 117 -3.17 3.23 10.68
N VAL A 118 -3.67 4.32 10.12
CA VAL A 118 -2.84 5.29 9.41
C VAL A 118 -1.83 5.91 10.37
N PHE A 119 -0.55 5.64 10.14
CA PHE A 119 0.49 6.11 11.03
C PHE A 119 1.75 6.49 10.24
N ASP A 120 2.18 7.73 10.38
CA ASP A 120 3.41 8.19 9.74
C ASP A 120 4.60 7.64 10.50
N PHE A 121 5.02 6.44 10.12
CA PHE A 121 6.07 5.71 10.82
C PHE A 121 7.32 6.56 11.05
N ILE A 122 7.80 7.21 9.99
CA ILE A 122 9.02 8.01 10.08
C ILE A 122 8.81 9.25 10.93
N ALA A 123 7.61 9.82 10.86
CA ALA A 123 7.28 11.01 11.62
C ALA A 123 6.79 10.64 13.02
N GLN A 124 6.62 9.35 13.25
CA GLN A 124 6.14 8.78 14.52
C GLN A 124 4.92 9.53 15.05
N THR A 125 4.01 9.85 14.14
CA THR A 125 2.77 10.53 14.48
C THR A 125 1.57 9.77 13.89
N THR A 126 0.37 10.10 14.34
CA THR A 126 -0.84 9.41 13.89
C THR A 126 -1.92 10.41 13.50
N PRO A 127 -2.21 10.55 12.18
CA PRO A 127 -3.33 11.36 11.71
C PRO A 127 -4.67 10.75 12.13
N THR A 128 -5.74 11.52 12.03
CA THR A 128 -7.05 11.07 12.48
C THR A 128 -8.05 11.00 11.33
N ALA A 129 -8.78 9.89 11.25
CA ALA A 129 -9.81 9.69 10.25
C ALA A 129 -10.95 8.88 10.87
N THR A 130 -12.10 9.53 11.06
CA THR A 130 -13.26 8.90 11.67
C THR A 130 -13.71 7.68 10.86
N LYS A 131 -13.78 6.54 11.54
CA LYS A 131 -14.00 5.23 10.92
C LYS A 131 -15.18 5.18 9.94
N GLU A 132 -16.24 5.91 10.25
CA GLU A 132 -17.51 5.79 9.53
C GLU A 132 -17.34 5.92 8.01
N GLN A 133 -16.62 6.95 7.57
CA GLN A 133 -16.55 7.28 6.15
C GLN A 133 -15.55 6.39 5.36
N PRO A 134 -14.24 6.43 5.71
CA PRO A 134 -13.16 5.91 4.85
C PRO A 134 -12.60 4.57 5.30
N LEU A 135 -13.36 3.49 5.16
CA LEU A 135 -13.04 2.33 5.97
C LEU A 135 -11.80 1.52 5.55
N LEU A 136 -11.77 0.84 4.38
CA LEU A 136 -10.56 0.03 4.10
C LEU A 136 -9.32 0.80 3.59
N ILE A 137 -9.44 1.41 2.39
CA ILE A 137 -8.38 2.25 1.79
C ILE A 137 -8.37 3.68 2.29
N GLN A 138 -9.55 4.28 2.23
CA GLN A 138 -9.75 5.72 2.25
C GLN A 138 -9.00 6.37 3.41
N ILE A 139 -8.84 5.61 4.49
CA ILE A 139 -8.14 6.06 5.68
C ILE A 139 -6.75 6.61 5.33
N ILE A 140 -6.05 5.97 4.39
CA ILE A 140 -4.74 6.47 3.92
C ILE A 140 -4.93 7.59 2.90
N LYS A 141 -6.08 7.55 2.23
CA LYS A 141 -6.42 8.53 1.19
C LYS A 141 -6.80 9.87 1.81
N GLY A 142 -7.29 9.82 3.04
CA GLY A 142 -7.72 11.02 3.75
C GLY A 142 -6.66 12.11 3.77
N PRO A 143 -5.53 11.89 4.48
CA PRO A 143 -4.46 12.89 4.60
C PRO A 143 -3.46 12.82 3.45
N ALA A 144 -3.83 12.13 2.39
CA ALA A 144 -2.97 11.91 1.24
C ALA A 144 -2.74 13.20 0.45
N ASN A 145 -1.75 13.97 0.85
CA ASN A 145 -1.35 15.17 0.12
C ASN A 145 0.14 15.42 0.33
N LEU A 146 0.88 15.53 -0.77
CA LEU A 146 2.32 15.77 -0.73
C LEU A 146 2.62 17.22 -0.31
N PRO A 147 3.68 17.42 0.50
CA PRO A 147 4.11 18.75 0.92
C PRO A 147 4.49 19.65 -0.27
N MET A 1 -83.38 44.10 38.18
CA MET A 1 -82.68 42.99 38.88
C MET A 1 -83.66 41.85 39.19
N ALA A 2 -83.32 40.65 38.73
CA ALA A 2 -84.14 39.46 38.93
C ALA A 2 -83.28 38.20 38.86
N HIS A 3 -83.21 37.48 39.97
CA HIS A 3 -82.37 36.29 40.10
C HIS A 3 -83.20 35.02 39.94
N HIS A 4 -83.07 34.38 38.78
CA HIS A 4 -83.77 33.12 38.50
C HIS A 4 -82.81 31.94 38.57
N HIS A 5 -83.33 30.73 38.32
CA HIS A 5 -82.53 29.51 38.33
C HIS A 5 -82.85 28.63 37.14
N HIS A 6 -81.84 28.37 36.31
CA HIS A 6 -81.95 27.39 35.24
C HIS A 6 -80.82 26.37 35.39
N HIS A 7 -81.19 25.13 35.70
CA HIS A 7 -80.21 24.07 35.95
C HIS A 7 -80.47 22.88 35.03
N HIS A 8 -79.42 22.39 34.39
CA HIS A 8 -79.51 21.24 33.51
C HIS A 8 -78.50 20.17 33.95
N MET A 9 -79.00 18.97 34.22
CA MET A 9 -78.16 17.86 34.67
C MET A 9 -78.64 16.55 34.03
N GLY A 10 -77.97 16.15 32.96
CA GLY A 10 -78.33 14.91 32.27
C GLY A 10 -77.10 14.18 31.78
N THR A 11 -76.49 13.39 32.65
CA THR A 11 -75.24 12.70 32.35
C THR A 11 -75.50 11.29 31.82
N LEU A 12 -74.49 10.75 31.15
CA LEU A 12 -74.51 9.38 30.63
C LEU A 12 -73.18 9.08 29.94
N GLU A 13 -72.74 7.83 29.99
CA GLU A 13 -71.50 7.43 29.35
C GLU A 13 -71.67 6.04 28.71
N ALA A 14 -70.77 5.71 27.79
CA ALA A 14 -70.84 4.46 27.05
C ALA A 14 -69.43 3.96 26.81
N GLN A 15 -69.13 2.77 27.31
CA GLN A 15 -67.76 2.26 27.28
C GLN A 15 -67.62 1.12 26.27
N THR A 16 -66.42 0.99 25.72
CA THR A 16 -66.12 -0.03 24.71
C THR A 16 -64.77 -0.70 25.01
N GLN A 17 -64.53 -1.84 24.38
CA GLN A 17 -63.30 -2.59 24.57
C GLN A 17 -62.63 -2.85 23.22
N GLY A 18 -61.30 -2.81 23.19
CA GLY A 18 -60.58 -3.07 21.96
C GLY A 18 -59.12 -3.45 22.22
N PRO A 19 -58.88 -4.58 22.90
CA PRO A 19 -57.52 -5.04 23.21
C PRO A 19 -56.83 -5.66 21.99
N GLY A 20 -55.50 -5.51 21.92
CA GLY A 20 -54.73 -6.09 20.84
C GLY A 20 -53.26 -6.13 21.17
N SER A 21 -52.58 -7.21 20.77
CA SER A 21 -51.16 -7.38 21.05
C SER A 21 -50.52 -8.36 20.07
N MET A 22 -49.44 -7.92 19.42
CA MET A 22 -48.66 -8.76 18.52
C MET A 22 -47.17 -8.54 18.78
N SER A 23 -46.32 -9.27 18.06
CA SER A 23 -44.88 -9.14 18.19
C SER A 23 -44.20 -9.76 16.97
N SER A 24 -42.89 -9.55 16.83
CA SER A 24 -42.14 -10.06 15.69
C SER A 24 -40.63 -9.96 15.93
N GLY A 25 -39.86 -10.35 14.92
CA GLY A 25 -38.41 -10.33 15.00
C GLY A 25 -37.79 -10.93 13.75
N SER A 26 -36.65 -10.40 13.32
CA SER A 26 -35.98 -10.88 12.12
C SER A 26 -34.46 -10.70 12.21
N SER A 27 -33.73 -11.77 11.96
CA SER A 27 -32.27 -11.75 12.03
C SER A 27 -31.65 -11.59 10.65
N GLN A 28 -30.40 -11.16 10.61
CA GLN A 28 -29.65 -11.00 9.36
C GLN A 28 -28.17 -11.24 9.59
N ILE A 29 -27.52 -11.87 8.62
CA ILE A 29 -26.11 -12.23 8.72
C ILE A 29 -25.27 -11.33 7.82
N TYR A 30 -24.02 -11.10 8.21
CA TYR A 30 -23.10 -10.27 7.43
C TYR A 30 -21.80 -11.02 7.16
N LYS A 31 -21.10 -10.64 6.09
CA LYS A 31 -19.84 -11.26 5.72
C LYS A 31 -18.85 -10.19 5.29
N GLU A 32 -17.56 -10.52 5.31
CA GLU A 32 -16.52 -9.55 4.95
C GLU A 32 -15.76 -10.00 3.70
N GLY A 33 -14.75 -9.23 3.33
CA GLY A 33 -13.94 -9.56 2.17
C GLY A 33 -12.53 -9.02 2.31
N TYR A 34 -11.64 -9.45 1.42
CA TYR A 34 -10.24 -9.04 1.47
C TYR A 34 -9.81 -8.47 0.11
N ILE A 35 -8.89 -7.52 0.14
CA ILE A 35 -8.44 -6.84 -1.06
C ILE A 35 -6.91 -6.85 -1.13
N LEU A 36 -6.36 -6.78 -2.34
CA LEU A 36 -4.92 -6.64 -2.52
C LEU A 36 -4.44 -5.34 -1.87
N ASP A 37 -4.17 -5.43 -0.57
CA ASP A 37 -3.82 -4.27 0.26
C ASP A 37 -2.58 -3.53 -0.25
N LYS A 38 -2.78 -2.24 -0.54
CA LYS A 38 -1.71 -1.37 -1.04
C LYS A 38 -0.67 -1.04 0.04
N ASN A 39 -0.99 -1.31 1.32
CA ASN A 39 -0.01 -1.14 2.41
C ASN A 39 1.12 -2.16 2.26
N ALA A 40 0.78 -3.33 1.74
CA ALA A 40 1.75 -4.41 1.55
C ALA A 40 2.98 -3.93 0.75
N LEU A 41 2.76 -2.98 -0.15
CA LEU A 41 3.80 -2.52 -1.07
C LEU A 41 5.09 -2.07 -0.36
N ASP A 42 4.96 -1.40 0.78
CA ASP A 42 6.09 -0.80 1.46
C ASP A 42 6.88 -1.83 2.29
N SER A 43 6.72 -3.12 1.98
CA SER A 43 7.44 -4.18 2.67
C SER A 43 8.93 -4.22 2.29
N ILE A 44 9.41 -3.19 1.59
CA ILE A 44 10.83 -3.03 1.32
C ILE A 44 11.55 -2.58 2.59
N SER A 45 12.81 -2.97 2.75
CA SER A 45 13.52 -2.76 4.02
C SER A 45 14.82 -1.96 3.83
N ILE A 46 15.33 -1.43 4.94
CA ILE A 46 16.57 -0.66 4.93
C ILE A 46 17.72 -1.50 4.37
N GLY A 47 18.43 -0.94 3.41
CA GLY A 47 19.47 -1.68 2.73
C GLY A 47 19.07 -2.09 1.33
N SER A 48 17.76 -2.27 1.11
CA SER A 48 17.26 -2.76 -0.17
C SER A 48 17.77 -1.91 -1.34
N SER A 49 18.32 -2.58 -2.35
CA SER A 49 18.88 -1.93 -3.51
C SER A 49 17.80 -1.30 -4.37
N GLN A 50 18.17 -0.27 -5.13
CA GLN A 50 17.25 0.38 -6.06
C GLN A 50 16.59 -0.67 -6.93
N GLU A 51 17.42 -1.58 -7.44
CA GLU A 51 16.94 -2.67 -8.27
C GLU A 51 15.83 -3.45 -7.56
N GLN A 52 15.97 -3.63 -6.25
CA GLN A 52 15.01 -4.42 -5.49
C GLN A 52 13.70 -3.65 -5.34
N VAL A 53 13.79 -2.42 -4.85
CA VAL A 53 12.60 -1.60 -4.62
C VAL A 53 11.83 -1.37 -5.92
N ILE A 54 12.55 -1.10 -7.01
CA ILE A 54 11.91 -0.86 -8.30
C ILE A 54 11.32 -2.15 -8.86
N LEU A 55 12.06 -3.26 -8.70
CA LEU A 55 11.58 -4.55 -9.18
C LEU A 55 10.33 -4.98 -8.40
N ALA A 56 10.24 -4.56 -7.14
CA ALA A 56 9.11 -4.92 -6.30
C ALA A 56 7.89 -4.06 -6.60
N LEU A 57 8.07 -2.74 -6.60
CA LEU A 57 6.94 -1.81 -6.73
C LEU A 57 6.85 -1.17 -8.12
N GLY A 58 8.00 -0.81 -8.70
CA GLY A 58 8.00 -0.02 -9.91
C GLY A 58 9.05 1.07 -9.88
N THR A 59 9.15 1.81 -10.96
CA THR A 59 10.14 2.87 -11.11
C THR A 59 9.71 4.16 -10.40
N PRO A 60 10.68 4.95 -9.89
CA PRO A 60 10.39 6.25 -9.26
C PRO A 60 9.88 7.28 -10.25
N SER A 61 9.00 8.16 -9.78
CA SER A 61 8.41 9.20 -10.62
C SER A 61 9.28 10.46 -10.55
N LEU A 62 9.77 10.75 -9.35
CA LEU A 62 10.62 11.90 -9.09
C LEU A 62 11.96 11.44 -8.51
N LYS A 63 12.99 12.22 -8.72
CA LYS A 63 14.34 11.87 -8.29
C LYS A 63 15.18 13.14 -8.10
N THR A 64 15.79 13.26 -6.92
CA THR A 64 16.57 14.45 -6.59
C THR A 64 17.76 14.11 -5.69
N LYS A 65 18.87 14.81 -5.91
CA LYS A 65 20.08 14.59 -5.13
C LYS A 65 20.34 15.74 -4.16
N TYR A 66 20.14 15.44 -2.90
CA TYR A 66 20.74 16.16 -1.78
C TYR A 66 21.60 15.12 -1.07
N ASP A 67 22.59 15.52 -0.28
CA ASP A 67 23.63 14.58 0.20
C ASP A 67 23.06 13.23 0.69
N ASN A 68 21.77 13.20 1.00
CA ASN A 68 21.04 11.94 1.13
C ASN A 68 20.07 11.84 -0.05
N GLU A 69 20.50 11.18 -1.12
CA GLU A 69 19.74 11.14 -2.38
C GLU A 69 18.39 10.45 -2.18
N VAL A 70 17.35 10.96 -2.85
CA VAL A 70 16.01 10.42 -2.65
C VAL A 70 15.22 10.34 -3.95
N PHE A 71 14.50 9.22 -4.11
CA PHE A 71 13.62 9.01 -5.26
C PHE A 71 12.17 8.87 -4.76
N TYR A 72 11.26 9.68 -5.29
CA TYR A 72 9.86 9.64 -4.91
C TYR A 72 9.05 8.86 -5.95
N TYR A 73 8.30 7.85 -5.52
CA TYR A 73 7.40 7.15 -6.44
C TYR A 73 5.99 7.09 -5.89
N ILE A 74 5.02 7.26 -6.79
CA ILE A 74 3.61 7.07 -6.46
C ILE A 74 3.26 5.60 -6.63
N SER A 75 2.34 5.10 -5.82
CA SER A 75 2.00 3.69 -5.79
C SER A 75 1.61 3.15 -7.17
N GLN A 76 2.59 2.60 -7.90
CA GLN A 76 2.31 1.87 -9.12
C GLN A 76 1.66 0.53 -8.76
N THR A 77 0.37 0.57 -8.46
CA THR A 77 -0.35 -0.62 -8.03
C THR A 77 -1.57 -0.85 -8.92
N ARG A 78 -1.85 -2.11 -9.21
CA ARG A 78 -2.98 -2.48 -10.06
C ARG A 78 -4.22 -2.74 -9.22
N TYR A 79 -5.38 -2.66 -9.88
CA TYR A 79 -6.67 -3.03 -9.31
C TYR A 79 -7.76 -2.78 -10.35
N ARG A 80 -8.13 -1.51 -10.51
CA ARG A 80 -9.22 -1.11 -11.41
C ARG A 80 -9.38 0.41 -11.39
N GLY A 81 -8.93 1.05 -12.46
CA GLY A 81 -9.14 2.47 -12.63
C GLY A 81 -10.24 2.75 -13.64
N MET A 82 -10.47 1.79 -14.53
CA MET A 82 -11.49 1.91 -15.55
C MET A 82 -12.78 1.21 -15.12
N GLN A 83 -13.78 2.00 -14.74
CA GLN A 83 -15.08 1.47 -14.35
C GLN A 83 -16.10 2.61 -14.28
N PHE A 84 -17.36 2.30 -14.54
CA PHE A 84 -18.44 3.29 -14.44
C PHE A 84 -18.91 3.37 -12.99
N MET A 85 -17.96 3.70 -12.10
CA MET A 85 -18.19 3.77 -10.66
C MET A 85 -16.96 4.33 -9.97
N LYS A 86 -17.17 5.06 -8.87
CA LYS A 86 -16.06 5.61 -8.11
C LYS A 86 -15.44 4.51 -7.24
N THR A 87 -14.29 4.01 -7.67
CA THR A 87 -13.59 2.95 -6.93
C THR A 87 -13.27 3.40 -5.52
N LYS A 88 -12.90 4.68 -5.39
CA LYS A 88 -12.81 5.39 -4.09
C LYS A 88 -11.79 4.74 -3.15
N ILE A 89 -10.95 3.85 -3.69
CA ILE A 89 -9.93 3.17 -2.90
C ILE A 89 -8.64 4.00 -2.79
N ILE A 90 -8.02 4.32 -3.92
CA ILE A 90 -6.69 4.95 -3.91
C ILE A 90 -6.69 6.27 -4.68
N ASP A 91 -5.77 7.15 -4.31
CA ASP A 91 -5.55 8.40 -5.02
C ASP A 91 -4.09 8.49 -5.43
N ARG A 92 -3.22 8.79 -4.46
CA ARG A 92 -1.78 8.88 -4.68
C ARG A 92 -1.03 8.49 -3.41
N LYS A 93 -0.71 7.21 -3.25
CA LYS A 93 0.15 6.78 -2.15
C LYS A 93 1.59 7.09 -2.55
N VAL A 94 2.22 8.01 -1.83
CA VAL A 94 3.55 8.48 -2.20
C VAL A 94 4.59 7.97 -1.20
N LEU A 95 5.65 7.37 -1.74
CA LEU A 95 6.74 6.88 -0.92
C LEU A 95 8.06 7.50 -1.39
N ALA A 96 8.91 7.85 -0.45
CA ALA A 96 10.19 8.48 -0.76
C ALA A 96 11.33 7.61 -0.27
N ILE A 97 12.13 7.12 -1.21
CA ILE A 97 13.20 6.19 -0.88
C ILE A 97 14.54 6.92 -0.87
N TYR A 98 15.06 7.16 0.32
CA TYR A 98 16.34 7.87 0.49
C TYR A 98 17.49 6.86 0.43
N PHE A 99 18.21 6.90 -0.68
CA PHE A 99 19.33 6.00 -0.92
C PHE A 99 20.65 6.63 -0.46
N ASN A 100 21.68 5.80 -0.43
CA ASN A 100 23.04 6.23 -0.20
C ASN A 100 23.91 5.63 -1.29
N LYS A 101 24.98 6.37 -1.61
CA LYS A 101 25.89 6.05 -2.73
C LYS A 101 26.56 4.70 -2.52
N ASN A 102 26.29 4.08 -1.37
CA ASN A 102 26.67 2.69 -1.15
C ASN A 102 25.73 1.78 -1.96
N ASP A 103 24.87 2.41 -2.78
CA ASP A 103 23.92 1.72 -3.64
C ASP A 103 22.86 1.06 -2.77
N GLN A 104 22.52 1.71 -1.66
CA GLN A 104 21.59 1.08 -0.68
C GLN A 104 20.62 2.10 -0.10
N VAL A 105 19.41 1.66 0.26
CA VAL A 105 18.43 2.58 0.85
C VAL A 105 18.73 2.75 2.34
N THR A 106 19.00 3.99 2.73
CA THR A 106 19.37 4.32 4.11
C THR A 106 18.15 4.82 4.89
N LYS A 107 17.15 5.37 4.18
CA LYS A 107 15.96 5.90 4.83
C LYS A 107 14.74 5.72 3.93
N ILE A 108 13.61 5.35 4.51
CA ILE A 108 12.36 5.17 3.77
C ILE A 108 11.26 6.02 4.39
N ALA A 109 10.79 7.02 3.66
CA ALA A 109 9.65 7.82 4.08
C ALA A 109 8.38 7.31 3.42
N ASN A 110 7.27 7.38 4.13
CA ASN A 110 6.02 6.79 3.66
C ASN A 110 4.85 7.72 3.89
N TYR A 111 4.00 7.87 2.88
CA TYR A 111 2.68 8.43 3.08
C TYR A 111 1.69 7.27 3.06
N GLY A 112 1.01 7.05 4.18
CA GLY A 112 0.10 5.92 4.27
C GLY A 112 -0.23 5.55 5.71
N LEU A 113 -0.84 4.38 5.89
CA LEU A 113 -1.29 3.94 7.21
C LEU A 113 -0.59 2.65 7.62
N GLN A 114 -0.72 2.30 8.89
CA GLN A 114 -0.28 1.00 9.38
C GLN A 114 -1.47 0.25 10.00
N ASP A 115 -2.03 -0.69 9.23
CA ASP A 115 -3.10 -1.59 9.69
C ASP A 115 -4.15 -0.88 10.56
N GLY A 116 -4.44 0.39 10.26
CA GLY A 116 -5.41 1.12 11.06
C GLY A 116 -5.68 2.51 10.52
N GLN A 117 -4.80 3.45 10.85
CA GLN A 117 -4.95 4.83 10.41
C GLN A 117 -3.61 5.35 9.88
N VAL A 118 -3.64 6.48 9.19
CA VAL A 118 -2.46 7.07 8.59
C VAL A 118 -1.39 7.38 9.65
N PHE A 119 -0.15 6.97 9.39
CA PHE A 119 0.96 7.23 10.30
C PHE A 119 2.24 7.51 9.50
N ASP A 120 2.83 8.68 9.74
CA ASP A 120 4.11 9.05 9.13
C ASP A 120 5.24 8.51 9.97
N PHE A 121 5.75 7.33 9.62
CA PHE A 121 6.76 6.63 10.42
C PHE A 121 7.98 7.52 10.68
N ILE A 122 8.51 8.14 9.62
CA ILE A 122 9.73 8.93 9.72
C ILE A 122 9.52 10.17 10.56
N ALA A 123 8.31 10.71 10.50
CA ALA A 123 7.95 11.91 11.25
C ALA A 123 7.52 11.55 12.66
N GLN A 124 7.13 10.30 12.84
CA GLN A 124 6.66 9.79 14.14
C GLN A 124 5.39 10.53 14.58
N THR A 125 4.68 11.07 13.60
CA THR A 125 3.44 11.80 13.87
C THR A 125 2.26 10.95 13.45
N THR A 126 1.12 11.14 14.12
CA THR A 126 -0.09 10.42 13.79
C THR A 126 -1.21 11.39 13.40
N PRO A 127 -1.48 11.53 12.10
CA PRO A 127 -2.62 12.32 11.62
C PRO A 127 -3.93 11.63 11.97
N THR A 128 -4.95 12.41 12.28
CA THR A 128 -6.25 11.85 12.68
C THR A 128 -7.26 11.97 11.55
N ALA A 129 -8.10 10.96 11.44
CA ALA A 129 -9.19 10.93 10.48
C ALA A 129 -10.32 10.08 11.04
N THR A 130 -11.56 10.55 10.87
CA THR A 130 -12.72 9.80 11.31
C THR A 130 -12.99 8.64 10.37
N LYS A 131 -12.52 7.45 10.76
CA LYS A 131 -12.60 6.24 9.94
C LYS A 131 -14.01 5.98 9.40
N GLU A 132 -15.01 6.61 10.02
CA GLU A 132 -16.40 6.48 9.64
C GLU A 132 -16.60 6.50 8.11
N GLN A 133 -16.14 7.57 7.46
CA GLN A 133 -16.29 7.70 6.01
C GLN A 133 -15.25 6.86 5.23
N PRO A 134 -13.93 7.05 5.49
CA PRO A 134 -12.86 6.37 4.77
C PRO A 134 -12.34 5.15 5.51
N LEU A 135 -13.00 4.01 5.38
CA LEU A 135 -12.86 3.02 6.44
C LEU A 135 -11.53 2.23 6.47
N LEU A 136 -11.22 1.34 5.51
CA LEU A 136 -9.89 0.68 5.57
C LEU A 136 -8.72 1.51 5.00
N ILE A 137 -8.81 1.74 3.68
CA ILE A 137 -7.80 2.45 2.89
C ILE A 137 -7.90 3.96 2.97
N GLN A 138 -9.12 4.39 2.73
CA GLN A 138 -9.46 5.75 2.31
C GLN A 138 -8.80 6.79 3.20
N ILE A 139 -8.56 6.43 4.43
CA ILE A 139 -7.92 7.30 5.40
C ILE A 139 -6.61 7.86 4.84
N ILE A 140 -5.90 7.07 4.04
CA ILE A 140 -4.68 7.56 3.38
C ILE A 140 -5.03 8.21 2.05
N LYS A 141 -6.13 7.77 1.44
CA LYS A 141 -6.60 8.35 0.19
C LYS A 141 -6.91 9.82 0.41
N GLY A 142 -7.44 10.11 1.59
CA GLY A 142 -7.78 11.48 1.97
C GLY A 142 -6.65 12.48 1.70
N PRO A 143 -5.56 12.41 2.48
CA PRO A 143 -4.42 13.32 2.32
C PRO A 143 -3.47 12.90 1.18
N ALA A 144 -3.80 11.79 0.51
CA ALA A 144 -2.97 11.26 -0.57
C ALA A 144 -2.80 12.28 -1.69
N ASN A 145 -1.66 12.96 -1.68
CA ASN A 145 -1.30 13.91 -2.73
C ASN A 145 0.17 14.29 -2.59
N LEU A 146 0.95 14.05 -3.64
CA LEU A 146 2.38 14.35 -3.63
C LEU A 146 2.62 15.83 -3.32
N PRO A 147 3.70 16.13 -2.56
CA PRO A 147 4.03 17.51 -2.14
C PRO A 147 3.99 18.52 -3.30
N MET A 1 -89.66 17.19 34.34
CA MET A 1 -88.56 16.71 33.47
C MET A 1 -88.90 15.33 32.92
N ALA A 2 -88.41 15.03 31.72
CA ALA A 2 -88.68 13.75 31.06
C ALA A 2 -87.58 12.73 31.38
N HIS A 3 -87.92 11.45 31.26
CA HIS A 3 -86.98 10.37 31.56
C HIS A 3 -86.09 10.08 30.36
N HIS A 4 -84.86 10.58 30.40
CA HIS A 4 -83.86 10.30 29.37
C HIS A 4 -82.47 10.22 29.99
N HIS A 5 -82.06 8.99 30.32
CA HIS A 5 -80.73 8.73 30.83
C HIS A 5 -80.17 7.46 30.19
N HIS A 6 -79.20 7.62 29.31
CA HIS A 6 -78.57 6.48 28.66
C HIS A 6 -77.52 5.89 29.57
N HIS A 7 -77.96 5.01 30.46
CA HIS A 7 -77.08 4.33 31.40
C HIS A 7 -76.15 3.38 30.66
N HIS A 8 -74.95 3.84 30.37
CA HIS A 8 -73.93 3.01 29.71
C HIS A 8 -73.12 2.26 30.77
N MET A 9 -72.76 1.02 30.47
CA MET A 9 -71.93 0.22 31.37
C MET A 9 -70.46 0.61 31.18
N GLY A 10 -69.73 0.76 32.29
CA GLY A 10 -68.36 1.23 32.21
C GLY A 10 -67.42 0.49 33.14
N THR A 11 -67.07 -0.73 32.78
CA THR A 11 -66.06 -1.49 33.52
C THR A 11 -64.78 -1.57 32.68
N LEU A 12 -63.65 -1.77 33.35
CA LEU A 12 -62.35 -1.79 32.67
C LEU A 12 -61.26 -2.14 33.68
N GLU A 13 -60.25 -2.87 33.21
CA GLU A 13 -59.08 -3.18 34.02
C GLU A 13 -57.93 -3.59 33.12
N ALA A 14 -56.73 -3.61 33.68
CA ALA A 14 -55.51 -3.91 32.95
C ALA A 14 -54.40 -4.18 33.94
N GLN A 15 -54.16 -5.44 34.21
CA GLN A 15 -53.21 -5.85 35.24
C GLN A 15 -51.78 -5.53 34.83
N THR A 16 -50.92 -5.35 35.82
CA THR A 16 -49.56 -4.87 35.59
C THR A 16 -48.52 -5.81 36.18
N GLN A 17 -47.39 -5.92 35.50
CA GLN A 17 -46.25 -6.70 35.97
C GLN A 17 -44.96 -6.08 35.43
N GLY A 18 -44.10 -5.61 36.34
CA GLY A 18 -42.91 -4.89 35.94
C GLY A 18 -41.65 -5.75 35.99
N PRO A 19 -41.13 -6.17 34.82
CA PRO A 19 -39.86 -6.91 34.74
C PRO A 19 -38.66 -5.98 34.88
N GLY A 20 -37.52 -6.53 35.25
CA GLY A 20 -36.31 -5.74 35.43
C GLY A 20 -35.07 -6.47 34.94
N SER A 21 -34.07 -5.71 34.52
CA SER A 21 -32.83 -6.27 34.01
C SER A 21 -31.76 -5.18 33.99
N MET A 22 -30.51 -5.59 34.18
CA MET A 22 -29.37 -4.67 34.22
C MET A 22 -28.68 -4.60 32.87
N SER A 23 -27.57 -3.87 32.81
CA SER A 23 -26.78 -3.75 31.60
C SER A 23 -25.42 -4.42 31.81
N SER A 24 -24.96 -5.16 30.80
CA SER A 24 -23.68 -5.85 30.89
C SER A 24 -22.53 -4.87 30.66
N GLY A 25 -22.61 -4.12 29.56
CA GLY A 25 -21.60 -3.14 29.23
C GLY A 25 -20.28 -3.78 28.84
N SER A 26 -20.08 -3.99 27.54
CA SER A 26 -18.87 -4.64 27.04
C SER A 26 -18.28 -3.88 25.85
N SER A 27 -16.97 -3.70 25.88
CA SER A 27 -16.24 -3.16 24.74
C SER A 27 -15.81 -4.32 23.83
N GLN A 28 -16.05 -4.17 22.52
CA GLN A 28 -15.81 -5.24 21.57
C GLN A 28 -15.01 -4.75 20.36
N ILE A 29 -14.08 -5.57 19.89
CA ILE A 29 -13.30 -5.28 18.69
C ILE A 29 -13.53 -6.39 17.67
N TYR A 30 -14.11 -6.02 16.52
CA TYR A 30 -14.46 -6.99 15.49
C TYR A 30 -13.24 -7.36 14.64
N LYS A 31 -13.18 -8.62 14.21
CA LYS A 31 -12.06 -9.13 13.44
C LYS A 31 -12.51 -9.61 12.06
N GLU A 32 -12.05 -8.93 11.02
CA GLU A 32 -12.32 -9.34 9.63
C GLU A 32 -11.01 -9.39 8.85
N GLY A 33 -11.04 -10.00 7.66
CA GLY A 33 -9.85 -10.11 6.83
C GLY A 33 -9.70 -8.90 5.92
N TYR A 34 -9.58 -7.72 6.52
CA TYR A 34 -9.51 -6.47 5.77
C TYR A 34 -8.08 -6.16 5.31
N ILE A 35 -7.38 -7.18 4.82
CA ILE A 35 -6.00 -7.03 4.37
C ILE A 35 -5.97 -6.83 2.85
N LEU A 36 -6.31 -5.62 2.41
CA LEU A 36 -6.32 -5.27 0.98
C LEU A 36 -5.81 -3.84 0.76
N ASP A 37 -5.06 -3.35 1.73
CA ASP A 37 -4.61 -1.95 1.74
C ASP A 37 -3.30 -1.79 0.98
N LYS A 38 -3.18 -0.66 0.26
CA LYS A 38 -2.00 -0.34 -0.55
C LYS A 38 -0.72 -0.26 0.30
N ASN A 39 -0.90 -0.30 1.61
CA ASN A 39 0.21 -0.34 2.58
C ASN A 39 1.20 -1.45 2.24
N ALA A 40 0.70 -2.53 1.64
CA ALA A 40 1.46 -3.77 1.50
C ALA A 40 2.85 -3.56 0.85
N LEU A 41 2.96 -2.56 -0.02
CA LEU A 41 4.22 -2.28 -0.72
C LEU A 41 5.34 -1.88 0.26
N ASP A 42 5.00 -1.63 1.52
CA ASP A 42 5.96 -1.23 2.53
C ASP A 42 6.85 -2.40 2.98
N SER A 43 6.71 -3.52 2.29
CA SER A 43 7.43 -4.76 2.63
C SER A 43 8.95 -4.61 2.49
N ILE A 44 9.42 -3.54 1.84
CA ILE A 44 10.86 -3.33 1.65
C ILE A 44 11.53 -2.94 2.97
N SER A 45 12.86 -3.11 3.03
CA SER A 45 13.60 -2.86 4.26
C SER A 45 14.80 -1.94 4.01
N ILE A 46 15.26 -1.30 5.08
CA ILE A 46 16.43 -0.43 5.01
C ILE A 46 17.64 -1.24 4.54
N GLY A 47 18.27 -0.77 3.48
CA GLY A 47 19.41 -1.47 2.92
C GLY A 47 19.06 -2.11 1.60
N SER A 48 17.77 -2.39 1.39
CA SER A 48 17.31 -3.08 0.19
C SER A 48 17.81 -2.36 -1.08
N SER A 49 18.37 -3.13 -1.99
CA SER A 49 18.97 -2.63 -3.21
C SER A 49 17.93 -1.91 -4.08
N GLN A 50 18.37 -0.93 -4.85
CA GLN A 50 17.49 -0.14 -5.70
C GLN A 50 16.63 -1.06 -6.55
N GLU A 51 17.26 -2.04 -7.20
CA GLU A 51 16.53 -3.01 -8.01
C GLU A 51 15.44 -3.68 -7.19
N GLN A 52 15.71 -3.94 -5.91
CA GLN A 52 14.77 -4.64 -5.05
C GLN A 52 13.54 -3.76 -4.78
N VAL A 53 13.81 -2.53 -4.34
CA VAL A 53 12.75 -1.61 -3.98
C VAL A 53 11.88 -1.25 -5.20
N ILE A 54 12.50 -0.99 -6.35
CA ILE A 54 11.75 -0.65 -7.56
C ILE A 54 11.04 -1.88 -8.15
N LEU A 55 11.64 -3.05 -7.98
CA LEU A 55 11.00 -4.30 -8.42
C LEU A 55 9.73 -4.54 -7.62
N ALA A 56 9.81 -4.27 -6.32
CA ALA A 56 8.69 -4.50 -5.42
C ALA A 56 7.62 -3.41 -5.57
N LEU A 57 8.05 -2.16 -5.54
CA LEU A 57 7.14 -1.00 -5.53
C LEU A 57 6.84 -0.50 -6.94
N GLY A 58 7.88 -0.37 -7.76
CA GLY A 58 7.76 0.27 -9.06
C GLY A 58 8.78 1.39 -9.19
N THR A 59 9.06 1.80 -10.42
CA THR A 59 10.00 2.89 -10.66
C THR A 59 9.39 4.23 -10.25
N PRO A 60 10.17 5.10 -9.59
CA PRO A 60 9.68 6.40 -9.10
C PRO A 60 9.27 7.33 -10.24
N SER A 61 8.54 8.39 -9.89
CA SER A 61 8.03 9.34 -10.88
C SER A 61 9.03 10.47 -11.08
N LEU A 62 9.66 10.90 -9.99
CA LEU A 62 10.63 11.98 -10.01
C LEU A 62 11.79 11.64 -9.07
N LYS A 63 12.82 12.48 -9.07
CA LYS A 63 13.93 12.31 -8.15
C LYS A 63 14.62 13.66 -7.92
N THR A 64 15.46 13.71 -6.89
CA THR A 64 16.27 14.88 -6.62
C THR A 64 17.54 14.46 -5.89
N LYS A 65 18.67 15.07 -6.27
CA LYS A 65 19.95 14.72 -5.68
C LYS A 65 20.46 15.82 -4.77
N TYR A 66 20.42 15.52 -3.50
CA TYR A 66 21.18 16.20 -2.47
C TYR A 66 22.12 15.15 -1.92
N ASP A 67 23.21 15.55 -1.26
CA ASP A 67 24.33 14.62 -0.99
C ASP A 67 23.88 13.24 -0.48
N ASN A 68 22.64 13.16 0.01
CA ASN A 68 21.97 11.87 0.21
C ASN A 68 20.75 11.80 -0.73
N GLU A 69 20.97 11.28 -1.95
CA GLU A 69 19.98 11.38 -3.04
C GLU A 69 18.68 10.66 -2.69
N VAL A 70 17.56 11.18 -3.20
CA VAL A 70 16.24 10.61 -2.90
C VAL A 70 15.33 10.62 -4.13
N PHE A 71 14.55 9.54 -4.27
CA PHE A 71 13.59 9.42 -5.36
C PHE A 71 12.17 9.63 -4.82
N TYR A 72 11.30 10.28 -5.60
CA TYR A 72 9.92 10.55 -5.17
C TYR A 72 8.91 9.90 -6.11
N TYR A 73 7.91 9.26 -5.52
CA TYR A 73 6.79 8.70 -6.25
C TYR A 73 5.48 9.21 -5.64
N ILE A 74 4.68 9.91 -6.43
CA ILE A 74 3.35 10.35 -5.99
C ILE A 74 2.27 9.54 -6.71
N SER A 75 2.56 9.19 -7.97
CA SER A 75 1.67 8.38 -8.79
C SER A 75 2.19 8.36 -10.22
N GLN A 76 2.08 7.22 -10.91
CA GLN A 76 2.39 7.16 -12.33
C GLN A 76 1.41 8.03 -13.10
N THR A 77 0.26 8.27 -12.49
CA THR A 77 -0.73 9.19 -13.04
C THR A 77 -0.12 10.60 -13.15
N ARG A 78 0.33 10.93 -14.36
CA ARG A 78 0.99 12.21 -14.64
C ARG A 78 0.23 13.36 -14.00
N TYR A 79 0.86 13.99 -13.01
CA TYR A 79 0.25 15.11 -12.28
C TYR A 79 -0.15 16.21 -13.26
N ARG A 80 -1.43 16.58 -13.24
CA ARG A 80 -1.97 17.59 -14.13
C ARG A 80 -2.60 18.73 -13.32
N GLY A 81 -3.42 19.54 -13.98
CA GLY A 81 -4.03 20.70 -13.33
C GLY A 81 -5.06 20.31 -12.28
N MET A 82 -5.87 21.29 -11.89
CA MET A 82 -6.89 21.10 -10.84
C MET A 82 -7.81 19.94 -11.17
N GLN A 83 -8.01 19.06 -10.20
CA GLN A 83 -8.85 17.88 -10.37
C GLN A 83 -10.11 17.99 -9.54
N PHE A 84 -11.22 17.48 -10.05
CA PHE A 84 -12.51 17.55 -9.38
C PHE A 84 -12.89 16.18 -8.81
N MET A 85 -14.13 16.07 -8.32
CA MET A 85 -14.64 14.85 -7.69
C MET A 85 -14.47 13.64 -8.62
N LYS A 86 -14.40 12.45 -8.00
CA LYS A 86 -14.23 11.19 -8.74
C LYS A 86 -14.33 10.02 -7.76
N THR A 87 -13.87 8.84 -8.20
CA THR A 87 -13.97 7.62 -7.41
C THR A 87 -13.41 7.78 -6.00
N LYS A 88 -13.87 6.94 -5.08
CA LYS A 88 -13.51 7.04 -3.68
C LYS A 88 -12.09 6.55 -3.51
N ILE A 89 -11.71 5.64 -4.39
CA ILE A 89 -10.42 4.99 -4.34
C ILE A 89 -9.52 5.51 -5.47
N ILE A 90 -8.31 5.92 -5.12
CA ILE A 90 -7.34 6.44 -6.08
C ILE A 90 -5.95 5.95 -5.72
N ASP A 91 -5.27 5.32 -6.67
CA ASP A 91 -3.91 4.84 -6.46
C ASP A 91 -2.92 6.01 -6.50
N ARG A 92 -2.87 6.76 -5.41
CA ARG A 92 -1.97 7.90 -5.28
C ARG A 92 -1.64 8.16 -3.81
N LYS A 93 -0.36 8.09 -3.50
CA LYS A 93 0.18 8.43 -2.18
C LYS A 93 1.58 9.00 -2.36
N VAL A 94 2.24 9.35 -1.26
CA VAL A 94 3.59 9.89 -1.34
C VAL A 94 4.59 8.86 -0.80
N LEU A 95 5.56 8.52 -1.64
CA LEU A 95 6.54 7.51 -1.33
C LEU A 95 7.91 7.94 -1.86
N ALA A 96 8.87 8.11 -0.97
CA ALA A 96 10.20 8.60 -1.34
C ALA A 96 11.29 7.66 -0.82
N ILE A 97 12.22 7.31 -1.70
CA ILE A 97 13.30 6.39 -1.38
C ILE A 97 14.61 7.14 -1.20
N TYR A 98 15.06 7.27 0.05
CA TYR A 98 16.35 7.90 0.35
C TYR A 98 17.46 6.88 0.15
N PHE A 99 18.24 7.08 -0.91
CA PHE A 99 19.24 6.14 -1.39
C PHE A 99 20.62 6.47 -0.80
N ASN A 100 21.51 5.48 -0.76
CA ASN A 100 22.89 5.68 -0.31
C ASN A 100 23.88 4.97 -1.22
N LYS A 101 25.06 5.58 -1.29
CA LYS A 101 26.14 5.18 -2.19
C LYS A 101 26.55 3.72 -1.99
N ASN A 102 26.07 3.08 -0.94
CA ASN A 102 26.34 1.65 -0.73
C ASN A 102 25.46 0.83 -1.70
N ASP A 103 24.78 1.55 -2.60
CA ASP A 103 23.83 0.97 -3.55
C ASP A 103 22.63 0.45 -2.78
N GLN A 104 22.31 1.16 -1.70
CA GLN A 104 21.26 0.70 -0.78
C GLN A 104 20.25 1.80 -0.49
N VAL A 105 19.14 1.44 0.11
CA VAL A 105 18.17 2.44 0.58
C VAL A 105 18.43 2.76 2.05
N THR A 106 18.87 3.99 2.32
CA THR A 106 19.22 4.40 3.68
C THR A 106 17.98 4.76 4.47
N LYS A 107 16.99 5.36 3.82
CA LYS A 107 15.73 5.70 4.48
C LYS A 107 14.54 5.53 3.55
N ILE A 108 13.40 5.15 4.12
CA ILE A 108 12.19 4.91 3.36
C ILE A 108 11.07 5.83 3.85
N ALA A 109 10.66 6.75 2.99
CA ALA A 109 9.56 7.66 3.31
C ALA A 109 8.27 7.13 2.70
N ASN A 110 7.28 6.90 3.55
CA ASN A 110 6.01 6.33 3.12
C ASN A 110 4.85 7.06 3.77
N TYR A 111 3.89 7.47 2.95
CA TYR A 111 2.68 8.12 3.44
C TYR A 111 1.52 7.12 3.35
N GLY A 112 0.95 6.77 4.50
CA GLY A 112 -0.12 5.77 4.53
C GLY A 112 -0.30 5.15 5.89
N LEU A 113 -1.02 4.03 5.96
CA LEU A 113 -1.25 3.35 7.25
C LEU A 113 -0.26 2.21 7.44
N GLN A 114 -0.20 1.71 8.68
CA GLN A 114 0.59 0.53 8.98
C GLN A 114 -0.19 -0.36 9.94
N ASP A 115 -0.79 -1.42 9.40
CA ASP A 115 -1.56 -2.41 10.16
C ASP A 115 -2.53 -1.78 11.16
N GLY A 116 -3.32 -0.81 10.71
CA GLY A 116 -4.32 -0.22 11.58
C GLY A 116 -4.80 1.13 11.09
N GLN A 117 -4.03 2.17 11.40
CA GLN A 117 -4.42 3.54 11.06
C GLN A 117 -3.29 4.23 10.33
N VAL A 118 -3.60 5.38 9.71
CA VAL A 118 -2.62 6.14 8.96
C VAL A 118 -1.52 6.67 9.88
N PHE A 119 -0.28 6.32 9.54
CA PHE A 119 0.89 6.72 10.31
C PHE A 119 2.06 6.98 9.36
N ASP A 120 2.59 8.20 9.41
CA ASP A 120 3.67 8.60 8.51
C ASP A 120 4.99 8.63 9.27
N PHE A 121 5.82 7.62 9.02
CA PHE A 121 7.05 7.39 9.79
C PHE A 121 7.97 8.60 9.75
N ILE A 122 8.23 9.10 8.54
CA ILE A 122 9.16 10.21 8.35
C ILE A 122 8.57 11.52 8.89
N ALA A 123 7.25 11.56 9.01
CA ALA A 123 6.57 12.72 9.58
C ALA A 123 6.30 12.52 11.06
N GLN A 124 6.57 11.30 11.55
CA GLN A 124 6.39 10.91 12.96
C GLN A 124 5.02 11.34 13.49
N THR A 125 4.06 11.47 12.58
CA THR A 125 2.72 11.91 12.93
C THR A 125 1.73 10.77 12.76
N THR A 126 0.54 10.94 13.34
CA THR A 126 -0.53 9.98 13.20
C THR A 126 -1.85 10.71 13.01
N PRO A 127 -2.18 11.12 11.77
CA PRO A 127 -3.46 11.75 11.47
C PRO A 127 -4.62 10.83 11.81
N THR A 128 -5.76 11.41 12.16
CA THR A 128 -6.91 10.64 12.59
C THR A 128 -8.19 11.12 11.92
N ALA A 129 -9.04 10.18 11.57
CA ALA A 129 -10.34 10.45 10.98
C ALA A 129 -11.31 9.34 11.37
N THR A 130 -12.56 9.70 11.60
CA THR A 130 -13.58 8.72 11.97
C THR A 130 -13.75 7.69 10.86
N LYS A 131 -13.45 6.43 11.18
CA LYS A 131 -13.46 5.34 10.19
C LYS A 131 -14.84 5.12 9.58
N GLU A 132 -15.84 5.81 10.09
CA GLU A 132 -17.23 5.69 9.63
C GLU A 132 -17.31 5.70 8.10
N GLN A 133 -16.84 6.79 7.49
CA GLN A 133 -16.85 6.92 6.02
C GLN A 133 -15.70 6.14 5.36
N PRO A 134 -14.43 6.42 5.75
CA PRO A 134 -13.25 5.83 5.09
C PRO A 134 -12.85 4.49 5.69
N LEU A 135 -13.53 3.41 5.31
CA LEU A 135 -13.42 2.24 6.16
C LEU A 135 -12.10 1.43 6.06
N LEU A 136 -11.77 0.71 4.95
CA LEU A 136 -10.40 0.16 4.83
C LEU A 136 -9.31 1.12 4.30
N ILE A 137 -9.53 1.48 3.02
CA ILE A 137 -8.54 2.24 2.21
C ILE A 137 -8.55 3.72 2.48
N GLN A 138 -9.77 4.22 2.47
CA GLN A 138 -10.07 5.63 2.35
C GLN A 138 -9.28 6.45 3.36
N ILE A 139 -8.97 5.83 4.48
CA ILE A 139 -8.18 6.46 5.53
C ILE A 139 -6.85 6.99 4.98
N ILE A 140 -6.22 6.24 4.07
CA ILE A 140 -4.99 6.70 3.42
C ILE A 140 -5.33 7.58 2.21
N LYS A 141 -6.49 7.34 1.62
CA LYS A 141 -6.98 8.13 0.48
C LYS A 141 -7.22 9.58 0.89
N GLY A 142 -7.63 9.78 2.14
CA GLY A 142 -7.84 11.12 2.65
C GLY A 142 -6.60 11.98 2.51
N PRO A 143 -5.54 11.69 3.29
CA PRO A 143 -4.24 12.38 3.18
C PRO A 143 -3.42 11.94 1.97
N ALA A 144 -4.11 11.55 0.91
CA ALA A 144 -3.45 11.18 -0.35
C ALA A 144 -2.92 12.42 -1.07
N ASN A 145 -3.46 13.58 -0.70
CA ASN A 145 -3.03 14.85 -1.26
C ASN A 145 -1.54 15.08 -1.01
N LEU A 146 -0.74 14.93 -2.06
CA LEU A 146 0.69 15.18 -2.01
C LEU A 146 0.99 16.57 -1.38
N PRO A 147 2.23 16.78 -0.88
CA PRO A 147 2.64 18.02 -0.20
C PRO A 147 1.98 19.29 -0.77
N MET A 1 -57.80 -72.23 42.98
CA MET A 1 -56.68 -73.18 43.16
C MET A 1 -55.56 -72.89 42.17
N ALA A 2 -54.44 -72.37 42.67
CA ALA A 2 -53.28 -72.06 41.82
C ALA A 2 -52.06 -72.81 42.31
N HIS A 3 -51.05 -72.91 41.45
CA HIS A 3 -49.80 -73.56 41.82
C HIS A 3 -48.91 -72.57 42.57
N HIS A 4 -48.82 -72.73 43.88
CA HIS A 4 -47.99 -71.86 44.71
C HIS A 4 -46.53 -72.01 44.33
N HIS A 5 -45.79 -70.92 44.40
CA HIS A 5 -44.41 -70.87 43.91
C HIS A 5 -43.54 -70.06 44.87
N HIS A 6 -42.23 -70.06 44.61
CA HIS A 6 -41.29 -69.25 45.37
C HIS A 6 -40.01 -69.05 44.57
N HIS A 7 -39.54 -67.81 44.51
CA HIS A 7 -38.30 -67.47 43.82
C HIS A 7 -37.57 -66.38 44.59
N HIS A 8 -36.26 -66.52 44.70
CA HIS A 8 -35.42 -65.54 45.37
C HIS A 8 -34.00 -65.63 44.83
N MET A 9 -33.70 -64.80 43.84
CA MET A 9 -32.39 -64.81 43.18
C MET A 9 -31.56 -63.60 43.62
N GLY A 10 -30.45 -63.87 44.29
CA GLY A 10 -29.56 -62.81 44.75
C GLY A 10 -28.36 -62.65 43.84
N THR A 11 -28.53 -61.89 42.77
CA THR A 11 -27.44 -61.61 41.84
C THR A 11 -27.41 -60.13 41.48
N LEU A 12 -26.29 -59.48 41.80
CA LEU A 12 -26.11 -58.06 41.54
C LEU A 12 -24.64 -57.68 41.65
N GLU A 13 -24.25 -56.60 41.00
CA GLU A 13 -22.87 -56.12 41.02
C GLU A 13 -22.79 -54.69 40.49
N ALA A 14 -21.60 -54.11 40.55
CA ALA A 14 -21.38 -52.75 40.06
C ALA A 14 -19.90 -52.54 39.72
N GLN A 15 -19.64 -51.70 38.72
CA GLN A 15 -18.27 -51.39 38.30
C GLN A 15 -18.01 -49.89 38.42
N THR A 16 -17.03 -49.56 39.22
CA THR A 16 -16.68 -48.16 39.48
C THR A 16 -15.62 -47.66 38.50
N GLN A 17 -15.98 -46.62 37.74
CA GLN A 17 -15.08 -46.00 36.77
C GLN A 17 -15.71 -44.73 36.20
N GLY A 18 -15.14 -43.57 36.53
CA GLY A 18 -15.65 -42.31 36.00
C GLY A 18 -14.59 -41.23 35.92
N PRO A 19 -13.48 -41.46 35.19
CA PRO A 19 -12.45 -40.47 34.96
C PRO A 19 -12.70 -39.67 33.68
N GLY A 20 -12.00 -38.54 33.52
CA GLY A 20 -12.15 -37.74 32.33
C GLY A 20 -11.96 -36.26 32.61
N SER A 21 -11.65 -35.50 31.58
CA SER A 21 -11.48 -34.05 31.69
C SER A 21 -11.73 -33.39 30.34
N MET A 22 -11.54 -32.07 30.27
CA MET A 22 -11.83 -31.31 29.07
C MET A 22 -10.88 -30.11 28.95
N SER A 23 -10.84 -29.50 27.77
CA SER A 23 -9.99 -28.34 27.52
C SER A 23 -10.55 -27.50 26.37
N SER A 24 -10.28 -26.20 26.40
CA SER A 24 -10.72 -25.29 25.35
C SER A 24 -9.75 -24.11 25.24
N GLY A 25 -10.01 -23.19 24.31
CA GLY A 25 -9.20 -21.99 24.17
C GLY A 25 -8.34 -21.98 22.91
N SER A 26 -8.72 -21.14 21.95
CA SER A 26 -7.96 -20.96 20.72
C SER A 26 -8.48 -19.74 19.97
N SER A 27 -7.61 -18.76 19.72
CA SER A 27 -8.00 -17.53 19.04
C SER A 27 -6.82 -16.96 18.23
N GLN A 28 -7.00 -16.87 16.91
CA GLN A 28 -5.99 -16.33 16.01
C GLN A 28 -6.66 -15.70 14.78
N ILE A 29 -6.54 -14.39 14.65
CA ILE A 29 -7.16 -13.66 13.54
C ILE A 29 -6.10 -13.25 12.52
N TYR A 30 -6.33 -13.61 11.26
CA TYR A 30 -5.42 -13.28 10.16
C TYR A 30 -6.20 -12.61 9.02
N LYS A 31 -5.48 -11.98 8.09
CA LYS A 31 -6.11 -11.34 6.94
C LYS A 31 -6.73 -12.38 6.00
N GLU A 32 -7.60 -11.91 5.12
CA GLU A 32 -8.29 -12.79 4.18
C GLU A 32 -7.38 -13.17 3.01
N GLY A 33 -7.09 -12.20 2.17
CA GLY A 33 -6.30 -12.44 0.97
C GLY A 33 -6.14 -11.18 0.16
N TYR A 34 -7.24 -10.47 -0.05
CA TYR A 34 -7.21 -9.18 -0.70
C TYR A 34 -6.69 -8.13 0.28
N ILE A 35 -5.40 -7.84 0.17
CA ILE A 35 -4.75 -6.90 1.07
C ILE A 35 -5.07 -5.47 0.67
N LEU A 36 -4.60 -5.07 -0.51
CA LEU A 36 -4.80 -3.71 -1.05
C LEU A 36 -3.94 -2.67 -0.31
N ASP A 37 -3.65 -2.91 0.98
CA ASP A 37 -2.79 -2.04 1.77
C ASP A 37 -1.53 -1.66 1.00
N LYS A 38 -1.12 -0.41 1.11
CA LYS A 38 0.13 0.06 0.51
C LYS A 38 1.30 -0.76 1.05
N ASN A 39 1.12 -1.25 2.27
CA ASN A 39 2.10 -2.09 2.96
C ASN A 39 2.53 -3.27 2.08
N ALA A 40 1.60 -3.77 1.26
CA ALA A 40 1.88 -4.89 0.36
C ALA A 40 3.11 -4.61 -0.49
N LEU A 41 3.13 -3.45 -1.15
CA LEU A 41 4.28 -3.02 -1.93
C LEU A 41 5.40 -2.56 -0.99
N ASP A 42 5.00 -1.94 0.12
CA ASP A 42 5.94 -1.32 1.06
C ASP A 42 6.63 -2.37 1.94
N SER A 43 6.61 -3.63 1.50
CA SER A 43 7.24 -4.72 2.24
C SER A 43 8.77 -4.63 2.15
N ILE A 44 9.27 -3.56 1.53
CA ILE A 44 10.71 -3.31 1.43
C ILE A 44 11.25 -2.88 2.79
N SER A 45 12.54 -3.09 3.00
CA SER A 45 13.17 -2.78 4.28
C SER A 45 14.47 -1.99 4.07
N ILE A 46 14.83 -1.17 5.06
CA ILE A 46 16.07 -0.41 5.02
C ILE A 46 17.24 -1.32 4.66
N GLY A 47 18.10 -0.83 3.78
CA GLY A 47 19.19 -1.63 3.26
C GLY A 47 18.92 -2.14 1.86
N SER A 48 17.64 -2.44 1.56
CA SER A 48 17.28 -3.01 0.26
C SER A 48 17.77 -2.12 -0.89
N SER A 49 18.16 -2.74 -1.99
CA SER A 49 18.75 -2.04 -3.11
C SER A 49 17.67 -1.40 -4.00
N GLN A 50 18.08 -0.37 -4.74
CA GLN A 50 17.18 0.38 -5.62
C GLN A 50 16.40 -0.57 -6.52
N GLU A 51 17.10 -1.53 -7.12
CA GLU A 51 16.46 -2.51 -7.99
C GLU A 51 15.34 -3.25 -7.25
N GLN A 52 15.57 -3.53 -5.97
CA GLN A 52 14.60 -4.29 -5.18
C GLN A 52 13.36 -3.45 -4.92
N VAL A 53 13.57 -2.22 -4.45
CA VAL A 53 12.46 -1.34 -4.12
C VAL A 53 11.63 -1.00 -5.36
N ILE A 54 12.30 -0.68 -6.48
CA ILE A 54 11.58 -0.33 -7.70
C ILE A 54 10.94 -1.55 -8.34
N LEU A 55 11.54 -2.72 -8.19
CA LEU A 55 10.97 -3.95 -8.71
C LEU A 55 9.70 -4.33 -7.94
N ALA A 56 9.74 -4.10 -6.63
CA ALA A 56 8.62 -4.44 -5.76
C ALA A 56 7.49 -3.41 -5.88
N LEU A 57 7.84 -2.13 -5.80
CA LEU A 57 6.86 -1.04 -5.81
C LEU A 57 6.54 -0.59 -7.23
N GLY A 58 7.57 -0.42 -8.03
CA GLY A 58 7.45 0.20 -9.34
C GLY A 58 8.35 1.41 -9.42
N THR A 59 8.74 1.79 -10.63
CA THR A 59 9.64 2.92 -10.81
C THR A 59 8.99 4.22 -10.36
N PRO A 60 9.68 5.01 -9.50
CA PRO A 60 9.15 6.26 -8.96
C PRO A 60 8.82 7.28 -10.05
N SER A 61 7.90 8.18 -9.75
CA SER A 61 7.43 9.16 -10.72
C SER A 61 8.37 10.36 -10.79
N LEU A 62 9.02 10.68 -9.67
CA LEU A 62 9.93 11.83 -9.61
C LEU A 62 11.23 11.46 -8.88
N LYS A 63 12.27 12.24 -9.14
CA LYS A 63 13.55 12.08 -8.45
C LYS A 63 14.07 13.45 -8.02
N THR A 64 14.96 13.47 -7.03
CA THR A 64 15.71 14.68 -6.69
C THR A 64 17.04 14.28 -6.04
N LYS A 65 18.12 14.92 -6.50
CA LYS A 65 19.46 14.53 -6.07
C LYS A 65 20.08 15.59 -5.17
N TYR A 66 20.17 15.23 -3.90
CA TYR A 66 21.09 15.81 -2.93
C TYR A 66 21.97 14.67 -2.46
N ASP A 67 23.16 14.94 -1.92
CA ASP A 67 24.15 13.87 -1.64
C ASP A 67 23.51 12.64 -1.00
N ASN A 68 22.34 12.81 -0.39
CA ASN A 68 21.47 11.69 -0.03
C ASN A 68 20.29 11.66 -1.01
N GLU A 69 20.55 11.09 -2.18
CA GLU A 69 19.60 11.16 -3.30
C GLU A 69 18.30 10.43 -2.95
N VAL A 70 17.17 11.00 -3.35
CA VAL A 70 15.87 10.44 -3.00
C VAL A 70 14.92 10.37 -4.20
N PHE A 71 14.21 9.24 -4.29
CA PHE A 71 13.27 8.99 -5.37
C PHE A 71 11.83 9.10 -4.83
N TYR A 72 11.03 9.96 -5.45
CA TYR A 72 9.66 10.18 -5.00
C TYR A 72 8.66 9.34 -5.80
N TYR A 73 7.92 8.52 -5.08
CA TYR A 73 6.84 7.71 -5.63
C TYR A 73 5.51 8.41 -5.37
N ILE A 74 4.93 8.93 -6.43
CA ILE A 74 3.67 9.68 -6.36
C ILE A 74 2.93 9.54 -7.69
N SER A 75 1.77 10.17 -7.79
CA SER A 75 1.02 10.23 -9.03
C SER A 75 0.27 11.56 -9.12
N GLN A 76 0.96 12.59 -9.61
CA GLN A 76 0.39 13.93 -9.71
C GLN A 76 -0.32 14.09 -11.06
N THR A 77 -1.45 13.39 -11.19
CA THR A 77 -2.24 13.37 -12.43
C THR A 77 -2.60 14.78 -12.88
N ARG A 78 -3.09 15.58 -11.94
CA ARG A 78 -3.48 16.96 -12.20
C ARG A 78 -3.03 17.84 -11.05
N TYR A 79 -2.13 18.78 -11.34
CA TYR A 79 -1.59 19.66 -10.31
C TYR A 79 -2.48 20.89 -10.13
N ARG A 80 -3.15 21.32 -11.21
CA ARG A 80 -4.08 22.45 -11.14
C ARG A 80 -5.45 21.96 -10.68
N GLY A 81 -5.63 21.89 -9.37
CA GLY A 81 -6.89 21.44 -8.81
C GLY A 81 -7.03 21.82 -7.36
N MET A 82 -7.92 22.77 -7.08
CA MET A 82 -8.16 23.23 -5.72
C MET A 82 -9.29 22.43 -5.06
N GLN A 83 -10.25 22.00 -5.89
CA GLN A 83 -11.38 21.23 -5.40
C GLN A 83 -10.93 19.88 -4.86
N PHE A 84 -11.64 19.38 -3.86
CA PHE A 84 -11.33 18.09 -3.25
C PHE A 84 -11.87 16.94 -4.11
N MET A 85 -11.34 15.74 -3.89
CA MET A 85 -11.75 14.56 -4.62
C MET A 85 -12.83 13.79 -3.85
N LYS A 86 -13.99 13.61 -4.49
CA LYS A 86 -15.07 12.78 -3.93
C LYS A 86 -14.58 11.35 -3.74
N THR A 87 -14.04 10.79 -4.82
CA THR A 87 -13.42 9.48 -4.78
C THR A 87 -11.96 9.63 -4.39
N LYS A 88 -11.59 8.97 -3.31
CA LYS A 88 -10.29 9.20 -2.68
C LYS A 88 -9.35 8.01 -2.90
N ILE A 89 -9.76 7.11 -3.80
CA ILE A 89 -8.97 5.92 -4.11
C ILE A 89 -8.13 6.17 -5.39
N ILE A 90 -7.95 7.45 -5.71
CA ILE A 90 -7.20 7.86 -6.91
C ILE A 90 -5.68 7.74 -6.69
N ASP A 91 -5.29 6.87 -5.77
CA ASP A 91 -3.89 6.68 -5.40
C ASP A 91 -3.27 8.01 -4.94
N ARG A 92 -2.50 8.65 -5.83
CA ARG A 92 -1.86 9.93 -5.56
C ARG A 92 -1.25 9.94 -4.15
N LYS A 93 -0.67 8.80 -3.77
CA LYS A 93 -0.06 8.64 -2.45
C LYS A 93 1.33 9.27 -2.45
N VAL A 94 2.00 9.25 -1.29
CA VAL A 94 3.39 9.71 -1.21
C VAL A 94 4.29 8.66 -0.55
N LEU A 95 5.33 8.30 -1.29
CA LEU A 95 6.42 7.48 -0.80
C LEU A 95 7.72 8.09 -1.32
N ALA A 96 8.81 7.99 -0.57
CA ALA A 96 10.09 8.53 -1.04
C ALA A 96 11.25 7.71 -0.51
N ILE A 97 11.99 7.10 -1.42
CA ILE A 97 13.14 6.27 -1.08
C ILE A 97 14.40 7.12 -0.95
N TYR A 98 14.84 7.34 0.29
CA TYR A 98 16.11 8.00 0.54
C TYR A 98 17.22 6.97 0.37
N PHE A 99 17.93 7.12 -0.73
CA PHE A 99 18.90 6.14 -1.22
C PHE A 99 20.33 6.53 -0.84
N ASN A 100 21.22 5.55 -0.82
CA ASN A 100 22.63 5.78 -0.56
C ASN A 100 23.47 5.07 -1.61
N LYS A 101 24.56 5.76 -2.00
CA LYS A 101 25.42 5.34 -3.10
C LYS A 101 26.07 3.99 -2.83
N ASN A 102 25.83 3.43 -1.64
CA ASN A 102 26.22 2.05 -1.36
C ASN A 102 25.23 1.10 -2.07
N ASP A 103 24.37 1.68 -2.92
CA ASP A 103 23.34 0.96 -3.65
C ASP A 103 22.29 0.42 -2.70
N GLN A 104 22.01 1.18 -1.64
CA GLN A 104 21.07 0.73 -0.61
C GLN A 104 20.10 1.85 -0.24
N VAL A 105 19.02 1.51 0.45
CA VAL A 105 18.10 2.52 0.96
C VAL A 105 18.42 2.84 2.42
N THR A 106 18.68 4.12 2.69
CA THR A 106 19.03 4.56 4.03
C THR A 106 17.80 5.01 4.80
N LYS A 107 16.79 5.52 4.09
CA LYS A 107 15.54 5.93 4.74
C LYS A 107 14.36 5.75 3.78
N ILE A 108 13.21 5.36 4.34
CA ILE A 108 12.00 5.16 3.57
C ILE A 108 10.89 6.11 4.04
N ALA A 109 10.36 6.90 3.12
CA ALA A 109 9.25 7.81 3.41
C ALA A 109 7.94 7.14 3.00
N ASN A 110 7.00 7.06 3.92
CA ASN A 110 5.81 6.24 3.71
C ASN A 110 4.55 6.89 4.26
N TYR A 111 3.62 7.29 3.40
CA TYR A 111 2.26 7.58 3.87
C TYR A 111 1.41 6.32 3.77
N GLY A 112 0.97 5.83 4.93
CA GLY A 112 0.22 4.59 4.99
C GLY A 112 -0.17 4.23 6.41
N LEU A 113 -0.58 2.98 6.63
CA LEU A 113 -0.95 2.50 7.96
C LEU A 113 -0.05 1.36 8.40
N GLN A 114 -0.10 1.03 9.69
CA GLN A 114 0.64 -0.13 10.19
C GLN A 114 -0.28 -0.98 11.07
N ASP A 115 -0.75 -2.09 10.48
CA ASP A 115 -1.55 -3.11 11.18
C ASP A 115 -2.58 -2.52 12.15
N GLY A 116 -3.19 -1.40 11.77
CA GLY A 116 -4.19 -0.80 12.62
C GLY A 116 -4.70 0.52 12.09
N GLN A 117 -3.86 1.54 12.16
CA GLN A 117 -4.24 2.89 11.72
C GLN A 117 -3.10 3.55 10.97
N VAL A 118 -3.40 4.70 10.37
CA VAL A 118 -2.45 5.43 9.56
C VAL A 118 -1.33 6.04 10.42
N PHE A 119 -0.09 5.72 10.06
CA PHE A 119 1.08 6.22 10.76
C PHE A 119 2.21 6.44 9.77
N ASP A 120 2.86 7.60 9.83
CA ASP A 120 3.98 7.90 8.95
C ASP A 120 5.28 8.07 9.73
N PHE A 121 6.35 7.50 9.19
CA PHE A 121 7.66 7.51 9.81
C PHE A 121 8.33 8.88 9.75
N ILE A 122 8.38 9.51 8.56
CA ILE A 122 9.20 10.72 8.39
C ILE A 122 8.47 11.97 8.85
N ALA A 123 7.15 11.95 8.86
CA ALA A 123 6.36 13.02 9.48
C ALA A 123 5.99 12.65 10.91
N GLN A 124 6.30 11.40 11.28
CA GLN A 124 6.04 10.85 12.63
C GLN A 124 4.62 11.17 13.11
N THR A 125 3.71 11.31 12.16
CA THR A 125 2.33 11.70 12.44
C THR A 125 1.44 10.46 12.58
N THR A 126 0.31 10.64 13.25
CA THR A 126 -0.69 9.60 13.39
C THR A 126 -2.09 10.22 13.31
N PRO A 127 -2.55 10.55 12.09
CA PRO A 127 -3.85 11.20 11.89
C PRO A 127 -5.02 10.23 12.09
N THR A 128 -6.20 10.79 12.35
CA THR A 128 -7.41 9.99 12.53
C THR A 128 -8.57 10.64 11.79
N ALA A 129 -9.45 9.81 11.23
CA ALA A 129 -10.54 10.30 10.39
C ALA A 129 -11.78 9.42 10.54
N THR A 130 -12.93 9.95 10.12
CA THR A 130 -14.17 9.19 10.07
C THR A 130 -14.06 8.10 9.00
N LYS A 131 -13.92 6.85 9.45
CA LYS A 131 -13.59 5.73 8.57
C LYS A 131 -14.67 5.49 7.51
N GLU A 132 -15.89 5.96 7.77
CA GLU A 132 -17.03 5.73 6.86
C GLU A 132 -16.69 6.06 5.40
N GLN A 133 -16.10 7.22 5.18
CA GLN A 133 -15.86 7.70 3.81
C GLN A 133 -14.64 7.01 3.17
N PRO A 134 -13.46 7.03 3.82
CA PRO A 134 -12.23 6.49 3.27
C PRO A 134 -11.78 5.19 3.92
N LEU A 135 -12.52 4.10 3.74
CA LEU A 135 -12.45 3.06 4.75
C LEU A 135 -11.17 2.21 4.75
N LEU A 136 -10.93 1.41 3.70
CA LEU A 136 -9.72 0.57 3.75
C LEU A 136 -8.41 1.29 3.38
N ILE A 137 -8.32 1.74 2.13
CA ILE A 137 -7.16 2.50 1.62
C ILE A 137 -7.20 3.97 1.97
N GLN A 138 -8.32 4.55 1.59
CA GLN A 138 -8.50 5.99 1.49
C GLN A 138 -8.06 6.70 2.77
N ILE A 139 -8.20 6.00 3.89
CA ILE A 139 -7.73 6.48 5.18
C ILE A 139 -6.26 6.90 5.09
N ILE A 140 -5.41 6.05 4.51
CA ILE A 140 -3.99 6.35 4.39
C ILE A 140 -3.74 7.34 3.26
N LYS A 141 -4.65 7.35 2.29
CA LYS A 141 -4.54 8.23 1.13
C LYS A 141 -4.88 9.66 1.53
N GLY A 142 -5.75 9.79 2.54
CA GLY A 142 -6.17 11.10 3.03
C GLY A 142 -5.03 12.09 3.18
N PRO A 143 -4.07 11.84 4.09
CA PRO A 143 -2.90 12.72 4.28
C PRO A 143 -1.84 12.54 3.19
N ALA A 144 -2.01 11.50 2.38
CA ALA A 144 -1.06 11.19 1.32
C ALA A 144 -1.34 12.01 0.06
N ASN A 145 -0.75 13.19 0.00
CA ASN A 145 -0.84 14.04 -1.20
C ASN A 145 0.40 14.93 -1.28
N LEU A 146 1.09 14.84 -2.41
CA LEU A 146 2.31 15.62 -2.64
C LEU A 146 1.97 17.11 -2.77
N PRO A 147 2.86 17.98 -2.29
CA PRO A 147 2.70 19.45 -2.40
C PRO A 147 2.69 19.91 -3.87
N MET A 1 -42.57 -89.68 -70.32
CA MET A 1 -41.79 -88.73 -69.48
C MET A 1 -41.87 -87.32 -70.07
N ALA A 2 -42.22 -86.36 -69.22
CA ALA A 2 -42.33 -84.96 -69.63
C ALA A 2 -42.29 -84.05 -68.40
N HIS A 3 -41.18 -84.13 -67.67
CA HIS A 3 -40.97 -83.31 -66.48
C HIS A 3 -40.97 -81.82 -66.84
N HIS A 4 -42.13 -81.19 -66.67
CA HIS A 4 -42.29 -79.77 -66.98
C HIS A 4 -42.36 -78.97 -65.68
N HIS A 5 -41.60 -77.88 -65.62
CA HIS A 5 -41.53 -77.04 -64.43
C HIS A 5 -40.69 -75.81 -64.71
N HIS A 6 -41.32 -74.64 -64.64
CA HIS A 6 -40.66 -73.37 -64.95
C HIS A 6 -41.29 -72.24 -64.15
N HIS A 7 -40.50 -71.22 -63.83
CA HIS A 7 -40.98 -70.06 -63.09
C HIS A 7 -40.10 -68.84 -63.36
N HIS A 8 -40.59 -67.94 -64.21
CA HIS A 8 -39.88 -66.71 -64.54
C HIS A 8 -40.63 -65.51 -63.97
N MET A 9 -39.90 -64.61 -63.31
CA MET A 9 -40.49 -63.41 -62.71
C MET A 9 -39.48 -62.27 -62.71
N GLY A 10 -39.99 -61.05 -62.50
CA GLY A 10 -39.15 -59.87 -62.42
C GLY A 10 -39.68 -58.89 -61.40
N THR A 11 -38.79 -58.39 -60.54
CA THR A 11 -39.21 -57.51 -59.44
C THR A 11 -38.58 -56.12 -59.57
N LEU A 12 -39.30 -55.11 -59.09
CA LEU A 12 -38.81 -53.74 -59.06
C LEU A 12 -38.19 -53.44 -57.71
N GLU A 13 -36.90 -53.13 -57.69
CA GLU A 13 -36.16 -52.93 -56.46
C GLU A 13 -35.11 -51.83 -56.62
N ALA A 14 -34.88 -51.06 -55.56
CA ALA A 14 -33.97 -49.92 -55.57
C ALA A 14 -33.53 -49.58 -54.15
N GLN A 15 -32.35 -48.98 -54.01
CA GLN A 15 -31.79 -48.70 -52.69
C GLN A 15 -31.50 -47.21 -52.51
N THR A 16 -31.40 -46.80 -51.25
CA THR A 16 -31.12 -45.41 -50.88
C THR A 16 -30.76 -45.34 -49.39
N GLN A 17 -30.29 -44.17 -48.95
CA GLN A 17 -29.90 -43.97 -47.56
C GLN A 17 -29.87 -42.47 -47.24
N GLY A 18 -29.94 -42.14 -45.95
CA GLY A 18 -29.91 -40.74 -45.52
C GLY A 18 -28.99 -40.53 -44.34
N PRO A 19 -27.69 -40.27 -44.58
CA PRO A 19 -26.71 -40.00 -43.52
C PRO A 19 -26.71 -38.51 -43.12
N GLY A 20 -25.93 -38.18 -42.10
CA GLY A 20 -25.79 -36.80 -41.66
C GLY A 20 -25.77 -36.67 -40.15
N SER A 21 -24.84 -35.87 -39.63
CA SER A 21 -24.71 -35.63 -38.20
C SER A 21 -23.58 -34.65 -37.94
N MET A 22 -23.87 -33.58 -37.20
CA MET A 22 -22.87 -32.57 -36.83
C MET A 22 -22.68 -32.54 -35.33
N SER A 23 -21.58 -31.93 -34.89
CA SER A 23 -21.23 -31.87 -33.48
C SER A 23 -20.19 -30.77 -33.23
N SER A 24 -20.27 -30.11 -32.08
CA SER A 24 -19.33 -29.07 -31.70
C SER A 24 -19.28 -28.94 -30.17
N GLY A 25 -18.54 -27.97 -29.66
CA GLY A 25 -18.42 -27.77 -28.23
C GLY A 25 -17.28 -26.83 -27.87
N SER A 26 -17.41 -26.15 -26.73
CA SER A 26 -16.40 -25.18 -26.29
C SER A 26 -16.65 -24.76 -24.84
N SER A 27 -15.72 -23.98 -24.30
CA SER A 27 -15.82 -23.46 -22.93
C SER A 27 -14.64 -22.50 -22.67
N GLN A 28 -14.93 -21.36 -22.04
CA GLN A 28 -13.90 -20.35 -21.75
C GLN A 28 -13.89 -20.01 -20.25
N ILE A 29 -12.70 -20.01 -19.66
CA ILE A 29 -12.52 -19.65 -18.26
C ILE A 29 -11.52 -18.49 -18.16
N TYR A 30 -11.79 -17.54 -17.26
CA TYR A 30 -10.92 -16.39 -17.04
C TYR A 30 -11.11 -15.84 -15.62
N LYS A 31 -10.13 -15.10 -15.12
CA LYS A 31 -10.19 -14.55 -13.76
C LYS A 31 -9.11 -13.50 -13.52
N GLU A 32 -9.55 -12.30 -13.14
CA GLU A 32 -8.66 -11.22 -12.67
C GLU A 32 -9.52 -10.10 -12.11
N GLY A 33 -9.08 -9.49 -11.00
CA GLY A 33 -9.84 -8.39 -10.40
C GLY A 33 -9.87 -8.45 -8.90
N TYR A 34 -8.69 -8.50 -8.28
CA TYR A 34 -8.56 -8.50 -6.82
C TYR A 34 -7.88 -7.20 -6.36
N ILE A 35 -8.40 -6.62 -5.29
CA ILE A 35 -7.84 -5.38 -4.74
C ILE A 35 -6.54 -5.63 -4.00
N LEU A 36 -5.89 -4.56 -3.55
CA LEU A 36 -4.58 -4.66 -2.90
C LEU A 36 -4.44 -3.61 -1.81
N ASP A 37 -3.82 -3.98 -0.69
CA ASP A 37 -3.61 -3.08 0.45
C ASP A 37 -2.27 -2.38 0.32
N LYS A 38 -2.21 -1.10 0.71
CA LYS A 38 -0.95 -0.36 0.74
C LYS A 38 0.10 -1.13 1.53
N ASN A 39 -0.35 -1.74 2.64
CA ASN A 39 0.53 -2.53 3.50
C ASN A 39 1.31 -3.56 2.69
N ALA A 40 0.69 -4.05 1.62
CA ALA A 40 1.32 -5.06 0.75
C ALA A 40 2.48 -4.45 -0.04
N LEU A 41 2.35 -3.17 -0.38
CA LEU A 41 3.40 -2.44 -1.09
C LEU A 41 4.55 -2.10 -0.14
N ASP A 42 4.21 -2.01 1.15
CA ASP A 42 5.12 -1.52 2.20
C ASP A 42 6.20 -2.54 2.55
N SER A 43 6.25 -3.65 1.82
CA SER A 43 7.17 -4.74 2.12
C SER A 43 8.64 -4.32 2.02
N ILE A 44 8.89 -3.17 1.40
CA ILE A 44 10.25 -2.64 1.29
C ILE A 44 10.73 -2.12 2.64
N SER A 45 11.98 -2.38 2.98
CA SER A 45 12.53 -2.01 4.27
C SER A 45 13.91 -1.39 4.11
N ILE A 46 14.35 -0.64 5.13
CA ILE A 46 15.67 -0.01 5.11
C ILE A 46 16.75 -1.05 4.81
N GLY A 47 17.61 -0.71 3.87
CA GLY A 47 18.65 -1.61 3.42
C GLY A 47 18.36 -2.15 2.04
N SER A 48 17.08 -2.36 1.73
CA SER A 48 16.68 -2.96 0.46
C SER A 48 17.27 -2.17 -0.70
N SER A 49 17.89 -2.88 -1.64
CA SER A 49 18.61 -2.23 -2.71
C SER A 49 17.66 -1.50 -3.67
N GLN A 50 18.19 -0.47 -4.33
CA GLN A 50 17.40 0.35 -5.25
C GLN A 50 16.68 -0.54 -6.25
N GLU A 51 17.37 -1.55 -6.74
CA GLU A 51 16.79 -2.46 -7.72
C GLU A 51 15.61 -3.22 -7.11
N GLN A 52 15.72 -3.52 -5.83
CA GLN A 52 14.67 -4.25 -5.11
C GLN A 52 13.43 -3.38 -4.97
N VAL A 53 13.61 -2.14 -4.53
CA VAL A 53 12.49 -1.23 -4.35
C VAL A 53 11.79 -0.96 -5.68
N ILE A 54 12.55 -0.69 -6.74
CA ILE A 54 11.95 -0.41 -8.05
C ILE A 54 11.34 -1.68 -8.65
N LEU A 55 11.94 -2.84 -8.33
CA LEU A 55 11.41 -4.12 -8.80
C LEU A 55 10.09 -4.43 -8.12
N ALA A 56 9.96 -4.04 -6.86
CA ALA A 56 8.77 -4.32 -6.08
C ALA A 56 7.62 -3.39 -6.48
N LEU A 57 7.90 -2.09 -6.57
CA LEU A 57 6.84 -1.10 -6.79
C LEU A 57 6.86 -0.55 -8.23
N GLY A 58 8.05 -0.36 -8.79
CA GLY A 58 8.17 0.32 -10.06
C GLY A 58 9.17 1.45 -9.98
N THR A 59 9.46 2.08 -11.10
CA THR A 59 10.40 3.19 -11.15
C THR A 59 9.74 4.50 -10.66
N PRO A 60 10.52 5.40 -10.03
CA PRO A 60 9.99 6.64 -9.46
C PRO A 60 9.55 7.65 -10.52
N SER A 61 8.73 8.60 -10.11
CA SER A 61 8.26 9.67 -10.98
C SER A 61 9.12 10.92 -10.79
N LEU A 62 9.67 11.08 -9.59
CA LEU A 62 10.55 12.20 -9.27
C LEU A 62 11.85 11.69 -8.66
N LYS A 63 12.92 12.48 -8.78
CA LYS A 63 14.24 12.09 -8.28
C LYS A 63 15.09 13.33 -8.02
N THR A 64 15.79 13.36 -6.90
CA THR A 64 16.66 14.48 -6.55
C THR A 64 17.81 14.04 -5.63
N LYS A 65 19.01 14.54 -5.90
CA LYS A 65 20.18 14.19 -5.10
C LYS A 65 20.61 15.34 -4.19
N TYR A 66 20.33 15.16 -2.91
CA TYR A 66 20.96 15.91 -1.84
C TYR A 66 21.71 14.90 -0.98
N ASP A 67 22.69 15.33 -0.18
CA ASP A 67 23.60 14.39 0.51
C ASP A 67 22.86 13.20 1.15
N ASN A 68 21.56 13.32 1.32
CA ASN A 68 20.69 12.17 1.54
C ASN A 68 19.74 12.04 0.34
N GLU A 69 20.21 11.32 -0.69
CA GLU A 69 19.54 11.24 -1.98
C GLU A 69 18.16 10.61 -1.86
N VAL A 70 17.18 11.11 -2.62
CA VAL A 70 15.81 10.58 -2.52
C VAL A 70 15.11 10.49 -3.88
N PHE A 71 14.31 9.43 -4.03
CA PHE A 71 13.44 9.24 -5.19
C PHE A 71 11.98 9.27 -4.74
N TYR A 72 11.12 9.93 -5.50
CA TYR A 72 9.71 10.07 -5.15
C TYR A 72 8.81 9.24 -6.07
N TYR A 73 7.95 8.44 -5.44
CA TYR A 73 7.00 7.56 -6.11
C TYR A 73 5.58 8.01 -5.80
N ILE A 74 4.72 7.99 -6.81
CA ILE A 74 3.33 8.43 -6.65
C ILE A 74 2.47 7.31 -6.06
N SER A 75 2.56 6.11 -6.62
CA SER A 75 1.77 4.97 -6.15
C SER A 75 2.20 3.66 -6.83
N GLN A 76 1.64 3.39 -8.01
CA GLN A 76 1.85 2.13 -8.72
C GLN A 76 1.80 2.33 -10.23
N THR A 77 1.85 1.22 -10.96
CA THR A 77 1.69 1.22 -12.41
C THR A 77 0.19 1.16 -12.76
N ARG A 78 -0.11 1.09 -14.05
CA ARG A 78 -1.51 1.09 -14.50
C ARG A 78 -2.04 -0.33 -14.60
N TYR A 79 -3.26 -0.53 -14.13
CA TYR A 79 -3.95 -1.83 -14.24
C TYR A 79 -4.97 -1.73 -15.39
N ARG A 80 -5.87 -2.70 -15.47
CA ARG A 80 -6.90 -2.68 -16.51
C ARG A 80 -8.05 -1.76 -16.11
N GLY A 81 -8.72 -2.14 -15.02
CA GLY A 81 -9.89 -1.40 -14.56
C GLY A 81 -11.14 -1.78 -15.33
N MET A 82 -11.11 -1.53 -16.64
CA MET A 82 -12.23 -1.86 -17.54
C MET A 82 -13.50 -1.11 -17.12
N GLN A 83 -14.24 -1.67 -16.16
CA GLN A 83 -15.46 -1.06 -15.67
C GLN A 83 -15.14 0.18 -14.85
N PHE A 84 -14.40 -0.02 -13.76
CA PHE A 84 -13.92 1.10 -12.96
C PHE A 84 -12.63 1.63 -13.57
N MET A 85 -12.77 2.56 -14.52
CA MET A 85 -11.64 3.14 -15.24
C MET A 85 -10.68 3.81 -14.26
N LYS A 86 -11.22 4.66 -13.39
CA LYS A 86 -10.41 5.35 -12.40
C LYS A 86 -10.23 4.48 -11.17
N THR A 87 -8.98 4.28 -10.77
CA THR A 87 -8.67 3.56 -9.55
C THR A 87 -9.06 4.40 -8.34
N LYS A 88 -10.24 4.11 -7.78
CA LYS A 88 -10.76 4.90 -6.67
C LYS A 88 -10.14 4.40 -5.36
N ILE A 89 -9.30 3.38 -5.51
CA ILE A 89 -8.52 2.85 -4.42
C ILE A 89 -7.05 3.13 -4.70
N ILE A 90 -6.38 3.76 -3.75
CA ILE A 90 -4.98 4.20 -3.90
C ILE A 90 -4.86 5.26 -5.01
N ASP A 91 -5.13 6.51 -4.64
CA ASP A 91 -4.96 7.66 -5.54
C ASP A 91 -3.61 8.32 -5.26
N ARG A 92 -3.58 9.65 -5.42
CA ARG A 92 -2.40 10.45 -5.05
C ARG A 92 -1.80 9.97 -3.74
N LYS A 93 -0.48 9.76 -3.72
CA LYS A 93 0.21 9.34 -2.52
C LYS A 93 1.69 9.71 -2.62
N VAL A 94 2.38 9.71 -1.48
CA VAL A 94 3.79 10.00 -1.42
C VAL A 94 4.55 8.81 -0.85
N LEU A 95 5.41 8.21 -1.66
CA LEU A 95 6.36 7.22 -1.19
C LEU A 95 7.75 7.63 -1.67
N ALA A 96 8.62 7.94 -0.72
CA ALA A 96 9.95 8.45 -1.05
C ALA A 96 11.04 7.51 -0.54
N ILE A 97 11.85 7.02 -1.47
CA ILE A 97 12.96 6.15 -1.14
C ILE A 97 14.23 6.97 -0.96
N TYR A 98 14.63 7.18 0.30
CA TYR A 98 15.90 7.84 0.57
C TYR A 98 17.02 6.83 0.36
N PHE A 99 17.73 7.03 -0.74
CA PHE A 99 18.72 6.10 -1.25
C PHE A 99 20.12 6.40 -0.71
N ASN A 100 21.00 5.40 -0.79
CA ASN A 100 22.42 5.57 -0.47
C ASN A 100 23.25 4.89 -1.54
N LYS A 101 24.35 5.56 -1.88
CA LYS A 101 25.25 5.17 -2.97
C LYS A 101 25.79 3.75 -2.80
N ASN A 102 25.44 3.08 -1.70
CA ASN A 102 25.77 1.66 -1.54
C ASN A 102 24.75 0.82 -2.32
N ASP A 103 23.95 1.52 -3.14
CA ASP A 103 22.89 0.92 -3.95
C ASP A 103 21.80 0.38 -3.04
N GLN A 104 21.60 1.07 -1.92
CA GLN A 104 20.63 0.61 -0.91
C GLN A 104 19.70 1.74 -0.52
N VAL A 105 18.64 1.42 0.19
CA VAL A 105 17.76 2.44 0.74
C VAL A 105 18.15 2.71 2.19
N THR A 106 18.49 3.95 2.50
CA THR A 106 18.89 4.32 3.85
C THR A 106 17.67 4.70 4.68
N LYS A 107 16.62 5.23 4.01
CA LYS A 107 15.39 5.58 4.72
C LYS A 107 14.16 5.32 3.84
N ILE A 108 13.15 4.70 4.42
CA ILE A 108 11.89 4.42 3.74
C ILE A 108 10.84 5.45 4.16
N ALA A 109 10.37 6.26 3.21
CA ALA A 109 9.32 7.23 3.51
C ALA A 109 8.03 6.84 2.80
N ASN A 110 6.97 6.65 3.58
CA ASN A 110 5.66 6.29 3.01
C ASN A 110 4.55 6.97 3.78
N TYR A 111 3.61 7.57 3.05
CA TYR A 111 2.43 8.16 3.70
C TYR A 111 1.39 7.06 3.95
N GLY A 112 1.09 6.78 5.22
CA GLY A 112 0.21 5.67 5.56
C GLY A 112 -0.29 5.70 7.01
N LEU A 113 -0.84 4.57 7.46
CA LEU A 113 -1.36 4.43 8.82
C LEU A 113 -0.64 3.32 9.55
N GLN A 114 -0.82 3.26 10.87
CA GLN A 114 -0.34 2.13 11.65
C GLN A 114 -1.50 1.52 12.45
N ASP A 115 -2.02 0.40 11.93
CA ASP A 115 -3.05 -0.41 12.59
C ASP A 115 -4.12 0.45 13.29
N GLY A 116 -4.50 1.56 12.65
CA GLY A 116 -5.50 2.43 13.26
C GLY A 116 -5.74 3.70 12.46
N GLN A 117 -4.85 4.69 12.63
CA GLN A 117 -5.04 6.00 12.02
C GLN A 117 -3.81 6.37 11.19
N VAL A 118 -3.98 7.35 10.32
CA VAL A 118 -2.89 7.85 9.51
C VAL A 118 -1.77 8.40 10.40
N PHE A 119 -0.56 7.90 10.19
CA PHE A 119 0.61 8.30 10.96
C PHE A 119 1.83 8.28 10.05
N ASP A 120 2.50 9.42 9.94
CA ASP A 120 3.68 9.52 9.10
C ASP A 120 4.90 9.15 9.93
N PHE A 121 5.27 7.87 9.87
CA PHE A 121 6.38 7.34 10.65
C PHE A 121 7.68 8.09 10.35
N ILE A 122 7.78 8.61 9.13
CA ILE A 122 9.02 9.21 8.65
C ILE A 122 9.10 10.66 9.14
N ALA A 123 8.06 11.42 8.82
CA ALA A 123 7.94 12.80 9.29
C ALA A 123 7.71 12.85 10.81
N GLN A 124 7.38 11.70 11.38
CA GLN A 124 7.21 11.55 12.84
C GLN A 124 5.98 12.32 13.33
N THR A 125 5.03 12.57 12.44
CA THR A 125 3.83 13.34 12.79
C THR A 125 2.62 12.43 12.84
N THR A 126 1.65 12.78 13.69
CA THR A 126 0.41 12.02 13.79
C THR A 126 -0.78 12.91 13.45
N PRO A 127 -1.19 12.94 12.18
CA PRO A 127 -2.38 13.69 11.75
C PRO A 127 -3.67 12.95 12.12
N THR A 128 -4.77 13.69 12.16
CA THR A 128 -6.08 13.11 12.43
C THR A 128 -7.09 13.57 11.39
N ALA A 129 -8.07 12.73 11.11
CA ALA A 129 -9.08 13.01 10.11
C ALA A 129 -10.39 12.29 10.44
N THR A 130 -11.48 12.74 9.84
CA THR A 130 -12.79 12.14 10.05
C THR A 130 -12.79 10.69 9.55
N LYS A 131 -12.85 9.75 10.49
CA LYS A 131 -12.72 8.32 10.19
C LYS A 131 -13.95 7.77 9.46
N GLU A 132 -15.09 8.41 9.67
CA GLU A 132 -16.38 7.93 9.17
C GLU A 132 -16.32 7.48 7.70
N GLN A 133 -15.91 8.40 6.83
CA GLN A 133 -15.96 8.17 5.36
C GLN A 133 -14.79 7.29 4.87
N PRO A 134 -13.53 7.74 5.07
CA PRO A 134 -12.37 7.13 4.40
C PRO A 134 -11.83 5.89 5.09
N LEU A 135 -12.69 4.93 5.34
CA LEU A 135 -12.42 4.03 6.44
C LEU A 135 -11.18 3.12 6.27
N LEU A 136 -11.18 2.18 5.33
CA LEU A 136 -10.01 1.28 5.28
C LEU A 136 -8.73 1.84 4.63
N ILE A 137 -8.81 2.13 3.33
CA ILE A 137 -7.71 2.74 2.57
C ILE A 137 -7.63 4.26 2.70
N GLN A 138 -8.78 4.87 2.44
CA GLN A 138 -8.91 6.29 2.16
C GLN A 138 -8.23 7.15 3.22
N ILE A 139 -8.19 6.64 4.44
CA ILE A 139 -7.55 7.32 5.57
C ILE A 139 -6.12 7.72 5.23
N ILE A 140 -5.37 6.82 4.59
CA ILE A 140 -4.00 7.10 4.17
C ILE A 140 -3.99 7.75 2.79
N LYS A 141 -5.04 7.47 2.04
CA LYS A 141 -5.19 7.91 0.66
C LYS A 141 -5.68 9.36 0.58
N GLY A 142 -6.29 9.84 1.65
CA GLY A 142 -6.88 11.16 1.66
C GLY A 142 -5.86 12.28 1.76
N PRO A 143 -5.23 12.46 2.93
CA PRO A 143 -4.28 13.55 3.17
C PRO A 143 -2.94 13.33 2.44
N ALA A 144 -2.86 12.27 1.64
CA ALA A 144 -1.64 11.94 0.92
C ALA A 144 -1.45 12.85 -0.30
N ASN A 145 -1.22 14.14 -0.03
CA ASN A 145 -1.02 15.13 -1.07
C ASN A 145 0.33 15.81 -0.89
N LEU A 146 1.23 15.63 -1.85
CA LEU A 146 2.57 16.19 -1.80
C LEU A 146 2.53 17.72 -1.74
N PRO A 147 3.58 18.36 -1.17
CA PRO A 147 3.67 19.83 -1.03
C PRO A 147 3.41 20.56 -2.35
N MET A 1 19.24 -102.59 -49.50
CA MET A 1 19.93 -102.01 -50.68
C MET A 1 19.09 -102.16 -51.95
N ALA A 2 18.09 -103.04 -51.90
CA ALA A 2 17.28 -103.39 -53.08
C ALA A 2 16.51 -102.18 -53.62
N HIS A 3 17.18 -101.40 -54.46
CA HIS A 3 16.56 -100.28 -55.20
C HIS A 3 15.99 -99.23 -54.26
N HIS A 4 16.31 -99.34 -52.97
CA HIS A 4 15.77 -98.43 -51.96
C HIS A 4 16.51 -97.09 -52.01
N HIS A 5 16.17 -96.29 -53.01
CA HIS A 5 16.78 -94.97 -53.21
C HIS A 5 15.68 -93.95 -53.44
N HIS A 6 15.89 -92.73 -52.94
CA HIS A 6 14.94 -91.63 -53.14
C HIS A 6 15.70 -90.32 -53.33
N HIS A 7 15.62 -89.76 -54.52
CA HIS A 7 16.27 -88.49 -54.81
C HIS A 7 15.54 -87.36 -54.09
N HIS A 8 15.88 -87.15 -52.83
CA HIS A 8 15.31 -86.07 -52.03
C HIS A 8 15.65 -84.71 -52.64
N MET A 9 14.66 -83.84 -52.73
CA MET A 9 14.83 -82.52 -53.32
C MET A 9 13.89 -81.53 -52.66
N GLY A 10 14.41 -80.34 -52.34
CA GLY A 10 13.60 -79.30 -51.74
C GLY A 10 14.38 -78.03 -51.51
N THR A 11 13.71 -77.03 -50.96
CA THR A 11 14.33 -75.76 -50.63
C THR A 11 13.38 -74.92 -49.78
N LEU A 12 13.79 -73.71 -49.46
CA LEU A 12 12.99 -72.80 -48.63
C LEU A 12 13.62 -71.42 -48.60
N GLU A 13 12.90 -70.43 -49.14
CA GLU A 13 13.34 -69.04 -49.09
C GLU A 13 12.61 -68.32 -47.96
N ALA A 14 13.35 -67.58 -47.14
CA ALA A 14 12.79 -66.97 -45.95
C ALA A 14 13.34 -65.56 -45.75
N GLN A 15 12.45 -64.58 -45.81
CA GLN A 15 12.80 -63.18 -45.54
C GLN A 15 11.52 -62.36 -45.36
N THR A 16 11.62 -61.35 -44.50
CA THR A 16 10.52 -60.45 -44.20
C THR A 16 11.08 -59.17 -43.56
N GLN A 17 10.86 -58.03 -44.21
CA GLN A 17 11.42 -56.76 -43.76
C GLN A 17 10.40 -55.63 -43.92
N GLY A 18 10.41 -54.67 -43.01
CA GLY A 18 9.51 -53.52 -43.13
C GLY A 18 9.32 -52.80 -41.80
N PRO A 19 10.40 -52.21 -41.23
CA PRO A 19 10.33 -51.51 -39.95
C PRO A 19 9.90 -50.05 -40.10
N GLY A 20 9.48 -49.44 -38.99
CA GLY A 20 9.09 -48.04 -38.99
C GLY A 20 8.63 -47.56 -37.62
N SER A 21 9.17 -46.43 -37.18
CA SER A 21 8.81 -45.85 -35.89
C SER A 21 8.02 -44.54 -36.10
N MET A 22 7.15 -44.22 -35.14
CA MET A 22 6.31 -43.02 -35.22
C MET A 22 5.64 -42.74 -33.88
N SER A 23 5.99 -41.61 -33.25
CA SER A 23 5.38 -41.20 -31.99
C SER A 23 5.84 -39.77 -31.64
N SER A 24 4.92 -38.96 -31.11
CA SER A 24 5.22 -37.59 -30.70
C SER A 24 4.11 -37.05 -29.79
N GLY A 25 4.27 -35.79 -29.37
CA GLY A 25 3.29 -35.16 -28.49
C GLY A 25 3.65 -33.72 -28.19
N SER A 26 2.75 -33.00 -27.51
CA SER A 26 2.96 -31.58 -27.20
C SER A 26 2.12 -31.19 -25.98
N SER A 27 2.64 -30.29 -25.14
CA SER A 27 1.95 -29.88 -23.92
C SER A 27 2.54 -28.57 -23.36
N GLN A 28 1.68 -27.71 -22.82
CA GLN A 28 2.10 -26.45 -22.20
C GLN A 28 1.31 -26.21 -20.92
N ILE A 29 1.94 -25.55 -19.95
CA ILE A 29 1.30 -25.23 -18.67
C ILE A 29 1.11 -23.72 -18.54
N TYR A 30 -0.06 -23.31 -18.04
CA TYR A 30 -0.37 -21.90 -17.79
C TYR A 30 -1.04 -21.76 -16.44
N LYS A 31 -0.80 -20.63 -15.77
CA LYS A 31 -1.36 -20.39 -14.44
C LYS A 31 -1.48 -18.89 -14.19
N GLU A 32 -2.49 -18.49 -13.42
CA GLU A 32 -2.69 -17.09 -13.04
C GLU A 32 -2.59 -16.94 -11.52
N GLY A 33 -2.83 -15.72 -11.02
CA GLY A 33 -2.78 -15.46 -9.59
C GLY A 33 -1.99 -14.20 -9.27
N TYR A 34 -2.69 -13.11 -8.97
CA TYR A 34 -2.04 -11.84 -8.66
C TYR A 34 -2.97 -10.93 -7.83
N ILE A 35 -2.39 -10.20 -6.89
CA ILE A 35 -3.11 -9.24 -6.06
C ILE A 35 -2.13 -8.35 -5.32
N LEU A 36 -2.03 -7.08 -5.73
CA LEU A 36 -1.06 -6.15 -5.14
C LEU A 36 -1.77 -5.05 -4.34
N ASP A 37 -1.37 -4.93 -3.07
CA ASP A 37 -1.85 -3.87 -2.19
C ASP A 37 -0.75 -2.84 -1.97
N LYS A 38 -1.12 -1.56 -1.90
CA LYS A 38 -0.13 -0.49 -1.75
C LYS A 38 0.80 -0.76 -0.58
N ASN A 39 0.23 -1.00 0.60
CA ASN A 39 1.02 -1.25 1.81
C ASN A 39 1.85 -2.52 1.66
N ALA A 40 1.29 -3.47 0.92
CA ALA A 40 2.01 -4.72 0.63
C ALA A 40 3.31 -4.43 -0.13
N LEU A 41 3.29 -3.42 -0.99
CA LEU A 41 4.48 -2.99 -1.72
C LEU A 41 5.42 -2.23 -0.79
N ASP A 42 4.84 -1.53 0.18
CA ASP A 42 5.60 -0.74 1.16
C ASP A 42 6.38 -1.64 2.15
N SER A 43 6.59 -2.91 1.78
CA SER A 43 7.23 -3.88 2.66
C SER A 43 8.75 -3.90 2.47
N ILE A 44 9.28 -2.91 1.74
CA ILE A 44 10.72 -2.82 1.48
C ILE A 44 11.48 -2.41 2.75
N SER A 45 12.70 -2.91 2.90
CA SER A 45 13.45 -2.74 4.14
C SER A 45 14.70 -1.87 3.94
N ILE A 46 15.13 -1.21 5.02
CA ILE A 46 16.35 -0.43 5.02
C ILE A 46 17.52 -1.29 4.54
N GLY A 47 18.33 -0.73 3.66
CA GLY A 47 19.41 -1.48 3.04
C GLY A 47 19.07 -1.86 1.61
N SER A 48 17.77 -2.02 1.32
CA SER A 48 17.30 -2.46 0.02
C SER A 48 17.87 -1.57 -1.10
N SER A 49 18.19 -2.18 -2.23
CA SER A 49 18.78 -1.47 -3.36
C SER A 49 17.70 -1.06 -4.36
N GLN A 50 18.05 -0.11 -5.22
CA GLN A 50 17.12 0.47 -6.18
C GLN A 50 16.42 -0.62 -6.98
N GLU A 51 17.18 -1.62 -7.43
CA GLU A 51 16.62 -2.71 -8.20
C GLU A 51 15.54 -3.45 -7.41
N GLN A 52 15.76 -3.58 -6.10
CA GLN A 52 14.83 -4.33 -5.27
C GLN A 52 13.55 -3.55 -5.07
N VAL A 53 13.69 -2.29 -4.65
CA VAL A 53 12.54 -1.45 -4.37
C VAL A 53 11.70 -1.24 -5.64
N ILE A 54 12.35 -1.09 -6.80
CA ILE A 54 11.61 -0.96 -8.06
C ILE A 54 10.99 -2.29 -8.48
N LEU A 55 11.68 -3.40 -8.20
CA LEU A 55 11.16 -4.73 -8.51
C LEU A 55 9.89 -5.01 -7.71
N ALA A 56 9.86 -4.48 -6.49
CA ALA A 56 8.73 -4.67 -5.58
C ALA A 56 7.60 -3.67 -5.86
N LEU A 57 7.94 -2.39 -5.93
CA LEU A 57 6.93 -1.32 -6.05
C LEU A 57 6.69 -0.92 -7.50
N GLY A 58 7.76 -0.86 -8.27
CA GLY A 58 7.71 -0.30 -9.61
C GLY A 58 8.65 0.88 -9.72
N THR A 59 8.81 1.40 -10.93
CA THR A 59 9.70 2.52 -11.17
C THR A 59 9.11 3.83 -10.60
N PRO A 60 9.91 4.59 -9.82
CA PRO A 60 9.48 5.88 -9.28
C PRO A 60 9.34 6.91 -10.39
N SER A 61 8.42 7.85 -10.22
CA SER A 61 8.13 8.82 -11.27
C SER A 61 9.08 10.02 -11.19
N LEU A 62 9.56 10.32 -9.99
CA LEU A 62 10.44 11.48 -9.78
C LEU A 62 11.66 11.13 -8.94
N LYS A 63 12.61 12.06 -8.88
CA LYS A 63 13.76 11.96 -7.98
C LYS A 63 14.40 13.34 -7.82
N THR A 64 15.19 13.51 -6.76
CA THR A 64 15.95 14.73 -6.54
C THR A 64 17.25 14.38 -5.83
N LYS A 65 18.35 14.97 -6.29
CA LYS A 65 19.67 14.63 -5.76
C LYS A 65 20.20 15.72 -4.81
N TYR A 66 20.20 15.36 -3.56
CA TYR A 66 20.97 16.01 -2.51
C TYR A 66 21.94 14.96 -2.00
N ASP A 67 23.02 15.36 -1.33
CA ASP A 67 24.15 14.44 -1.02
C ASP A 67 23.69 13.07 -0.50
N ASN A 68 22.43 12.98 -0.09
CA ASN A 68 21.77 11.69 0.11
C ASN A 68 20.51 11.64 -0.76
N GLU A 69 20.66 11.20 -2.02
CA GLU A 69 19.62 11.36 -3.04
C GLU A 69 18.34 10.61 -2.66
N VAL A 70 17.19 11.14 -3.11
CA VAL A 70 15.90 10.55 -2.78
C VAL A 70 15.02 10.41 -4.02
N PHE A 71 14.43 9.23 -4.17
CA PHE A 71 13.49 8.95 -5.27
C PHE A 71 12.07 9.18 -4.80
N TYR A 72 11.20 9.54 -5.72
CA TYR A 72 9.78 9.77 -5.41
C TYR A 72 8.88 8.85 -6.22
N TYR A 73 8.21 7.97 -5.48
CA TYR A 73 7.31 6.97 -6.02
C TYR A 73 5.87 7.38 -5.76
N ILE A 74 5.19 7.74 -6.83
CA ILE A 74 3.79 8.17 -6.77
C ILE A 74 3.08 7.78 -8.06
N SER A 75 1.78 7.55 -7.97
CA SER A 75 0.98 7.30 -9.16
C SER A 75 1.00 8.55 -10.04
N GLN A 76 1.56 8.43 -11.24
CA GLN A 76 1.76 9.58 -12.13
C GLN A 76 0.42 10.08 -12.67
N THR A 77 -0.63 9.28 -12.51
CA THR A 77 -1.96 9.66 -12.95
C THR A 77 -2.50 10.83 -12.14
N ARG A 78 -2.06 12.04 -12.49
CA ARG A 78 -2.54 13.26 -11.85
C ARG A 78 -3.64 13.87 -12.71
N TYR A 79 -4.76 14.24 -12.09
CA TYR A 79 -5.94 14.69 -12.82
C TYR A 79 -5.96 16.21 -12.97
N ARG A 80 -6.65 16.67 -14.01
CA ARG A 80 -6.79 18.10 -14.29
C ARG A 80 -8.01 18.32 -15.19
N GLY A 81 -8.62 19.50 -15.07
CA GLY A 81 -9.78 19.83 -15.88
C GLY A 81 -11.05 19.22 -15.34
N MET A 82 -11.57 18.21 -16.04
CA MET A 82 -12.82 17.56 -15.66
C MET A 82 -12.53 16.19 -15.02
N GLN A 83 -12.81 16.09 -13.72
CA GLN A 83 -12.61 14.84 -12.99
C GLN A 83 -13.89 14.01 -13.02
N PHE A 84 -13.76 12.71 -13.29
CA PHE A 84 -14.90 11.82 -13.42
C PHE A 84 -15.09 11.01 -12.13
N MET A 85 -16.23 10.35 -12.02
CA MET A 85 -16.54 9.54 -10.84
C MET A 85 -15.75 8.23 -10.85
N LYS A 86 -14.49 8.32 -10.42
CA LYS A 86 -13.62 7.15 -10.36
C LYS A 86 -13.51 6.64 -8.92
N THR A 87 -13.22 5.35 -8.77
CA THR A 87 -13.05 4.74 -7.44
C THR A 87 -11.85 5.34 -6.72
N LYS A 88 -12.05 5.66 -5.45
CA LYS A 88 -11.07 6.37 -4.64
C LYS A 88 -9.85 5.50 -4.38
N ILE A 89 -10.04 4.18 -4.46
CA ILE A 89 -9.00 3.20 -4.11
C ILE A 89 -7.86 3.16 -5.14
N ILE A 90 -8.03 3.87 -6.26
CA ILE A 90 -7.05 3.84 -7.35
C ILE A 90 -6.38 5.22 -7.51
N ASP A 91 -6.41 6.04 -6.46
CA ASP A 91 -5.77 7.36 -6.51
C ASP A 91 -4.29 7.26 -6.06
N ARG A 92 -3.62 8.40 -5.98
CA ARG A 92 -2.18 8.46 -5.76
C ARG A 92 -1.80 8.39 -4.27
N LYS A 93 -0.70 7.70 -3.98
CA LYS A 93 -0.07 7.73 -2.67
C LYS A 93 1.39 8.16 -2.83
N VAL A 94 1.98 8.76 -1.80
CA VAL A 94 3.34 9.27 -1.90
C VAL A 94 4.31 8.41 -1.08
N LEU A 95 5.36 7.93 -1.75
CA LEU A 95 6.42 7.16 -1.08
C LEU A 95 7.77 7.63 -1.60
N ALA A 96 8.63 8.11 -0.71
CA ALA A 96 9.94 8.63 -1.11
C ALA A 96 11.06 7.79 -0.50
N ILE A 97 12.00 7.36 -1.32
CA ILE A 97 13.09 6.50 -0.87
C ILE A 97 14.41 7.26 -0.83
N TYR A 98 14.91 7.49 0.38
CA TYR A 98 16.20 8.15 0.57
C TYR A 98 17.33 7.13 0.47
N PHE A 99 18.07 7.19 -0.63
CA PHE A 99 19.17 6.27 -0.90
C PHE A 99 20.49 6.82 -0.37
N ASN A 100 21.39 5.90 -0.05
CA ASN A 100 22.78 6.21 0.25
C ASN A 100 23.61 5.82 -0.94
N LYS A 101 24.67 6.61 -1.14
CA LYS A 101 25.57 6.54 -2.28
C LYS A 101 26.11 5.12 -2.51
N ASN A 102 25.91 4.25 -1.52
CA ASN A 102 26.29 2.85 -1.66
C ASN A 102 25.23 2.12 -2.50
N ASP A 103 24.32 2.92 -3.08
CA ASP A 103 23.23 2.43 -3.91
C ASP A 103 22.27 1.60 -3.07
N GLN A 104 22.03 2.07 -1.85
CA GLN A 104 21.12 1.35 -0.93
C GLN A 104 20.11 2.31 -0.33
N VAL A 105 19.07 1.81 0.32
CA VAL A 105 18.11 2.71 0.97
C VAL A 105 18.51 2.94 2.43
N THR A 106 18.66 4.20 2.81
CA THR A 106 18.99 4.55 4.18
C THR A 106 17.74 4.99 4.93
N LYS A 107 16.83 5.69 4.25
CA LYS A 107 15.60 6.18 4.88
C LYS A 107 14.41 5.92 3.97
N ILE A 108 13.30 5.46 4.55
CA ILE A 108 12.10 5.15 3.79
C ILE A 108 10.95 6.07 4.21
N ALA A 109 10.52 6.94 3.29
CA ALA A 109 9.43 7.86 3.55
C ALA A 109 8.14 7.35 2.94
N ASN A 110 7.08 7.33 3.73
CA ASN A 110 5.79 6.83 3.29
C ASN A 110 4.67 7.67 3.87
N TYR A 111 3.70 8.02 3.03
CA TYR A 111 2.48 8.65 3.50
C TYR A 111 1.35 7.62 3.40
N GLY A 112 0.79 7.26 4.54
CA GLY A 112 -0.17 6.17 4.60
C GLY A 112 -0.23 5.56 5.98
N LEU A 113 -0.84 4.38 6.10
CA LEU A 113 -0.93 3.70 7.39
C LEU A 113 0.29 2.84 7.65
N GLN A 114 0.47 2.45 8.92
CA GLN A 114 1.51 1.52 9.29
C GLN A 114 0.92 0.42 10.18
N ASP A 115 0.69 -0.74 9.55
CA ASP A 115 0.14 -1.93 10.23
C ASP A 115 -1.00 -1.57 11.18
N GLY A 116 -1.88 -0.67 10.74
CA GLY A 116 -3.02 -0.27 11.55
C GLY A 116 -3.71 0.94 10.99
N GLN A 117 -3.30 2.13 11.43
CA GLN A 117 -3.94 3.38 11.03
C GLN A 117 -2.93 4.32 10.39
N VAL A 118 -3.42 5.42 9.81
CA VAL A 118 -2.57 6.39 9.12
C VAL A 118 -1.50 6.95 10.07
N PHE A 119 -0.25 6.79 9.67
CA PHE A 119 0.89 7.23 10.47
C PHE A 119 2.01 7.72 9.54
N ASP A 120 2.43 8.97 9.71
CA ASP A 120 3.55 9.51 8.94
C ASP A 120 4.85 9.00 9.54
N PHE A 121 5.35 7.92 8.97
CA PHE A 121 6.52 7.21 9.49
C PHE A 121 7.70 8.16 9.74
N ILE A 122 8.01 8.98 8.74
CA ILE A 122 9.15 9.90 8.83
C ILE A 122 8.79 11.16 9.62
N ALA A 123 7.57 11.65 9.46
CA ALA A 123 7.14 12.87 10.16
C ALA A 123 6.76 12.55 11.60
N GLN A 124 6.88 11.27 11.97
CA GLN A 124 6.66 10.77 13.34
C GLN A 124 5.35 11.30 13.93
N THR A 125 4.38 11.59 13.08
CA THR A 125 3.09 12.11 13.51
C THR A 125 1.98 11.12 13.17
N THR A 126 0.80 11.35 13.74
CA THR A 126 -0.34 10.47 13.51
C THR A 126 -1.63 11.28 13.43
N PRO A 127 -2.12 11.56 12.19
CA PRO A 127 -3.39 12.26 11.99
C PRO A 127 -4.59 11.36 12.31
N THR A 128 -5.76 11.97 12.40
CA THR A 128 -6.98 11.23 12.73
C THR A 128 -8.14 11.62 11.81
N ALA A 129 -9.00 10.65 11.53
CA ALA A 129 -10.17 10.86 10.68
C ALA A 129 -11.24 9.82 11.01
N THR A 130 -12.46 10.06 10.56
CA THR A 130 -13.56 9.12 10.82
C THR A 130 -13.53 7.97 9.83
N LYS A 131 -13.56 6.75 10.35
CA LYS A 131 -13.55 5.53 9.52
C LYS A 131 -14.88 5.36 8.79
N GLU A 132 -15.85 6.21 9.10
CA GLU A 132 -17.19 6.13 8.53
C GLU A 132 -17.15 5.88 7.01
N GLN A 133 -16.64 6.86 6.28
CA GLN A 133 -16.58 6.80 4.81
C GLN A 133 -15.40 5.94 4.29
N PRO A 134 -14.16 6.30 4.70
CA PRO A 134 -12.93 5.85 4.03
C PRO A 134 -12.31 4.59 4.62
N LEU A 135 -13.00 3.46 4.54
CA LEU A 135 -12.72 2.46 5.54
C LEU A 135 -11.39 1.71 5.38
N LEU A 136 -11.23 0.91 4.33
CA LEU A 136 -9.97 0.13 4.25
C LEU A 136 -8.73 0.93 3.76
N ILE A 137 -8.78 1.40 2.51
CA ILE A 137 -7.72 2.23 1.93
C ILE A 137 -7.79 3.69 2.31
N GLN A 138 -8.98 4.22 2.02
CA GLN A 138 -9.23 5.65 1.89
C GLN A 138 -8.70 6.42 3.10
N ILE A 139 -8.68 5.75 4.23
CA ILE A 139 -8.17 6.32 5.48
C ILE A 139 -6.76 6.90 5.28
N ILE A 140 -5.95 6.26 4.44
CA ILE A 140 -4.63 6.79 4.12
C ILE A 140 -4.74 7.86 3.03
N LYS A 141 -5.71 7.67 2.14
CA LYS A 141 -5.97 8.61 1.04
C LYS A 141 -6.45 9.95 1.58
N GLY A 142 -7.05 9.92 2.76
CA GLY A 142 -7.52 11.13 3.42
C GLY A 142 -6.47 12.23 3.43
N PRO A 143 -5.39 12.07 4.23
CA PRO A 143 -4.31 13.07 4.31
C PRO A 143 -3.28 12.95 3.19
N ALA A 144 -3.14 11.76 2.60
CA ALA A 144 -2.10 11.51 1.60
C ALA A 144 -2.37 12.24 0.29
N ASN A 145 -1.86 13.46 0.20
CA ASN A 145 -1.91 14.22 -1.04
C ASN A 145 -0.51 14.67 -1.40
N LEU A 146 -0.14 14.45 -2.66
CA LEU A 146 1.13 14.93 -3.20
C LEU A 146 1.17 16.45 -3.13
N PRO A 147 2.14 17.02 -2.41
CA PRO A 147 2.28 18.49 -2.28
C PRO A 147 2.58 19.15 -3.63
N MET A 1 -29.49 -84.69 2.09
CA MET A 1 -28.06 -84.37 1.90
C MET A 1 -27.46 -83.86 3.20
N ALA A 2 -26.21 -84.23 3.47
CA ALA A 2 -25.52 -83.81 4.69
C ALA A 2 -24.05 -84.18 4.62
N HIS A 3 -23.22 -83.45 5.36
CA HIS A 3 -21.79 -83.73 5.44
C HIS A 3 -21.30 -83.56 6.88
N HIS A 4 -21.14 -84.69 7.58
CA HIS A 4 -20.72 -84.68 8.97
C HIS A 4 -19.23 -84.40 9.07
N HIS A 5 -18.87 -83.21 9.55
CA HIS A 5 -17.48 -82.80 9.65
C HIS A 5 -17.11 -82.49 11.10
N HIS A 6 -15.87 -82.77 11.45
CA HIS A 6 -15.36 -82.51 12.79
C HIS A 6 -13.97 -81.87 12.67
N HIS A 7 -13.72 -80.81 13.43
CA HIS A 7 -12.41 -80.13 13.37
C HIS A 7 -11.63 -80.36 14.66
N HIS A 8 -10.32 -80.59 14.52
CA HIS A 8 -9.47 -80.85 15.68
C HIS A 8 -9.23 -79.57 16.48
N MET A 9 -9.50 -79.63 17.77
CA MET A 9 -9.26 -78.50 18.65
C MET A 9 -7.78 -78.41 18.98
N GLY A 10 -7.07 -77.51 18.29
CA GLY A 10 -5.65 -77.34 18.49
C GLY A 10 -5.27 -75.89 18.69
N THR A 11 -5.20 -75.47 19.95
CA THR A 11 -4.81 -74.11 20.29
C THR A 11 -3.33 -74.02 20.61
N LEU A 12 -2.66 -73.00 20.08
CA LEU A 12 -1.26 -72.74 20.39
C LEU A 12 -0.97 -71.25 20.26
N GLU A 13 -0.20 -70.72 21.22
CA GLU A 13 0.14 -69.30 21.24
C GLU A 13 1.66 -69.14 21.11
N ALA A 14 2.13 -68.98 19.89
CA ALA A 14 3.56 -68.89 19.61
C ALA A 14 4.04 -67.45 19.67
N GLN A 15 3.19 -66.52 19.25
CA GLN A 15 3.54 -65.11 19.23
C GLN A 15 2.30 -64.23 19.41
N THR A 16 2.51 -62.93 19.50
CA THR A 16 1.42 -61.96 19.63
C THR A 16 1.67 -60.76 18.73
N GLN A 17 0.75 -59.80 18.74
CA GLN A 17 0.83 -58.62 17.89
C GLN A 17 1.05 -57.36 18.73
N GLY A 18 1.71 -56.37 18.14
CA GLY A 18 1.96 -55.12 18.84
C GLY A 18 2.30 -53.98 17.90
N PRO A 19 1.36 -53.57 17.02
CA PRO A 19 1.57 -52.46 16.08
C PRO A 19 1.42 -51.11 16.78
N GLY A 20 2.28 -50.16 16.42
CA GLY A 20 2.22 -48.82 17.00
C GLY A 20 3.36 -47.96 16.53
N SER A 21 3.11 -47.09 15.57
CA SER A 21 4.13 -46.21 15.00
C SER A 21 3.52 -44.94 14.45
N MET A 22 4.21 -43.81 14.62
CA MET A 22 3.73 -42.52 14.15
C MET A 22 4.92 -41.64 13.74
N SER A 23 4.75 -40.88 12.66
CA SER A 23 5.79 -39.98 12.18
C SER A 23 5.24 -39.05 11.09
N SER A 24 4.91 -37.81 11.49
CA SER A 24 4.33 -36.81 10.58
C SER A 24 4.56 -35.41 11.13
N GLY A 25 4.14 -34.39 10.37
CA GLY A 25 4.22 -33.02 10.83
C GLY A 25 5.48 -32.30 10.39
N SER A 26 5.36 -31.49 9.33
CA SER A 26 6.46 -30.64 8.86
C SER A 26 5.89 -29.59 7.89
N SER A 27 6.29 -28.33 8.08
CA SER A 27 5.78 -27.24 7.25
C SER A 27 6.62 -25.97 7.41
N GLN A 28 6.86 -25.29 6.30
CA GLN A 28 7.50 -23.98 6.29
C GLN A 28 7.10 -23.23 5.02
N ILE A 29 6.00 -22.47 5.09
CA ILE A 29 5.52 -21.70 3.95
C ILE A 29 6.52 -20.60 3.61
N TYR A 30 6.98 -20.57 2.36
CA TYR A 30 8.01 -19.63 1.94
C TYR A 30 7.49 -18.65 0.89
N LYS A 31 6.72 -19.15 -0.08
CA LYS A 31 6.23 -18.31 -1.18
C LYS A 31 4.71 -18.41 -1.33
N GLU A 32 4.10 -17.25 -1.56
CA GLU A 32 2.69 -17.16 -1.96
C GLU A 32 2.41 -15.79 -2.59
N GLY A 33 2.88 -14.73 -1.91
CA GLY A 33 2.89 -13.36 -2.45
C GLY A 33 1.73 -13.04 -3.39
N TYR A 34 0.53 -12.89 -2.85
CA TYR A 34 -0.64 -12.53 -3.66
C TYR A 34 -1.37 -11.32 -3.07
N ILE A 35 -1.05 -10.99 -1.82
CA ILE A 35 -1.69 -9.85 -1.14
C ILE A 35 -1.31 -8.53 -1.82
N LEU A 36 -2.23 -7.57 -1.82
CA LEU A 36 -2.02 -6.31 -2.55
C LEU A 36 -2.33 -5.08 -1.71
N ASP A 37 -2.57 -5.28 -0.41
CA ASP A 37 -2.81 -4.15 0.50
C ASP A 37 -1.59 -3.25 0.54
N LYS A 38 -1.83 -1.93 0.61
CA LYS A 38 -0.74 -0.95 0.59
C LYS A 38 0.27 -1.26 1.70
N ASN A 39 -0.24 -1.52 2.91
CA ASN A 39 0.61 -1.82 4.06
C ASN A 39 1.45 -3.06 3.80
N ALA A 40 0.87 -4.03 3.09
CA ALA A 40 1.59 -5.25 2.71
C ALA A 40 2.59 -4.97 1.59
N LEU A 41 2.21 -4.06 0.69
CA LEU A 41 2.99 -3.77 -0.52
C LEU A 41 4.26 -2.98 -0.19
N ASP A 42 4.17 -2.11 0.81
CA ASP A 42 5.29 -1.23 1.21
C ASP A 42 6.35 -1.99 2.02
N SER A 43 6.34 -3.32 1.90
CA SER A 43 7.21 -4.21 2.69
C SER A 43 8.71 -4.02 2.39
N ILE A 44 9.07 -2.94 1.69
CA ILE A 44 10.47 -2.64 1.39
C ILE A 44 11.19 -2.18 2.68
N SER A 45 12.37 -2.72 2.91
CA SER A 45 13.08 -2.47 4.16
C SER A 45 14.37 -1.69 3.93
N ILE A 46 14.87 -1.07 4.99
CA ILE A 46 16.12 -0.30 4.91
C ILE A 46 17.24 -1.18 4.37
N GLY A 47 17.93 -0.68 3.35
CA GLY A 47 18.96 -1.45 2.68
C GLY A 47 18.54 -1.90 1.29
N SER A 48 17.23 -2.01 1.06
CA SER A 48 16.71 -2.45 -0.24
C SER A 48 17.25 -1.57 -1.37
N SER A 49 17.86 -2.19 -2.38
CA SER A 49 18.44 -1.47 -3.51
C SER A 49 17.34 -0.98 -4.45
N GLN A 50 17.70 -0.03 -5.31
CA GLN A 50 16.76 0.56 -6.27
C GLN A 50 16.04 -0.53 -7.05
N GLU A 51 16.78 -1.55 -7.47
CA GLU A 51 16.20 -2.67 -8.19
C GLU A 51 15.13 -3.37 -7.35
N GLN A 52 15.39 -3.47 -6.05
CA GLN A 52 14.48 -4.17 -5.14
C GLN A 52 13.18 -3.39 -4.98
N VAL A 53 13.32 -2.10 -4.66
CA VAL A 53 12.15 -1.26 -4.43
C VAL A 53 11.32 -1.11 -5.71
N ILE A 54 11.97 -0.96 -6.87
CA ILE A 54 11.23 -0.86 -8.12
C ILE A 54 10.59 -2.20 -8.47
N LEU A 55 11.27 -3.29 -8.12
CA LEU A 55 10.75 -4.63 -8.36
C LEU A 55 9.52 -4.89 -7.49
N ALA A 56 9.51 -4.29 -6.30
CA ALA A 56 8.41 -4.47 -5.37
C ALA A 56 7.22 -3.59 -5.74
N LEU A 57 7.47 -2.31 -6.01
CA LEU A 57 6.38 -1.35 -6.24
C LEU A 57 6.23 -1.00 -7.73
N GLY A 58 7.34 -0.75 -8.40
CA GLY A 58 7.31 -0.18 -9.74
C GLY A 58 8.31 0.95 -9.85
N THR A 59 8.36 1.59 -11.01
CA THR A 59 9.27 2.70 -11.25
C THR A 59 8.73 3.99 -10.60
N PRO A 60 9.61 4.79 -9.95
CA PRO A 60 9.21 6.07 -9.35
C PRO A 60 8.73 7.07 -10.40
N SER A 61 8.01 8.07 -9.95
CA SER A 61 7.49 9.11 -10.84
C SER A 61 8.46 10.29 -10.86
N LEU A 62 8.86 10.73 -9.67
CA LEU A 62 9.75 11.85 -9.50
C LEU A 62 11.00 11.41 -8.75
N LYS A 63 12.08 12.17 -8.90
CA LYS A 63 13.28 11.98 -8.09
C LYS A 63 14.16 13.24 -8.14
N THR A 64 14.91 13.47 -7.07
CA THR A 64 15.83 14.60 -7.01
C THR A 64 17.11 14.18 -6.29
N LYS A 65 18.23 14.83 -6.61
CA LYS A 65 19.52 14.40 -6.11
C LYS A 65 20.20 15.47 -5.26
N TYR A 66 20.25 15.19 -3.98
CA TYR A 66 21.14 15.82 -3.03
C TYR A 66 22.03 14.71 -2.52
N ASP A 67 23.21 15.02 -1.97
CA ASP A 67 24.25 13.99 -1.73
C ASP A 67 23.68 12.70 -1.13
N ASN A 68 22.51 12.80 -0.51
CA ASN A 68 21.71 11.62 -0.14
C ASN A 68 20.45 11.61 -1.01
N GLU A 69 20.54 11.03 -2.20
CA GLU A 69 19.51 11.17 -3.25
C GLU A 69 18.17 10.60 -2.80
N VAL A 70 17.07 11.16 -3.31
CA VAL A 70 15.74 10.71 -2.89
C VAL A 70 14.78 10.55 -4.08
N PHE A 71 14.10 9.41 -4.10
CA PHE A 71 13.10 9.08 -5.12
C PHE A 71 11.71 9.42 -4.61
N TYR A 72 10.76 9.62 -5.51
CA TYR A 72 9.38 9.96 -5.13
C TYR A 72 8.35 9.18 -5.95
N TYR A 73 7.57 8.37 -5.24
CA TYR A 73 6.43 7.67 -5.79
C TYR A 73 5.16 8.46 -5.46
N ILE A 74 4.40 8.80 -6.50
CA ILE A 74 3.15 9.54 -6.31
C ILE A 74 2.29 9.45 -7.58
N SER A 75 2.90 9.78 -8.72
CA SER A 75 2.23 9.74 -10.01
C SER A 75 1.18 10.86 -10.10
N GLN A 76 0.28 10.76 -11.09
CA GLN A 76 -0.78 11.75 -11.33
C GLN A 76 -0.21 13.11 -11.71
N THR A 77 1.10 13.16 -11.96
CA THR A 77 1.76 14.38 -12.40
C THR A 77 1.61 14.54 -13.91
N ARG A 78 0.92 13.57 -14.52
CA ARG A 78 0.64 13.60 -15.96
C ARG A 78 -0.85 13.84 -16.21
N TYR A 79 -1.57 14.26 -15.16
CA TYR A 79 -2.99 14.53 -15.26
C TYR A 79 -3.24 15.81 -16.07
N ARG A 80 -4.27 15.77 -16.92
CA ARG A 80 -4.63 16.90 -17.78
C ARG A 80 -6.01 17.42 -17.40
N GLY A 81 -6.06 18.54 -16.68
CA GLY A 81 -7.33 19.13 -16.30
C GLY A 81 -7.20 20.00 -15.06
N MET A 82 -8.34 20.48 -14.55
CA MET A 82 -8.36 21.34 -13.37
C MET A 82 -9.40 20.84 -12.35
N GLN A 83 -10.17 19.83 -12.72
CA GLN A 83 -11.23 19.29 -11.86
C GLN A 83 -10.85 17.92 -11.32
N PHE A 84 -10.62 17.84 -10.02
CA PHE A 84 -10.22 16.59 -9.37
C PHE A 84 -11.40 15.99 -8.61
N MET A 85 -12.17 15.15 -9.28
CA MET A 85 -13.28 14.42 -8.66
C MET A 85 -13.40 13.04 -9.28
N LYS A 86 -13.19 12.00 -8.46
CA LYS A 86 -13.15 10.63 -8.94
C LYS A 86 -13.03 9.67 -7.74
N THR A 87 -13.40 8.41 -7.94
CA THR A 87 -13.13 7.37 -6.94
C THR A 87 -11.63 7.31 -6.67
N LYS A 88 -11.22 7.75 -5.49
CA LYS A 88 -9.81 8.03 -5.19
C LYS A 88 -8.99 6.74 -5.08
N ILE A 89 -9.63 5.59 -5.21
CA ILE A 89 -8.96 4.31 -5.08
C ILE A 89 -8.01 4.07 -6.26
N ILE A 90 -8.27 4.76 -7.38
CA ILE A 90 -7.42 4.65 -8.57
C ILE A 90 -6.14 5.47 -8.39
N ASP A 91 -6.16 6.38 -7.41
CA ASP A 91 -5.04 7.26 -7.15
C ASP A 91 -4.09 6.62 -6.13
N ARG A 92 -2.81 6.95 -6.23
CA ARG A 92 -1.76 6.32 -5.42
C ARG A 92 -1.53 7.12 -4.12
N LYS A 93 -0.34 6.99 -3.53
CA LYS A 93 0.02 7.75 -2.33
C LYS A 93 1.43 8.31 -2.50
N VAL A 94 1.98 8.94 -1.46
CA VAL A 94 3.29 9.55 -1.55
C VAL A 94 4.33 8.74 -0.77
N LEU A 95 5.43 8.45 -1.45
CA LEU A 95 6.52 7.66 -0.90
C LEU A 95 7.86 8.27 -1.34
N ALA A 96 8.71 8.61 -0.37
CA ALA A 96 10.02 9.16 -0.66
C ALA A 96 11.11 8.15 -0.27
N ILE A 97 11.86 7.68 -1.26
CA ILE A 97 12.94 6.73 -1.04
C ILE A 97 14.25 7.47 -0.86
N TYR A 98 14.66 7.68 0.38
CA TYR A 98 15.94 8.30 0.66
C TYR A 98 17.03 7.26 0.49
N PHE A 99 17.76 7.39 -0.61
CA PHE A 99 18.77 6.42 -1.02
C PHE A 99 20.15 6.85 -0.55
N ASN A 100 21.12 5.94 -0.63
CA ASN A 100 22.50 6.23 -0.30
C ASN A 100 23.42 5.65 -1.36
N LYS A 101 24.48 6.42 -1.63
CA LYS A 101 25.46 6.12 -2.68
C LYS A 101 26.17 4.79 -2.44
N ASN A 102 25.85 4.16 -1.31
CA ASN A 102 26.25 2.78 -1.07
C ASN A 102 25.40 1.85 -1.94
N ASP A 103 24.55 2.46 -2.77
CA ASP A 103 23.63 1.78 -3.68
C ASP A 103 22.51 1.12 -2.91
N GLN A 104 22.13 1.72 -1.78
CA GLN A 104 21.10 1.12 -0.90
C GLN A 104 20.11 2.17 -0.44
N VAL A 105 18.98 1.77 0.11
CA VAL A 105 18.03 2.73 0.68
C VAL A 105 18.34 2.94 2.18
N THR A 106 18.46 4.19 2.59
CA THR A 106 18.80 4.52 3.97
C THR A 106 17.56 4.89 4.78
N LYS A 107 16.62 5.60 4.15
CA LYS A 107 15.37 6.00 4.80
C LYS A 107 14.20 5.80 3.85
N ILE A 108 13.11 5.21 4.35
CA ILE A 108 11.91 5.02 3.55
C ILE A 108 10.75 5.77 4.17
N ALA A 109 10.26 6.79 3.49
CA ALA A 109 9.11 7.56 3.96
C ALA A 109 7.89 7.24 3.11
N ASN A 110 6.82 6.77 3.74
CA ASN A 110 5.60 6.43 3.00
C ASN A 110 4.36 6.80 3.79
N TYR A 111 3.36 7.33 3.10
CA TYR A 111 2.05 7.53 3.71
C TYR A 111 1.25 6.22 3.63
N GLY A 112 0.92 5.67 4.79
CA GLY A 112 0.20 4.41 4.84
C GLY A 112 -0.34 4.09 6.21
N LEU A 113 -1.21 3.09 6.27
CA LEU A 113 -1.78 2.64 7.54
C LEU A 113 -1.04 1.41 8.04
N GLN A 114 -1.27 1.06 9.30
CA GLN A 114 -0.77 -0.19 9.83
C GLN A 114 -1.84 -0.86 10.69
N ASP A 115 -2.49 -1.87 10.11
CA ASP A 115 -3.45 -2.70 10.82
C ASP A 115 -4.54 -1.87 11.50
N GLY A 116 -4.98 -0.81 10.82
CA GLY A 116 -6.02 0.03 11.37
C GLY A 116 -6.16 1.35 10.63
N GLN A 117 -5.37 2.33 11.03
CA GLN A 117 -5.46 3.67 10.45
C GLN A 117 -4.09 4.15 10.01
N VAL A 118 -4.07 5.27 9.31
CA VAL A 118 -2.83 5.84 8.78
C VAL A 118 -1.87 6.22 9.91
N PHE A 119 -0.64 5.70 9.82
CA PHE A 119 0.40 6.02 10.80
C PHE A 119 1.71 6.29 10.08
N ASP A 120 2.26 7.48 10.32
CA ASP A 120 3.53 7.87 9.72
C ASP A 120 4.69 7.35 10.55
N PHE A 121 5.20 6.19 10.16
CA PHE A 121 6.36 5.59 10.82
C PHE A 121 7.55 6.55 10.81
N ILE A 122 7.64 7.33 9.74
CA ILE A 122 8.75 8.25 9.53
C ILE A 122 8.51 9.57 10.24
N ALA A 123 7.34 10.16 10.03
CA ALA A 123 7.00 11.44 10.65
C ALA A 123 6.54 11.27 12.10
N GLN A 124 6.57 10.02 12.57
CA GLN A 124 6.22 9.65 13.96
C GLN A 124 4.92 10.31 14.41
N THR A 125 3.99 10.44 13.48
CA THR A 125 2.71 11.09 13.76
C THR A 125 1.56 10.13 13.44
N THR A 126 0.36 10.49 13.87
CA THR A 126 -0.82 9.68 13.61
C THR A 126 -2.03 10.57 13.33
N PRO A 127 -2.27 10.90 12.05
CA PRO A 127 -3.43 11.70 11.64
C PRO A 127 -4.73 10.89 11.71
N THR A 128 -5.85 11.59 11.58
CA THR A 128 -7.16 10.97 11.66
C THR A 128 -8.07 11.47 10.52
N ALA A 129 -9.00 10.61 10.11
CA ALA A 129 -9.97 10.94 9.06
C ALA A 129 -11.25 10.14 9.27
N THR A 130 -12.35 10.64 8.72
CA THR A 130 -13.64 9.96 8.81
C THR A 130 -13.64 8.73 7.89
N LYS A 131 -13.70 7.55 8.50
CA LYS A 131 -13.50 6.28 7.80
C LYS A 131 -14.64 5.93 6.84
N GLU A 132 -15.80 6.55 7.02
CA GLU A 132 -17.00 6.21 6.25
C GLU A 132 -16.68 5.99 4.76
N GLN A 133 -16.20 7.03 4.10
CA GLN A 133 -15.92 6.98 2.67
C GLN A 133 -14.58 6.28 2.37
N PRO A 134 -13.46 6.80 2.91
CA PRO A 134 -12.12 6.40 2.50
C PRO A 134 -11.58 5.18 3.22
N LEU A 135 -12.30 4.09 3.18
CA LEU A 135 -12.15 3.12 4.24
C LEU A 135 -10.83 2.36 4.25
N LEU A 136 -10.59 1.52 3.25
CA LEU A 136 -9.35 0.70 3.32
C LEU A 136 -8.06 1.45 2.96
N ILE A 137 -7.97 1.89 1.70
CA ILE A 137 -6.84 2.70 1.22
C ILE A 137 -6.91 4.17 1.55
N GLN A 138 -8.02 4.76 1.11
CA GLN A 138 -8.18 6.20 0.98
C GLN A 138 -7.79 6.92 2.28
N ILE A 139 -7.97 6.23 3.38
CA ILE A 139 -7.60 6.73 4.69
C ILE A 139 -6.13 7.18 4.72
N ILE A 140 -5.25 6.38 4.12
CA ILE A 140 -3.82 6.72 4.07
C ILE A 140 -3.58 7.88 3.11
N LYS A 141 -4.46 7.99 2.12
CA LYS A 141 -4.39 9.07 1.13
C LYS A 141 -4.84 10.38 1.75
N GLY A 142 -5.66 10.26 2.80
CA GLY A 142 -6.17 11.42 3.51
C GLY A 142 -5.11 12.49 3.76
N PRO A 143 -4.05 12.17 4.56
CA PRO A 143 -2.97 13.11 4.84
C PRO A 143 -1.87 13.07 3.75
N ALA A 144 -2.02 12.19 2.76
CA ALA A 144 -1.01 12.02 1.73
C ALA A 144 -1.09 13.14 0.68
N ASN A 145 -0.58 14.30 1.04
CA ASN A 145 -0.48 15.43 0.12
C ASN A 145 0.99 15.75 -0.10
N LEU A 146 1.38 15.80 -1.37
CA LEU A 146 2.77 16.06 -1.75
C LEU A 146 3.28 17.38 -1.15
N PRO A 147 4.53 17.38 -0.65
CA PRO A 147 5.19 18.58 -0.11
C PRO A 147 5.06 19.79 -1.04
N MET A 1 -74.17 -51.38 55.54
CA MET A 1 -72.90 -51.92 56.06
C MET A 1 -71.72 -51.19 55.43
N ALA A 2 -70.66 -50.97 56.19
CA ALA A 2 -69.52 -50.22 55.69
C ALA A 2 -68.24 -50.62 56.41
N HIS A 3 -67.20 -50.90 55.63
CA HIS A 3 -65.88 -51.23 56.17
C HIS A 3 -64.79 -50.71 55.24
N HIS A 4 -64.35 -49.48 55.51
CA HIS A 4 -63.42 -48.76 54.64
C HIS A 4 -62.25 -48.20 55.45
N HIS A 5 -61.03 -48.43 54.98
CA HIS A 5 -59.83 -47.94 55.65
C HIS A 5 -59.69 -46.44 55.47
N HIS A 6 -58.65 -45.86 56.07
CA HIS A 6 -58.36 -44.44 55.96
C HIS A 6 -56.88 -44.18 56.12
N HIS A 7 -56.39 -43.10 55.53
CA HIS A 7 -54.99 -42.72 55.64
C HIS A 7 -54.80 -41.29 55.14
N HIS A 8 -54.26 -40.44 56.00
CA HIS A 8 -53.98 -39.07 55.65
C HIS A 8 -52.77 -38.56 56.44
N MET A 9 -51.61 -38.61 55.79
CA MET A 9 -50.37 -38.14 56.40
C MET A 9 -49.55 -37.40 55.35
N GLY A 10 -48.81 -36.38 55.78
CA GLY A 10 -48.00 -35.59 54.86
C GLY A 10 -46.52 -35.74 55.14
N THR A 11 -45.72 -35.50 54.11
CA THR A 11 -44.26 -35.55 54.22
C THR A 11 -43.69 -34.13 54.24
N LEU A 12 -42.40 -34.02 54.54
CA LEU A 12 -41.74 -32.72 54.58
C LEU A 12 -40.32 -32.83 54.02
N GLU A 13 -40.03 -32.03 53.02
CA GLU A 13 -38.73 -32.02 52.35
C GLU A 13 -38.47 -30.64 51.76
N ALA A 14 -37.58 -29.88 52.39
CA ALA A 14 -37.33 -28.50 51.99
C ALA A 14 -35.84 -28.17 52.01
N GLN A 15 -35.31 -27.80 50.84
CA GLN A 15 -33.92 -27.36 50.70
C GLN A 15 -33.65 -27.04 49.23
N THR A 16 -32.80 -26.05 49.00
CA THR A 16 -32.44 -25.63 47.65
C THR A 16 -31.19 -24.76 47.68
N GLN A 17 -30.51 -24.65 46.55
CA GLN A 17 -29.28 -23.88 46.43
C GLN A 17 -29.41 -22.80 45.36
N GLY A 18 -28.47 -21.87 45.34
CA GLY A 18 -28.49 -20.79 44.38
C GLY A 18 -27.13 -20.13 44.22
N PRO A 19 -26.26 -20.65 43.32
CA PRO A 19 -24.94 -20.08 43.08
C PRO A 19 -25.00 -18.76 42.28
N GLY A 20 -23.85 -18.19 41.99
CA GLY A 20 -23.79 -16.93 41.27
C GLY A 20 -22.42 -16.64 40.71
N SER A 21 -22.38 -16.17 39.46
CA SER A 21 -21.13 -15.84 38.77
C SER A 21 -21.43 -15.28 37.38
N MET A 22 -20.47 -14.58 36.79
CA MET A 22 -20.63 -14.02 35.45
C MET A 22 -19.28 -13.70 34.83
N SER A 23 -19.22 -13.67 33.50
CA SER A 23 -18.00 -13.37 32.78
C SER A 23 -18.30 -12.63 31.47
N SER A 24 -17.34 -11.85 31.00
CA SER A 24 -17.48 -11.12 29.75
C SER A 24 -16.11 -10.71 29.21
N GLY A 25 -15.76 -11.22 28.04
CA GLY A 25 -14.48 -10.91 27.44
C GLY A 25 -14.20 -11.80 26.24
N SER A 26 -14.60 -11.33 25.06
CA SER A 26 -14.41 -12.11 23.84
C SER A 26 -14.23 -11.16 22.65
N SER A 27 -13.20 -11.39 21.86
CA SER A 27 -12.85 -10.52 20.75
C SER A 27 -12.88 -11.28 19.41
N GLN A 28 -13.72 -10.81 18.49
CA GLN A 28 -13.77 -11.36 17.14
C GLN A 28 -13.37 -10.29 16.13
N ILE A 29 -12.12 -10.36 15.69
CA ILE A 29 -11.55 -9.35 14.80
C ILE A 29 -11.49 -9.86 13.36
N TYR A 30 -11.78 -8.98 12.41
CA TYR A 30 -11.65 -9.28 10.99
C TYR A 30 -10.56 -8.40 10.39
N LYS A 31 -9.69 -9.01 9.59
CA LYS A 31 -8.49 -8.34 9.10
C LYS A 31 -8.08 -8.88 7.73
N GLU A 32 -8.44 -8.14 6.68
CA GLU A 32 -8.04 -8.47 5.31
C GLU A 32 -8.24 -7.27 4.38
N GLY A 33 -7.52 -7.24 3.28
CA GLY A 33 -7.59 -6.14 2.33
C GLY A 33 -7.23 -6.58 0.93
N TYR A 34 -7.83 -5.94 -0.07
CA TYR A 34 -7.59 -6.27 -1.48
C TYR A 34 -7.61 -5.00 -2.34
N ILE A 35 -6.43 -4.42 -2.53
CA ILE A 35 -6.27 -3.20 -3.32
C ILE A 35 -4.77 -2.96 -3.50
N LEU A 36 -4.34 -1.74 -3.83
CA LEU A 36 -2.92 -1.41 -3.78
C LEU A 36 -2.51 -1.22 -2.33
N ASP A 37 -2.63 -2.32 -1.57
CA ASP A 37 -2.46 -2.32 -0.13
C ASP A 37 -1.13 -1.68 0.27
N LYS A 38 -1.21 -0.60 1.05
CA LYS A 38 -0.04 0.13 1.49
C LYS A 38 0.89 -0.78 2.28
N ASN A 39 0.33 -1.56 3.20
CA ASN A 39 1.12 -2.47 4.04
C ASN A 39 1.90 -3.45 3.19
N ALA A 40 1.31 -3.82 2.06
CA ALA A 40 1.93 -4.76 1.15
C ALA A 40 3.24 -4.19 0.59
N LEU A 41 3.28 -2.87 0.43
CA LEU A 41 4.47 -2.19 -0.07
C LEU A 41 5.56 -2.13 1.00
N ASP A 42 5.16 -2.24 2.26
CA ASP A 42 6.07 -2.19 3.40
C ASP A 42 6.98 -3.42 3.45
N SER A 43 6.81 -4.33 2.50
CA SER A 43 7.61 -5.55 2.44
C SER A 43 9.09 -5.24 2.20
N ILE A 44 9.38 -4.08 1.61
CA ILE A 44 10.77 -3.67 1.40
C ILE A 44 11.39 -3.17 2.70
N SER A 45 12.60 -3.63 2.99
CA SER A 45 13.28 -3.28 4.23
C SER A 45 14.52 -2.45 3.96
N ILE A 46 14.92 -1.66 4.95
CA ILE A 46 16.12 -0.85 4.86
C ILE A 46 17.30 -1.73 4.44
N GLY A 47 18.08 -1.24 3.49
CA GLY A 47 19.16 -2.03 2.93
C GLY A 47 18.85 -2.51 1.52
N SER A 48 17.58 -2.79 1.23
CA SER A 48 17.19 -3.33 -0.07
C SER A 48 17.70 -2.46 -1.23
N SER A 49 18.15 -3.09 -2.30
CA SER A 49 18.73 -2.39 -3.43
C SER A 49 17.67 -1.62 -4.22
N GLN A 50 18.10 -0.56 -4.90
CA GLN A 50 17.21 0.27 -5.72
C GLN A 50 16.40 -0.60 -6.66
N GLU A 51 17.08 -1.55 -7.29
CA GLU A 51 16.43 -2.48 -8.21
C GLU A 51 15.31 -3.24 -7.51
N GLN A 52 15.53 -3.57 -6.24
CA GLN A 52 14.56 -4.37 -5.50
C GLN A 52 13.33 -3.52 -5.18
N VAL A 53 13.56 -2.35 -4.60
CA VAL A 53 12.47 -1.47 -4.22
C VAL A 53 11.63 -1.05 -5.43
N ILE A 54 12.29 -0.76 -6.55
CA ILE A 54 11.58 -0.37 -7.77
C ILE A 54 10.87 -1.56 -8.38
N LEU A 55 11.49 -2.74 -8.32
CA LEU A 55 10.88 -3.96 -8.87
C LEU A 55 9.60 -4.30 -8.10
N ALA A 56 9.64 -4.05 -6.80
CA ALA A 56 8.52 -4.39 -5.92
C ALA A 56 7.41 -3.34 -6.00
N LEU A 57 7.78 -2.06 -5.85
CA LEU A 57 6.80 -0.97 -5.78
C LEU A 57 6.57 -0.31 -7.14
N GLY A 58 7.65 -0.11 -7.89
CA GLY A 58 7.58 0.65 -9.13
C GLY A 58 8.72 1.65 -9.24
N THR A 59 8.98 2.11 -10.45
CA THR A 59 10.05 3.07 -10.70
C THR A 59 9.62 4.47 -10.27
N PRO A 60 10.59 5.33 -9.86
CA PRO A 60 10.28 6.70 -9.39
C PRO A 60 9.82 7.62 -10.51
N SER A 61 9.27 8.76 -10.13
CA SER A 61 8.83 9.78 -11.09
C SER A 61 9.79 10.97 -11.06
N LEU A 62 10.14 11.39 -9.84
CA LEU A 62 11.06 12.51 -9.65
C LEU A 62 12.26 12.05 -8.83
N LYS A 63 13.46 12.43 -9.26
CA LYS A 63 14.69 12.04 -8.59
C LYS A 63 15.46 13.29 -8.17
N THR A 64 15.95 13.31 -6.93
CA THR A 64 16.71 14.46 -6.46
C THR A 64 17.80 14.04 -5.47
N LYS A 65 18.90 14.79 -5.47
CA LYS A 65 20.00 14.49 -4.57
C LYS A 65 20.29 15.68 -3.65
N TYR A 66 19.94 15.48 -2.40
CA TYR A 66 20.39 16.27 -1.27
C TYR A 66 21.24 15.32 -0.45
N ASP A 67 22.10 15.81 0.43
CA ASP A 67 23.18 14.98 1.02
C ASP A 67 22.71 13.57 1.45
N ASN A 68 21.39 13.38 1.57
CA ASN A 68 20.80 12.05 1.56
C ASN A 68 19.90 11.93 0.32
N GLU A 69 20.27 11.06 -0.62
CA GLU A 69 19.66 11.04 -1.95
C GLU A 69 18.29 10.36 -1.92
N VAL A 70 17.32 10.89 -2.69
CA VAL A 70 15.97 10.36 -2.64
C VAL A 70 15.29 10.31 -4.02
N PHE A 71 14.43 9.29 -4.20
CA PHE A 71 13.61 9.13 -5.39
C PHE A 71 12.13 9.14 -5.01
N TYR A 72 11.39 10.14 -5.48
CA TYR A 72 9.96 10.26 -5.18
C TYR A 72 9.10 9.66 -6.29
N TYR A 73 8.10 8.86 -5.93
CA TYR A 73 7.07 8.45 -6.88
C TYR A 73 5.68 8.73 -6.33
N ILE A 74 4.81 9.17 -7.23
CA ILE A 74 3.46 9.61 -6.89
C ILE A 74 2.43 8.80 -7.65
N SER A 75 1.43 8.33 -6.93
CA SER A 75 0.34 7.56 -7.53
C SER A 75 -0.60 8.49 -8.31
N GLN A 76 -0.26 8.74 -9.56
CA GLN A 76 -1.12 9.52 -10.45
C GLN A 76 -1.99 8.57 -11.29
N THR A 77 -1.93 7.29 -10.94
CA THR A 77 -2.61 6.23 -11.66
C THR A 77 -4.13 6.46 -11.70
N ARG A 78 -4.61 6.98 -12.82
CA ARG A 78 -6.04 7.16 -13.05
C ARG A 78 -6.46 6.37 -14.28
N TYR A 79 -7.46 5.52 -14.13
CA TYR A 79 -8.00 4.76 -15.26
C TYR A 79 -9.16 5.52 -15.91
N ARG A 80 -9.82 4.88 -16.86
CA ARG A 80 -10.89 5.53 -17.63
C ARG A 80 -12.13 5.70 -16.76
N GLY A 81 -12.25 6.87 -16.15
CA GLY A 81 -13.39 7.18 -15.31
C GLY A 81 -13.15 8.41 -14.44
N MET A 82 -13.51 9.57 -14.98
CA MET A 82 -13.36 10.85 -14.25
C MET A 82 -14.51 11.03 -13.26
N GLN A 83 -14.72 10.03 -12.42
CA GLN A 83 -15.84 10.00 -11.50
C GLN A 83 -15.56 10.89 -10.28
N PHE A 84 -15.87 12.17 -10.42
CA PHE A 84 -15.63 13.16 -9.37
C PHE A 84 -16.22 12.69 -8.03
N MET A 85 -15.32 12.48 -7.06
CA MET A 85 -15.66 12.15 -5.66
C MET A 85 -16.19 10.72 -5.51
N LYS A 86 -16.90 10.21 -6.52
CA LYS A 86 -17.51 8.89 -6.46
C LYS A 86 -16.45 7.80 -6.39
N THR A 87 -15.43 7.91 -7.24
CA THR A 87 -14.29 7.01 -7.16
C THR A 87 -13.25 7.56 -6.20
N LYS A 88 -13.47 7.33 -4.92
CA LYS A 88 -12.61 7.84 -3.87
C LYS A 88 -11.38 6.94 -3.70
N ILE A 89 -11.60 5.65 -3.96
CA ILE A 89 -10.60 4.62 -3.72
C ILE A 89 -9.43 4.71 -4.72
N ILE A 90 -9.54 5.60 -5.71
CA ILE A 90 -8.47 5.82 -6.69
C ILE A 90 -7.17 6.10 -5.96
N ASP A 91 -6.26 5.13 -6.00
CA ASP A 91 -5.01 5.20 -5.25
C ASP A 91 -4.16 6.39 -5.70
N ARG A 92 -3.96 7.32 -4.77
CA ARG A 92 -3.13 8.51 -4.99
C ARG A 92 -2.38 8.85 -3.72
N LYS A 93 -1.21 8.23 -3.54
CA LYS A 93 -0.36 8.46 -2.38
C LYS A 93 1.05 8.82 -2.83
N VAL A 94 1.92 9.13 -1.86
CA VAL A 94 3.29 9.55 -2.16
C VAL A 94 4.30 8.65 -1.45
N LEU A 95 5.36 8.26 -2.17
CA LEU A 95 6.45 7.49 -1.58
C LEU A 95 7.79 8.02 -2.07
N ALA A 96 8.79 7.90 -1.21
CA ALA A 96 10.12 8.41 -1.50
C ALA A 96 11.19 7.47 -0.95
N ILE A 97 11.98 6.90 -1.84
CA ILE A 97 13.06 5.99 -1.47
C ILE A 97 14.34 6.76 -1.22
N TYR A 98 14.71 6.90 0.05
CA TYR A 98 15.98 7.55 0.41
C TYR A 98 17.12 6.55 0.28
N PHE A 99 17.90 6.74 -0.77
CA PHE A 99 18.97 5.84 -1.19
C PHE A 99 20.32 6.38 -0.75
N ASN A 100 21.35 5.54 -0.75
CA ASN A 100 22.69 5.96 -0.35
C ASN A 100 23.76 5.31 -1.21
N LYS A 101 24.85 6.07 -1.38
CA LYS A 101 25.96 5.75 -2.27
C LYS A 101 26.59 4.39 -1.95
N ASN A 102 26.13 3.77 -0.87
CA ASN A 102 26.56 2.41 -0.53
C ASN A 102 25.76 1.40 -1.38
N ASP A 103 25.04 1.91 -2.38
CA ASP A 103 24.17 1.12 -3.23
C ASP A 103 23.03 0.56 -2.41
N GLN A 104 22.62 1.31 -1.38
CA GLN A 104 21.65 0.81 -0.40
C GLN A 104 20.51 1.78 -0.23
N VAL A 105 19.39 1.33 0.33
CA VAL A 105 18.34 2.23 0.75
C VAL A 105 18.48 2.50 2.26
N THR A 106 18.66 3.77 2.61
CA THR A 106 18.88 4.15 3.99
C THR A 106 17.56 4.44 4.70
N LYS A 107 16.62 5.06 3.99
CA LYS A 107 15.31 5.38 4.57
C LYS A 107 14.21 5.20 3.53
N ILE A 108 13.04 4.76 3.98
CA ILE A 108 11.90 4.55 3.10
C ILE A 108 10.73 5.41 3.56
N ALA A 109 10.36 6.39 2.73
CA ALA A 109 9.25 7.28 3.03
C ALA A 109 7.99 6.80 2.33
N ASN A 110 6.95 6.59 3.12
CA ASN A 110 5.69 6.09 2.60
C ASN A 110 4.52 6.76 3.30
N TYR A 111 3.61 7.36 2.52
CA TYR A 111 2.39 7.93 3.07
C TYR A 111 1.35 6.83 3.22
N GLY A 112 0.93 6.55 4.46
CA GLY A 112 -0.05 5.51 4.69
C GLY A 112 -0.11 5.00 6.12
N LEU A 113 -0.77 3.85 6.31
CA LEU A 113 -0.97 3.25 7.63
C LEU A 113 -0.01 2.10 7.85
N GLN A 114 0.11 1.65 9.10
CA GLN A 114 0.84 0.42 9.41
C GLN A 114 -0.09 -0.55 10.14
N ASP A 115 -0.59 -1.53 9.38
CA ASP A 115 -1.44 -2.61 9.91
C ASP A 115 -2.46 -2.11 10.94
N GLY A 116 -2.92 -0.87 10.78
CA GLY A 116 -3.84 -0.30 11.74
C GLY A 116 -4.29 1.10 11.35
N GLN A 117 -3.53 2.12 11.78
CA GLN A 117 -3.91 3.50 11.54
C GLN A 117 -2.82 4.21 10.74
N VAL A 118 -3.18 5.34 10.14
CA VAL A 118 -2.25 6.10 9.31
C VAL A 118 -1.10 6.66 10.16
N PHE A 119 0.12 6.25 9.83
CA PHE A 119 1.31 6.69 10.54
C PHE A 119 2.47 6.82 9.56
N ASP A 120 3.04 8.02 9.48
CA ASP A 120 4.15 8.28 8.58
C ASP A 120 5.46 8.13 9.34
N PHE A 121 6.14 7.01 9.13
CA PHE A 121 7.35 6.65 9.88
C PHE A 121 8.40 7.76 9.81
N ILE A 122 8.67 8.23 8.59
CA ILE A 122 9.68 9.24 8.35
C ILE A 122 9.27 10.59 8.93
N ALA A 123 7.96 10.84 8.92
CA ALA A 123 7.44 12.09 9.47
C ALA A 123 7.25 11.98 10.98
N GLN A 124 7.20 10.74 11.47
CA GLN A 124 6.98 10.45 12.90
C GLN A 124 5.62 10.96 13.37
N THR A 125 4.75 11.28 12.43
CA THR A 125 3.47 11.89 12.74
C THR A 125 2.34 10.85 12.68
N THR A 126 1.17 11.24 13.14
CA THR A 126 -0.02 10.40 13.05
C THR A 126 -1.23 11.29 12.75
N PRO A 127 -1.65 11.33 11.47
CA PRO A 127 -2.80 12.12 11.03
C PRO A 127 -4.12 11.55 11.54
N THR A 128 -5.17 12.37 11.48
CA THR A 128 -6.50 11.95 11.89
C THR A 128 -7.50 12.11 10.75
N ALA A 129 -8.54 11.28 10.74
CA ALA A 129 -9.59 11.35 9.73
C ALA A 129 -10.84 10.60 10.19
N THR A 130 -11.98 10.88 9.56
CA THR A 130 -13.23 10.21 9.88
C THR A 130 -13.24 8.80 9.30
N LYS A 131 -13.44 7.80 10.14
CA LYS A 131 -13.46 6.41 9.71
C LYS A 131 -14.69 6.06 8.88
N GLU A 132 -15.77 6.80 9.11
CA GLU A 132 -17.08 6.46 8.55
C GLU A 132 -17.00 6.16 7.05
N GLN A 133 -16.50 7.12 6.28
CA GLN A 133 -16.52 7.03 4.82
C GLN A 133 -15.38 6.15 4.26
N PRO A 134 -14.11 6.51 4.55
CA PRO A 134 -12.94 5.99 3.86
C PRO A 134 -12.26 4.84 4.58
N LEU A 135 -12.97 3.74 4.81
CA LEU A 135 -12.60 2.90 5.93
C LEU A 135 -11.26 2.16 5.77
N LEU A 136 -11.15 1.23 4.82
CA LEU A 136 -9.92 0.42 4.81
C LEU A 136 -8.66 1.10 4.23
N ILE A 137 -8.69 1.43 2.93
CA ILE A 137 -7.62 2.21 2.28
C ILE A 137 -7.75 3.70 2.49
N GLN A 138 -8.93 4.17 2.12
CA GLN A 138 -9.22 5.56 1.84
C GLN A 138 -8.74 6.47 2.97
N ILE A 139 -8.74 5.92 4.17
CA ILE A 139 -8.29 6.62 5.36
C ILE A 139 -6.87 7.21 5.16
N ILE A 140 -6.00 6.46 4.50
CA ILE A 140 -4.65 6.97 4.20
C ILE A 140 -4.69 7.83 2.94
N LYS A 141 -5.61 7.48 2.04
CA LYS A 141 -5.81 8.24 0.81
C LYS A 141 -6.21 9.68 1.12
N GLY A 142 -6.91 9.85 2.25
CA GLY A 142 -7.31 11.16 2.70
C GLY A 142 -6.15 12.15 2.82
N PRO A 143 -5.28 11.98 3.83
CA PRO A 143 -4.12 12.88 4.06
C PRO A 143 -3.04 12.73 2.99
N ALA A 144 -3.15 11.68 2.16
CA ALA A 144 -2.17 11.42 1.10
C ALA A 144 -2.27 12.45 -0.03
N ASN A 145 -3.08 13.49 0.18
CA ASN A 145 -3.18 14.59 -0.78
C ASN A 145 -1.81 15.17 -1.09
N LEU A 146 -1.29 14.81 -2.25
CA LEU A 146 0.03 15.25 -2.70
C LEU A 146 0.13 16.77 -2.86
N PRO A 147 1.36 17.33 -2.78
CA PRO A 147 1.60 18.76 -3.01
C PRO A 147 1.20 19.19 -4.43
N MET A 1 -62.81 -86.79 28.87
CA MET A 1 -61.96 -86.88 27.66
C MET A 1 -60.66 -86.12 27.87
N ALA A 2 -59.62 -86.49 27.12
CA ALA A 2 -58.29 -85.91 27.26
C ALA A 2 -58.14 -84.68 26.37
N HIS A 3 -56.94 -84.12 26.34
CA HIS A 3 -56.61 -82.98 25.49
C HIS A 3 -55.40 -83.30 24.63
N HIS A 4 -55.63 -83.52 23.34
CA HIS A 4 -54.56 -83.86 22.41
C HIS A 4 -53.88 -82.60 21.88
N HIS A 5 -52.92 -82.10 22.64
CA HIS A 5 -52.19 -80.88 22.29
C HIS A 5 -50.71 -81.20 22.08
N HIS A 6 -50.31 -81.37 20.83
CA HIS A 6 -48.95 -81.76 20.47
C HIS A 6 -48.36 -80.74 19.50
N HIS A 7 -47.31 -80.04 19.91
CA HIS A 7 -46.74 -78.95 19.10
C HIS A 7 -45.22 -79.04 19.04
N HIS A 8 -44.65 -78.44 18.00
CA HIS A 8 -43.19 -78.34 17.83
C HIS A 8 -42.91 -77.44 16.63
N MET A 9 -41.89 -76.59 16.73
CA MET A 9 -41.55 -75.65 15.66
C MET A 9 -40.15 -75.08 15.85
N GLY A 10 -39.55 -74.61 14.76
CA GLY A 10 -38.23 -74.00 14.81
C GLY A 10 -37.79 -73.47 13.46
N THR A 11 -37.04 -72.38 13.46
CA THR A 11 -36.52 -71.79 12.22
C THR A 11 -35.21 -71.06 12.50
N LEU A 12 -34.38 -70.90 11.47
CA LEU A 12 -33.08 -70.22 11.57
C LEU A 12 -32.35 -70.25 10.24
N GLU A 13 -31.97 -69.07 9.74
CA GLU A 13 -31.17 -68.92 8.53
C GLU A 13 -30.93 -67.45 8.23
N ALA A 14 -29.74 -67.12 7.71
CA ALA A 14 -29.36 -65.75 7.38
C ALA A 14 -27.92 -65.72 6.85
N GLN A 15 -27.63 -64.75 6.00
CA GLN A 15 -26.31 -64.63 5.40
C GLN A 15 -26.06 -63.18 4.95
N THR A 16 -24.79 -62.85 4.72
CA THR A 16 -24.41 -61.49 4.36
C THR A 16 -23.06 -61.49 3.62
N GLN A 17 -23.02 -60.79 2.48
CA GLN A 17 -21.81 -60.66 1.67
C GLN A 17 -22.02 -59.66 0.54
N GLY A 18 -20.93 -59.08 0.04
CA GLY A 18 -21.01 -58.14 -1.05
C GLY A 18 -19.85 -57.16 -1.09
N PRO A 19 -18.64 -57.62 -1.46
CA PRO A 19 -17.46 -56.75 -1.58
C PRO A 19 -17.53 -55.90 -2.85
N GLY A 20 -16.87 -54.75 -2.83
CA GLY A 20 -16.88 -53.86 -3.97
C GLY A 20 -16.63 -52.41 -3.56
N SER A 21 -15.50 -51.87 -3.99
CA SER A 21 -15.12 -50.49 -3.71
C SER A 21 -14.20 -49.97 -4.82
N MET A 22 -14.72 -49.05 -5.63
CA MET A 22 -13.95 -48.47 -6.73
C MET A 22 -13.77 -46.97 -6.51
N SER A 23 -12.61 -46.44 -6.90
CA SER A 23 -12.33 -45.02 -6.75
C SER A 23 -11.39 -44.55 -7.86
N SER A 24 -11.47 -43.25 -8.16
CA SER A 24 -10.65 -42.63 -9.20
C SER A 24 -10.80 -41.11 -9.14
N GLY A 25 -10.05 -40.39 -9.97
CA GLY A 25 -10.16 -38.94 -10.02
C GLY A 25 -8.84 -38.26 -10.34
N SER A 26 -8.87 -37.29 -11.25
CA SER A 26 -7.69 -36.53 -11.64
C SER A 26 -8.10 -35.30 -12.44
N SER A 27 -7.55 -34.14 -12.09
CA SER A 27 -7.83 -32.89 -12.79
C SER A 27 -6.77 -31.84 -12.45
N GLN A 28 -6.62 -30.85 -13.34
CA GLN A 28 -5.67 -29.77 -13.14
C GLN A 28 -6.26 -28.43 -13.58
N ILE A 29 -6.42 -27.53 -12.62
CA ILE A 29 -6.91 -26.18 -12.89
C ILE A 29 -5.87 -25.16 -12.44
N TYR A 30 -5.14 -24.61 -13.40
CA TYR A 30 -4.13 -23.58 -13.10
C TYR A 30 -4.81 -22.24 -12.87
N LYS A 31 -4.19 -21.40 -12.04
CA LYS A 31 -4.73 -20.09 -11.72
C LYS A 31 -3.61 -19.14 -11.33
N GLU A 32 -3.97 -17.89 -11.03
CA GLU A 32 -3.02 -16.90 -10.54
C GLU A 32 -3.69 -16.04 -9.48
N GLY A 33 -3.10 -16.02 -8.29
CA GLY A 33 -3.64 -15.23 -7.20
C GLY A 33 -3.26 -13.77 -7.30
N TYR A 34 -4.20 -12.88 -7.03
CA TYR A 34 -3.95 -11.44 -7.15
C TYR A 34 -4.78 -10.67 -6.13
N ILE A 35 -4.12 -9.72 -5.46
CA ILE A 35 -4.79 -8.85 -4.48
C ILE A 35 -3.89 -7.66 -4.14
N LEU A 36 -4.47 -6.47 -4.11
CA LEU A 36 -3.75 -5.27 -3.72
C LEU A 36 -4.06 -4.93 -2.26
N ASP A 37 -3.25 -5.46 -1.36
CA ASP A 37 -3.47 -5.31 0.08
C ASP A 37 -2.63 -4.19 0.67
N LYS A 38 -3.21 -3.48 1.61
CA LYS A 38 -2.60 -2.32 2.28
C LYS A 38 -1.18 -2.62 2.78
N ASN A 39 -0.94 -3.88 3.16
CA ASN A 39 0.36 -4.32 3.68
C ASN A 39 1.45 -4.26 2.61
N ALA A 40 1.05 -4.46 1.36
CA ALA A 40 1.99 -4.73 0.26
C ALA A 40 3.10 -3.67 0.16
N LEU A 41 2.79 -2.43 0.51
CA LEU A 41 3.76 -1.33 0.44
C LEU A 41 5.04 -1.67 1.23
N ASP A 42 4.90 -2.54 2.22
CA ASP A 42 6.02 -2.97 3.08
C ASP A 42 6.87 -4.06 2.39
N SER A 43 6.72 -4.16 1.07
CA SER A 43 7.50 -5.12 0.28
C SER A 43 8.98 -4.72 0.21
N ILE A 44 9.27 -3.49 0.63
CA ILE A 44 10.64 -2.99 0.64
C ILE A 44 11.12 -2.78 2.07
N SER A 45 12.43 -2.84 2.28
CA SER A 45 13.01 -2.68 3.61
C SER A 45 14.33 -1.91 3.52
N ILE A 46 14.80 -1.41 4.65
CA ILE A 46 16.07 -0.70 4.70
C ILE A 46 17.19 -1.56 4.11
N GLY A 47 17.90 -1.02 3.14
CA GLY A 47 18.97 -1.74 2.48
C GLY A 47 18.59 -2.12 1.07
N SER A 48 17.29 -2.27 0.83
CA SER A 48 16.79 -2.67 -0.49
C SER A 48 17.33 -1.76 -1.59
N SER A 49 17.95 -2.37 -2.59
CA SER A 49 18.53 -1.65 -3.70
C SER A 49 17.45 -1.01 -4.57
N GLN A 50 17.86 0.01 -5.35
CA GLN A 50 16.93 0.74 -6.21
C GLN A 50 16.13 -0.22 -7.07
N GLU A 51 16.82 -1.22 -7.61
CA GLU A 51 16.17 -2.23 -8.46
C GLU A 51 15.08 -2.97 -7.67
N GLN A 52 15.34 -3.18 -6.39
CA GLN A 52 14.40 -3.91 -5.55
C GLN A 52 13.15 -3.07 -5.30
N VAL A 53 13.36 -1.81 -4.93
CA VAL A 53 12.23 -0.92 -4.64
C VAL A 53 11.39 -0.67 -5.88
N ILE A 54 12.03 -0.49 -7.03
CA ILE A 54 11.30 -0.32 -8.30
C ILE A 54 10.61 -1.61 -8.70
N LEU A 55 11.26 -2.75 -8.43
CA LEU A 55 10.71 -4.06 -8.73
C LEU A 55 9.44 -4.28 -7.93
N ALA A 56 9.44 -3.80 -6.69
CA ALA A 56 8.33 -4.00 -5.78
C ALA A 56 7.16 -3.07 -6.09
N LEU A 57 7.43 -1.77 -6.21
CA LEU A 57 6.36 -0.77 -6.34
C LEU A 57 6.24 -0.22 -7.76
N GLY A 58 7.35 -0.14 -8.48
CA GLY A 58 7.38 0.51 -9.77
C GLY A 58 8.39 1.64 -9.81
N THR A 59 8.51 2.26 -10.97
CA THR A 59 9.46 3.34 -11.17
C THR A 59 9.00 4.63 -10.47
N PRO A 60 9.93 5.34 -9.79
CA PRO A 60 9.62 6.60 -9.10
C PRO A 60 9.39 7.74 -10.09
N SER A 61 8.33 8.50 -9.89
CA SER A 61 7.95 9.58 -10.79
C SER A 61 8.99 10.70 -10.79
N LEU A 62 9.54 11.00 -9.61
CA LEU A 62 10.53 12.06 -9.46
C LEU A 62 11.82 11.49 -8.89
N LYS A 63 12.91 12.23 -9.05
CA LYS A 63 14.23 11.78 -8.62
C LYS A 63 15.17 12.98 -8.47
N THR A 64 15.88 13.05 -7.35
CA THR A 64 16.78 14.17 -7.09
C THR A 64 18.00 13.69 -6.29
N LYS A 65 19.18 14.24 -6.61
CA LYS A 65 20.40 13.76 -5.99
C LYS A 65 21.10 14.87 -5.18
N TYR A 66 21.03 14.69 -3.89
CA TYR A 66 21.87 15.40 -2.92
C TYR A 66 22.68 14.31 -2.24
N ASP A 67 23.81 14.65 -1.60
CA ASP A 67 24.79 13.63 -1.17
C ASP A 67 24.13 12.42 -0.48
N ASN A 68 22.89 12.57 -0.04
CA ASN A 68 22.02 11.43 0.28
C ASN A 68 20.90 11.37 -0.77
N GLU A 69 21.16 10.66 -1.87
CA GLU A 69 20.29 10.68 -3.05
C GLU A 69 18.90 10.13 -2.71
N VAL A 70 17.86 10.72 -3.29
CA VAL A 70 16.49 10.33 -2.94
C VAL A 70 15.57 10.26 -4.16
N PHE A 71 14.72 9.24 -4.18
CA PHE A 71 13.75 9.04 -5.24
C PHE A 71 12.34 9.31 -4.71
N TYR A 72 11.48 9.91 -5.52
CA TYR A 72 10.10 10.19 -5.13
C TYR A 72 9.12 9.36 -5.94
N TYR A 73 8.42 8.47 -5.26
CA TYR A 73 7.44 7.59 -5.88
C TYR A 73 6.03 8.04 -5.53
N ILE A 74 5.33 8.59 -6.52
CA ILE A 74 3.93 8.98 -6.35
C ILE A 74 3.10 8.31 -7.45
N SER A 75 2.03 7.63 -7.05
CA SER A 75 1.18 6.93 -8.00
C SER A 75 0.32 7.93 -8.78
N GLN A 76 0.64 8.08 -10.06
CA GLN A 76 -0.10 8.95 -10.95
C GLN A 76 0.04 8.41 -12.38
N THR A 77 -1.06 7.93 -12.94
CA THR A 77 -1.05 7.24 -14.22
C THR A 77 -0.75 8.19 -15.39
N ARG A 78 0.54 8.53 -15.55
CA ARG A 78 1.05 9.32 -16.69
C ARG A 78 0.53 10.76 -16.67
N TYR A 79 -0.77 10.94 -16.82
CA TYR A 79 -1.38 12.27 -16.80
C TYR A 79 -1.14 12.96 -15.46
N ARG A 80 -0.63 14.18 -15.51
CA ARG A 80 -0.36 14.95 -14.31
C ARG A 80 -1.54 15.83 -13.94
N GLY A 81 -1.90 15.82 -12.65
CA GLY A 81 -3.01 16.63 -12.17
C GLY A 81 -4.23 15.80 -11.88
N MET A 82 -5.41 16.42 -11.92
CA MET A 82 -6.67 15.72 -11.68
C MET A 82 -7.58 15.84 -12.89
N GLN A 83 -8.26 14.74 -13.22
CA GLN A 83 -9.21 14.70 -14.33
C GLN A 83 -10.16 13.53 -14.16
N PHE A 84 -11.25 13.76 -13.41
CA PHE A 84 -12.29 12.76 -13.17
C PHE A 84 -11.74 11.49 -12.49
N MET A 85 -10.51 11.58 -11.99
CA MET A 85 -9.85 10.43 -11.38
C MET A 85 -10.29 10.28 -9.92
N LYS A 86 -11.43 9.61 -9.75
CA LYS A 86 -11.98 9.36 -8.41
C LYS A 86 -11.70 7.92 -7.99
N THR A 87 -10.48 7.46 -8.30
CA THR A 87 -10.05 6.11 -7.94
C THR A 87 -10.04 5.94 -6.41
N LYS A 88 -10.51 4.79 -5.94
CA LYS A 88 -10.61 4.55 -4.51
C LYS A 88 -9.37 3.82 -4.00
N ILE A 89 -8.90 2.87 -4.80
CA ILE A 89 -7.84 1.98 -4.39
C ILE A 89 -6.47 2.51 -4.81
N ILE A 90 -5.60 2.71 -3.80
CA ILE A 90 -4.20 3.12 -3.98
C ILE A 90 -4.02 4.22 -5.04
N ASP A 91 -5.05 5.03 -5.24
CA ASP A 91 -5.04 6.12 -6.22
C ASP A 91 -3.82 7.01 -6.07
N ARG A 92 -3.70 7.68 -4.92
CA ARG A 92 -2.57 8.56 -4.64
C ARG A 92 -1.78 8.03 -3.46
N LYS A 93 -0.45 8.11 -3.57
CA LYS A 93 0.43 7.74 -2.47
C LYS A 93 1.76 8.45 -2.66
N VAL A 94 2.45 8.74 -1.57
CA VAL A 94 3.77 9.37 -1.61
C VAL A 94 4.77 8.52 -0.84
N LEU A 95 5.83 8.09 -1.52
CA LEU A 95 6.88 7.30 -0.90
C LEU A 95 8.23 7.78 -1.42
N ALA A 96 9.08 8.25 -0.53
CA ALA A 96 10.39 8.79 -0.91
C ALA A 96 11.51 7.90 -0.41
N ILE A 97 12.26 7.34 -1.34
CA ILE A 97 13.35 6.44 -1.03
C ILE A 97 14.63 7.22 -0.78
N TYR A 98 14.99 7.39 0.49
CA TYR A 98 16.27 8.00 0.84
C TYR A 98 17.36 6.94 0.72
N PHE A 99 18.12 7.12 -0.34
CA PHE A 99 18.99 6.10 -0.92
C PHE A 99 20.46 6.52 -0.77
N ASN A 100 21.35 5.54 -0.81
CA ASN A 100 22.78 5.81 -0.85
C ASN A 100 23.36 5.17 -2.09
N LYS A 101 24.32 5.88 -2.68
CA LYS A 101 24.90 5.54 -3.97
C LYS A 101 25.58 4.17 -3.91
N ASN A 102 25.61 3.57 -2.72
CA ASN A 102 26.08 2.19 -2.57
C ASN A 102 24.96 1.22 -2.96
N ASP A 103 23.93 1.77 -3.59
CA ASP A 103 22.76 1.04 -4.05
C ASP A 103 21.97 0.49 -2.88
N GLN A 104 21.77 1.33 -1.86
CA GLN A 104 20.97 0.93 -0.70
C GLN A 104 19.93 1.98 -0.36
N VAL A 105 18.88 1.59 0.35
CA VAL A 105 17.94 2.56 0.91
C VAL A 105 18.16 2.66 2.42
N THR A 106 18.59 3.82 2.88
CA THR A 106 18.92 4.00 4.29
C THR A 106 17.71 4.53 5.06
N LYS A 107 16.83 5.27 4.38
CA LYS A 107 15.60 5.77 5.03
C LYS A 107 14.42 5.69 4.05
N ILE A 108 13.26 5.25 4.55
CA ILE A 108 12.07 5.12 3.72
C ILE A 108 10.97 6.07 4.22
N ALA A 109 10.58 7.01 3.37
CA ALA A 109 9.49 7.93 3.67
C ALA A 109 8.20 7.41 3.05
N ASN A 110 7.12 7.37 3.82
CA ASN A 110 5.87 6.81 3.34
C ASN A 110 4.68 7.60 3.85
N TYR A 111 3.70 7.82 2.97
CA TYR A 111 2.41 8.37 3.35
C TYR A 111 1.37 7.25 3.24
N GLY A 112 0.77 6.89 4.36
CA GLY A 112 -0.16 5.76 4.38
C GLY A 112 -0.10 5.02 5.69
N LEU A 113 -0.66 3.81 5.73
CA LEU A 113 -0.67 3.03 6.96
C LEU A 113 0.58 2.18 7.07
N GLN A 114 0.86 1.72 8.29
CA GLN A 114 1.95 0.77 8.51
C GLN A 114 1.38 -0.45 9.22
N ASP A 115 1.16 -1.51 8.44
CA ASP A 115 0.62 -2.79 8.93
C ASP A 115 -0.51 -2.57 9.96
N GLY A 116 -1.35 -1.57 9.70
CA GLY A 116 -2.45 -1.27 10.60
C GLY A 116 -3.21 -0.02 10.19
N GLN A 117 -2.85 1.12 10.79
CA GLN A 117 -3.55 2.38 10.53
C GLN A 117 -2.60 3.40 9.94
N VAL A 118 -3.16 4.49 9.42
CA VAL A 118 -2.38 5.54 8.78
C VAL A 118 -1.35 6.13 9.76
N PHE A 119 -0.08 6.04 9.39
CA PHE A 119 1.01 6.56 10.20
C PHE A 119 2.11 7.11 9.30
N ASP A 120 2.44 8.38 9.48
CA ASP A 120 3.49 9.02 8.70
C ASP A 120 4.82 8.79 9.40
N PHE A 121 5.59 7.82 8.90
CA PHE A 121 6.81 7.37 9.53
C PHE A 121 7.80 8.51 9.77
N ILE A 122 8.06 9.29 8.73
CA ILE A 122 9.11 10.31 8.78
C ILE A 122 8.69 11.52 9.61
N ALA A 123 7.41 11.85 9.58
CA ALA A 123 6.89 12.94 10.42
C ALA A 123 6.64 12.43 11.84
N GLN A 124 6.55 11.10 11.98
CA GLN A 124 6.37 10.46 13.27
C GLN A 124 5.00 10.77 13.86
N THR A 125 4.04 11.10 13.00
CA THR A 125 2.70 11.44 13.46
C THR A 125 1.71 10.32 13.14
N THR A 126 0.68 10.19 13.96
CA THR A 126 -0.36 9.20 13.74
C THR A 126 -1.72 9.89 13.62
N PRO A 127 -2.15 10.22 12.39
CA PRO A 127 -3.46 10.88 12.17
C PRO A 127 -4.63 9.91 12.34
N THR A 128 -5.81 10.47 12.60
CA THR A 128 -7.03 9.68 12.74
C THR A 128 -8.19 10.38 12.04
N ALA A 129 -9.11 9.60 11.49
CA ALA A 129 -10.23 10.14 10.72
C ALA A 129 -11.50 9.35 10.99
N THR A 130 -12.62 9.84 10.45
CA THR A 130 -13.90 9.18 10.59
C THR A 130 -13.95 7.90 9.74
N LYS A 131 -14.09 6.76 10.39
CA LYS A 131 -14.05 5.45 9.72
C LYS A 131 -15.19 5.31 8.71
N GLU A 132 -16.21 6.12 8.87
CA GLU A 132 -17.41 6.03 8.03
C GLU A 132 -17.07 6.14 6.54
N GLN A 133 -16.26 7.12 6.19
CA GLN A 133 -16.04 7.46 4.78
C GLN A 133 -15.07 6.48 4.09
N PRO A 134 -13.79 6.38 4.54
CA PRO A 134 -12.74 5.67 3.82
C PRO A 134 -12.25 4.41 4.51
N LEU A 135 -13.06 3.36 4.58
CA LEU A 135 -12.80 2.38 5.63
C LEU A 135 -11.60 1.47 5.39
N LEU A 136 -11.66 0.61 4.38
CA LEU A 136 -10.61 -0.44 4.31
C LEU A 136 -9.23 0.03 3.77
N ILE A 137 -9.20 0.42 2.49
CA ILE A 137 -8.07 1.08 1.87
C ILE A 137 -8.02 2.57 2.12
N GLN A 138 -9.15 3.17 1.81
CA GLN A 138 -9.30 4.59 1.53
C GLN A 138 -8.67 5.44 2.62
N ILE A 139 -8.64 4.90 3.82
CA ILE A 139 -8.08 5.58 4.99
C ILE A 139 -6.66 6.12 4.68
N ILE A 140 -5.91 5.40 3.86
CA ILE A 140 -4.59 5.87 3.45
C ILE A 140 -4.71 6.90 2.33
N LYS A 141 -5.77 6.77 1.53
CA LYS A 141 -5.98 7.61 0.36
C LYS A 141 -6.85 8.82 0.70
N GLY A 142 -7.30 8.89 1.95
CA GLY A 142 -8.10 10.01 2.39
C GLY A 142 -7.39 11.34 2.22
N PRO A 143 -6.38 11.62 3.06
CA PRO A 143 -5.60 12.85 2.98
C PRO A 143 -4.39 12.74 2.05
N ALA A 144 -4.27 11.60 1.39
CA ALA A 144 -3.15 11.32 0.49
C ALA A 144 -3.15 12.24 -0.73
N ASN A 145 -2.61 13.44 -0.54
CA ASN A 145 -2.41 14.39 -1.63
C ASN A 145 -1.09 15.12 -1.38
N LEU A 146 -0.21 15.12 -2.38
CA LEU A 146 1.10 15.74 -2.25
C LEU A 146 0.96 17.22 -1.89
N PRO A 147 1.74 17.68 -0.88
CA PRO A 147 1.64 19.04 -0.35
C PRO A 147 1.96 20.12 -1.39
N MET A 1 -17.21 25.37 -31.85
CA MET A 1 -17.57 26.33 -30.78
C MET A 1 -18.02 25.58 -29.53
N ALA A 2 -17.87 26.22 -28.37
CA ALA A 2 -18.30 25.63 -27.11
C ALA A 2 -18.68 26.71 -26.10
N HIS A 3 -19.97 27.01 -26.02
CA HIS A 3 -20.48 27.99 -25.06
C HIS A 3 -21.28 27.29 -23.96
N HIS A 4 -20.57 26.75 -22.99
CA HIS A 4 -21.18 26.08 -21.85
C HIS A 4 -20.44 26.48 -20.58
N HIS A 5 -20.75 27.67 -20.08
CA HIS A 5 -20.04 28.24 -18.93
C HIS A 5 -20.42 27.51 -17.64
N HIS A 6 -19.43 27.19 -16.82
CA HIS A 6 -19.68 26.48 -15.56
C HIS A 6 -18.53 26.71 -14.58
N HIS A 7 -18.88 26.85 -13.30
CA HIS A 7 -17.91 26.99 -12.22
C HIS A 7 -18.49 26.41 -10.93
N HIS A 8 -17.61 26.01 -10.01
CA HIS A 8 -18.03 25.48 -8.73
C HIS A 8 -16.97 25.78 -7.68
N MET A 9 -17.05 26.98 -7.10
CA MET A 9 -16.06 27.43 -6.13
C MET A 9 -16.52 27.10 -4.70
N GLY A 10 -15.97 26.03 -4.14
CA GLY A 10 -16.33 25.62 -2.79
C GLY A 10 -15.28 24.75 -2.16
N THR A 11 -14.02 25.12 -2.34
CA THR A 11 -12.90 24.35 -1.81
C THR A 11 -12.56 24.77 -0.38
N LEU A 12 -12.06 23.83 0.42
CA LEU A 12 -11.68 24.10 1.80
C LEU A 12 -10.21 23.77 2.02
N GLU A 13 -9.36 24.77 1.87
CA GLU A 13 -7.92 24.61 2.06
C GLU A 13 -7.62 24.34 3.54
N ALA A 14 -7.56 23.06 3.91
CA ALA A 14 -7.24 22.68 5.27
C ALA A 14 -5.73 22.74 5.49
N GLN A 15 -5.20 23.96 5.49
CA GLN A 15 -3.77 24.19 5.64
C GLN A 15 -3.38 24.12 7.11
N THR A 16 -3.47 22.91 7.64
CA THR A 16 -3.11 22.62 9.02
C THR A 16 -2.15 21.42 9.07
N GLN A 17 -1.47 21.19 7.95
CA GLN A 17 -0.54 20.06 7.83
C GLN A 17 0.60 20.20 8.83
N GLY A 18 0.86 19.13 9.57
CA GLY A 18 1.93 19.13 10.55
C GLY A 18 2.27 17.73 11.03
N PRO A 19 3.56 17.48 11.35
CA PRO A 19 4.03 16.16 11.81
C PRO A 19 3.97 16.02 13.33
N GLY A 20 4.57 14.95 13.84
CA GLY A 20 4.66 14.72 15.27
C GLY A 20 6.07 14.96 15.77
N SER A 21 6.54 14.13 16.70
CA SER A 21 7.88 14.27 17.26
C SER A 21 8.42 12.92 17.75
N MET A 22 9.74 12.84 17.87
CA MET A 22 10.44 11.64 18.38
C MET A 22 10.34 10.48 17.39
N SER A 23 11.35 10.36 16.52
CA SER A 23 11.42 9.26 15.56
C SER A 23 12.29 8.13 16.09
N SER A 24 12.36 8.02 17.42
CA SER A 24 13.16 6.99 18.07
C SER A 24 12.53 5.61 17.87
N GLY A 25 12.84 4.99 16.73
CA GLY A 25 12.33 3.68 16.43
C GLY A 25 12.84 3.17 15.10
N SER A 26 12.57 1.91 14.79
CA SER A 26 13.00 1.31 13.53
C SER A 26 11.96 0.28 13.07
N SER A 27 11.70 0.25 11.76
CA SER A 27 10.73 -0.67 11.18
C SER A 27 11.21 -1.14 9.81
N GLN A 28 10.98 -2.41 9.51
CA GLN A 28 11.39 -3.01 8.24
C GLN A 28 10.87 -4.46 8.15
N ILE A 29 9.63 -4.59 7.71
CA ILE A 29 8.96 -5.89 7.63
C ILE A 29 8.74 -6.26 6.16
N TYR A 30 8.20 -7.45 5.91
CA TYR A 30 7.82 -7.87 4.56
C TYR A 30 6.86 -9.06 4.64
N LYS A 31 5.84 -9.08 3.79
CA LYS A 31 4.90 -10.20 3.74
C LYS A 31 4.04 -10.15 2.48
N GLU A 32 3.52 -8.97 2.16
CA GLU A 32 2.66 -8.81 0.98
C GLU A 32 3.30 -7.86 -0.02
N GLY A 33 3.94 -8.44 -1.03
CA GLY A 33 4.55 -7.65 -2.09
C GLY A 33 3.62 -7.51 -3.28
N TYR A 34 2.35 -7.24 -2.99
CA TYR A 34 1.32 -7.10 -4.02
C TYR A 34 0.73 -5.69 -3.96
N ILE A 35 0.88 -4.95 -5.05
CA ILE A 35 0.51 -3.52 -5.10
C ILE A 35 -1.01 -3.32 -4.92
N LEU A 36 -1.75 -4.42 -4.83
CA LEU A 36 -3.20 -4.38 -4.63
C LEU A 36 -3.54 -3.61 -3.35
N ASP A 37 -3.26 -4.22 -2.21
CA ASP A 37 -3.72 -3.73 -0.90
C ASP A 37 -2.71 -2.79 -0.26
N LYS A 38 -3.24 -1.78 0.43
CA LYS A 38 -2.42 -0.77 1.14
C LYS A 38 -1.36 -1.38 2.08
N ASN A 39 -1.47 -2.69 2.34
CA ASN A 39 -0.48 -3.41 3.15
C ASN A 39 0.90 -3.42 2.45
N ALA A 40 0.87 -3.45 1.12
CA ALA A 40 2.08 -3.61 0.29
C ALA A 40 3.18 -2.60 0.63
N LEU A 41 2.79 -1.40 1.04
CA LEU A 41 3.76 -0.31 1.30
C LEU A 41 4.78 -0.71 2.37
N ASP A 42 4.46 -1.74 3.15
CA ASP A 42 5.32 -2.20 4.24
C ASP A 42 6.39 -3.19 3.74
N SER A 43 6.18 -3.74 2.54
CA SER A 43 6.96 -4.89 2.06
C SER A 43 8.36 -4.49 1.55
N ILE A 44 8.90 -3.38 2.01
CA ILE A 44 10.27 -2.97 1.69
C ILE A 44 11.05 -2.70 2.98
N SER A 45 12.29 -3.18 3.03
CA SER A 45 13.09 -3.08 4.25
C SER A 45 14.37 -2.28 4.03
N ILE A 46 14.83 -1.63 5.10
CA ILE A 46 16.07 -0.86 5.08
C ILE A 46 17.22 -1.70 4.51
N GLY A 47 17.98 -1.10 3.61
CA GLY A 47 19.05 -1.80 2.94
C GLY A 47 18.67 -2.18 1.52
N SER A 48 17.38 -2.41 1.29
CA SER A 48 16.89 -2.90 -0.01
C SER A 48 17.36 -1.99 -1.14
N SER A 49 17.91 -2.61 -2.18
CA SER A 49 18.42 -1.90 -3.34
C SER A 49 17.29 -1.17 -4.07
N GLN A 50 17.62 -0.04 -4.70
CA GLN A 50 16.63 0.73 -5.45
C GLN A 50 15.88 -0.16 -6.41
N GLU A 51 16.62 -0.99 -7.15
CA GLU A 51 16.01 -1.93 -8.09
C GLU A 51 14.97 -2.80 -7.39
N GLN A 52 15.24 -3.16 -6.13
CA GLN A 52 14.37 -4.07 -5.40
C GLN A 52 13.09 -3.35 -5.00
N VAL A 53 13.24 -2.19 -4.36
CA VAL A 53 12.08 -1.41 -3.91
C VAL A 53 11.18 -1.02 -5.09
N ILE A 54 11.80 -0.59 -6.20
CA ILE A 54 11.04 -0.17 -7.37
C ILE A 54 10.42 -1.36 -8.09
N LEU A 55 11.12 -2.50 -8.09
CA LEU A 55 10.58 -3.72 -8.69
C LEU A 55 9.41 -4.25 -7.86
N ALA A 56 9.44 -3.99 -6.57
CA ALA A 56 8.39 -4.44 -5.66
C ALA A 56 7.15 -3.55 -5.74
N LEU A 57 7.35 -2.23 -5.61
CA LEU A 57 6.24 -1.28 -5.53
C LEU A 57 6.01 -0.52 -6.84
N GLY A 58 7.07 -0.25 -7.58
CA GLY A 58 6.95 0.54 -8.79
C GLY A 58 8.03 1.61 -8.88
N THR A 59 8.34 2.04 -10.11
CA THR A 59 9.38 3.04 -10.35
C THR A 59 8.94 4.43 -9.85
N PRO A 60 9.89 5.25 -9.37
CA PRO A 60 9.61 6.59 -8.88
C PRO A 60 9.34 7.58 -10.01
N SER A 61 8.39 8.48 -9.79
CA SER A 61 8.03 9.50 -10.77
C SER A 61 8.98 10.68 -10.67
N LEU A 62 9.45 10.95 -9.45
CA LEU A 62 10.32 12.10 -9.20
C LEU A 62 11.64 11.62 -8.60
N LYS A 63 12.71 12.31 -8.94
CA LYS A 63 14.05 11.96 -8.46
C LYS A 63 14.84 13.23 -8.14
N THR A 64 15.52 13.25 -6.99
CA THR A 64 16.40 14.37 -6.66
C THR A 64 17.51 13.92 -5.72
N LYS A 65 18.70 14.51 -5.88
CA LYS A 65 19.84 14.11 -5.08
C LYS A 65 20.44 15.27 -4.29
N TYR A 66 20.22 15.18 -2.99
CA TYR A 66 20.97 15.88 -1.98
C TYR A 66 21.76 14.79 -1.27
N ASP A 67 22.84 15.12 -0.57
CA ASP A 67 23.84 14.10 -0.16
C ASP A 67 23.19 12.82 0.41
N ASN A 68 21.93 12.92 0.84
CA ASN A 68 21.11 11.74 1.10
C ASN A 68 20.05 11.63 -0.01
N GLU A 69 20.44 10.99 -1.11
CA GLU A 69 19.66 10.98 -2.35
C GLU A 69 18.30 10.33 -2.16
N VAL A 70 17.28 10.85 -2.87
CA VAL A 70 15.92 10.35 -2.69
C VAL A 70 15.14 10.27 -4.01
N PHE A 71 14.43 9.16 -4.17
CA PHE A 71 13.53 8.95 -5.30
C PHE A 71 12.08 8.97 -4.80
N TYR A 72 11.29 9.90 -5.30
CA TYR A 72 9.89 10.03 -4.90
C TYR A 72 8.99 9.16 -5.77
N TYR A 73 8.43 8.13 -5.15
CA TYR A 73 7.45 7.26 -5.80
C TYR A 73 6.05 7.70 -5.38
N ILE A 74 5.32 8.30 -6.32
CA ILE A 74 4.04 8.92 -6.02
C ILE A 74 2.92 8.30 -6.84
N SER A 75 3.26 7.80 -8.02
CA SER A 75 2.31 7.26 -8.98
C SER A 75 1.45 8.40 -9.54
N GLN A 76 1.97 9.08 -10.55
CA GLN A 76 1.26 10.15 -11.23
C GLN A 76 1.28 9.88 -12.73
N THR A 77 0.40 8.98 -13.15
CA THR A 77 0.27 8.59 -14.54
C THR A 77 -1.04 7.83 -14.73
N ARG A 78 -1.51 7.78 -15.97
CA ARG A 78 -2.78 7.13 -16.26
C ARG A 78 -2.56 5.66 -16.62
N TYR A 79 -2.42 4.82 -15.60
CA TYR A 79 -2.32 3.38 -15.80
C TYR A 79 -3.65 2.86 -16.33
N ARG A 80 -3.77 2.85 -17.66
CA ARG A 80 -5.00 2.44 -18.31
C ARG A 80 -5.26 0.96 -18.09
N GLY A 81 -6.06 0.66 -17.07
CA GLY A 81 -6.41 -0.71 -16.75
C GLY A 81 -7.85 -0.79 -16.27
N MET A 82 -8.74 -1.23 -17.15
CA MET A 82 -10.16 -1.24 -16.88
C MET A 82 -10.49 -1.98 -15.59
N GLN A 83 -10.69 -1.21 -14.52
CA GLN A 83 -11.07 -1.75 -13.21
C GLN A 83 -9.99 -2.71 -12.69
N PHE A 84 -8.77 -2.53 -13.20
CA PHE A 84 -7.63 -3.33 -12.79
C PHE A 84 -6.79 -2.55 -11.78
N MET A 85 -5.68 -3.15 -11.32
CA MET A 85 -4.82 -2.55 -10.31
C MET A 85 -5.55 -2.58 -8.97
N LYS A 86 -6.49 -1.63 -8.79
CA LYS A 86 -7.35 -1.57 -7.62
C LYS A 86 -8.24 -0.32 -7.69
N THR A 87 -9.53 -0.55 -7.93
CA THR A 87 -10.51 0.52 -8.07
C THR A 87 -10.73 1.27 -6.76
N LYS A 88 -11.38 2.44 -6.85
CA LYS A 88 -11.72 3.27 -5.70
C LYS A 88 -10.50 4.11 -5.31
N ILE A 89 -9.73 4.49 -6.32
CA ILE A 89 -8.53 5.28 -6.15
C ILE A 89 -8.75 6.70 -6.68
N ILE A 90 -8.48 7.71 -5.85
CA ILE A 90 -8.71 9.10 -6.23
C ILE A 90 -7.40 9.88 -6.37
N ASP A 91 -6.87 10.36 -5.25
CA ASP A 91 -5.70 11.23 -5.24
C ASP A 91 -4.41 10.44 -5.41
N ARG A 92 -3.28 11.06 -5.07
CA ARG A 92 -1.96 10.41 -5.17
C ARG A 92 -1.61 9.72 -3.85
N LYS A 93 -0.35 9.28 -3.73
CA LYS A 93 0.20 8.77 -2.46
C LYS A 93 1.73 8.91 -2.52
N VAL A 94 2.35 9.23 -1.39
CA VAL A 94 3.79 9.52 -1.39
C VAL A 94 4.59 8.40 -0.72
N LEU A 95 5.60 7.91 -1.45
CA LEU A 95 6.54 6.91 -0.95
C LEU A 95 7.94 7.33 -1.41
N ALA A 96 8.72 7.93 -0.51
CA ALA A 96 10.03 8.49 -0.88
C ALA A 96 11.15 7.60 -0.36
N ILE A 97 11.95 7.09 -1.28
CA ILE A 97 13.08 6.23 -0.95
C ILE A 97 14.35 7.04 -0.78
N TYR A 98 14.77 7.27 0.46
CA TYR A 98 16.06 7.88 0.75
C TYR A 98 17.12 6.79 0.76
N PHE A 99 18.03 6.84 -0.18
CA PHE A 99 19.00 5.77 -0.35
C PHE A 99 20.41 6.32 -0.53
N ASN A 100 21.38 5.42 -0.46
CA ASN A 100 22.78 5.75 -0.64
C ASN A 100 23.20 5.35 -2.03
N LYS A 101 24.15 6.13 -2.58
CA LYS A 101 24.60 6.01 -3.95
C LYS A 101 25.16 4.64 -4.26
N ASN A 102 25.23 3.76 -3.25
CA ASN A 102 25.53 2.35 -3.50
C ASN A 102 24.25 1.67 -4.01
N ASP A 103 23.22 2.50 -4.23
CA ASP A 103 21.92 2.08 -4.73
C ASP A 103 21.20 1.25 -3.68
N GLN A 104 21.33 1.66 -2.42
CA GLN A 104 20.69 0.90 -1.31
C GLN A 104 19.93 1.83 -0.38
N VAL A 105 18.74 1.42 0.04
CA VAL A 105 17.88 2.30 0.81
C VAL A 105 18.37 2.39 2.26
N THR A 106 18.40 3.61 2.79
CA THR A 106 18.87 3.85 4.15
C THR A 106 17.75 4.46 5.00
N LYS A 107 16.79 5.10 4.34
CA LYS A 107 15.61 5.66 5.01
C LYS A 107 14.39 5.55 4.09
N ILE A 108 13.34 4.91 4.58
CA ILE A 108 12.12 4.73 3.80
C ILE A 108 11.03 5.67 4.31
N ALA A 109 10.61 6.60 3.47
CA ALA A 109 9.51 7.50 3.81
C ALA A 109 8.23 6.98 3.22
N ASN A 110 7.25 6.74 4.08
CA ASN A 110 5.96 6.19 3.67
C ASN A 110 4.84 7.05 4.23
N TYR A 111 4.03 7.61 3.32
CA TYR A 111 2.81 8.28 3.75
C TYR A 111 1.68 7.28 3.62
N GLY A 112 1.07 6.94 4.75
CA GLY A 112 0.11 5.85 4.76
C GLY A 112 0.11 5.11 6.08
N LEU A 113 -0.48 3.93 6.10
CA LEU A 113 -0.61 3.14 7.32
C LEU A 113 0.60 2.27 7.57
N GLN A 114 0.75 1.84 8.82
CA GLN A 114 1.80 0.88 9.19
C GLN A 114 1.13 -0.38 9.73
N ASP A 115 1.08 -1.40 8.87
CA ASP A 115 0.46 -2.70 9.20
C ASP A 115 -0.85 -2.53 9.99
N GLY A 116 -1.56 -1.44 9.74
CA GLY A 116 -2.78 -1.17 10.49
C GLY A 116 -3.42 0.17 10.14
N GLN A 117 -3.12 1.19 10.93
CA GLN A 117 -3.77 2.50 10.78
C GLN A 117 -2.82 3.50 10.17
N VAL A 118 -3.37 4.57 9.58
CA VAL A 118 -2.55 5.58 8.91
C VAL A 118 -1.57 6.23 9.89
N PHE A 119 -0.29 5.95 9.69
CA PHE A 119 0.76 6.50 10.53
C PHE A 119 1.99 6.76 9.68
N ASP A 120 2.44 8.02 9.66
CA ASP A 120 3.60 8.40 8.89
C ASP A 120 4.84 8.27 9.74
N PHE A 121 5.51 7.13 9.62
CA PHE A 121 6.63 6.77 10.48
C PHE A 121 7.68 7.89 10.52
N ILE A 122 8.07 8.37 9.34
CA ILE A 122 9.10 9.41 9.25
C ILE A 122 8.58 10.76 9.73
N ALA A 123 7.27 10.96 9.64
CA ALA A 123 6.66 12.22 10.06
C ALA A 123 6.25 12.15 11.53
N GLN A 124 6.33 10.95 12.11
CA GLN A 124 6.05 10.72 13.52
C GLN A 124 4.61 11.10 13.88
N THR A 125 3.74 11.16 12.87
CA THR A 125 2.37 11.63 13.07
C THR A 125 1.37 10.53 12.72
N THR A 126 0.16 10.65 13.26
CA THR A 126 -0.92 9.74 12.92
C THR A 126 -2.12 10.55 12.39
N PRO A 127 -2.20 10.71 11.05
CA PRO A 127 -3.22 11.54 10.40
C PRO A 127 -4.65 11.11 10.73
N THR A 128 -5.56 12.09 10.80
CA THR A 128 -6.97 11.82 10.97
C THR A 128 -7.64 11.65 9.60
N ALA A 129 -8.55 10.68 9.51
CA ALA A 129 -9.21 10.36 8.25
C ALA A 129 -10.72 10.27 8.43
N THR A 130 -11.46 10.79 7.45
CA THR A 130 -12.92 10.74 7.45
C THR A 130 -13.39 9.41 6.86
N LYS A 131 -13.74 8.48 7.74
CA LYS A 131 -14.06 7.08 7.37
C LYS A 131 -15.08 6.93 6.22
N GLU A 132 -15.78 7.99 5.89
CA GLU A 132 -16.87 7.92 4.91
C GLU A 132 -16.34 7.77 3.48
N GLN A 133 -15.37 8.59 3.13
CA GLN A 133 -14.90 8.71 1.74
C GLN A 133 -13.96 7.58 1.29
N PRO A 134 -12.86 7.31 2.04
CA PRO A 134 -11.72 6.52 1.57
C PRO A 134 -11.69 5.09 2.09
N LEU A 135 -12.41 4.16 1.47
CA LEU A 135 -12.61 2.92 2.20
C LEU A 135 -11.43 1.92 2.27
N LEU A 136 -10.98 1.26 1.16
CA LEU A 136 -9.80 0.37 1.34
C LEU A 136 -8.45 1.09 1.31
N ILE A 137 -8.21 1.66 0.11
CA ILE A 137 -6.95 2.31 -0.25
C ILE A 137 -6.83 3.73 0.24
N GLN A 138 -7.85 4.46 -0.12
CA GLN A 138 -7.91 5.90 -0.07
C GLN A 138 -7.48 6.41 1.30
N ILE A 139 -7.71 5.61 2.32
CA ILE A 139 -7.34 5.96 3.69
C ILE A 139 -5.88 6.41 3.77
N ILE A 140 -5.00 5.72 3.05
CA ILE A 140 -3.59 6.10 3.02
C ILE A 140 -3.33 7.15 1.95
N LYS A 141 -4.18 7.17 0.93
CA LYS A 141 -3.98 8.03 -0.23
C LYS A 141 -4.71 9.37 -0.09
N GLY A 142 -5.52 9.48 0.95
CA GLY A 142 -6.26 10.70 1.21
C GLY A 142 -5.37 11.81 1.74
N PRO A 143 -4.72 11.59 2.90
CA PRO A 143 -3.78 12.56 3.48
C PRO A 143 -2.47 12.62 2.68
N ALA A 144 -2.21 11.57 1.92
CA ALA A 144 -0.99 11.47 1.11
C ALA A 144 -1.11 12.26 -0.19
N ASN A 145 -1.96 13.27 -0.19
CA ASN A 145 -2.17 14.12 -1.36
C ASN A 145 -1.05 15.18 -1.43
N LEU A 146 0.20 14.68 -1.42
CA LEU A 146 1.41 15.51 -1.38
C LEU A 146 1.28 16.76 -0.50
N PRO A 147 1.81 16.68 0.73
CA PRO A 147 1.71 17.77 1.73
C PRO A 147 2.56 18.99 1.36
N MET A 1 60.29 75.79 -65.18
CA MET A 1 60.15 75.01 -63.93
C MET A 1 59.01 74.01 -64.06
N ALA A 2 59.27 72.77 -63.65
CA ALA A 2 58.27 71.70 -63.70
C ALA A 2 57.55 71.59 -62.35
N HIS A 3 56.31 72.08 -62.31
CA HIS A 3 55.53 72.11 -61.07
C HIS A 3 54.39 71.10 -61.17
N HIS A 4 54.55 70.14 -62.08
CA HIS A 4 53.53 69.14 -62.38
C HIS A 4 53.73 67.88 -61.54
N HIS A 5 52.71 67.51 -60.75
CA HIS A 5 52.79 66.35 -59.85
C HIS A 5 51.49 65.54 -59.88
N HIS A 6 51.61 64.21 -59.76
CA HIS A 6 50.44 63.32 -59.74
C HIS A 6 50.25 62.70 -58.35
N HIS A 7 49.08 62.10 -58.14
CA HIS A 7 48.76 61.39 -56.92
C HIS A 7 47.60 60.43 -57.19
N HIS A 8 47.60 59.26 -56.56
CA HIS A 8 46.54 58.28 -56.76
C HIS A 8 46.62 57.18 -55.71
N MET A 9 45.46 56.73 -55.25
CA MET A 9 45.35 55.60 -54.32
C MET A 9 44.14 54.75 -54.68
N GLY A 10 43.92 53.67 -53.94
CA GLY A 10 42.76 52.83 -54.18
C GLY A 10 43.05 51.36 -54.01
N THR A 11 42.19 50.68 -53.27
CA THR A 11 42.27 49.24 -53.06
C THR A 11 40.87 48.64 -53.11
N LEU A 12 40.74 47.40 -53.60
CA LEU A 12 39.44 46.74 -53.69
C LEU A 12 39.40 45.51 -52.79
N GLU A 13 38.73 45.65 -51.65
CA GLU A 13 38.56 44.55 -50.71
C GLU A 13 37.50 43.57 -51.21
N ALA A 14 37.44 42.39 -50.61
CA ALA A 14 36.49 41.35 -51.00
C ALA A 14 36.55 40.20 -50.00
N GLN A 15 35.66 40.22 -49.01
CA GLN A 15 35.68 39.25 -47.93
C GLN A 15 34.82 38.03 -48.29
N THR A 16 35.25 36.86 -47.83
CA THR A 16 34.57 35.60 -48.13
C THR A 16 34.07 34.91 -46.85
N GLN A 17 33.17 33.95 -47.01
CA GLN A 17 32.58 33.24 -45.86
C GLN A 17 32.58 31.73 -46.11
N GLY A 18 32.16 30.97 -45.10
CA GLY A 18 32.10 29.53 -45.24
C GLY A 18 31.37 28.85 -44.08
N PRO A 19 30.06 29.12 -43.90
CA PRO A 19 29.25 28.46 -42.89
C PRO A 19 28.63 27.17 -43.41
N GLY A 20 28.20 26.30 -42.51
CA GLY A 20 27.53 25.06 -42.90
C GLY A 20 27.79 23.92 -41.93
N SER A 21 26.71 23.42 -41.32
CA SER A 21 26.80 22.29 -40.41
C SER A 21 25.51 21.47 -40.46
N MET A 22 25.55 20.26 -39.93
CA MET A 22 24.40 19.36 -39.94
C MET A 22 24.54 18.30 -38.85
N SER A 23 23.42 17.94 -38.24
CA SER A 23 23.38 16.91 -37.20
C SER A 23 21.93 16.50 -36.95
N SER A 24 21.73 15.33 -36.34
CA SER A 24 20.39 14.82 -36.09
C SER A 24 20.39 13.87 -34.87
N GLY A 25 19.21 13.42 -34.48
CA GLY A 25 19.09 12.52 -33.33
C GLY A 25 17.88 11.61 -33.43
N SER A 26 17.64 10.84 -32.38
CA SER A 26 16.53 9.88 -32.35
C SER A 26 16.09 9.62 -30.91
N SER A 27 15.06 8.79 -30.73
CA SER A 27 14.52 8.49 -29.41
C SER A 27 14.16 7.01 -29.30
N GLN A 28 14.06 6.51 -28.07
CA GLN A 28 13.74 5.10 -27.82
C GLN A 28 12.23 4.89 -27.78
N ILE A 29 11.83 3.63 -27.93
CA ILE A 29 10.43 3.24 -27.85
C ILE A 29 9.99 3.15 -26.38
N TYR A 30 8.75 3.54 -26.11
CA TYR A 30 8.25 3.58 -24.73
C TYR A 30 8.09 2.17 -24.16
N LYS A 31 8.03 2.09 -22.84
CA LYS A 31 7.77 0.84 -22.13
C LYS A 31 7.11 1.13 -20.78
N GLU A 32 6.25 0.23 -20.32
CA GLU A 32 5.44 0.46 -19.13
C GLU A 32 5.13 -0.86 -18.43
N GLY A 33 4.91 -0.80 -17.12
CA GLY A 33 4.66 -2.00 -16.33
C GLY A 33 3.33 -1.95 -15.60
N TYR A 34 3.14 -2.87 -14.65
CA TYR A 34 1.89 -2.99 -13.92
C TYR A 34 2.15 -3.19 -12.42
N ILE A 35 1.54 -2.31 -11.61
CA ILE A 35 1.60 -2.41 -10.16
C ILE A 35 0.68 -1.35 -9.54
N LEU A 36 -0.50 -1.76 -9.10
CA LEU A 36 -1.50 -0.84 -8.57
C LEU A 36 -1.84 -1.14 -7.12
N ASP A 37 -1.25 -2.19 -6.56
CA ASP A 37 -1.50 -2.57 -5.18
C ASP A 37 -0.85 -1.57 -4.21
N LYS A 38 -1.69 -0.86 -3.45
CA LYS A 38 -1.23 0.13 -2.47
C LYS A 38 -0.55 -0.53 -1.29
N ASN A 39 -1.13 -1.65 -0.85
CA ASN A 39 -0.64 -2.42 0.31
C ASN A 39 0.83 -2.81 0.15
N ALA A 40 1.21 -3.00 -1.09
CA ALA A 40 2.52 -3.58 -1.45
C ALA A 40 3.71 -2.86 -0.81
N LEU A 41 3.58 -1.55 -0.57
CA LEU A 41 4.71 -0.73 -0.11
C LEU A 41 5.36 -1.32 1.15
N ASP A 42 4.57 -2.02 1.96
CA ASP A 42 5.01 -2.56 3.23
C ASP A 42 6.16 -3.56 3.06
N SER A 43 6.30 -4.10 1.86
CA SER A 43 7.22 -5.20 1.58
C SER A 43 8.68 -4.73 1.46
N ILE A 44 8.92 -3.43 1.57
CA ILE A 44 10.29 -2.89 1.52
C ILE A 44 10.74 -2.46 2.92
N SER A 45 12.05 -2.45 3.14
CA SER A 45 12.62 -2.09 4.43
C SER A 45 13.98 -1.42 4.24
N ILE A 46 14.53 -0.87 5.32
CA ILE A 46 15.83 -0.21 5.24
C ILE A 46 16.90 -1.19 4.81
N GLY A 47 17.65 -0.82 3.78
CA GLY A 47 18.64 -1.71 3.20
C GLY A 47 18.18 -2.29 1.87
N SER A 48 16.86 -2.38 1.67
CA SER A 48 16.30 -3.02 0.47
C SER A 48 16.90 -2.44 -0.81
N SER A 49 17.10 -3.29 -1.81
CA SER A 49 17.76 -2.89 -3.04
C SER A 49 16.86 -1.99 -3.87
N GLN A 50 17.47 -1.01 -4.55
CA GLN A 50 16.74 -0.09 -5.41
C GLN A 50 15.86 -0.87 -6.37
N GLU A 51 16.39 -1.93 -6.93
CA GLU A 51 15.64 -2.75 -7.87
C GLU A 51 14.41 -3.33 -7.19
N GLN A 52 14.55 -3.66 -5.92
CA GLN A 52 13.49 -4.28 -5.16
C GLN A 52 12.38 -3.27 -4.86
N VAL A 53 12.76 -2.05 -4.48
CA VAL A 53 11.78 -1.02 -4.18
C VAL A 53 11.01 -0.59 -5.45
N ILE A 54 11.72 -0.45 -6.56
CA ILE A 54 11.06 -0.12 -7.83
C ILE A 54 10.24 -1.29 -8.35
N LEU A 55 10.68 -2.51 -8.06
CA LEU A 55 9.94 -3.71 -8.47
C LEU A 55 8.63 -3.81 -7.68
N ALA A 56 8.69 -3.47 -6.40
CA ALA A 56 7.55 -3.61 -5.50
C ALA A 56 6.61 -2.39 -5.57
N LEU A 57 7.20 -1.20 -5.69
CA LEU A 57 6.44 0.06 -5.66
C LEU A 57 6.18 0.58 -7.07
N GLY A 58 7.12 0.32 -7.98
CA GLY A 58 7.03 0.84 -9.32
C GLY A 58 8.14 1.82 -9.60
N THR A 59 8.27 2.26 -10.83
CA THR A 59 9.28 3.24 -11.19
C THR A 59 8.90 4.62 -10.67
N PRO A 60 9.86 5.37 -10.09
CA PRO A 60 9.59 6.68 -9.47
C PRO A 60 9.08 7.70 -10.49
N SER A 61 8.18 8.56 -10.04
CA SER A 61 7.61 9.60 -10.88
C SER A 61 8.51 10.82 -10.89
N LEU A 62 9.13 11.08 -9.74
CA LEU A 62 10.02 12.21 -9.55
C LEU A 62 11.30 11.73 -8.87
N LYS A 63 12.32 12.58 -8.88
CA LYS A 63 13.55 12.33 -8.14
C LYS A 63 14.31 13.63 -7.97
N THR A 64 15.02 13.76 -6.87
CA THR A 64 15.85 14.93 -6.63
C THR A 64 17.19 14.50 -6.05
N LYS A 65 18.26 15.16 -6.49
CA LYS A 65 19.60 14.80 -6.05
C LYS A 65 20.15 15.88 -5.12
N TYR A 66 20.20 15.51 -3.86
CA TYR A 66 21.02 16.15 -2.85
C TYR A 66 21.98 15.08 -2.36
N ASP A 67 23.09 15.45 -1.75
CA ASP A 67 24.20 14.50 -1.47
C ASP A 67 23.71 13.15 -0.92
N ASN A 68 22.46 13.09 -0.49
CA ASN A 68 21.77 11.80 -0.28
C ASN A 68 20.55 11.74 -1.23
N GLU A 69 20.75 11.14 -2.41
CA GLU A 69 19.75 11.19 -3.49
C GLU A 69 18.44 10.51 -3.08
N VAL A 70 17.30 11.08 -3.50
CA VAL A 70 16.00 10.51 -3.11
C VAL A 70 15.03 10.49 -4.29
N PHE A 71 14.29 9.38 -4.41
CA PHE A 71 13.31 9.19 -5.47
C PHE A 71 11.89 9.31 -4.91
N TYR A 72 10.97 9.81 -5.72
CA TYR A 72 9.57 9.97 -5.31
C TYR A 72 8.67 9.11 -6.18
N TYR A 73 7.95 8.18 -5.54
CA TYR A 73 7.09 7.23 -6.21
C TYR A 73 5.63 7.64 -6.02
N ILE A 74 4.97 7.98 -7.13
CA ILE A 74 3.56 8.35 -7.13
C ILE A 74 2.86 7.74 -8.36
N SER A 75 1.58 7.45 -8.23
CA SER A 75 0.81 6.95 -9.37
C SER A 75 0.67 8.03 -10.44
N GLN A 76 1.27 7.78 -11.61
CA GLN A 76 1.22 8.74 -12.71
C GLN A 76 -0.23 9.01 -13.12
N THR A 77 -0.66 10.26 -12.96
CA THR A 77 -2.02 10.64 -13.29
C THR A 77 -2.24 10.65 -14.81
N ARG A 78 -2.71 9.52 -15.33
CA ARG A 78 -3.02 9.40 -16.75
C ARG A 78 -4.12 10.37 -17.15
N TYR A 79 -3.78 11.31 -18.04
CA TYR A 79 -4.73 12.30 -18.51
C TYR A 79 -5.71 11.67 -19.49
N ARG A 80 -6.80 11.14 -18.95
CA ARG A 80 -7.86 10.52 -19.73
C ARG A 80 -8.99 10.05 -18.82
N GLY A 81 -8.64 9.82 -17.55
CA GLY A 81 -9.64 9.43 -16.55
C GLY A 81 -10.82 10.40 -16.50
N MET A 82 -12.03 9.86 -16.55
CA MET A 82 -13.23 10.67 -16.53
C MET A 82 -13.38 11.42 -15.21
N GLN A 83 -13.85 12.66 -15.28
CA GLN A 83 -13.99 13.51 -14.11
C GLN A 83 -15.18 13.08 -13.26
N PHE A 84 -14.99 12.03 -12.47
CA PHE A 84 -16.00 11.55 -11.53
C PHE A 84 -15.33 11.03 -10.27
N MET A 85 -15.99 11.22 -9.13
CA MET A 85 -15.45 10.80 -7.83
C MET A 85 -15.69 9.30 -7.59
N LYS A 86 -15.58 8.50 -8.64
CA LYS A 86 -15.81 7.06 -8.57
C LYS A 86 -14.58 6.34 -8.01
N THR A 87 -14.47 5.03 -8.30
CA THR A 87 -13.41 4.20 -7.73
C THR A 87 -12.02 4.81 -7.91
N LYS A 88 -11.56 5.52 -6.88
CA LYS A 88 -10.23 6.12 -6.85
C LYS A 88 -9.24 5.15 -6.20
N ILE A 89 -9.77 3.99 -5.83
CA ILE A 89 -9.01 2.95 -5.15
C ILE A 89 -7.82 2.47 -6.01
N ILE A 90 -7.92 2.69 -7.33
CA ILE A 90 -6.87 2.29 -8.26
C ILE A 90 -5.62 3.15 -8.10
N ASP A 91 -5.81 4.36 -7.58
CA ASP A 91 -4.72 5.32 -7.42
C ASP A 91 -3.85 4.95 -6.23
N ARG A 92 -2.55 5.26 -6.31
CA ARG A 92 -1.57 4.79 -5.32
C ARG A 92 -1.23 5.89 -4.31
N LYS A 93 -0.33 5.56 -3.38
CA LYS A 93 0.05 6.49 -2.30
C LYS A 93 1.36 7.20 -2.66
N VAL A 94 1.91 7.94 -1.69
CA VAL A 94 3.13 8.72 -1.90
C VAL A 94 4.30 8.09 -1.16
N LEU A 95 5.34 7.74 -1.93
CA LEU A 95 6.56 7.15 -1.39
C LEU A 95 7.76 8.00 -1.80
N ALA A 96 8.76 8.01 -0.94
CA ALA A 96 10.03 8.66 -1.24
C ALA A 96 11.18 7.82 -0.67
N ILE A 97 12.02 7.31 -1.55
CA ILE A 97 13.11 6.41 -1.17
C ILE A 97 14.44 7.15 -1.11
N TYR A 98 14.98 7.28 0.10
CA TYR A 98 16.29 7.88 0.30
C TYR A 98 17.36 6.81 0.11
N PHE A 99 18.08 6.93 -1.00
CA PHE A 99 19.06 5.93 -1.44
C PHE A 99 20.44 6.27 -0.90
N ASN A 100 21.31 5.26 -0.80
CA ASN A 100 22.69 5.47 -0.38
C ASN A 100 23.67 4.75 -1.30
N LYS A 101 24.84 5.39 -1.44
CA LYS A 101 25.91 4.97 -2.35
C LYS A 101 26.43 3.56 -2.02
N ASN A 102 25.89 2.97 -0.97
CA ASN A 102 26.13 1.57 -0.66
C ASN A 102 25.26 0.70 -1.58
N ASP A 103 24.58 1.38 -2.51
CA ASP A 103 23.65 0.76 -3.45
C ASP A 103 22.42 0.26 -2.71
N GLN A 104 22.08 0.93 -1.61
CA GLN A 104 21.00 0.45 -0.72
C GLN A 104 20.05 1.58 -0.38
N VAL A 105 18.89 1.26 0.20
CA VAL A 105 17.99 2.32 0.67
C VAL A 105 18.31 2.65 2.13
N THR A 106 18.74 3.89 2.36
CA THR A 106 19.17 4.32 3.69
C THR A 106 17.97 4.80 4.52
N LYS A 107 16.97 5.37 3.85
CA LYS A 107 15.79 5.87 4.57
C LYS A 107 14.54 5.75 3.69
N ILE A 108 13.40 5.47 4.32
CA ILE A 108 12.16 5.27 3.57
C ILE A 108 11.05 6.19 4.09
N ALA A 109 10.64 7.13 3.25
CA ALA A 109 9.52 8.00 3.55
C ALA A 109 8.26 7.43 2.88
N ASN A 110 7.24 7.15 3.66
CA ASN A 110 6.04 6.51 3.13
C ASN A 110 4.78 7.06 3.78
N TYR A 111 3.77 7.36 2.96
CA TYR A 111 2.46 7.73 3.49
C TYR A 111 1.57 6.49 3.59
N GLY A 112 1.17 6.14 4.81
CA GLY A 112 0.37 4.94 5.03
C GLY A 112 -0.12 4.81 6.46
N LEU A 113 -0.60 3.61 6.83
CA LEU A 113 -1.03 3.35 8.21
C LEU A 113 -0.14 2.29 8.84
N GLN A 114 -0.24 2.13 10.16
CA GLN A 114 0.45 1.05 10.84
C GLN A 114 -0.45 0.48 11.94
N ASP A 115 -1.06 -0.67 11.61
CA ASP A 115 -1.89 -1.43 12.56
C ASP A 115 -2.87 -0.53 13.32
N GLY A 116 -3.51 0.38 12.61
CA GLY A 116 -4.44 1.30 13.22
C GLY A 116 -5.02 2.28 12.23
N GLN A 117 -4.40 3.43 12.10
CA GLN A 117 -4.91 4.50 11.23
C GLN A 117 -3.76 5.16 10.48
N VAL A 118 -4.12 6.03 9.54
CA VAL A 118 -3.14 6.71 8.70
C VAL A 118 -2.14 7.51 9.56
N PHE A 119 -0.87 7.12 9.47
CA PHE A 119 0.20 7.76 10.22
C PHE A 119 1.41 7.94 9.31
N ASP A 120 1.86 9.18 9.15
CA ASP A 120 3.04 9.47 8.34
C ASP A 120 4.28 9.40 9.23
N PHE A 121 5.19 8.48 8.90
CA PHE A 121 6.32 8.15 9.76
C PHE A 121 7.37 9.25 9.80
N ILE A 122 7.79 9.72 8.62
CA ILE A 122 8.87 10.70 8.54
C ILE A 122 8.40 12.09 8.95
N ALA A 123 7.14 12.39 8.68
CA ALA A 123 6.54 13.65 9.10
C ALA A 123 5.98 13.53 10.52
N GLN A 124 6.02 12.32 11.07
CA GLN A 124 5.57 12.01 12.44
C GLN A 124 4.18 12.60 12.73
N THR A 125 3.38 12.76 11.70
CA THR A 125 2.04 13.35 11.84
C THR A 125 0.98 12.25 11.83
N THR A 126 -0.20 12.57 12.32
CA THR A 126 -1.31 11.64 12.34
C THR A 126 -2.61 12.34 11.94
N PRO A 127 -2.93 12.37 10.63
CA PRO A 127 -4.19 12.93 10.14
C PRO A 127 -5.39 12.10 10.60
N THR A 128 -6.54 12.74 10.68
CA THR A 128 -7.76 12.05 11.07
C THR A 128 -8.71 11.90 9.89
N ALA A 129 -9.50 10.85 9.91
CA ALA A 129 -10.48 10.58 8.86
C ALA A 129 -11.75 9.97 9.46
N THR A 130 -12.90 10.52 9.07
CA THR A 130 -14.19 10.02 9.52
C THR A 130 -14.37 8.57 9.08
N LYS A 131 -14.84 7.72 9.99
CA LYS A 131 -15.00 6.29 9.72
C LYS A 131 -16.14 6.00 8.75
N GLU A 132 -16.87 7.03 8.38
CA GLU A 132 -17.99 6.90 7.45
C GLU A 132 -17.50 6.49 6.05
N GLN A 133 -16.73 7.37 5.44
CA GLN A 133 -16.45 7.31 3.99
C GLN A 133 -15.37 6.28 3.61
N PRO A 134 -14.12 6.45 4.09
CA PRO A 134 -12.94 5.84 3.49
C PRO A 134 -12.48 4.56 4.18
N LEU A 135 -13.18 3.46 3.98
CA LEU A 135 -13.03 2.38 4.93
C LEU A 135 -11.73 1.54 4.83
N LEU A 136 -11.49 0.75 3.76
CA LEU A 136 -10.22 -0.01 3.75
C LEU A 136 -8.96 0.77 3.32
N ILE A 137 -8.97 1.19 2.05
CA ILE A 137 -7.87 1.94 1.44
C ILE A 137 -7.87 3.42 1.75
N GLN A 138 -9.03 4.00 1.48
CA GLN A 138 -9.25 5.43 1.39
C GLN A 138 -8.69 6.15 2.63
N ILE A 139 -8.69 5.47 3.76
CA ILE A 139 -8.13 5.99 5.00
C ILE A 139 -6.70 6.49 4.77
N ILE A 140 -5.88 5.67 4.12
CA ILE A 140 -4.49 6.04 3.83
C ILE A 140 -4.40 6.79 2.51
N LYS A 141 -5.35 6.53 1.63
CA LYS A 141 -5.37 7.18 0.32
C LYS A 141 -5.92 8.60 0.39
N GLY A 142 -6.60 8.91 1.50
CA GLY A 142 -7.18 10.24 1.68
C GLY A 142 -6.13 11.33 1.60
N PRO A 143 -5.23 11.41 2.60
CA PRO A 143 -4.13 12.40 2.61
C PRO A 143 -3.06 12.08 1.58
N ALA A 144 -3.13 10.88 0.99
CA ALA A 144 -2.17 10.43 -0.01
C ALA A 144 -2.63 10.84 -1.42
N ASN A 145 -3.26 12.01 -1.51
CA ASN A 145 -3.66 12.58 -2.79
C ASN A 145 -2.57 13.54 -3.29
N LEU A 146 -1.40 13.45 -2.65
CA LEU A 146 -0.24 14.33 -2.88
C LEU A 146 -0.61 15.81 -2.71
N PRO A 147 -0.04 16.48 -1.68
CA PRO A 147 -0.26 17.91 -1.43
C PRO A 147 0.64 18.77 -2.32
N MET A 1 83.01 9.39 73.38
CA MET A 1 83.44 10.54 72.56
C MET A 1 83.07 10.29 71.09
N ALA A 2 81.78 10.40 70.78
CA ALA A 2 81.30 10.14 69.43
C ALA A 2 79.90 10.73 69.23
N HIS A 3 79.85 11.90 68.58
CA HIS A 3 78.59 12.51 68.16
C HIS A 3 78.64 12.79 66.67
N HIS A 4 79.50 12.02 66.00
CA HIS A 4 79.68 12.09 64.56
C HIS A 4 78.33 11.86 63.86
N HIS A 5 77.83 12.88 63.17
CA HIS A 5 76.46 12.87 62.68
C HIS A 5 76.38 13.14 61.17
N HIS A 6 75.48 12.41 60.51
CA HIS A 6 75.11 12.65 59.11
C HIS A 6 73.61 12.46 58.97
N HIS A 7 73.06 12.71 57.79
CA HIS A 7 71.61 12.54 57.57
C HIS A 7 71.32 12.33 56.09
N HIS A 8 70.20 11.67 55.80
CA HIS A 8 69.77 11.39 54.43
C HIS A 8 68.30 11.74 54.26
N MET A 9 67.85 11.83 53.02
CA MET A 9 66.46 12.15 52.71
C MET A 9 66.06 11.58 51.35
N GLY A 10 64.80 11.75 50.99
CA GLY A 10 64.30 11.29 49.71
C GLY A 10 62.79 11.45 49.62
N THR A 11 62.29 11.75 48.42
CA THR A 11 60.85 11.96 48.23
C THR A 11 60.30 10.97 47.21
N LEU A 12 58.98 10.75 47.25
CA LEU A 12 58.31 9.83 46.35
C LEU A 12 57.14 10.51 45.66
N GLU A 13 56.74 9.99 44.51
CA GLU A 13 55.61 10.53 43.76
C GLU A 13 54.73 9.40 43.23
N ALA A 14 53.54 9.74 42.74
CA ALA A 14 52.58 8.76 42.22
C ALA A 14 51.61 9.44 41.26
N GLN A 15 51.30 8.75 40.16
CA GLN A 15 50.41 9.30 39.13
C GLN A 15 49.15 8.46 38.98
N THR A 16 48.11 9.07 38.41
CA THR A 16 46.81 8.41 38.23
C THR A 16 46.30 8.60 36.81
N GLN A 17 45.85 7.51 36.18
CA GLN A 17 45.28 7.56 34.84
C GLN A 17 44.50 6.28 34.53
N GLY A 18 43.82 6.26 33.39
CA GLY A 18 43.04 5.09 32.99
C GLY A 18 41.99 5.43 31.95
N PRO A 19 42.16 4.97 30.69
CA PRO A 19 41.22 5.24 29.60
C PRO A 19 40.13 4.18 29.47
N GLY A 20 39.24 4.37 28.49
CA GLY A 20 38.16 3.42 28.25
C GLY A 20 37.44 3.70 26.93
N SER A 21 36.77 2.70 26.39
CA SER A 21 36.06 2.83 25.11
C SER A 21 34.88 1.87 25.04
N MET A 22 34.04 2.02 24.01
CA MET A 22 32.90 1.12 23.78
C MET A 22 32.33 1.35 22.39
N SER A 23 31.53 0.39 21.91
CA SER A 23 30.89 0.47 20.59
C SER A 23 29.59 -0.35 20.59
N SER A 24 28.72 -0.08 19.62
CA SER A 24 27.46 -0.80 19.49
C SER A 24 26.84 -0.54 18.12
N GLY A 25 26.02 -1.47 17.64
CA GLY A 25 25.35 -1.30 16.35
C GLY A 25 24.66 -2.56 15.87
N SER A 26 23.55 -2.38 15.14
CA SER A 26 22.79 -3.49 14.58
C SER A 26 22.04 -3.03 13.31
N SER A 27 21.71 -3.97 12.43
CA SER A 27 21.02 -3.66 11.19
C SER A 27 20.14 -4.84 10.75
N GLN A 28 18.86 -4.78 11.09
CA GLN A 28 17.90 -5.82 10.73
C GLN A 28 17.09 -5.39 9.50
N ILE A 29 17.12 -6.23 8.46
CA ILE A 29 16.40 -5.94 7.21
C ILE A 29 15.41 -7.05 6.90
N TYR A 30 14.13 -6.69 6.73
CA TYR A 30 13.07 -7.65 6.43
C TYR A 30 12.13 -7.09 5.36
N LYS A 31 11.41 -7.98 4.68
CA LYS A 31 10.47 -7.58 3.62
C LYS A 31 9.26 -8.53 3.59
N GLU A 32 8.66 -8.69 2.39
CA GLU A 32 7.54 -9.60 2.15
C GLU A 32 6.21 -8.99 2.57
N GLY A 33 5.14 -9.74 2.37
CA GLY A 33 3.79 -9.26 2.62
C GLY A 33 2.89 -9.51 1.43
N TYR A 34 2.62 -8.45 0.66
CA TYR A 34 1.83 -8.55 -0.57
C TYR A 34 2.10 -7.33 -1.45
N ILE A 35 1.85 -7.45 -2.75
CA ILE A 35 2.08 -6.35 -3.68
C ILE A 35 0.86 -6.13 -4.59
N LEU A 36 -0.03 -5.23 -4.17
CA LEU A 36 -1.23 -4.87 -4.93
C LEU A 36 -1.71 -3.49 -4.51
N ASP A 37 -2.31 -3.45 -3.32
CA ASP A 37 -2.81 -2.21 -2.72
C ASP A 37 -1.68 -1.22 -2.45
N LYS A 38 -1.96 0.06 -2.64
CA LYS A 38 -0.94 1.12 -2.48
C LYS A 38 -0.18 1.00 -1.15
N ASN A 39 -0.86 0.53 -0.10
CA ASN A 39 -0.23 0.34 1.20
C ASN A 39 0.75 -0.83 1.17
N ALA A 40 0.43 -1.83 0.35
CA ALA A 40 1.23 -3.05 0.21
C ALA A 40 2.69 -2.74 -0.11
N LEU A 41 2.90 -1.65 -0.83
CA LEU A 41 4.24 -1.23 -1.26
C LEU A 41 5.18 -1.02 -0.07
N ASP A 42 4.62 -1.03 1.15
CA ASP A 42 5.41 -0.96 2.40
C ASP A 42 6.25 -2.23 2.59
N SER A 43 6.17 -3.15 1.63
CA SER A 43 6.89 -4.43 1.68
C SER A 43 8.42 -4.24 1.56
N ILE A 44 8.88 -2.99 1.52
CA ILE A 44 10.32 -2.70 1.49
C ILE A 44 10.75 -2.08 2.82
N SER A 45 12.05 -2.14 3.11
CA SER A 45 12.59 -1.62 4.36
C SER A 45 14.01 -1.11 4.17
N ILE A 46 14.48 -0.32 5.13
CA ILE A 46 15.82 0.25 5.10
C ILE A 46 16.86 -0.82 4.79
N GLY A 47 17.72 -0.52 3.83
CA GLY A 47 18.73 -1.46 3.40
C GLY A 47 18.44 -2.01 2.02
N SER A 48 17.15 -2.17 1.71
CA SER A 48 16.74 -2.81 0.45
C SER A 48 17.41 -2.12 -0.75
N SER A 49 18.03 -2.92 -1.61
CA SER A 49 18.76 -2.40 -2.75
C SER A 49 17.81 -1.70 -3.73
N GLN A 50 18.32 -0.73 -4.48
CA GLN A 50 17.51 0.03 -5.43
C GLN A 50 16.75 -0.92 -6.34
N GLU A 51 17.43 -1.93 -6.86
CA GLU A 51 16.81 -2.90 -7.75
C GLU A 51 15.64 -3.59 -7.05
N GLN A 52 15.79 -3.82 -5.74
CA GLN A 52 14.78 -4.55 -4.98
C GLN A 52 13.54 -3.68 -4.74
N VAL A 53 13.77 -2.41 -4.40
CA VAL A 53 12.66 -1.49 -4.14
C VAL A 53 11.88 -1.22 -5.42
N ILE A 54 12.58 -1.00 -6.54
CA ILE A 54 11.91 -0.76 -7.81
C ILE A 54 11.29 -2.04 -8.36
N LEU A 55 11.89 -3.20 -8.05
CA LEU A 55 11.33 -4.49 -8.46
C LEU A 55 10.01 -4.74 -7.72
N ALA A 56 9.98 -4.36 -6.46
CA ALA A 56 8.80 -4.55 -5.61
C ALA A 56 7.71 -3.52 -5.93
N LEU A 57 8.08 -2.24 -5.96
CA LEU A 57 7.12 -1.15 -6.13
C LEU A 57 6.93 -0.78 -7.60
N GLY A 58 8.03 -0.69 -8.34
CA GLY A 58 8.02 -0.14 -9.67
C GLY A 58 9.03 0.99 -9.78
N THR A 59 9.17 1.55 -10.96
CA THR A 59 10.08 2.68 -11.16
C THR A 59 9.48 3.96 -10.60
N PRO A 60 10.28 4.78 -9.88
CA PRO A 60 9.81 6.02 -9.27
C PRO A 60 9.31 7.02 -10.31
N SER A 61 8.23 7.72 -9.98
CA SER A 61 7.63 8.70 -10.87
C SER A 61 8.51 9.95 -10.97
N LEU A 62 9.02 10.38 -9.81
CA LEU A 62 9.88 11.57 -9.74
C LEU A 62 11.02 11.31 -8.77
N LYS A 63 11.96 12.25 -8.68
CA LYS A 63 13.02 12.20 -7.67
C LYS A 63 13.64 13.58 -7.52
N THR A 64 14.43 13.74 -6.46
CA THR A 64 15.18 14.96 -6.24
C THR A 64 16.49 14.64 -5.52
N LYS A 65 17.54 15.38 -5.82
CA LYS A 65 18.84 15.11 -5.23
C LYS A 65 19.23 16.21 -4.24
N TYR A 66 19.19 15.84 -2.98
CA TYR A 66 19.84 16.55 -1.89
C TYR A 66 20.85 15.56 -1.34
N ASP A 67 21.88 16.01 -0.60
CA ASP A 67 23.05 15.16 -0.30
C ASP A 67 22.65 13.73 0.15
N ASN A 68 21.39 13.54 0.52
CA ASN A 68 20.80 12.19 0.57
C ASN A 68 19.70 12.11 -0.48
N GLU A 69 20.06 11.60 -1.67
CA GLU A 69 19.15 11.59 -2.82
C GLU A 69 17.90 10.76 -2.53
N VAL A 70 16.74 11.26 -2.96
CA VAL A 70 15.47 10.59 -2.64
C VAL A 70 14.55 10.50 -3.85
N PHE A 71 13.99 9.31 -4.05
CA PHE A 71 13.03 9.06 -5.12
C PHE A 71 11.61 9.29 -4.59
N TYR A 72 10.68 9.59 -5.48
CA TYR A 72 9.28 9.82 -5.10
C TYR A 72 8.32 9.01 -5.96
N TYR A 73 7.49 8.23 -5.29
CA TYR A 73 6.42 7.50 -5.92
C TYR A 73 5.11 8.23 -5.67
N ILE A 74 4.57 8.83 -6.73
CA ILE A 74 3.32 9.57 -6.67
C ILE A 74 2.74 9.71 -8.08
N SER A 75 1.47 9.39 -8.24
CA SER A 75 0.82 9.40 -9.56
C SER A 75 0.36 10.81 -9.93
N GLN A 76 1.30 11.60 -10.46
CA GLN A 76 1.02 12.94 -11.02
C GLN A 76 0.12 13.78 -10.12
N THR A 77 0.72 14.57 -9.24
CA THR A 77 -0.03 15.43 -8.34
C THR A 77 0.52 16.85 -8.33
N ARG A 78 -0.26 17.79 -8.85
CA ARG A 78 0.09 19.21 -8.75
C ARG A 78 -0.17 19.68 -7.33
N TYR A 79 0.88 20.16 -6.67
CA TYR A 79 0.80 20.59 -5.27
C TYR A 79 -0.32 21.59 -5.09
N ARG A 80 -0.19 22.73 -5.77
CA ARG A 80 -1.23 23.76 -5.74
C ARG A 80 -2.24 23.51 -6.86
N GLY A 81 -3.08 22.49 -6.66
CA GLY A 81 -4.06 22.13 -7.66
C GLY A 81 -5.14 21.21 -7.10
N MET A 82 -5.59 20.27 -7.93
CA MET A 82 -6.67 19.35 -7.55
C MET A 82 -6.20 18.34 -6.49
N GLN A 83 -6.36 18.73 -5.23
CA GLN A 83 -6.07 17.87 -4.09
C GLN A 83 -7.37 17.55 -3.34
N PHE A 84 -8.31 18.50 -3.37
CA PHE A 84 -9.59 18.34 -2.71
C PHE A 84 -10.56 17.56 -3.60
N MET A 85 -10.33 16.25 -3.68
CA MET A 85 -11.17 15.36 -4.48
C MET A 85 -10.78 13.90 -4.20
N LYS A 86 -10.57 13.60 -2.92
CA LYS A 86 -10.15 12.26 -2.52
C LYS A 86 -11.34 11.32 -2.41
N THR A 87 -11.89 11.02 -3.58
CA THR A 87 -12.97 10.07 -3.77
C THR A 87 -12.87 9.54 -5.20
N LYS A 88 -13.44 8.38 -5.48
CA LYS A 88 -13.23 7.70 -6.75
C LYS A 88 -11.81 7.13 -6.72
N ILE A 89 -11.70 6.08 -5.92
CA ILE A 89 -10.43 5.41 -5.62
C ILE A 89 -9.46 5.42 -6.81
N ILE A 90 -8.56 6.41 -6.79
CA ILE A 90 -7.50 6.53 -7.78
C ILE A 90 -6.16 6.31 -7.08
N ASP A 91 -5.11 6.03 -7.85
CA ASP A 91 -3.77 5.73 -7.32
C ASP A 91 -3.32 6.80 -6.30
N ARG A 92 -2.64 7.84 -6.79
CA ARG A 92 -2.20 8.98 -5.97
C ARG A 92 -1.84 8.60 -4.53
N LYS A 93 -0.64 8.02 -4.35
CA LYS A 93 -0.12 7.73 -3.01
C LYS A 93 1.32 8.22 -2.93
N VAL A 94 1.79 8.57 -1.73
CA VAL A 94 3.12 9.16 -1.59
C VAL A 94 4.10 8.23 -0.88
N LEU A 95 5.14 7.86 -1.61
CA LEU A 95 6.28 7.13 -1.07
C LEU A 95 7.57 7.86 -1.46
N ALA A 96 8.58 7.80 -0.61
CA ALA A 96 9.85 8.48 -0.85
C ALA A 96 11.02 7.60 -0.43
N ILE A 97 11.85 7.24 -1.40
CA ILE A 97 12.95 6.31 -1.18
C ILE A 97 14.28 7.04 -1.08
N TYR A 98 14.77 7.23 0.14
CA TYR A 98 16.06 7.86 0.37
C TYR A 98 17.18 6.85 0.10
N PHE A 99 17.85 7.06 -1.02
CA PHE A 99 18.81 6.13 -1.59
C PHE A 99 20.23 6.39 -1.08
N ASN A 100 21.08 5.38 -1.18
CA ASN A 100 22.51 5.51 -0.88
C ASN A 100 23.31 4.86 -1.98
N LYS A 101 24.42 5.52 -2.31
CA LYS A 101 25.28 5.17 -3.43
C LYS A 101 25.85 3.76 -3.30
N ASN A 102 25.55 3.07 -2.20
CA ASN A 102 25.88 1.65 -2.08
C ASN A 102 24.83 0.82 -2.83
N ASP A 103 24.01 1.52 -3.63
CA ASP A 103 22.94 0.93 -4.42
C ASP A 103 21.85 0.39 -3.51
N GLN A 104 21.67 1.04 -2.38
CA GLN A 104 20.73 0.56 -1.36
C GLN A 104 19.87 1.71 -0.87
N VAL A 105 18.82 1.40 -0.13
CA VAL A 105 18.00 2.45 0.47
C VAL A 105 18.44 2.69 1.91
N THR A 106 18.72 3.95 2.24
CA THR A 106 19.14 4.30 3.60
C THR A 106 17.95 4.71 4.44
N LYS A 107 16.95 5.34 3.81
CA LYS A 107 15.72 5.73 4.53
C LYS A 107 14.52 5.60 3.61
N ILE A 108 13.36 5.32 4.20
CA ILE A 108 12.12 5.22 3.43
C ILE A 108 10.99 5.99 4.13
N ALA A 109 10.52 7.05 3.50
CA ALA A 109 9.34 7.76 3.99
C ALA A 109 8.13 7.25 3.22
N ASN A 110 7.15 6.73 3.94
CA ASN A 110 6.00 6.09 3.32
C ASN A 110 4.71 6.54 3.98
N TYR A 111 3.78 7.05 3.19
CA TYR A 111 2.47 7.38 3.75
C TYR A 111 1.54 6.17 3.63
N GLY A 112 1.11 5.64 4.77
CA GLY A 112 0.26 4.46 4.78
C GLY A 112 -0.25 4.14 6.17
N LEU A 113 -0.77 2.93 6.35
CA LEU A 113 -1.28 2.49 7.65
C LEU A 113 -0.49 1.28 8.14
N GLN A 114 -0.65 0.93 9.41
CA GLN A 114 -0.06 -0.30 9.95
C GLN A 114 -1.12 -1.05 10.74
N ASP A 115 -1.67 -2.10 10.11
CA ASP A 115 -2.66 -3.00 10.73
C ASP A 115 -3.67 -2.26 11.61
N GLY A 116 -4.12 -1.10 11.15
CA GLY A 116 -5.07 -0.30 11.91
C GLY A 116 -5.57 0.89 11.11
N GLN A 117 -4.87 2.00 11.23
CA GLN A 117 -5.23 3.22 10.51
C GLN A 117 -3.97 3.92 10.04
N VAL A 118 -4.13 5.01 9.31
CA VAL A 118 -3.00 5.76 8.77
C VAL A 118 -2.02 6.14 9.89
N PHE A 119 -0.77 5.74 9.73
CA PHE A 119 0.28 6.02 10.70
C PHE A 119 1.61 6.24 9.99
N ASP A 120 2.20 7.42 10.20
CA ASP A 120 3.51 7.73 9.62
C ASP A 120 4.58 7.01 10.43
N PHE A 121 4.94 5.81 9.99
CA PHE A 121 5.89 4.95 10.70
C PHE A 121 7.18 5.69 11.04
N ILE A 122 7.75 6.36 10.05
CA ILE A 122 9.01 7.07 10.23
C ILE A 122 8.83 8.36 11.02
N ALA A 123 7.75 9.08 10.74
CA ALA A 123 7.49 10.38 11.36
C ALA A 123 6.93 10.22 12.77
N GLN A 124 6.49 9.01 13.08
CA GLN A 124 6.00 8.66 14.43
C GLN A 124 4.72 9.40 14.80
N THR A 125 4.05 9.97 13.80
CA THR A 125 2.80 10.68 14.04
C THR A 125 1.61 9.80 13.65
N THR A 126 0.45 10.07 14.22
CA THR A 126 -0.75 9.32 13.91
C THR A 126 -1.89 10.26 13.54
N PRO A 127 -2.17 10.41 12.23
CA PRO A 127 -3.29 11.20 11.74
C PRO A 127 -4.62 10.52 12.06
N THR A 128 -5.69 11.31 12.20
CA THR A 128 -7.00 10.79 12.56
C THR A 128 -8.07 11.21 11.55
N ALA A 129 -8.99 10.30 11.26
CA ALA A 129 -10.08 10.54 10.32
C ALA A 129 -11.34 9.82 10.80
N THR A 130 -12.50 10.40 10.51
CA THR A 130 -13.78 9.84 10.93
C THR A 130 -14.20 8.69 10.01
N LYS A 131 -14.62 7.57 10.62
CA LYS A 131 -14.85 6.31 9.89
C LYS A 131 -16.02 6.38 8.90
N GLU A 132 -16.76 7.49 8.87
CA GLU A 132 -17.91 7.60 7.96
C GLU A 132 -17.45 7.64 6.49
N GLN A 133 -16.55 8.57 6.20
CA GLN A 133 -16.21 8.94 4.84
C GLN A 133 -15.24 7.94 4.15
N PRO A 134 -14.02 7.77 4.69
CA PRO A 134 -12.88 7.20 3.98
C PRO A 134 -12.59 5.75 4.32
N LEU A 135 -13.44 4.81 3.92
CA LEU A 135 -13.44 3.55 4.63
C LEU A 135 -12.26 2.61 4.34
N LEU A 136 -12.10 2.02 3.13
CA LEU A 136 -10.91 1.16 2.94
C LEU A 136 -9.58 1.89 2.66
N ILE A 137 -9.55 2.60 1.53
CA ILE A 137 -8.36 3.35 1.07
C ILE A 137 -8.19 4.70 1.71
N GLN A 138 -9.26 5.47 1.61
CA GLN A 138 -9.27 6.90 1.86
C GLN A 138 -8.63 7.24 3.20
N ILE A 139 -8.73 6.33 4.14
CA ILE A 139 -8.12 6.48 5.45
C ILE A 139 -6.63 6.84 5.32
N ILE A 140 -5.92 6.16 4.42
CA ILE A 140 -4.52 6.46 4.16
C ILE A 140 -4.34 7.57 3.11
N LYS A 141 -5.34 7.72 2.24
CA LYS A 141 -5.32 8.78 1.22
C LYS A 141 -5.60 10.15 1.84
N GLY A 142 -6.33 10.13 2.96
CA GLY A 142 -6.78 11.35 3.63
C GLY A 142 -5.68 12.40 3.77
N PRO A 143 -4.65 12.14 4.60
CA PRO A 143 -3.54 13.07 4.77
C PRO A 143 -2.50 12.95 3.65
N ALA A 144 -2.73 12.02 2.72
CA ALA A 144 -1.77 11.74 1.66
C ALA A 144 -2.03 12.61 0.43
N ASN A 145 -1.24 13.66 0.29
CA ASN A 145 -1.17 14.46 -0.94
C ASN A 145 0.18 15.14 -0.97
N LEU A 146 1.14 14.46 -0.35
CA LEU A 146 2.50 14.95 -0.14
C LEU A 146 2.50 16.10 0.88
N PRO A 147 3.40 15.99 1.87
CA PRO A 147 3.50 16.95 2.97
C PRO A 147 4.15 18.27 2.52
N MET A 1 -73.26 24.73 -93.09
CA MET A 1 -73.55 23.73 -92.04
C MET A 1 -72.79 22.43 -92.32
N ALA A 2 -72.45 21.71 -91.26
CA ALA A 2 -71.76 20.43 -91.38
C ALA A 2 -72.01 19.57 -90.14
N HIS A 3 -72.98 18.68 -90.23
CA HIS A 3 -73.32 17.78 -89.12
C HIS A 3 -72.17 16.81 -88.85
N HIS A 4 -71.64 16.83 -87.63
CA HIS A 4 -70.51 15.98 -87.27
C HIS A 4 -70.50 15.65 -85.78
N HIS A 5 -70.94 14.44 -85.45
CA HIS A 5 -70.99 13.97 -84.06
C HIS A 5 -69.98 12.86 -83.84
N HIS A 6 -69.02 13.10 -82.94
CA HIS A 6 -67.97 12.13 -82.65
C HIS A 6 -68.18 11.50 -81.28
N HIS A 7 -67.96 10.18 -81.20
CA HIS A 7 -67.99 9.46 -79.94
C HIS A 7 -66.70 8.65 -79.81
N HIS A 8 -66.28 8.37 -78.59
CA HIS A 8 -65.07 7.60 -78.36
C HIS A 8 -65.14 6.90 -77.01
N MET A 9 -64.20 6.00 -76.77
CA MET A 9 -64.14 5.25 -75.52
C MET A 9 -62.69 5.14 -75.04
N GLY A 10 -62.50 4.62 -73.84
CA GLY A 10 -61.17 4.48 -73.27
C GLY A 10 -61.13 3.42 -72.19
N THR A 11 -60.20 2.49 -72.31
CA THR A 11 -60.07 1.38 -71.37
C THR A 11 -58.61 1.20 -70.95
N LEU A 12 -58.35 1.27 -69.64
CA LEU A 12 -57.00 1.09 -69.12
C LEU A 12 -57.04 0.65 -67.66
N GLU A 13 -56.22 -0.35 -67.33
CA GLU A 13 -56.11 -0.84 -65.96
C GLU A 13 -54.73 -1.48 -65.77
N ALA A 14 -53.92 -0.87 -64.92
CA ALA A 14 -52.58 -1.38 -64.66
C ALA A 14 -52.10 -0.91 -63.29
N GLN A 15 -51.68 -1.86 -62.46
CA GLN A 15 -51.19 -1.57 -61.11
C GLN A 15 -50.18 -2.64 -60.68
N THR A 16 -49.47 -2.36 -59.58
CA THR A 16 -48.41 -3.24 -59.11
C THR A 16 -48.26 -3.16 -57.60
N GLN A 17 -47.49 -4.10 -57.04
CA GLN A 17 -47.26 -4.18 -55.59
C GLN A 17 -45.81 -4.60 -55.32
N GLY A 18 -45.33 -4.27 -54.13
CA GLY A 18 -43.97 -4.64 -53.75
C GLY A 18 -43.75 -4.54 -52.24
N PRO A 19 -43.10 -5.55 -51.62
CA PRO A 19 -42.78 -5.53 -50.20
C PRO A 19 -41.42 -4.88 -49.91
N GLY A 20 -41.11 -4.73 -48.63
CA GLY A 20 -39.82 -4.16 -48.22
C GLY A 20 -39.52 -4.43 -46.77
N SER A 21 -38.33 -4.98 -46.50
CA SER A 21 -37.91 -5.33 -45.15
C SER A 21 -36.43 -5.67 -45.11
N MET A 22 -35.86 -5.68 -43.92
CA MET A 22 -34.46 -6.05 -43.71
C MET A 22 -34.23 -6.36 -42.23
N SER A 23 -33.40 -7.36 -41.93
CA SER A 23 -33.12 -7.75 -40.56
C SER A 23 -31.65 -7.50 -40.21
N SER A 24 -31.40 -7.02 -38.99
CA SER A 24 -30.05 -6.74 -38.52
C SER A 24 -29.81 -7.38 -37.16
N GLY A 25 -28.58 -7.82 -36.91
CA GLY A 25 -28.26 -8.48 -35.65
C GLY A 25 -26.77 -8.47 -35.38
N SER A 26 -26.40 -8.61 -34.11
CA SER A 26 -25.01 -8.62 -33.69
C SER A 26 -24.91 -9.02 -32.21
N SER A 27 -23.68 -9.19 -31.73
CA SER A 27 -23.43 -9.52 -30.32
C SER A 27 -21.98 -9.24 -29.94
N GLN A 28 -21.79 -8.45 -28.89
CA GLN A 28 -20.45 -8.14 -28.36
C GLN A 28 -20.46 -8.22 -26.83
N ILE A 29 -19.74 -9.19 -26.28
CA ILE A 29 -19.63 -9.34 -24.82
C ILE A 29 -18.20 -9.03 -24.38
N TYR A 30 -18.07 -8.25 -23.32
CA TYR A 30 -16.77 -7.83 -22.81
C TYR A 30 -16.72 -7.90 -21.28
N LYS A 31 -15.61 -8.37 -20.74
CA LYS A 31 -15.40 -8.43 -19.29
C LYS A 31 -13.93 -8.22 -18.98
N GLU A 32 -13.65 -7.74 -17.77
CA GLU A 32 -12.28 -7.47 -17.33
C GLU A 32 -12.23 -7.28 -15.82
N GLY A 33 -11.04 -7.08 -15.27
CA GLY A 33 -10.89 -6.81 -13.85
C GLY A 33 -9.50 -7.10 -13.34
N TYR A 34 -8.94 -6.17 -12.56
CA TYR A 34 -7.62 -6.34 -11.95
C TYR A 34 -7.69 -5.95 -10.47
N ILE A 35 -6.82 -6.54 -9.66
CA ILE A 35 -6.78 -6.25 -8.22
C ILE A 35 -5.33 -6.24 -7.71
N LEU A 36 -4.86 -5.06 -7.31
CA LEU A 36 -3.52 -4.91 -6.75
C LEU A 36 -3.62 -4.45 -5.31
N ASP A 37 -2.71 -4.93 -4.45
CA ASP A 37 -2.75 -4.60 -3.03
C ASP A 37 -2.00 -3.30 -2.76
N LYS A 38 -2.71 -2.32 -2.24
CA LYS A 38 -2.16 -0.99 -1.97
C LYS A 38 -1.18 -1.01 -0.79
N ASN A 39 -1.54 -1.76 0.25
CA ASN A 39 -0.77 -1.76 1.51
C ASN A 39 0.57 -2.49 1.33
N ALA A 40 0.54 -3.55 0.53
CA ALA A 40 1.72 -4.38 0.29
C ALA A 40 2.89 -3.57 -0.25
N LEU A 41 2.58 -2.54 -1.03
CA LEU A 41 3.60 -1.70 -1.66
C LEU A 41 4.45 -0.98 -0.62
N ASP A 42 3.84 -0.64 0.50
CA ASP A 42 4.51 0.16 1.54
C ASP A 42 5.41 -0.72 2.42
N SER A 43 5.33 -2.02 2.19
CA SER A 43 5.99 -3.00 3.06
C SER A 43 7.49 -3.13 2.78
N ILE A 44 8.06 -2.19 2.04
CA ILE A 44 9.50 -2.17 1.78
C ILE A 44 10.26 -1.69 3.03
N SER A 45 11.32 -2.40 3.38
CA SER A 45 12.08 -2.10 4.60
C SER A 45 13.47 -1.54 4.30
N ILE A 46 14.01 -0.81 5.27
CA ILE A 46 15.34 -0.20 5.13
C ILE A 46 16.36 -1.26 4.77
N GLY A 47 17.25 -0.93 3.84
CA GLY A 47 18.18 -1.89 3.31
C GLY A 47 17.77 -2.37 1.93
N SER A 48 16.46 -2.47 1.70
CA SER A 48 15.94 -3.06 0.46
C SER A 48 16.57 -2.38 -0.78
N SER A 49 16.87 -3.18 -1.78
CA SER A 49 17.58 -2.71 -2.96
C SER A 49 16.68 -1.82 -3.81
N GLN A 50 17.27 -0.84 -4.48
CA GLN A 50 16.54 0.06 -5.37
C GLN A 50 15.70 -0.75 -6.36
N GLU A 51 16.31 -1.79 -6.92
CA GLU A 51 15.61 -2.66 -7.87
C GLU A 51 14.36 -3.25 -7.23
N GLN A 52 14.46 -3.54 -5.93
CA GLN A 52 13.37 -4.20 -5.21
C GLN A 52 12.23 -3.21 -4.98
N VAL A 53 12.56 -2.02 -4.48
CA VAL A 53 11.55 -1.01 -4.20
C VAL A 53 10.82 -0.57 -5.47
N ILE A 54 11.56 -0.36 -6.57
CA ILE A 54 10.94 0.05 -7.83
C ILE A 54 10.15 -1.12 -8.45
N LEU A 55 10.65 -2.34 -8.28
CA LEU A 55 9.95 -3.52 -8.81
C LEU A 55 8.61 -3.70 -8.07
N ALA A 56 8.63 -3.41 -6.78
CA ALA A 56 7.44 -3.59 -5.95
C ALA A 56 6.42 -2.47 -6.15
N LEU A 57 6.87 -1.22 -6.08
CA LEU A 57 5.97 -0.07 -6.17
C LEU A 57 5.82 0.42 -7.61
N GLY A 58 6.93 0.51 -8.32
CA GLY A 58 6.98 1.13 -9.62
C GLY A 58 8.11 2.14 -9.69
N THR A 59 8.35 2.69 -10.88
CA THR A 59 9.42 3.67 -11.06
C THR A 59 9.05 5.01 -10.40
N PRO A 60 10.03 5.73 -9.84
CA PRO A 60 9.80 7.00 -9.14
C PRO A 60 9.25 8.08 -10.08
N SER A 61 8.45 8.99 -9.51
CA SER A 61 7.87 10.07 -10.30
C SER A 61 8.85 11.23 -10.40
N LEU A 62 9.71 11.35 -9.39
CA LEU A 62 10.74 12.39 -9.34
C LEU A 62 12.06 11.78 -8.85
N LYS A 63 13.18 12.32 -9.31
CA LYS A 63 14.51 11.91 -8.83
C LYS A 63 15.32 13.15 -8.49
N THR A 64 15.98 13.16 -7.32
CA THR A 64 16.82 14.27 -6.94
C THR A 64 17.95 13.79 -6.04
N LYS A 65 19.17 14.25 -6.30
CA LYS A 65 20.31 13.82 -5.51
C LYS A 65 20.99 14.98 -4.79
N TYR A 66 20.80 14.98 -3.49
CA TYR A 66 21.60 15.73 -2.54
C TYR A 66 22.43 14.68 -1.82
N ASP A 67 23.54 15.04 -1.17
CA ASP A 67 24.53 14.05 -0.71
C ASP A 67 23.90 12.83 -0.02
N ASN A 68 22.62 12.91 0.36
CA ASN A 68 21.81 11.72 0.62
C ASN A 68 20.77 11.62 -0.50
N GLU A 69 21.10 10.84 -1.53
CA GLU A 69 20.30 10.78 -2.78
C GLU A 69 18.89 10.24 -2.50
N VAL A 70 17.88 10.80 -3.16
CA VAL A 70 16.50 10.40 -2.91
C VAL A 70 15.66 10.34 -4.19
N PHE A 71 14.77 9.33 -4.25
CA PHE A 71 13.84 9.17 -5.35
C PHE A 71 12.40 9.28 -4.82
N TYR A 72 11.61 10.16 -5.42
CA TYR A 72 10.24 10.41 -4.97
C TYR A 72 9.23 9.64 -5.81
N TYR A 73 8.53 8.72 -5.16
CA TYR A 73 7.44 7.95 -5.77
C TYR A 73 6.12 8.61 -5.42
N ILE A 74 5.45 9.18 -6.42
CA ILE A 74 4.21 9.91 -6.19
C ILE A 74 3.05 9.27 -6.96
N SER A 75 3.00 9.54 -8.27
CA SER A 75 1.94 9.00 -9.12
C SER A 75 2.14 9.46 -10.56
N GLN A 76 1.23 9.05 -11.44
CA GLN A 76 1.23 9.47 -12.82
C GLN A 76 0.44 10.77 -12.95
N THR A 77 0.75 11.58 -13.95
CA THR A 77 0.08 12.86 -14.14
C THR A 77 -1.32 12.64 -14.74
N ARG A 78 -2.23 12.15 -13.90
CA ARG A 78 -3.62 11.93 -14.27
C ARG A 78 -4.52 12.36 -13.11
N TYR A 79 -5.55 13.16 -13.42
CA TYR A 79 -6.44 13.69 -12.39
C TYR A 79 -7.58 12.73 -12.11
N ARG A 80 -8.18 12.21 -13.18
CA ARG A 80 -9.27 11.26 -13.07
C ARG A 80 -8.81 9.90 -13.55
N GLY A 81 -8.47 9.04 -12.60
CA GLY A 81 -8.03 7.69 -12.91
C GLY A 81 -9.19 6.75 -13.19
N MET A 82 -9.09 5.52 -12.70
CA MET A 82 -10.15 4.54 -12.88
C MET A 82 -11.38 4.93 -12.05
N GLN A 83 -12.27 5.69 -12.66
CA GLN A 83 -13.52 6.07 -12.00
C GLN A 83 -14.49 4.90 -12.01
N PHE A 84 -15.40 4.86 -11.04
CA PHE A 84 -16.34 3.75 -10.88
C PHE A 84 -15.58 2.45 -10.58
N MET A 85 -14.40 2.60 -10.01
CA MET A 85 -13.53 1.48 -9.68
C MET A 85 -14.25 0.47 -8.77
N LYS A 86 -14.31 -0.78 -9.22
CA LYS A 86 -14.94 -1.85 -8.45
C LYS A 86 -14.19 -2.05 -7.13
N THR A 87 -12.86 -2.03 -7.20
CA THR A 87 -12.03 -2.10 -5.99
C THR A 87 -11.78 -0.72 -5.43
N LYS A 88 -11.93 -0.58 -4.11
CA LYS A 88 -11.69 0.70 -3.43
C LYS A 88 -10.21 0.84 -3.06
N ILE A 89 -9.45 -0.22 -3.29
CA ILE A 89 -8.07 -0.30 -2.83
C ILE A 89 -7.08 0.13 -3.93
N ILE A 90 -7.53 0.07 -5.19
CA ILE A 90 -6.69 0.50 -6.31
C ILE A 90 -6.37 2.00 -6.20
N ASP A 91 -5.10 2.31 -5.92
CA ASP A 91 -4.69 3.69 -5.67
C ASP A 91 -3.16 3.79 -5.58
N ARG A 92 -2.65 5.02 -5.53
CA ARG A 92 -1.21 5.27 -5.43
C ARG A 92 -0.91 5.99 -4.10
N LYS A 93 0.36 6.26 -3.82
CA LYS A 93 0.75 6.96 -2.60
C LYS A 93 2.10 7.64 -2.78
N VAL A 94 2.52 8.41 -1.77
CA VAL A 94 3.76 9.16 -1.83
C VAL A 94 4.79 8.55 -0.90
N LEU A 95 5.95 8.20 -1.46
CA LEU A 95 7.02 7.57 -0.71
C LEU A 95 8.37 7.99 -1.30
N ALA A 96 9.27 8.45 -0.44
CA ALA A 96 10.59 8.89 -0.87
C ALA A 96 11.67 7.93 -0.39
N ILE A 97 12.35 7.29 -1.34
CA ILE A 97 13.44 6.38 -1.04
C ILE A 97 14.76 7.13 -0.93
N TYR A 98 15.24 7.30 0.30
CA TYR A 98 16.53 7.92 0.53
C TYR A 98 17.61 6.85 0.47
N PHE A 99 18.35 6.90 -0.63
CA PHE A 99 19.34 5.89 -1.01
C PHE A 99 20.69 6.18 -0.33
N ASN A 100 21.53 5.16 -0.26
CA ASN A 100 22.90 5.31 0.25
C ASN A 100 23.85 4.62 -0.72
N LYS A 101 25.02 5.25 -0.88
CA LYS A 101 26.03 4.83 -1.85
C LYS A 101 26.57 3.44 -1.54
N ASN A 102 26.09 2.86 -0.45
CA ASN A 102 26.30 1.44 -0.17
C ASN A 102 25.36 0.62 -1.07
N ASP A 103 24.69 1.32 -1.99
CA ASP A 103 23.78 0.75 -2.95
C ASP A 103 22.56 0.19 -2.25
N GLN A 104 22.11 0.89 -1.21
CA GLN A 104 20.95 0.41 -0.41
C GLN A 104 20.06 1.57 0.00
N VAL A 105 18.87 1.30 0.50
CA VAL A 105 18.01 2.39 1.00
C VAL A 105 18.27 2.63 2.49
N THR A 106 18.71 3.85 2.82
CA THR A 106 19.07 4.19 4.20
C THR A 106 17.86 4.77 4.95
N LYS A 107 17.07 5.58 4.27
CA LYS A 107 15.89 6.18 4.88
C LYS A 107 14.68 5.97 3.97
N ILE A 108 13.53 5.67 4.57
CA ILE A 108 12.29 5.52 3.81
C ILE A 108 11.24 6.47 4.36
N ALA A 109 10.85 7.44 3.55
CA ALA A 109 9.76 8.33 3.90
C ALA A 109 8.49 7.82 3.23
N ASN A 110 7.47 7.52 4.02
CA ASN A 110 6.28 6.88 3.49
C ASN A 110 5.01 7.50 4.06
N TYR A 111 4.10 7.86 3.16
CA TYR A 111 2.78 8.34 3.54
C TYR A 111 1.80 7.16 3.47
N GLY A 112 1.24 6.78 4.61
CA GLY A 112 0.38 5.61 4.66
C GLY A 112 -0.10 5.31 6.07
N LEU A 113 -0.64 4.11 6.27
CA LEU A 113 -1.16 3.70 7.57
C LEU A 113 -0.28 2.61 8.19
N GLN A 114 -0.45 2.39 9.49
CA GLN A 114 0.21 1.27 10.15
C GLN A 114 -0.85 0.35 10.75
N ASP A 115 -1.10 -0.76 10.05
CA ASP A 115 -2.01 -1.82 10.52
C ASP A 115 -3.30 -1.28 11.15
N GLY A 116 -3.75 -0.12 10.68
CA GLY A 116 -4.95 0.49 11.23
C GLY A 116 -5.28 1.82 10.60
N GLN A 117 -4.61 2.87 11.05
CA GLN A 117 -4.90 4.22 10.59
C GLN A 117 -3.63 4.89 10.07
N VAL A 118 -3.82 6.03 9.41
CA VAL A 118 -2.72 6.80 8.84
C VAL A 118 -1.69 7.21 9.90
N PHE A 119 -0.43 6.94 9.62
CA PHE A 119 0.67 7.36 10.48
C PHE A 119 1.90 7.70 9.65
N ASP A 120 2.39 8.93 9.79
CA ASP A 120 3.61 9.37 9.09
C ASP A 120 4.82 9.00 9.93
N PHE A 121 5.43 7.87 9.59
CA PHE A 121 6.55 7.31 10.37
C PHE A 121 7.68 8.31 10.53
N ILE A 122 8.10 8.92 9.42
CA ILE A 122 9.23 9.85 9.44
C ILE A 122 8.86 11.16 10.10
N ALA A 123 7.59 11.54 10.01
CA ALA A 123 7.11 12.79 10.59
C ALA A 123 6.66 12.58 12.04
N GLN A 124 6.72 11.32 12.49
CA GLN A 124 6.35 10.91 13.86
C GLN A 124 5.01 11.50 14.31
N THR A 125 4.15 11.80 13.33
CA THR A 125 2.86 12.39 13.59
C THR A 125 1.75 11.40 13.23
N THR A 126 0.60 11.54 13.87
CA THR A 126 -0.55 10.69 13.59
C THR A 126 -1.78 11.55 13.30
N PRO A 127 -2.15 11.69 12.02
CA PRO A 127 -3.34 12.43 11.62
C PRO A 127 -4.61 11.64 11.95
N THR A 128 -5.58 12.30 12.55
CA THR A 128 -6.85 11.67 12.88
C THR A 128 -7.81 11.70 11.70
N ALA A 129 -8.56 10.63 11.53
CA ALA A 129 -9.52 10.51 10.44
C ALA A 129 -10.78 9.81 10.94
N THR A 130 -11.94 10.24 10.45
CA THR A 130 -13.21 9.67 10.87
C THR A 130 -13.31 8.19 10.46
N LYS A 131 -13.34 7.31 11.43
CA LYS A 131 -13.37 5.86 11.20
C LYS A 131 -14.72 5.42 10.63
N GLU A 132 -15.66 6.34 10.57
CA GLU A 132 -17.00 6.05 10.08
C GLU A 132 -16.97 5.51 8.65
N GLN A 133 -16.51 6.34 7.72
CA GLN A 133 -16.62 6.05 6.28
C GLN A 133 -15.54 5.07 5.78
N PRO A 134 -14.24 5.45 5.88
CA PRO A 134 -13.16 4.83 5.12
C PRO A 134 -12.34 3.81 5.91
N LEU A 135 -12.88 2.62 6.15
CA LEU A 135 -12.29 1.83 7.22
C LEU A 135 -10.94 1.15 6.89
N LEU A 136 -10.84 0.17 5.97
CA LEU A 136 -9.52 -0.47 5.80
C LEU A 136 -8.48 0.31 4.94
N ILE A 137 -8.80 0.49 3.65
CA ILE A 137 -7.98 1.25 2.70
C ILE A 137 -8.18 2.74 2.75
N GLN A 138 -9.45 3.08 2.65
CA GLN A 138 -9.92 4.42 2.33
C GLN A 138 -9.28 5.48 3.21
N ILE A 139 -8.92 5.07 4.41
CA ILE A 139 -8.24 5.95 5.36
C ILE A 139 -7.00 6.61 4.73
N ILE A 140 -6.17 5.83 4.04
CA ILE A 140 -5.01 6.39 3.34
C ILE A 140 -5.37 6.85 1.94
N LYS A 141 -6.41 6.23 1.38
CA LYS A 141 -6.89 6.58 0.04
C LYS A 141 -7.47 8.00 0.05
N GLY A 142 -8.09 8.35 1.17
CA GLY A 142 -8.75 9.64 1.29
C GLY A 142 -7.82 10.82 1.09
N PRO A 143 -6.85 11.02 2.01
CA PRO A 143 -5.88 12.12 1.93
C PRO A 143 -4.72 11.82 0.99
N ALA A 144 -4.92 10.85 0.10
CA ALA A 144 -3.93 10.49 -0.90
C ALA A 144 -3.73 11.63 -1.88
N ASN A 145 -2.92 12.59 -1.48
CA ASN A 145 -2.58 13.74 -2.30
C ASN A 145 -1.17 14.20 -1.95
N LEU A 146 -0.32 14.31 -2.97
CA LEU A 146 1.05 14.79 -2.78
C LEU A 146 1.09 16.06 -1.91
N PRO A 147 1.92 16.04 -0.84
CA PRO A 147 2.06 17.19 0.06
C PRO A 147 2.74 18.37 -0.64
N MET A 1 -42.48 16.25 96.13
CA MET A 1 -41.55 15.19 96.57
C MET A 1 -41.01 14.42 95.36
N ALA A 2 -40.08 13.51 95.60
CA ALA A 2 -39.52 12.69 94.54
C ALA A 2 -40.49 11.55 94.18
N HIS A 3 -41.26 11.75 93.12
CA HIS A 3 -42.23 10.75 92.69
C HIS A 3 -41.53 9.61 91.94
N HIS A 4 -41.30 8.50 92.63
CA HIS A 4 -40.64 7.35 92.02
C HIS A 4 -41.29 6.05 92.48
N HIS A 5 -41.67 5.24 91.50
CA HIS A 5 -42.13 3.87 91.74
C HIS A 5 -41.31 2.92 90.87
N HIS A 6 -40.64 1.97 91.50
CA HIS A 6 -39.74 1.04 90.81
C HIS A 6 -40.42 0.35 89.62
N HIS A 7 -39.66 0.17 88.54
CA HIS A 7 -40.15 -0.54 87.36
C HIS A 7 -38.99 -1.34 86.76
N HIS A 8 -39.33 -2.37 85.99
CA HIS A 8 -38.30 -3.22 85.39
C HIS A 8 -38.65 -3.55 83.94
N MET A 9 -37.62 -3.71 83.11
CA MET A 9 -37.80 -3.97 81.68
C MET A 9 -36.56 -4.67 81.12
N GLY A 10 -36.60 -4.98 79.82
CA GLY A 10 -35.46 -5.59 79.15
C GLY A 10 -35.02 -4.77 77.96
N THR A 11 -33.74 -4.43 77.90
CA THR A 11 -33.21 -3.58 76.84
C THR A 11 -32.73 -4.40 75.64
N LEU A 12 -33.20 -4.04 74.45
CA LEU A 12 -32.84 -4.72 73.21
C LEU A 12 -32.13 -3.74 72.26
N GLU A 13 -31.59 -4.25 71.15
CA GLU A 13 -30.89 -3.42 70.18
C GLU A 13 -30.75 -4.14 68.83
N ALA A 14 -30.58 -3.37 67.76
CA ALA A 14 -30.42 -3.92 66.42
C ALA A 14 -29.84 -2.85 65.48
N GLN A 15 -28.67 -3.13 64.90
CA GLN A 15 -28.03 -2.20 63.97
C GLN A 15 -27.90 -2.83 62.59
N THR A 16 -27.98 -1.99 61.56
CA THR A 16 -27.90 -2.43 60.17
C THR A 16 -27.56 -1.26 59.24
N GLN A 17 -26.37 -1.31 58.65
CA GLN A 17 -25.92 -0.30 57.69
C GLN A 17 -25.10 -0.96 56.58
N GLY A 18 -24.94 -0.27 55.44
CA GLY A 18 -24.15 -0.80 54.35
C GLY A 18 -24.55 -0.23 53.00
N PRO A 19 -23.85 0.82 52.52
CA PRO A 19 -24.09 1.41 51.21
C PRO A 19 -23.39 0.63 50.07
N GLY A 20 -23.75 0.96 48.83
CA GLY A 20 -23.17 0.28 47.68
C GLY A 20 -23.43 1.04 46.38
N SER A 21 -22.56 0.82 45.39
CA SER A 21 -22.68 1.47 44.08
C SER A 21 -21.68 0.89 43.08
N MET A 22 -22.00 0.97 41.79
CA MET A 22 -21.12 0.50 40.72
C MET A 22 -21.63 0.96 39.35
N SER A 23 -20.71 1.36 38.47
CA SER A 23 -21.08 1.83 37.13
C SER A 23 -19.89 1.72 36.17
N SER A 24 -20.01 0.87 35.16
CA SER A 24 -18.97 0.68 34.15
C SER A 24 -19.58 0.16 32.83
N GLY A 25 -18.88 0.40 31.72
CA GLY A 25 -19.33 -0.10 30.43
C GLY A 25 -18.95 0.83 29.29
N SER A 26 -18.24 0.30 28.30
CA SER A 26 -17.81 1.07 27.13
C SER A 26 -17.18 0.15 26.09
N SER A 27 -17.50 0.36 24.81
CA SER A 27 -16.93 -0.46 23.74
C SER A 27 -16.79 0.36 22.45
N GLN A 28 -15.72 0.08 21.69
CA GLN A 28 -15.52 0.68 20.38
C GLN A 28 -15.44 -0.43 19.34
N ILE A 29 -16.10 -0.21 18.21
CA ILE A 29 -16.16 -1.22 17.15
C ILE A 29 -15.02 -1.03 16.16
N TYR A 30 -13.97 -1.83 16.31
CA TYR A 30 -12.82 -1.78 15.42
C TYR A 30 -12.99 -2.80 14.29
N LYS A 31 -12.48 -2.45 13.11
CA LYS A 31 -12.49 -3.32 11.95
C LYS A 31 -11.86 -2.61 10.75
N GLU A 32 -10.59 -2.95 10.51
CA GLU A 32 -9.81 -2.39 9.41
C GLU A 32 -8.59 -3.27 9.15
N GLY A 33 -7.86 -2.97 8.07
CA GLY A 33 -6.69 -3.76 7.71
C GLY A 33 -7.06 -4.86 6.71
N TYR A 34 -6.46 -4.79 5.52
CA TYR A 34 -6.76 -5.73 4.45
C TYR A 34 -5.46 -6.20 3.79
N ILE A 35 -5.31 -7.51 3.65
CA ILE A 35 -4.09 -8.10 3.11
C ILE A 35 -3.81 -7.63 1.68
N LEU A 36 -4.87 -7.30 0.96
CA LEU A 36 -4.76 -6.89 -0.44
C LEU A 36 -4.81 -5.37 -0.59
N ASP A 37 -4.54 -4.67 0.52
CA ASP A 37 -4.60 -3.20 0.53
C ASP A 37 -3.32 -2.60 -0.07
N LYS A 38 -3.48 -1.50 -0.80
CA LYS A 38 -2.35 -0.83 -1.48
C LYS A 38 -1.33 -0.25 -0.48
N ASN A 39 -1.62 -0.38 0.81
CA ASN A 39 -0.67 -0.02 1.87
C ASN A 39 0.53 -0.97 1.83
N ALA A 40 0.25 -2.21 1.42
CA ALA A 40 1.21 -3.32 1.48
C ALA A 40 2.55 -2.97 0.83
N LEU A 41 2.53 -2.11 -0.18
CA LEU A 41 3.73 -1.76 -0.95
C LEU A 41 4.88 -1.31 -0.03
N ASP A 42 4.57 -0.95 1.22
CA ASP A 42 5.59 -0.56 2.20
C ASP A 42 6.38 -1.78 2.72
N SER A 43 6.16 -2.95 2.10
CA SER A 43 6.87 -4.17 2.48
C SER A 43 8.37 -4.08 2.17
N ILE A 44 8.80 -2.98 1.55
CA ILE A 44 10.23 -2.72 1.34
C ILE A 44 10.85 -2.29 2.67
N SER A 45 12.05 -2.79 2.95
CA SER A 45 12.71 -2.50 4.22
C SER A 45 14.00 -1.72 3.99
N ILE A 46 14.40 -0.95 5.00
CA ILE A 46 15.65 -0.21 4.97
C ILE A 46 16.81 -1.15 4.62
N GLY A 47 17.61 -0.77 3.64
CA GLY A 47 18.69 -1.59 3.17
C GLY A 47 18.41 -2.15 1.77
N SER A 48 17.13 -2.37 1.48
CA SER A 48 16.72 -2.97 0.20
C SER A 48 17.33 -2.19 -0.98
N SER A 49 17.75 -2.90 -2.01
CA SER A 49 18.41 -2.27 -3.13
C SER A 49 17.40 -1.56 -4.03
N GLN A 50 17.89 -0.57 -4.80
CA GLN A 50 17.04 0.20 -5.69
C GLN A 50 16.22 -0.73 -6.58
N GLU A 51 16.88 -1.77 -7.09
CA GLU A 51 16.20 -2.74 -7.95
C GLU A 51 15.06 -3.44 -7.21
N GLN A 52 15.24 -3.65 -5.90
CA GLN A 52 14.21 -4.33 -5.12
C GLN A 52 13.01 -3.41 -4.92
N VAL A 53 13.28 -2.15 -4.55
CA VAL A 53 12.20 -1.20 -4.32
C VAL A 53 11.43 -0.90 -5.62
N ILE A 54 12.15 -0.74 -6.73
CA ILE A 54 11.51 -0.49 -8.02
C ILE A 54 10.81 -1.75 -8.55
N LEU A 55 11.36 -2.92 -8.24
CA LEU A 55 10.72 -4.17 -8.64
C LEU A 55 9.39 -4.36 -7.89
N ALA A 56 9.40 -3.97 -6.62
CA ALA A 56 8.23 -4.14 -5.76
C ALA A 56 7.17 -3.05 -6.04
N LEU A 57 7.59 -1.79 -6.04
CA LEU A 57 6.65 -0.67 -6.17
C LEU A 57 6.51 -0.21 -7.63
N GLY A 58 7.61 -0.28 -8.39
CA GLY A 58 7.62 0.27 -9.72
C GLY A 58 8.63 1.40 -9.83
N THR A 59 8.82 1.91 -11.02
CA THR A 59 9.75 3.01 -11.23
C THR A 59 9.22 4.31 -10.61
N PRO A 60 10.07 5.07 -9.90
CA PRO A 60 9.65 6.30 -9.23
C PRO A 60 9.19 7.37 -10.23
N SER A 61 8.10 8.05 -9.90
CA SER A 61 7.54 9.08 -10.75
C SER A 61 8.49 10.27 -10.80
N LEU A 62 9.10 10.57 -9.66
CA LEU A 62 10.04 11.68 -9.54
C LEU A 62 11.25 11.25 -8.73
N LYS A 63 12.33 12.01 -8.83
CA LYS A 63 13.48 11.84 -7.97
C LYS A 63 14.32 13.10 -7.99
N THR A 64 14.78 13.52 -6.82
CA THR A 64 15.54 14.75 -6.69
C THR A 64 16.89 14.47 -6.04
N LYS A 65 17.94 15.12 -6.55
CA LYS A 65 19.27 14.91 -6.01
C LYS A 65 19.73 16.10 -5.16
N TYR A 66 19.78 15.84 -3.88
CA TYR A 66 20.56 16.59 -2.92
C TYR A 66 21.58 15.60 -2.38
N ASP A 67 22.69 16.06 -1.82
CA ASP A 67 23.85 15.19 -1.56
C ASP A 67 23.48 13.83 -0.93
N ASN A 68 22.26 13.73 -0.38
CA ASN A 68 21.65 12.42 -0.11
C ASN A 68 20.43 12.27 -1.03
N GLU A 69 20.64 11.68 -2.20
CA GLU A 69 19.62 11.63 -3.26
C GLU A 69 18.38 10.86 -2.80
N VAL A 70 17.19 11.32 -3.21
CA VAL A 70 15.94 10.69 -2.78
C VAL A 70 14.96 10.54 -3.95
N PHE A 71 14.39 9.34 -4.07
CA PHE A 71 13.40 9.05 -5.08
C PHE A 71 12.00 9.36 -4.55
N TYR A 72 11.05 9.56 -5.45
CA TYR A 72 9.66 9.85 -5.07
C TYR A 72 8.70 8.97 -5.87
N TYR A 73 8.09 8.03 -5.17
CA TYR A 73 7.09 7.14 -5.76
C TYR A 73 5.70 7.68 -5.45
N ILE A 74 5.04 8.18 -6.49
CA ILE A 74 3.69 8.72 -6.39
C ILE A 74 2.97 8.49 -7.72
N SER A 75 1.68 8.80 -7.78
CA SER A 75 0.96 8.82 -9.04
C SER A 75 1.63 9.80 -9.99
N GLN A 76 2.04 9.31 -11.16
CA GLN A 76 2.85 10.08 -12.11
C GLN A 76 2.14 11.35 -12.57
N THR A 77 0.84 11.42 -12.36
CA THR A 77 0.09 12.63 -12.62
C THR A 77 0.32 13.63 -11.48
N ARG A 78 1.22 14.59 -11.70
CA ARG A 78 1.55 15.60 -10.69
C ARG A 78 0.29 16.40 -10.35
N TYR A 79 -0.44 16.78 -11.40
CA TYR A 79 -1.75 17.41 -11.28
C TYR A 79 -2.42 17.51 -12.64
N ARG A 80 -3.74 17.40 -12.66
CA ARG A 80 -4.53 17.49 -13.88
C ARG A 80 -6.00 17.43 -13.50
N GLY A 81 -6.69 18.57 -13.60
CA GLY A 81 -8.07 18.65 -13.17
C GLY A 81 -8.16 18.72 -11.66
N MET A 82 -8.36 19.92 -11.14
CA MET A 82 -8.32 20.16 -9.69
C MET A 82 -9.56 19.57 -9.00
N GLN A 83 -10.54 19.13 -9.78
CA GLN A 83 -11.74 18.49 -9.26
C GLN A 83 -11.36 17.16 -8.59
N PHE A 84 -11.12 17.20 -7.27
CA PHE A 84 -10.65 16.03 -6.52
C PHE A 84 -11.82 15.15 -6.08
N MET A 85 -12.95 15.28 -6.78
CA MET A 85 -14.14 14.49 -6.47
C MET A 85 -14.23 13.28 -7.41
N LYS A 86 -13.14 13.00 -8.12
CA LYS A 86 -13.04 11.87 -9.02
C LYS A 86 -12.42 10.67 -8.31
N THR A 87 -12.06 9.64 -9.07
CA THR A 87 -11.47 8.42 -8.49
C THR A 87 -10.34 8.76 -7.51
N LYS A 88 -10.47 8.24 -6.30
CA LYS A 88 -9.56 8.56 -5.20
C LYS A 88 -8.77 7.32 -4.79
N ILE A 89 -9.26 6.15 -5.19
CA ILE A 89 -8.62 4.88 -4.86
C ILE A 89 -7.18 4.84 -5.39
N ILE A 90 -6.89 5.66 -6.40
CA ILE A 90 -5.57 5.75 -7.00
C ILE A 90 -4.52 6.12 -5.93
N ASP A 91 -3.29 5.66 -6.10
CA ASP A 91 -2.23 5.93 -5.13
C ASP A 91 -1.69 7.35 -5.27
N ARG A 92 -2.36 8.27 -4.58
CA ARG A 92 -1.91 9.64 -4.47
C ARG A 92 -0.90 9.76 -3.31
N LYS A 93 -0.68 8.65 -2.59
CA LYS A 93 0.21 8.64 -1.43
C LYS A 93 1.65 8.93 -1.85
N VAL A 94 2.51 9.13 -0.87
CA VAL A 94 3.90 9.51 -1.13
C VAL A 94 4.87 8.49 -0.53
N LEU A 95 5.74 7.94 -1.39
CA LEU A 95 6.85 7.09 -0.93
C LEU A 95 8.17 7.73 -1.33
N ALA A 96 8.80 8.42 -0.39
CA ALA A 96 10.10 9.05 -0.65
C ALA A 96 11.21 8.12 -0.17
N ILE A 97 12.03 7.67 -1.12
CA ILE A 97 13.08 6.69 -0.85
C ILE A 97 14.46 7.36 -0.84
N TYR A 98 15.00 7.54 0.37
CA TYR A 98 16.33 8.12 0.52
C TYR A 98 17.38 7.06 0.22
N PHE A 99 18.00 7.22 -0.95
CA PHE A 99 18.89 6.24 -1.56
C PHE A 99 20.28 6.27 -0.92
N ASN A 100 21.04 5.22 -1.20
CA ASN A 100 22.38 5.02 -0.66
C ASN A 100 23.30 4.55 -1.77
N LYS A 101 24.45 5.21 -1.88
CA LYS A 101 25.44 4.95 -2.91
C LYS A 101 25.80 3.46 -2.98
N ASN A 102 25.49 2.74 -1.91
CA ASN A 102 25.78 1.31 -1.85
C ASN A 102 24.67 0.52 -2.55
N ASP A 103 23.93 1.24 -3.40
CA ASP A 103 22.81 0.68 -4.17
C ASP A 103 21.67 0.32 -3.25
N GLN A 104 21.60 0.96 -2.07
CA GLN A 104 20.64 0.55 -1.05
C GLN A 104 19.69 1.69 -0.73
N VAL A 105 18.62 1.38 -0.01
CA VAL A 105 17.79 2.44 0.55
C VAL A 105 18.20 2.66 2.01
N THR A 106 18.69 3.85 2.30
CA THR A 106 19.19 4.13 3.65
C THR A 106 18.08 4.71 4.52
N LYS A 107 17.12 5.41 3.90
CA LYS A 107 15.96 5.91 4.65
C LYS A 107 14.69 5.81 3.82
N ILE A 108 13.58 5.45 4.47
CA ILE A 108 12.29 5.32 3.81
C ILE A 108 11.27 6.24 4.45
N ALA A 109 10.61 7.06 3.63
CA ALA A 109 9.54 7.93 4.08
C ALA A 109 8.24 7.54 3.39
N ASN A 110 7.22 7.21 4.17
CA ASN A 110 5.99 6.65 3.62
C ASN A 110 4.77 7.40 4.14
N TYR A 111 3.79 7.58 3.25
CA TYR A 111 2.48 8.10 3.64
C TYR A 111 1.46 6.96 3.59
N GLY A 112 0.89 6.62 4.74
CA GLY A 112 -0.06 5.52 4.82
C GLY A 112 -0.51 5.25 6.24
N LEU A 113 -1.13 4.09 6.46
CA LEU A 113 -1.62 3.71 7.80
C LEU A 113 -0.77 2.59 8.38
N GLN A 114 -0.84 2.42 9.69
CA GLN A 114 -0.18 1.30 10.35
C GLN A 114 -1.22 0.41 11.01
N ASP A 115 -1.55 -0.70 10.36
CA ASP A 115 -2.48 -1.72 10.89
C ASP A 115 -3.69 -1.10 11.60
N GLY A 116 -4.12 0.07 11.15
CA GLY A 116 -5.24 0.75 11.77
C GLY A 116 -5.61 2.04 11.07
N GLN A 117 -4.97 3.14 11.48
CA GLN A 117 -5.30 4.47 10.96
C GLN A 117 -4.09 5.09 10.30
N VAL A 118 -4.31 6.09 9.46
CA VAL A 118 -3.24 6.78 8.76
C VAL A 118 -2.28 7.44 9.75
N PHE A 119 -1.00 7.12 9.61
CA PHE A 119 0.04 7.70 10.46
C PHE A 119 1.29 7.99 9.64
N ASP A 120 1.72 9.25 9.63
CA ASP A 120 2.95 9.64 8.97
C ASP A 120 4.13 9.28 9.86
N PHE A 121 4.59 8.05 9.72
CA PHE A 121 5.63 7.49 10.59
C PHE A 121 6.85 8.41 10.69
N ILE A 122 7.34 8.87 9.55
CA ILE A 122 8.54 9.69 9.50
C ILE A 122 8.25 11.13 9.91
N ALA A 123 7.01 11.58 9.71
CA ALA A 123 6.62 12.94 10.04
C ALA A 123 6.07 13.02 11.47
N GLN A 124 5.98 11.85 12.12
CA GLN A 124 5.50 11.71 13.51
C GLN A 124 4.21 12.50 13.75
N THR A 125 3.29 12.42 12.79
CA THR A 125 1.98 13.06 12.92
C THR A 125 0.89 12.06 12.58
N THR A 126 -0.30 12.26 13.15
CA THR A 126 -1.43 11.37 12.90
C THR A 126 -2.64 12.18 12.43
N PRO A 127 -3.00 12.10 11.13
CA PRO A 127 -4.20 12.73 10.61
C PRO A 127 -5.45 11.91 10.97
N THR A 128 -6.44 12.56 11.56
CA THR A 128 -7.63 11.87 12.05
C THR A 128 -8.86 12.24 11.23
N ALA A 129 -9.65 11.23 10.89
CA ALA A 129 -10.89 11.42 10.15
C ALA A 129 -11.86 10.28 10.46
N THR A 130 -13.14 10.61 10.55
CA THR A 130 -14.17 9.61 10.81
C THR A 130 -14.22 8.62 9.66
N LYS A 131 -14.29 7.32 9.99
CA LYS A 131 -14.24 6.25 8.99
C LYS A 131 -15.48 6.26 8.10
N GLU A 132 -16.49 7.04 8.50
CA GLU A 132 -17.79 7.09 7.80
C GLU A 132 -17.62 7.21 6.28
N GLN A 133 -16.88 8.24 5.86
CA GLN A 133 -16.65 8.49 4.43
C GLN A 133 -15.56 7.56 3.86
N PRO A 134 -14.34 7.57 4.43
CA PRO A 134 -13.22 6.83 3.90
C PRO A 134 -12.98 5.50 4.59
N LEU A 135 -13.71 4.44 4.22
CA LEU A 135 -13.79 3.35 5.15
C LEU A 135 -12.54 2.43 5.26
N LEU A 136 -12.17 1.61 4.25
CA LEU A 136 -10.86 0.92 4.31
C LEU A 136 -9.65 1.74 3.86
N ILE A 137 -9.70 2.07 2.55
CA ILE A 137 -8.60 2.69 1.80
C ILE A 137 -8.48 4.18 2.00
N GLN A 138 -9.62 4.79 1.79
CA GLN A 138 -9.78 6.22 1.62
C GLN A 138 -9.08 6.98 2.74
N ILE A 139 -9.01 6.36 3.91
CA ILE A 139 -8.34 6.94 5.06
C ILE A 139 -6.91 7.39 4.70
N ILE A 140 -6.18 6.55 3.98
CA ILE A 140 -4.82 6.90 3.56
C ILE A 140 -4.82 7.66 2.22
N LYS A 141 -5.85 7.41 1.42
CA LYS A 141 -5.98 8.04 0.10
C LYS A 141 -6.45 9.49 0.21
N GLY A 142 -7.13 9.80 1.31
CA GLY A 142 -7.71 11.12 1.50
C GLY A 142 -6.67 12.22 1.72
N PRO A 143 -5.96 12.19 2.87
CA PRO A 143 -4.95 13.21 3.20
C PRO A 143 -3.72 13.15 2.29
N ALA A 144 -3.63 12.10 1.49
CA ALA A 144 -2.51 11.92 0.57
C ALA A 144 -2.42 13.06 -0.44
N ASN A 145 -1.41 13.90 -0.27
CA ASN A 145 -1.10 14.94 -1.24
C ASN A 145 0.31 15.48 -0.99
N LEU A 146 1.12 15.46 -2.04
CA LEU A 146 2.45 16.05 -1.99
C LEU A 146 2.35 17.58 -1.91
N PRO A 147 2.98 18.20 -0.90
CA PRO A 147 2.90 19.66 -0.71
C PRO A 147 3.77 20.43 -1.71
#